data_9N4M
#
_entry.id   9N4M
#
_cell.length_a   1.00
_cell.length_b   1.00
_cell.length_c   1.00
_cell.angle_alpha   90.00
_cell.angle_beta   90.00
_cell.angle_gamma   90.00
#
_symmetry.space_group_name_H-M   'P 1'
#
loop_
_entity.id
_entity.type
_entity.pdbx_description
1 polymer 'Glutamate receptor ionotropic, kainate 2'
2 branched 2-acetamido-2-deoxy-beta-D-glucopyranose-(1-4)-2-acetamido-2-deoxy-beta-D-glucopyranose
3 branched alpha-D-mannopyranose-(1-3)-[alpha-D-mannopyranose-(1-6)]beta-D-mannopyranose-(1-4)-2-acetamido-2-deoxy-beta-D-glucopyranose-(1-4)-2-acetamido-2-deoxy-beta-D-glucopyranose
4 non-polymer '(2S)-3-(hexadecanoyloxy)-2-[(9Z)-octadec-9-enoyloxy]propyl 2-(trimethylammonio)ethyl phosphate'
5 non-polymer 2-acetamido-2-deoxy-beta-D-glucopyranose
6 non-polymer 'SODIUM ION'
#
_entity_poly.entity_id   1
_entity_poly.type   'polypeptide(L)'
_entity_poly.pdbx_seq_one_letter_code
;MKIISPVLSNLVFSRSIKVLLCLLWIGYSQGTTHVLRFGGIFEYVESGPMGAEELAFRFAVNTINRNRTLLPNTTLTYDT
QKINLYDSFEASKKACDQLSLGVAAIFGPSHSSSANAVQSICNALGVPHIQTRWKHQVSDNKDSFYVSLYPDFSSLSRAI
LDLVQFFKWKTVTVVYDDSTGLIRLQELIKAPSRYNLRLKIRQLPADTKDAKPLLKEMKRGKEFHVIFDCSHEMAAGILK
QALAMGMMTEYYHYIFTTLDLFALDVEPYRYSGVNMTGFRILNTENTQVSSIIEKWSMERLQAPPKPDSGLLDGFMTTDA
ALMYDAVHVVSVAVQQFPQMTVSSLQCNRHKPWRFGTRFMSLIKEAHWEGLTGRITFNKTNGLRTDFDLDVISLKEEGLE
KIGTWDPASGLNMTESQKGKPANITDSLSNRSLIVTTILEEPYVLFKKSDKPLYGNDRFEGYCIDLLRELSTILGFTYEI
RLVEDGKYGAQDDVNGQWNGMVRELIDHKADLAVAPLAITYVREKVIDFSKPFMTLGISILYRKPNGTNPGVFSFLNPLS
PDIWMYVLLACLGVSCVLFVIARFSPYEWYNPHPCNPDSDVVENNFTLLNSFWFGVGALMQQGSELMPKALSTRIVGGIW
WFFTLIIISSYTANLAAFLTVERMESPIDSADDLAKQTKIEYGAVEDGATMTFFKKSKISTYDKMWAFMSSRRQSVLVKS
NEEGIQRVLTSDYAFLMESTTIEFVTQRNCNLTQIGGLIDSKGYGVGTPMGSPYRDKITIAILQLQEEGKLHMMKEKWWR
GNGCPEEESKEASALGVQNIGGIFIVLAAGLVLSVFVAVGEFLYKSKKNAQLEKRSFCSAMVEELRMSLKCQRRLKHKPQ
APVIVKTEEVINMHTFNDRRLPGKETMA
;
_entity_poly.pdbx_strand_id   A,B,C,D
#
# COMPACT_ATOMS: atom_id res chain seq x y z
N THR A 33 98.96 6.20 10.92
CA THR A 33 98.24 4.98 11.27
C THR A 33 97.51 5.13 12.59
N HIS A 34 97.64 6.32 13.20
CA HIS A 34 96.99 6.58 14.48
C HIS A 34 96.23 7.89 14.45
N VAL A 35 96.21 8.56 13.30
CA VAL A 35 95.53 9.83 13.14
C VAL A 35 94.35 9.65 12.18
N LEU A 36 93.16 10.08 12.63
CA LEU A 36 91.98 10.17 11.77
C LEU A 36 91.07 11.20 12.42
N ARG A 37 90.49 12.09 11.62
CA ARG A 37 89.70 13.20 12.14
C ARG A 37 88.24 13.00 11.77
N PHE A 38 87.42 12.69 12.78
CA PHE A 38 85.98 12.70 12.61
C PHE A 38 85.47 14.13 12.54
N GLY A 39 85.47 14.71 11.35
CA GLY A 39 84.97 16.07 11.20
C GLY A 39 83.46 16.13 11.24
N GLY A 40 82.88 17.27 11.62
CA GLY A 40 81.43 17.35 11.67
C GLY A 40 80.84 18.75 11.68
N ILE A 41 79.87 18.99 10.80
CA ILE A 41 79.12 20.24 10.78
C ILE A 41 77.90 20.08 11.67
N PHE A 42 77.63 21.07 12.53
CA PHE A 42 76.54 20.89 13.48
C PHE A 42 75.75 22.18 13.60
N GLU A 43 74.70 22.12 14.42
CA GLU A 43 73.81 23.26 14.63
C GLU A 43 74.49 24.32 15.49
N TYR A 44 74.12 25.58 15.27
CA TYR A 44 74.70 26.71 15.98
C TYR A 44 73.66 27.30 16.94
N VAL A 45 73.91 27.14 18.24
CA VAL A 45 73.09 27.78 19.26
C VAL A 45 73.59 29.21 19.39
N GLU A 46 72.68 30.18 19.49
CA GLU A 46 73.07 31.59 19.52
C GLU A 46 73.61 32.07 20.86
N SER A 47 73.09 31.58 21.99
CA SER A 47 73.56 32.03 23.30
C SER A 47 73.86 30.86 24.22
N GLY A 48 73.06 29.81 24.15
CA GLY A 48 73.09 28.75 25.13
C GLY A 48 74.20 27.74 24.93
N PRO A 49 74.09 26.59 25.61
CA PRO A 49 75.15 25.57 25.54
C PRO A 49 75.11 24.77 24.24
N MET A 50 75.93 23.72 24.19
CA MET A 50 75.98 22.81 23.05
C MET A 50 74.64 22.11 22.84
N GLY A 51 74.23 21.98 21.58
CA GLY A 51 72.92 21.45 21.26
C GLY A 51 72.74 19.96 21.48
N ALA A 52 71.62 19.42 21.02
CA ALA A 52 71.34 17.99 21.20
C ALA A 52 72.23 17.14 20.30
N GLU A 53 72.42 17.57 19.06
CA GLU A 53 73.26 16.80 18.14
C GLU A 53 74.73 17.11 18.34
N GLU A 54 75.04 18.33 18.79
CA GLU A 54 76.42 18.69 19.08
C GLU A 54 76.98 17.90 20.26
N LEU A 55 76.20 17.77 21.33
CA LEU A 55 76.63 16.95 22.46
C LEU A 55 76.58 15.47 22.13
N ALA A 56 75.83 15.09 21.09
CA ALA A 56 75.73 13.68 20.72
C ALA A 56 76.99 13.18 20.03
N PHE A 57 77.89 14.09 19.67
CA PHE A 57 79.09 13.69 18.96
C PHE A 57 80.33 13.75 19.85
N ARG A 58 80.30 14.63 20.86
CA ARG A 58 81.42 14.76 21.77
C ARG A 58 81.53 13.54 22.67
N PHE A 59 80.39 13.07 23.20
CA PHE A 59 80.37 11.87 24.01
C PHE A 59 80.63 10.64 23.16
N ALA A 60 80.34 10.74 21.87
CA ALA A 60 80.57 9.62 20.96
C ALA A 60 82.05 9.39 20.71
N VAL A 61 82.82 10.49 20.61
CA VAL A 61 84.24 10.34 20.28
C VAL A 61 85.06 10.18 21.54
N ASN A 62 84.51 10.56 22.70
CA ASN A 62 85.24 10.43 23.95
C ASN A 62 85.07 9.04 24.55
N THR A 63 83.94 8.39 24.29
CA THR A 63 83.74 7.03 24.78
C THR A 63 84.63 6.05 24.01
N ILE A 64 84.79 6.26 22.71
CA ILE A 64 85.66 5.40 21.92
C ILE A 64 87.12 5.75 22.18
N ASN A 65 87.37 6.92 22.76
CA ASN A 65 88.73 7.32 23.11
C ASN A 65 89.24 6.52 24.30
N ARG A 66 88.33 6.13 25.20
CA ARG A 66 88.72 5.41 26.41
C ARG A 66 88.89 3.92 26.18
N ASN A 67 87.82 3.25 25.77
CA ASN A 67 87.87 1.81 25.50
C ASN A 67 88.77 1.40 24.34
N ARG A 68 89.11 0.12 24.31
CA ARG A 68 90.03 -0.45 23.33
C ARG A 68 89.32 -1.33 22.31
N THR A 69 88.19 -1.93 22.70
CA THR A 69 87.47 -2.97 21.96
C THR A 69 87.08 -2.52 20.56
N LEU A 70 86.62 -1.28 20.44
CA LEU A 70 86.34 -0.72 19.13
C LEU A 70 87.41 0.31 18.78
N LEU A 71 88.14 0.05 17.68
CA LEU A 71 89.20 0.88 17.09
C LEU A 71 90.32 1.17 18.10
N PRO A 72 91.19 0.20 18.38
CA PRO A 72 92.16 0.36 19.47
C PRO A 72 93.32 1.32 19.20
N ASN A 73 93.55 1.71 17.94
CA ASN A 73 94.81 2.35 17.60
C ASN A 73 94.67 3.66 16.83
N THR A 74 93.78 4.55 17.26
CA THR A 74 93.63 5.86 16.64
C THR A 74 93.62 6.93 17.72
N THR A 75 93.73 8.19 17.29
CA THR A 75 93.69 9.36 18.16
C THR A 75 92.62 10.33 17.66
N LEU A 76 91.39 9.82 17.48
CA LEU A 76 90.25 10.49 16.88
C LEU A 76 89.93 11.86 17.45
N THR A 77 89.99 12.88 16.60
CA THR A 77 89.87 14.28 17.01
C THR A 77 88.67 14.90 16.29
N TYR A 78 87.80 15.55 17.05
CA TYR A 78 86.61 16.18 16.49
C TYR A 78 86.95 17.51 15.82
N ASP A 79 85.97 18.08 15.11
CA ASP A 79 86.05 19.40 14.50
C ASP A 79 84.62 19.87 14.27
N THR A 80 84.20 20.95 14.95
CA THR A 80 82.79 21.24 15.17
C THR A 80 82.41 22.66 14.71
N GLN A 81 82.72 22.99 13.46
CA GLN A 81 82.17 24.20 12.85
C GLN A 81 80.64 24.13 12.82
N LYS A 82 80.01 25.27 13.05
CA LYS A 82 78.59 25.31 13.36
C LYS A 82 77.77 26.09 12.33
N ILE A 83 76.99 25.39 11.50
CA ILE A 83 76.24 25.95 10.38
C ILE A 83 75.03 26.72 10.93
N ASN A 84 74.47 27.65 10.13
CA ASN A 84 73.43 28.53 10.64
C ASN A 84 72.01 27.97 10.48
N LEU A 85 71.82 26.84 9.77
CA LEU A 85 70.49 26.26 9.49
C LEU A 85 69.57 27.19 8.72
N TYR A 86 69.62 27.10 7.38
CA TYR A 86 69.15 27.97 6.28
C TYR A 86 70.15 29.07 6.01
N ASP A 87 71.43 28.72 6.07
CA ASP A 87 72.46 29.48 5.35
C ASP A 87 73.24 28.43 4.55
N SER A 88 72.80 28.17 3.32
CA SER A 88 73.40 27.11 2.52
C SER A 88 74.69 27.57 1.86
N PHE A 89 75.03 28.85 2.02
CA PHE A 89 76.33 29.33 1.55
C PHE A 89 77.39 29.15 2.64
N GLU A 90 76.96 29.20 3.91
CA GLU A 90 77.84 28.82 5.00
C GLU A 90 78.04 27.31 5.04
N ALA A 91 77.14 26.57 4.40
CA ALA A 91 77.28 25.12 4.24
C ALA A 91 78.54 24.76 3.45
N SER A 92 78.74 25.44 2.32
CA SER A 92 79.91 25.14 1.49
C SER A 92 81.17 25.77 2.07
N LYS A 93 81.03 26.87 2.81
CA LYS A 93 82.19 27.52 3.41
C LYS A 93 82.75 26.71 4.56
N LYS A 94 81.86 26.25 5.46
CA LYS A 94 82.33 25.49 6.62
C LYS A 94 82.70 24.06 6.26
N ALA A 95 82.37 23.64 5.04
CA ALA A 95 82.82 22.33 4.57
C ALA A 95 84.20 22.41 3.95
N CYS A 96 84.40 23.33 2.99
CA CYS A 96 85.66 23.40 2.27
C CYS A 96 86.80 23.95 3.12
N ASP A 97 86.49 24.83 4.08
CA ASP A 97 87.50 25.27 5.02
C ASP A 97 87.88 24.13 5.97
N GLN A 98 86.95 23.21 6.19
CA GLN A 98 87.23 22.04 7.02
C GLN A 98 87.89 20.95 6.20
N LEU A 99 87.50 20.82 4.93
CA LEU A 99 88.05 19.77 4.09
C LEU A 99 89.47 20.11 3.64
N SER A 100 89.81 21.40 3.58
CA SER A 100 91.18 21.78 3.30
C SER A 100 92.08 21.51 4.51
N LEU A 101 91.50 21.50 5.71
CA LEU A 101 92.23 21.15 6.92
C LEU A 101 92.49 19.65 6.94
N GLY A 102 91.62 18.89 6.29
CA GLY A 102 91.79 17.45 6.17
C GLY A 102 90.87 16.66 7.09
N VAL A 103 89.76 16.19 6.53
CA VAL A 103 88.83 15.32 7.23
C VAL A 103 88.48 14.17 6.29
N ALA A 104 87.81 13.15 6.82
CA ALA A 104 87.38 12.03 5.98
C ALA A 104 86.00 11.52 6.40
N ALA A 105 85.37 12.18 7.35
CA ALA A 105 84.13 11.66 7.91
C ALA A 105 83.09 12.72 8.25
N ILE A 106 82.81 13.66 7.34
CA ILE A 106 81.89 14.78 7.58
C ILE A 106 80.50 14.30 7.99
N PHE A 107 80.06 14.66 9.20
CA PHE A 107 78.84 14.06 9.76
C PHE A 107 77.57 14.86 9.58
N GLY A 108 77.54 15.78 8.62
CA GLY A 108 76.28 16.30 8.11
C GLY A 108 75.60 17.35 8.95
N PRO A 109 75.10 18.41 8.29
CA PRO A 109 74.43 19.48 9.04
C PRO A 109 72.99 19.18 9.41
N SER A 110 72.47 18.04 8.93
CA SER A 110 71.16 17.50 9.29
C SER A 110 70.01 18.44 8.99
N HIS A 111 69.77 18.72 7.71
CA HIS A 111 68.81 19.74 7.32
C HIS A 111 68.31 19.50 5.89
N SER A 112 67.20 20.11 5.49
CA SER A 112 66.60 19.83 4.19
C SER A 112 67.18 20.69 3.09
N SER A 113 67.56 21.94 3.36
CA SER A 113 68.12 22.79 2.32
C SER A 113 69.60 23.07 2.57
N SER A 114 70.13 22.54 3.67
CA SER A 114 71.54 22.79 3.97
C SER A 114 72.38 21.54 3.71
N ALA A 115 71.80 20.36 3.90
CA ALA A 115 72.56 19.14 3.65
C ALA A 115 72.49 18.73 2.19
N ASN A 116 71.75 19.49 1.38
CA ASN A 116 71.83 19.33 -0.07
C ASN A 116 73.17 19.80 -0.59
N ALA A 117 73.72 20.84 0.05
CA ALA A 117 74.98 21.42 -0.42
C ALA A 117 76.18 20.61 0.07
N VAL A 118 76.15 20.19 1.34
CA VAL A 118 77.31 19.51 1.93
C VAL A 118 77.43 18.10 1.38
N GLN A 119 76.31 17.52 0.93
CA GLN A 119 76.36 16.26 0.20
C GLN A 119 77.05 16.44 -1.15
N SER A 120 76.85 17.60 -1.77
CA SER A 120 77.46 17.86 -3.06
C SER A 120 78.91 18.29 -2.89
N ILE A 121 79.27 18.76 -1.69
CA ILE A 121 80.67 18.92 -1.33
C ILE A 121 81.36 17.57 -1.30
N CYS A 122 80.72 16.59 -0.65
CA CYS A 122 81.38 15.33 -0.37
C CYS A 122 81.42 14.43 -1.59
N ASN A 123 80.49 14.62 -2.54
CA ASN A 123 80.51 13.81 -3.75
C ASN A 123 81.61 14.29 -4.70
N ALA A 124 81.83 15.60 -4.77
CA ALA A 124 82.82 16.13 -5.71
C ALA A 124 84.23 16.04 -5.14
N LEU A 125 84.37 15.61 -3.89
CA LEU A 125 85.68 15.47 -3.26
C LEU A 125 85.96 14.05 -2.80
N GLY A 126 85.01 13.13 -2.93
CA GLY A 126 85.22 11.75 -2.56
C GLY A 126 85.26 11.52 -1.06
N VAL A 127 84.35 12.14 -0.34
CA VAL A 127 84.34 12.10 1.13
C VAL A 127 83.02 11.48 1.57
N PRO A 128 82.99 10.65 2.60
CA PRO A 128 81.72 10.21 3.18
C PRO A 128 80.94 11.36 3.83
N HIS A 129 79.61 11.26 3.78
CA HIS A 129 78.72 12.30 4.27
C HIS A 129 77.61 11.69 5.13
N ILE A 130 78.01 10.98 6.17
CA ILE A 130 77.12 10.28 7.09
C ILE A 130 76.10 11.24 7.69
N GLN A 131 74.82 11.03 7.39
CA GLN A 131 73.77 11.93 7.83
C GLN A 131 73.08 11.38 9.09
N THR A 132 72.21 12.17 9.70
CA THR A 132 71.49 11.69 10.87
C THR A 132 69.99 11.90 10.74
N ARG A 133 69.57 13.05 10.20
CA ARG A 133 68.14 13.31 10.05
C ARG A 133 67.68 12.96 8.64
N TRP A 134 66.36 12.90 8.45
CA TRP A 134 65.79 12.63 7.13
C TRP A 134 66.00 13.83 6.21
N LYS A 135 66.15 13.57 4.91
CA LYS A 135 66.21 14.62 3.92
C LYS A 135 65.45 14.19 2.67
N HIS A 136 64.76 15.12 2.02
CA HIS A 136 64.18 14.86 0.71
C HIS A 136 65.27 14.65 -0.32
N GLN A 137 65.19 13.54 -1.05
CA GLN A 137 66.14 13.24 -2.12
C GLN A 137 65.37 13.20 -3.44
N VAL A 138 65.79 14.06 -4.36
CA VAL A 138 65.20 14.13 -5.69
C VAL A 138 65.67 12.88 -6.43
N SER A 139 64.78 12.30 -7.25
CA SER A 139 64.97 10.98 -7.83
C SER A 139 66.18 10.87 -8.75
N ASP A 140 66.46 11.91 -9.54
CA ASP A 140 67.60 11.85 -10.44
C ASP A 140 68.85 12.46 -9.82
N ASN A 141 69.16 12.09 -8.58
CA ASN A 141 70.37 12.58 -7.90
C ASN A 141 71.36 11.42 -7.93
N LYS A 142 72.33 11.51 -8.86
CA LYS A 142 73.27 10.42 -9.05
C LYS A 142 74.47 10.56 -8.13
N ASP A 143 74.23 10.71 -6.84
CA ASP A 143 75.29 10.72 -5.83
C ASP A 143 75.45 9.31 -5.28
N SER A 144 76.61 9.00 -4.73
CA SER A 144 76.82 7.68 -4.15
C SER A 144 77.53 7.75 -2.80
N PHE A 145 78.13 8.88 -2.50
CA PHE A 145 78.96 9.02 -1.30
C PHE A 145 78.16 9.65 -0.16
N TYR A 146 77.10 8.95 0.25
CA TYR A 146 76.23 9.47 1.31
C TYR A 146 75.48 8.29 1.93
N VAL A 147 75.35 8.32 3.24
CA VAL A 147 74.43 7.43 3.94
C VAL A 147 73.57 8.28 4.87
N SER A 148 72.51 7.67 5.40
CA SER A 148 71.62 8.35 6.33
C SER A 148 71.10 7.30 7.32
N LEU A 149 71.52 7.40 8.58
CA LEU A 149 71.04 6.48 9.59
C LEU A 149 69.73 6.97 10.19
N TYR A 150 68.74 7.25 9.36
CA TYR A 150 67.40 7.59 9.83
C TYR A 150 66.47 6.66 9.08
N PRO A 151 65.37 6.19 9.69
CA PRO A 151 64.46 5.29 8.96
C PRO A 151 63.75 5.99 7.82
N ASP A 152 63.83 5.40 6.64
CA ASP A 152 63.24 5.99 5.45
C ASP A 152 61.72 5.98 5.56
N PHE A 153 61.09 7.03 5.03
CA PHE A 153 59.64 7.07 4.99
C PHE A 153 59.09 6.34 3.77
N SER A 154 59.96 5.66 3.02
CA SER A 154 59.51 4.62 2.11
C SER A 154 59.21 3.34 2.88
N SER A 155 59.74 3.25 4.10
CA SER A 155 59.53 2.05 4.91
C SER A 155 58.81 2.37 6.22
N LEU A 156 59.12 3.51 6.85
CA LEU A 156 58.45 3.86 8.10
C LEU A 156 56.99 4.21 7.87
N SER A 157 56.65 4.72 6.68
CA SER A 157 55.25 5.07 6.43
C SER A 157 54.42 3.83 6.16
N ARG A 158 55.06 2.70 5.82
CA ARG A 158 54.32 1.45 5.80
C ARG A 158 54.02 0.96 7.20
N ALA A 159 54.88 1.29 8.17
CA ALA A 159 54.65 0.85 9.54
C ALA A 159 53.48 1.59 10.17
N ILE A 160 53.21 2.83 9.75
CA ILE A 160 51.98 3.48 10.20
C ILE A 160 50.79 2.85 9.49
N LEU A 161 50.98 2.40 8.24
CA LEU A 161 49.91 1.73 7.51
C LEU A 161 49.62 0.35 8.10
N ASP A 162 50.62 -0.29 8.70
CA ASP A 162 50.37 -1.58 9.32
C ASP A 162 49.61 -1.44 10.63
N LEU A 163 49.83 -0.34 11.35
CA LEU A 163 49.06 -0.11 12.56
C LEU A 163 47.61 0.29 12.25
N VAL A 164 47.37 0.81 11.05
CA VAL A 164 45.99 1.12 10.65
C VAL A 164 45.26 -0.16 10.27
N GLN A 165 45.96 -1.09 9.62
CA GLN A 165 45.36 -2.39 9.29
C GLN A 165 45.03 -3.20 10.54
N PHE A 166 45.87 -3.08 11.58
CA PHE A 166 45.60 -3.80 12.81
C PHE A 166 44.47 -3.16 13.60
N PHE A 167 44.41 -1.83 13.64
CA PHE A 167 43.36 -1.12 14.35
C PHE A 167 42.07 -1.04 13.55
N LYS A 168 42.11 -1.34 12.24
CA LYS A 168 40.96 -1.47 11.36
C LYS A 168 40.11 -0.21 11.28
N TRP A 169 40.65 0.85 10.70
CA TRP A 169 39.99 2.16 10.69
C TRP A 169 39.34 2.42 9.33
N LYS A 170 38.61 3.54 9.24
CA LYS A 170 37.99 3.97 8.00
C LYS A 170 38.22 5.46 7.78
N THR A 171 38.46 6.20 8.86
CA THR A 171 38.35 7.66 8.84
C THR A 171 39.55 8.37 9.46
N VAL A 172 40.76 8.03 9.03
CA VAL A 172 41.98 8.70 9.51
C VAL A 172 41.98 10.16 9.10
N THR A 173 42.66 10.98 9.89
CA THR A 173 42.73 12.43 9.67
C THR A 173 44.16 12.91 9.85
N VAL A 174 45.07 12.40 9.00
CA VAL A 174 46.48 12.77 8.97
C VAL A 174 46.69 14.28 9.02
N VAL A 175 47.44 14.75 10.01
CA VAL A 175 47.74 16.15 10.20
C VAL A 175 49.25 16.34 10.10
N TYR A 176 49.71 16.95 9.01
CA TYR A 176 51.14 17.12 8.79
C TYR A 176 51.60 18.46 9.35
N ASP A 177 52.83 18.52 9.84
CA ASP A 177 53.34 19.72 10.47
C ASP A 177 53.94 20.66 9.42
N ASP A 178 54.96 20.17 8.72
CA ASP A 178 55.64 20.93 7.69
C ASP A 178 55.20 20.39 6.32
N SER A 179 55.27 21.26 5.31
CA SER A 179 54.98 20.88 3.93
C SER A 179 55.89 19.77 3.42
N THR A 180 57.11 19.67 3.95
CA THR A 180 57.99 18.56 3.65
C THR A 180 57.46 17.26 4.25
N GLY A 181 56.63 17.36 5.29
CA GLY A 181 56.06 16.17 5.90
C GLY A 181 55.01 15.48 5.05
N LEU A 182 54.50 16.17 4.02
CA LEU A 182 53.52 15.54 3.15
C LEU A 182 54.21 14.54 2.23
N ILE A 183 55.53 14.68 2.05
CA ILE A 183 56.37 13.63 1.47
C ILE A 183 56.50 12.48 2.45
N ARG A 184 56.70 12.81 3.73
CA ARG A 184 57.01 11.82 4.76
C ARG A 184 55.91 10.80 5.02
N LEU A 185 54.68 11.03 4.54
CA LEU A 185 53.63 10.05 4.63
C LEU A 185 53.07 9.67 3.27
N GLN A 186 53.92 9.63 2.24
CA GLN A 186 53.43 9.43 0.88
C GLN A 186 52.90 8.02 0.66
N GLU A 187 53.35 7.06 1.48
CA GLU A 187 52.81 5.72 1.36
C GLU A 187 51.45 5.62 2.05
N LEU A 188 51.25 6.43 3.10
CA LEU A 188 49.98 6.42 3.80
C LEU A 188 48.91 7.23 3.09
N ILE A 189 49.28 8.26 2.33
CA ILE A 189 48.29 9.02 1.56
C ILE A 189 47.81 8.24 0.34
N LYS A 190 48.64 7.38 -0.23
CA LYS A 190 48.25 6.54 -1.35
C LYS A 190 47.42 5.32 -0.95
N ALA A 191 47.08 5.19 0.34
CA ALA A 191 46.29 4.07 0.85
C ALA A 191 44.83 3.96 0.38
N PRO A 192 44.05 5.06 0.10
CA PRO A 192 42.71 4.83 -0.47
C PRO A 192 42.68 4.28 -1.88
N SER A 193 43.83 4.17 -2.55
CA SER A 193 43.90 3.54 -3.86
C SER A 193 43.68 2.04 -3.81
N ARG A 194 43.98 1.40 -2.68
CA ARG A 194 43.91 -0.05 -2.57
C ARG A 194 43.34 -0.50 -1.22
N TYR A 195 42.73 0.42 -0.48
CA TYR A 195 42.08 0.06 0.78
C TYR A 195 40.81 0.85 1.00
N ASN A 196 40.28 0.82 2.22
CA ASN A 196 38.98 1.41 2.52
C ASN A 196 39.05 2.70 3.32
N LEU A 197 40.24 3.26 3.54
CA LEU A 197 40.39 4.47 4.34
C LEU A 197 39.79 5.68 3.64
N ARG A 198 39.51 6.74 4.40
CA ARG A 198 39.09 8.02 3.83
C ARG A 198 39.90 9.12 4.51
N LEU A 199 41.06 9.42 3.92
CA LEU A 199 41.95 10.47 4.40
C LEU A 199 41.29 11.84 4.32
N LYS A 200 41.49 12.68 5.35
CA LYS A 200 40.89 14.00 5.34
C LYS A 200 41.93 15.03 5.80
N ILE A 201 43.08 15.04 5.11
CA ILE A 201 44.32 15.72 5.49
C ILE A 201 44.14 17.18 5.87
N ARG A 202 44.55 17.54 7.08
CA ARG A 202 44.55 18.93 7.54
C ARG A 202 45.97 19.40 7.77
N GLN A 203 46.15 20.64 8.24
CA GLN A 203 47.49 21.17 8.46
C GLN A 203 47.48 22.07 9.68
N LEU A 204 48.48 21.90 10.54
CA LEU A 204 48.74 22.79 11.67
C LEU A 204 49.07 24.17 11.13
N PRO A 205 48.73 25.27 11.85
CA PRO A 205 49.01 26.62 11.35
C PRO A 205 50.49 26.91 11.18
N ALA A 206 50.80 27.91 10.36
CA ALA A 206 52.13 28.12 9.77
C ALA A 206 53.26 28.32 10.77
N ASP A 207 53.18 29.39 11.56
CA ASP A 207 54.25 29.70 12.51
C ASP A 207 53.72 29.80 13.94
N THR A 208 52.51 30.30 14.14
CA THR A 208 51.98 30.42 15.49
C THR A 208 51.51 29.06 16.01
N LYS A 209 51.64 28.86 17.32
CA LYS A 209 51.24 27.60 17.93
C LYS A 209 49.86 27.74 18.53
N ASP A 210 48.84 27.86 17.67
CA ASP A 210 47.49 28.24 18.06
C ASP A 210 46.49 27.28 17.42
N ALA A 211 46.71 25.97 17.62
CA ALA A 211 45.88 24.98 16.95
C ALA A 211 44.54 24.74 17.64
N LYS A 212 43.81 25.82 17.94
CA LYS A 212 42.41 25.77 18.34
C LYS A 212 41.44 25.72 17.15
N PRO A 213 41.59 26.53 16.03
CA PRO A 213 40.64 26.35 14.91
C PRO A 213 40.81 25.04 14.17
N LEU A 214 41.99 24.42 14.28
CA LEU A 214 42.18 23.07 13.76
C LEU A 214 41.30 22.07 14.51
N LEU A 215 41.41 22.05 15.84
CA LEU A 215 40.67 21.08 16.64
C LEU A 215 39.17 21.35 16.61
N LYS A 216 38.77 22.63 16.54
CA LYS A 216 37.35 22.98 16.56
C LYS A 216 36.64 22.51 15.30
N GLU A 217 37.36 22.47 14.17
CA GLU A 217 36.80 21.84 12.98
C GLU A 217 36.76 20.32 13.13
N MET A 218 37.70 19.77 13.89
CA MET A 218 37.79 18.31 14.02
C MET A 218 36.76 17.79 15.01
N LYS A 219 36.46 18.57 16.05
CA LYS A 219 35.42 18.18 17.00
C LYS A 219 34.05 18.21 16.33
N ARG A 220 33.85 19.17 15.43
CA ARG A 220 32.66 19.17 14.59
C ARG A 220 32.73 18.05 13.55
N GLY A 221 33.94 17.69 13.13
CA GLY A 221 34.12 16.72 12.08
C GLY A 221 33.98 15.27 12.53
N LYS A 222 33.82 15.03 13.83
CA LYS A 222 33.69 13.72 14.46
C LYS A 222 34.85 12.78 14.13
N GLU A 223 36.08 13.17 14.46
CA GLU A 223 37.24 12.40 14.05
C GLU A 223 37.98 11.88 15.28
N PHE A 224 38.24 10.57 15.28
CA PHE A 224 38.61 9.86 16.50
C PHE A 224 39.84 9.01 16.28
N HIS A 225 40.42 9.04 15.09
CA HIS A 225 41.53 8.17 14.77
C HIS A 225 42.63 8.98 14.08
N VAL A 226 43.00 10.10 14.71
CA VAL A 226 43.89 11.10 14.14
C VAL A 226 45.32 10.54 14.05
N ILE A 227 46.03 10.86 12.97
CA ILE A 227 47.44 10.51 12.83
C ILE A 227 48.27 11.79 12.78
N PHE A 228 49.25 11.89 13.66
CA PHE A 228 50.10 13.07 13.69
C PHE A 228 51.43 12.86 12.99
N ASP A 229 51.77 13.76 12.06
CA ASP A 229 53.11 13.84 11.51
C ASP A 229 53.90 14.93 12.22
N CYS A 230 53.69 15.10 13.52
CA CYS A 230 54.37 16.13 14.26
C CYS A 230 55.73 15.63 14.73
N SER A 231 56.55 16.56 15.21
CA SER A 231 57.77 16.22 15.93
C SER A 231 57.42 15.92 17.39
N HIS A 232 58.40 15.87 18.28
CA HIS A 232 58.06 15.69 19.69
C HIS A 232 58.04 16.97 20.49
N GLU A 233 58.45 18.10 19.91
CA GLU A 233 58.34 19.37 20.60
C GLU A 233 56.89 19.83 20.65
N MET A 234 56.17 19.72 19.53
CA MET A 234 54.80 20.19 19.50
C MET A 234 53.76 19.09 19.71
N ALA A 235 54.17 17.82 19.73
CA ALA A 235 53.23 16.76 20.06
C ALA A 235 52.81 16.86 21.53
N ALA A 236 53.70 17.34 22.38
CA ALA A 236 53.34 17.61 23.76
C ALA A 236 52.59 18.93 23.88
N GLY A 237 52.51 19.69 22.79
CA GLY A 237 51.66 20.85 22.73
C GLY A 237 50.24 20.47 22.35
N ILE A 238 50.08 19.73 21.26
CA ILE A 238 48.76 19.40 20.74
C ILE A 238 48.06 18.40 21.67
N LEU A 239 48.83 17.62 22.42
CA LEU A 239 48.22 16.78 23.44
C LEU A 239 47.69 17.62 24.60
N LYS A 240 48.39 18.71 24.93
CA LYS A 240 48.04 19.48 26.12
C LYS A 240 47.11 20.65 25.80
N GLN A 241 46.85 20.91 24.53
CA GLN A 241 45.72 21.79 24.22
C GLN A 241 44.51 20.96 23.82
N ALA A 242 44.59 19.64 23.97
CA ALA A 242 43.44 18.79 23.67
C ALA A 242 42.54 18.63 24.90
N LEU A 243 43.08 18.89 26.09
CA LEU A 243 42.25 18.85 27.30
C LEU A 243 41.31 20.05 27.37
N ALA A 244 41.80 21.23 26.94
CA ALA A 244 40.95 22.41 26.90
C ALA A 244 39.88 22.27 25.82
N MET A 245 40.16 21.49 24.78
CA MET A 245 39.12 21.15 23.82
C MET A 245 38.28 19.98 24.33
N GLY A 246 38.91 19.04 25.04
CA GLY A 246 38.19 17.94 25.63
C GLY A 246 38.11 16.71 24.74
N MET A 247 39.17 16.48 23.97
CA MET A 247 39.23 15.31 23.10
C MET A 247 39.96 14.15 23.76
N MET A 248 40.09 14.19 25.07
CA MET A 248 40.87 13.19 25.79
C MET A 248 39.92 12.19 26.43
N THR A 249 39.18 11.45 25.61
CA THR A 249 38.23 10.45 26.09
C THR A 249 38.61 9.07 25.58
N GLU A 250 37.73 8.09 25.79
CA GLU A 250 37.99 6.73 25.33
C GLU A 250 37.51 6.48 23.90
N TYR A 251 37.18 7.54 23.16
CA TYR A 251 36.75 7.41 21.77
C TYR A 251 37.80 7.91 20.80
N TYR A 252 38.52 8.97 21.16
CA TYR A 252 39.60 9.51 20.33
C TYR A 252 40.81 8.60 20.45
N HIS A 253 41.65 8.59 19.42
CA HIS A 253 42.83 7.74 19.35
C HIS A 253 43.88 8.49 18.52
N TYR A 254 45.15 8.38 18.89
CA TYR A 254 46.19 9.14 18.23
C TYR A 254 47.34 8.24 17.80
N ILE A 255 47.91 8.53 16.64
CA ILE A 255 49.11 7.86 16.14
C ILE A 255 50.19 8.91 15.97
N PHE A 256 51.38 8.64 16.49
CA PHE A 256 52.49 9.57 16.38
C PHE A 256 53.58 9.01 15.46
N THR A 257 53.89 9.76 14.41
CA THR A 257 54.91 9.40 13.45
C THR A 257 56.31 9.44 14.02
N THR A 258 56.66 10.50 14.75
CA THR A 258 58.00 10.74 15.24
C THR A 258 58.50 9.65 16.19
N LEU A 259 59.81 9.42 16.20
CA LEU A 259 60.37 8.33 17.00
C LEU A 259 60.79 8.83 18.37
N ASP A 260 59.91 9.60 19.02
CA ASP A 260 60.20 10.15 20.33
C ASP A 260 58.96 10.16 21.22
N LEU A 261 58.09 9.16 21.08
CA LEU A 261 56.96 9.07 22.00
C LEU A 261 57.43 8.76 23.42
N PHE A 262 58.56 8.07 23.55
CA PHE A 262 59.18 7.80 24.84
C PHE A 262 60.07 8.99 25.23
N ALA A 263 59.51 10.20 25.17
CA ALA A 263 60.15 11.40 25.66
C ALA A 263 59.12 12.33 26.27
N LEU A 264 57.86 11.89 26.31
CA LEU A 264 56.77 12.81 26.58
C LEU A 264 56.18 12.56 27.96
N ASP A 265 55.87 13.64 28.66
CA ASP A 265 55.25 13.53 29.98
C ASP A 265 53.77 13.20 29.85
N VAL A 266 53.45 11.93 29.56
CA VAL A 266 52.06 11.54 29.63
C VAL A 266 51.74 11.05 31.04
N GLU A 267 51.53 12.01 31.94
CA GLU A 267 50.94 11.73 33.24
C GLU A 267 49.90 12.79 33.63
N PRO A 268 49.03 13.27 32.71
CA PRO A 268 47.62 13.38 33.10
C PRO A 268 46.86 12.19 32.56
N TYR A 269 47.52 11.40 31.71
CA TYR A 269 46.84 10.38 30.92
C TYR A 269 47.51 9.03 31.00
N ARG A 270 47.76 8.58 32.23
CA ARG A 270 48.06 7.20 32.56
C ARG A 270 46.74 6.55 32.98
N TYR A 271 45.64 7.18 32.56
CA TYR A 271 44.31 6.99 33.12
C TYR A 271 43.25 6.99 32.02
N SER A 272 42.01 7.28 32.41
CA SER A 272 40.76 6.72 31.90
C SER A 272 40.65 6.37 30.42
N GLY A 273 40.86 7.31 29.49
CA GLY A 273 40.37 7.01 28.17
C GLY A 273 41.29 6.91 26.97
N VAL A 274 42.34 7.72 26.89
CA VAL A 274 43.01 7.92 25.60
C VAL A 274 43.98 6.77 25.34
N ASN A 275 44.25 6.50 24.06
CA ASN A 275 45.32 5.57 23.67
C ASN A 275 46.22 6.26 22.65
N MET A 276 47.31 6.83 23.15
CA MET A 276 48.38 7.27 22.28
C MET A 276 49.20 6.07 21.81
N THR A 277 49.49 6.01 20.51
CA THR A 277 50.23 4.87 20.00
C THR A 277 51.26 5.29 18.95
N GLY A 278 52.52 5.30 19.31
CA GLY A 278 53.59 5.65 18.40
C GLY A 278 54.63 4.57 18.29
N PHE A 279 55.79 4.96 17.77
CA PHE A 279 56.91 4.04 17.62
C PHE A 279 58.08 4.48 18.50
N ARG A 280 58.94 3.52 18.83
CA ARG A 280 60.23 3.83 19.44
C ARG A 280 61.28 2.95 18.79
N ILE A 281 62.31 3.57 18.20
CA ILE A 281 63.43 2.80 17.68
C ILE A 281 64.51 2.62 18.73
N LEU A 282 64.50 3.43 19.78
CA LEU A 282 65.51 3.36 20.83
C LEU A 282 65.30 2.12 21.67
N ASN A 283 66.37 1.36 21.87
CA ASN A 283 66.29 0.02 22.45
C ASN A 283 66.61 0.05 23.93
N THR A 284 65.70 0.63 24.72
CA THR A 284 65.91 0.76 26.16
C THR A 284 65.46 -0.49 26.91
N GLU A 285 65.94 -1.66 26.48
CA GLU A 285 65.54 -2.92 27.10
C GLU A 285 66.75 -3.82 27.36
N ASN A 286 67.85 -3.55 26.67
CA ASN A 286 69.07 -4.34 26.87
C ASN A 286 69.84 -3.85 28.09
N THR A 287 70.98 -4.48 28.35
CA THR A 287 71.81 -4.08 29.47
C THR A 287 72.84 -3.03 29.05
N GLN A 288 73.62 -3.33 28.00
CA GLN A 288 74.64 -2.40 27.54
C GLN A 288 74.01 -1.19 26.84
N VAL A 289 72.89 -1.41 26.16
CA VAL A 289 72.29 -0.36 25.34
C VAL A 289 71.60 0.68 26.21
N SER A 290 70.97 0.22 27.29
CA SER A 290 70.24 1.13 28.17
C SER A 290 71.20 1.92 29.06
N SER A 291 72.32 1.30 29.45
CA SER A 291 73.17 1.88 30.50
C SER A 291 73.98 3.06 29.97
N ILE A 292 74.06 3.22 28.66
CA ILE A 292 74.69 4.39 28.07
C ILE A 292 73.81 5.61 28.29
N ILE A 293 72.49 5.40 28.38
CA ILE A 293 71.55 6.52 28.44
C ILE A 293 71.55 7.14 29.83
N GLU A 294 71.74 6.32 30.87
CA GLU A 294 71.92 6.91 32.19
C GLU A 294 73.30 7.52 32.36
N LYS A 295 74.30 7.00 31.65
CA LYS A 295 75.59 7.69 31.57
C LYS A 295 75.48 8.93 30.70
N TRP A 296 74.53 8.94 29.77
CA TRP A 296 74.24 10.16 29.02
C TRP A 296 73.59 11.20 29.92
N SER A 297 72.77 10.77 30.88
CA SER A 297 72.07 11.70 31.74
C SER A 297 73.02 12.32 32.76
N MET A 298 74.17 11.68 32.99
CA MET A 298 75.19 12.24 33.86
C MET A 298 76.13 13.15 33.08
N GLU A 299 75.85 13.34 31.79
CA GLU A 299 76.54 14.33 30.97
C GLU A 299 75.64 15.48 30.56
N ARG A 300 74.34 15.23 30.39
CA ARG A 300 73.37 16.27 30.07
C ARG A 300 72.69 16.74 31.35
N LEU A 301 73.24 17.83 31.91
CA LEU A 301 72.71 18.42 33.13
C LEU A 301 72.16 19.82 32.91
N GLN A 302 72.38 20.41 31.75
CA GLN A 302 71.97 21.79 31.46
C GLN A 302 70.58 21.86 30.82
N ALA A 303 69.61 21.13 31.38
CA ALA A 303 68.27 21.03 30.81
C ALA A 303 67.22 21.29 31.87
N PRO A 304 66.85 22.55 32.10
CA PRO A 304 65.72 22.84 32.98
C PRO A 304 64.40 22.54 32.26
N PRO A 305 63.55 21.70 32.86
CA PRO A 305 62.29 21.34 32.19
C PRO A 305 61.24 22.43 32.30
N LYS A 306 60.26 22.39 31.40
CA LYS A 306 59.14 23.33 31.40
C LYS A 306 57.86 22.52 31.60
N PRO A 307 56.81 23.08 32.26
CA PRO A 307 55.64 22.26 32.60
C PRO A 307 54.78 21.84 31.42
N ASP A 308 54.70 22.66 30.38
CA ASP A 308 53.92 22.29 29.21
C ASP A 308 54.77 21.62 28.15
N SER A 309 56.10 21.69 28.30
CA SER A 309 57.01 21.07 27.34
C SER A 309 56.97 19.56 27.46
N GLY A 310 56.89 19.06 28.70
CA GLY A 310 56.67 17.65 28.94
C GLY A 310 57.80 16.72 28.55
N LEU A 311 58.97 16.91 29.14
CA LEU A 311 60.14 16.10 28.78
C LEU A 311 60.82 15.56 30.04
N LEU A 312 60.76 14.25 30.24
CA LEU A 312 61.40 13.64 31.41
C LEU A 312 62.91 13.62 31.22
N ASP A 313 63.60 14.69 31.61
CA ASP A 313 64.94 14.97 31.11
C ASP A 313 66.01 14.02 31.63
N GLY A 314 65.91 12.75 31.22
CA GLY A 314 66.93 11.75 31.43
C GLY A 314 66.98 10.84 30.21
N PHE A 315 66.25 11.22 29.17
CA PHE A 315 66.14 10.45 27.94
C PHE A 315 67.16 10.95 26.92
N MET A 316 67.33 10.17 25.86
CA MET A 316 67.99 10.66 24.67
C MET A 316 66.94 10.94 23.59
N THR A 317 67.04 12.09 22.94
CA THR A 317 66.28 12.32 21.72
C THR A 317 66.79 11.36 20.66
N THR A 318 65.89 10.94 19.76
CA THR A 318 66.30 10.01 18.72
C THR A 318 67.16 10.68 17.66
N ASP A 319 67.23 12.00 17.64
CA ASP A 319 68.22 12.68 16.82
C ASP A 319 69.61 12.51 17.42
N ALA A 320 69.69 12.52 18.75
CA ALA A 320 70.98 12.34 19.40
C ALA A 320 71.42 10.89 19.43
N ALA A 321 70.47 9.95 19.45
CA ALA A 321 70.85 8.54 19.52
C ALA A 321 71.39 8.06 18.18
N LEU A 322 70.83 8.58 17.07
CA LEU A 322 71.31 8.19 15.76
C LEU A 322 72.63 8.83 15.42
N MET A 323 72.89 10.03 15.95
CA MET A 323 74.21 10.65 15.80
C MET A 323 75.26 9.86 16.57
N TYR A 324 74.90 9.37 17.76
CA TYR A 324 75.79 8.48 18.50
C TYR A 324 75.95 7.14 17.80
N ASP A 325 74.90 6.66 17.15
CA ASP A 325 74.99 5.39 16.42
C ASP A 325 75.75 5.56 15.11
N ALA A 326 75.81 6.79 14.60
CA ALA A 326 76.47 7.01 13.31
C ALA A 326 77.99 6.91 13.43
N VAL A 327 78.52 7.22 14.61
CA VAL A 327 79.98 7.26 14.79
C VAL A 327 80.53 5.84 14.86
N HIS A 328 79.76 4.92 15.46
CA HIS A 328 80.18 3.54 15.59
C HIS A 328 80.21 2.80 14.25
N VAL A 329 79.35 3.21 13.31
CA VAL A 329 79.25 2.57 12.00
C VAL A 329 80.52 2.84 11.21
N VAL A 330 81.02 4.06 11.30
CA VAL A 330 82.20 4.47 10.55
C VAL A 330 83.43 3.83 11.16
N SER A 331 83.44 3.74 12.49
CA SER A 331 84.63 3.28 13.20
C SER A 331 84.81 1.77 13.08
N VAL A 332 83.71 1.05 12.91
CA VAL A 332 83.81 -0.39 12.70
C VAL A 332 84.10 -0.69 11.23
N ALA A 333 83.87 0.31 10.36
CA ALA A 333 84.19 0.15 8.96
C ALA A 333 85.63 0.55 8.66
N VAL A 334 86.19 1.47 9.45
CA VAL A 334 87.59 1.82 9.28
C VAL A 334 88.46 0.85 10.08
N GLN A 335 87.84 0.02 10.92
CA GLN A 335 88.55 -1.05 11.61
C GLN A 335 89.02 -2.12 10.63
N GLN A 336 88.27 -2.28 9.53
CA GLN A 336 88.64 -3.20 8.45
C GLN A 336 89.55 -2.48 7.47
N PHE A 337 89.69 -1.16 7.63
CA PHE A 337 90.42 -0.37 6.65
C PHE A 337 91.52 0.46 7.31
N PRO A 338 92.71 -0.12 7.55
CA PRO A 338 93.77 0.63 8.24
C PRO A 338 94.82 1.30 7.35
N GLN A 339 94.83 1.05 6.05
CA GLN A 339 95.96 1.46 5.22
C GLN A 339 95.89 2.90 4.73
N MET A 340 95.12 3.77 5.38
CA MET A 340 94.94 5.15 4.95
C MET A 340 95.59 6.10 5.94
N THR A 341 95.55 7.39 5.63
CA THR A 341 95.84 8.47 6.55
C THR A 341 95.07 9.69 6.08
N VAL A 342 95.06 10.75 6.89
CA VAL A 342 94.32 11.96 6.55
C VAL A 342 95.03 12.70 5.42
N SER A 343 94.33 12.90 4.30
CA SER A 343 94.86 13.59 3.14
C SER A 343 93.99 14.81 2.87
N SER A 344 94.60 16.00 2.88
CA SER A 344 93.85 17.22 2.66
C SER A 344 93.64 17.46 1.16
N LEU A 345 92.41 17.83 0.81
CA LEU A 345 92.06 18.13 -0.57
C LEU A 345 91.51 19.54 -0.69
N GLN A 346 91.51 20.09 -1.91
CA GLN A 346 91.04 21.45 -2.16
C GLN A 346 89.77 21.38 -3.02
N CYS A 347 88.89 22.37 -2.84
CA CYS A 347 87.59 22.32 -3.50
C CYS A 347 87.63 22.90 -4.91
N ASN A 348 88.44 23.94 -5.12
CA ASN A 348 88.51 24.61 -6.41
C ASN A 348 89.23 23.75 -7.46
N ARG A 349 90.37 23.19 -7.10
CA ARG A 349 90.93 22.11 -7.91
C ARG A 349 90.45 20.79 -7.34
N HIS A 350 89.21 20.40 -7.68
CA HIS A 350 88.58 19.28 -7.00
C HIS A 350 89.17 17.96 -7.47
N LYS A 351 89.49 17.11 -6.50
CA LYS A 351 90.07 15.80 -6.72
C LYS A 351 89.46 14.86 -5.68
N PRO A 352 89.11 13.62 -6.06
CA PRO A 352 88.62 12.66 -5.06
C PRO A 352 89.69 12.31 -4.04
N TRP A 353 89.26 11.90 -2.85
CA TRP A 353 90.19 11.49 -1.78
C TRP A 353 90.89 10.22 -2.20
N ARG A 354 92.12 10.02 -1.70
CA ARG A 354 93.06 9.01 -2.19
C ARG A 354 92.53 7.58 -2.04
N PHE A 355 91.70 7.37 -1.01
CA PHE A 355 90.95 6.13 -0.85
C PHE A 355 89.47 6.37 -0.68
N GLY A 356 88.86 7.22 -1.51
CA GLY A 356 87.49 7.63 -1.26
C GLY A 356 86.48 6.60 -1.70
N THR A 357 86.62 6.08 -2.92
CA THR A 357 85.64 5.15 -3.45
C THR A 357 85.84 3.74 -2.89
N ARG A 358 86.96 3.50 -2.22
CA ARG A 358 87.16 2.21 -1.57
C ARG A 358 86.59 2.22 -0.15
N PHE A 359 86.73 3.35 0.55
CA PHE A 359 86.27 3.43 1.93
C PHE A 359 84.76 3.49 2.02
N MET A 360 84.10 3.98 0.95
CA MET A 360 82.65 4.15 1.00
C MET A 360 81.94 2.81 0.91
N SER A 361 82.50 1.86 0.17
CA SER A 361 81.87 0.54 0.03
C SER A 361 82.02 -0.27 1.31
N LEU A 362 83.02 0.05 2.13
CA LEU A 362 83.19 -0.65 3.39
C LEU A 362 82.24 -0.11 4.46
N ILE A 363 81.69 1.09 4.23
CA ILE A 363 80.73 1.66 5.17
C ILE A 363 79.40 0.91 5.08
N LYS A 364 78.96 0.62 3.85
CA LYS A 364 77.64 0.04 3.63
C LYS A 364 77.56 -1.45 4.00
N GLU A 365 78.68 -2.06 4.38
CA GLU A 365 78.71 -3.45 4.82
C GLU A 365 78.75 -3.57 6.33
N ALA A 366 78.07 -2.67 7.04
CA ALA A 366 78.17 -2.59 8.49
C ALA A 366 77.20 -3.58 9.15
N HIS A 367 77.58 -4.06 10.33
CA HIS A 367 76.76 -5.01 11.08
C HIS A 367 76.73 -4.57 12.55
N TRP A 368 76.42 -3.29 12.78
CA TRP A 368 76.48 -2.76 14.13
C TRP A 368 75.15 -2.91 14.87
N GLU A 369 75.20 -3.00 16.19
CA GLU A 369 74.04 -3.25 17.03
C GLU A 369 73.90 -2.16 18.09
N GLY A 370 73.85 -0.90 17.65
CA GLY A 370 73.86 0.23 18.56
C GLY A 370 72.56 0.51 19.30
N LEU A 371 72.28 1.80 19.53
CA LEU A 371 71.13 2.17 20.35
C LEU A 371 69.80 1.93 19.65
N THR A 372 69.79 1.78 18.33
CA THR A 372 68.55 1.66 17.60
C THR A 372 68.45 0.34 16.85
N GLY A 373 68.78 -0.76 17.52
CA GLY A 373 68.66 -2.06 16.91
C GLY A 373 69.80 -2.39 15.96
N ARG A 374 69.61 -3.42 15.15
CA ARG A 374 70.61 -3.82 14.16
C ARG A 374 70.72 -2.76 13.08
N ILE A 375 71.93 -2.21 12.90
CA ILE A 375 72.10 -1.12 11.96
C ILE A 375 72.86 -1.60 10.74
N THR A 376 72.22 -1.49 9.57
CA THR A 376 72.86 -1.80 8.31
C THR A 376 72.17 -0.98 7.22
N PHE A 377 72.87 -0.75 6.11
CA PHE A 377 72.28 -0.04 5.00
C PHE A 377 71.85 -1.03 3.92
N ASN A 378 71.11 -0.52 2.92
CA ASN A 378 70.26 -1.44 2.18
C ASN A 378 71.01 -2.21 1.10
N LYS A 379 71.20 -1.63 -0.09
CA LYS A 379 72.24 -2.03 -1.03
C LYS A 379 72.83 -0.82 -1.74
N THR A 380 71.94 0.08 -2.19
CA THR A 380 72.25 1.03 -3.25
C THR A 380 71.99 2.48 -2.84
N ASN A 381 70.81 2.73 -2.28
CA ASN A 381 70.34 4.09 -2.04
C ASN A 381 71.12 4.76 -0.92
N GLY A 382 71.70 3.97 -0.03
CA GLY A 382 72.51 4.52 1.04
C GLY A 382 71.71 4.75 2.30
N LEU A 383 70.38 4.66 2.21
CA LEU A 383 69.53 4.91 3.37
C LEU A 383 69.37 3.61 4.14
N ARG A 384 68.54 3.61 5.17
CA ARG A 384 68.30 2.42 5.98
C ARG A 384 66.83 2.02 5.90
N THR A 385 66.59 0.79 5.44
CA THR A 385 65.27 0.18 5.51
C THR A 385 65.22 -1.02 6.43
N ASP A 386 66.35 -1.67 6.70
CA ASP A 386 66.42 -2.80 7.62
C ASP A 386 66.68 -2.31 9.04
N PHE A 387 65.60 -2.16 9.81
CA PHE A 387 65.71 -1.72 11.19
C PHE A 387 64.65 -2.38 12.08
N ASP A 388 64.61 -2.02 13.36
CA ASP A 388 63.98 -2.87 14.36
C ASP A 388 63.07 -2.11 15.32
N LEU A 389 62.12 -1.33 14.80
CA LEU A 389 61.11 -0.63 15.60
C LEU A 389 60.36 -1.48 16.61
N ASP A 390 59.98 -0.88 17.74
CA ASP A 390 59.12 -1.50 18.73
C ASP A 390 57.85 -0.67 18.90
N VAL A 391 56.71 -1.24 18.58
CA VAL A 391 55.43 -0.53 18.67
C VAL A 391 55.09 -0.35 20.15
N ILE A 392 54.96 0.89 20.59
CA ILE A 392 54.58 1.18 21.96
C ILE A 392 53.23 1.85 21.96
N SER A 393 52.51 1.75 23.07
CA SER A 393 51.18 2.33 23.18
C SER A 393 50.90 2.67 24.63
N LEU A 394 49.85 3.45 24.85
CA LEU A 394 49.48 3.90 26.19
C LEU A 394 48.70 2.83 26.93
N LYS A 395 49.34 2.09 27.81
CA LYS A 395 48.63 1.18 28.70
C LYS A 395 48.28 1.93 29.98
N GLU A 396 47.57 1.27 30.89
CA GLU A 396 47.13 1.93 32.12
C GLU A 396 48.29 2.12 33.09
N GLU A 397 49.36 1.35 32.92
CA GLU A 397 50.58 1.59 33.68
C GLU A 397 51.36 2.71 33.02
N GLY A 398 51.20 2.86 31.71
CA GLY A 398 51.90 3.86 30.94
C GLY A 398 52.42 3.26 29.65
N LEU A 399 53.70 3.54 29.37
CA LEU A 399 54.31 3.07 28.15
C LEU A 399 54.67 1.59 28.28
N GLU A 400 54.33 0.80 27.28
CA GLU A 400 54.63 -0.64 27.26
C GLU A 400 54.83 -1.05 25.81
N LYS A 401 55.97 -1.69 25.53
CA LYS A 401 56.23 -2.15 24.17
C LYS A 401 55.38 -3.37 23.86
N ILE A 402 54.72 -3.35 22.69
CA ILE A 402 53.79 -4.42 22.31
C ILE A 402 54.05 -4.84 20.87
N GLY A 403 55.15 -4.41 20.29
CA GLY A 403 55.38 -4.70 18.89
C GLY A 403 56.83 -4.95 18.58
N THR A 404 57.06 -5.71 17.50
CA THR A 404 58.39 -6.03 17.03
C THR A 404 58.41 -5.89 15.50
N TRP A 405 58.00 -4.72 14.99
CA TRP A 405 57.91 -4.51 13.55
C TRP A 405 59.26 -4.67 12.87
N ASP A 406 59.24 -5.38 11.76
CA ASP A 406 60.40 -5.97 11.13
C ASP A 406 60.05 -6.03 9.64
N PRO A 407 60.85 -5.39 8.74
CA PRO A 407 60.42 -5.11 7.34
C PRO A 407 59.83 -6.23 6.51
N ALA A 408 60.17 -7.48 6.81
CA ALA A 408 59.35 -8.61 6.36
C ALA A 408 59.10 -9.51 7.56
N SER A 409 58.19 -9.07 8.44
CA SER A 409 57.55 -9.96 9.41
C SER A 409 56.13 -9.46 9.67
N GLY A 410 55.74 -8.40 8.98
CA GLY A 410 54.53 -7.68 9.33
C GLY A 410 54.63 -7.06 10.71
N LEU A 411 53.51 -7.00 11.43
CA LEU A 411 53.50 -6.63 12.85
C LEU A 411 53.52 -7.92 13.64
N ASN A 412 54.41 -7.98 14.63
CA ASN A 412 54.43 -9.14 15.52
C ASN A 412 53.84 -8.71 16.86
N MET A 413 52.79 -7.90 16.78
CA MET A 413 51.95 -7.48 17.90
C MET A 413 51.49 -8.64 18.77
N THR A 414 51.92 -8.65 20.02
CA THR A 414 51.47 -9.67 20.95
C THR A 414 50.09 -9.33 21.51
N GLU A 415 49.16 -10.26 21.31
CA GLU A 415 47.75 -10.05 21.60
C GLU A 415 47.14 -11.44 21.77
N SER A 416 45.82 -11.56 21.84
CA SER A 416 45.16 -12.86 21.99
C SER A 416 45.23 -13.70 20.73
N GLN A 417 46.40 -14.28 20.43
CA GLN A 417 46.55 -15.22 19.33
C GLN A 417 46.13 -16.63 19.70
N LYS A 418 45.64 -16.84 20.92
CA LYS A 418 45.15 -18.14 21.36
C LYS A 418 43.69 -18.32 20.95
N GLY A 419 43.07 -19.39 21.44
CA GLY A 419 41.64 -19.55 21.27
C GLY A 419 40.93 -19.11 22.52
N LYS A 420 40.18 -20.02 23.15
CA LYS A 420 39.69 -19.74 24.49
C LYS A 420 39.78 -20.99 25.37
N PRO A 421 40.84 -21.11 26.17
CA PRO A 421 40.92 -22.22 27.13
C PRO A 421 40.27 -21.87 28.45
N ALA A 422 39.00 -21.45 28.43
CA ALA A 422 38.33 -21.04 29.65
C ALA A 422 36.84 -21.38 29.66
N ASN A 423 36.52 -22.56 30.17
CA ASN A 423 35.18 -22.87 30.68
C ASN A 423 35.43 -23.27 32.13
N ILE A 424 35.08 -22.37 33.05
CA ILE A 424 35.87 -22.12 34.26
C ILE A 424 35.99 -23.33 35.17
N THR A 425 34.89 -23.75 35.81
CA THR A 425 34.85 -24.95 36.64
C THR A 425 33.52 -25.68 36.51
N ASP A 426 32.59 -25.13 35.71
CA ASP A 426 31.19 -25.29 36.05
C ASP A 426 30.26 -25.76 34.94
N SER A 427 30.57 -26.86 34.25
CA SER A 427 29.59 -27.52 33.40
C SER A 427 28.43 -28.05 34.24
N LEU A 428 27.20 -27.74 33.84
CA LEU A 428 25.93 -28.08 34.52
C LEU A 428 25.81 -27.45 35.91
N SER A 429 26.68 -26.51 36.26
CA SER A 429 26.59 -25.72 37.48
C SER A 429 26.98 -24.29 37.13
N ASN A 430 26.41 -23.77 36.05
CA ASN A 430 26.93 -22.68 35.23
C ASN A 430 26.71 -21.32 35.89
N ARG A 431 26.75 -20.24 35.10
CA ARG A 431 26.78 -18.84 35.54
C ARG A 431 25.65 -18.36 36.46
N SER A 432 24.69 -19.26 36.76
CA SER A 432 23.60 -19.19 37.74
C SER A 432 22.44 -18.37 37.20
N LEU A 433 22.47 -18.07 35.90
CA LEU A 433 21.29 -17.77 35.10
C LEU A 433 20.45 -16.59 35.60
N ILE A 434 20.93 -15.38 35.36
CA ILE A 434 20.38 -14.14 35.94
C ILE A 434 18.93 -13.95 35.52
N VAL A 435 18.01 -14.19 36.46
CA VAL A 435 16.59 -14.17 36.18
C VAL A 435 15.99 -12.79 36.43
N THR A 436 16.06 -11.94 35.41
CA THR A 436 15.53 -10.59 35.48
C THR A 436 14.01 -10.61 35.52
N THR A 437 13.42 -10.03 36.57
CA THR A 437 11.97 -9.99 36.67
C THR A 437 11.43 -8.67 37.20
N ILE A 438 10.21 -8.34 36.78
CA ILE A 438 9.50 -7.15 37.21
C ILE A 438 8.88 -7.47 38.58
N LEU A 439 8.37 -6.46 39.28
CA LEU A 439 7.82 -6.68 40.61
C LEU A 439 6.32 -6.34 40.59
N GLU A 440 5.60 -6.86 39.60
CA GLU A 440 4.14 -6.80 39.62
C GLU A 440 3.62 -7.84 40.60
N GLU A 441 2.58 -7.50 41.36
CA GLU A 441 2.07 -8.40 42.39
C GLU A 441 0.77 -9.08 41.98
N PRO A 442 0.57 -10.36 42.33
CA PRO A 442 1.60 -11.25 42.87
C PRO A 442 2.31 -12.08 41.79
N TYR A 443 3.55 -11.75 41.50
CA TYR A 443 4.38 -12.64 40.70
C TYR A 443 5.73 -12.82 41.40
N VAL A 444 6.26 -11.73 41.93
CA VAL A 444 7.33 -11.79 42.93
C VAL A 444 6.92 -10.81 44.03
N LEU A 445 7.40 -11.04 45.24
CA LEU A 445 7.19 -10.13 46.35
C LEU A 445 8.42 -10.16 47.25
N PHE A 446 8.59 -9.12 48.05
CA PHE A 446 9.46 -9.23 49.21
C PHE A 446 8.75 -10.15 50.21
N LYS A 447 9.47 -11.03 50.88
CA LYS A 447 8.83 -11.82 51.91
C LYS A 447 8.60 -10.97 53.16
N LYS A 448 7.75 -11.49 54.04
CA LYS A 448 7.43 -10.84 55.31
C LYS A 448 7.83 -11.80 56.41
N SER A 449 9.11 -11.75 56.81
CA SER A 449 9.64 -12.59 57.86
C SER A 449 10.38 -11.70 58.86
N ASP A 450 10.65 -12.26 60.03
CA ASP A 450 11.28 -11.50 61.10
C ASP A 450 12.75 -11.22 60.86
N LYS A 451 13.47 -12.17 60.25
CA LYS A 451 14.90 -11.97 60.02
C LYS A 451 15.13 -11.34 58.64
N PRO A 452 16.02 -10.35 58.58
CA PRO A 452 16.31 -9.71 57.28
C PRO A 452 17.55 -10.28 56.60
N LEU A 453 18.11 -11.35 57.14
CA LEU A 453 19.33 -11.94 56.59
C LEU A 453 18.99 -12.63 55.27
N TYR A 454 19.14 -11.90 54.16
CA TYR A 454 18.64 -12.32 52.87
C TYR A 454 19.77 -12.29 51.84
N GLY A 455 19.96 -13.42 51.18
CA GLY A 455 20.76 -13.46 49.97
C GLY A 455 20.05 -14.29 48.91
N ASN A 456 19.64 -13.63 47.81
CA ASN A 456 18.94 -14.12 46.61
C ASN A 456 17.90 -15.20 46.86
N ASP A 457 17.12 -15.06 47.95
CA ASP A 457 16.38 -16.20 48.48
C ASP A 457 14.87 -15.97 48.45
N ARG A 458 14.42 -14.80 48.94
CA ARG A 458 13.11 -14.65 49.56
C ARG A 458 11.89 -14.92 48.64
N PHE A 459 11.53 -13.97 47.77
CA PHE A 459 10.80 -14.07 46.51
C PHE A 459 9.73 -15.15 46.38
N GLU A 460 8.69 -15.07 47.22
CA GLU A 460 7.52 -15.92 47.09
C GLU A 460 6.63 -15.36 46.00
N GLY A 461 5.56 -16.08 45.70
CA GLY A 461 4.61 -15.69 44.68
C GLY A 461 4.34 -16.81 43.72
N TYR A 462 3.97 -16.45 42.50
CA TYR A 462 3.70 -17.45 41.47
C TYR A 462 4.89 -17.61 40.53
N CYS A 463 5.57 -16.51 40.24
CA CYS A 463 6.52 -16.53 39.12
C CYS A 463 7.91 -16.93 39.61
N ILE A 464 8.01 -17.45 40.84
CA ILE A 464 9.24 -18.08 41.28
C ILE A 464 9.01 -19.57 41.50
N ASP A 465 7.77 -19.97 41.82
CA ASP A 465 7.43 -21.40 41.83
C ASP A 465 7.45 -21.98 40.42
N LEU A 466 7.29 -21.13 39.41
CA LEU A 466 7.57 -21.54 38.04
C LEU A 466 9.06 -21.73 37.81
N LEU A 467 9.89 -20.92 38.49
CA LEU A 467 11.33 -21.00 38.31
C LEU A 467 11.91 -22.21 39.04
N ARG A 468 11.37 -22.52 40.22
CA ARG A 468 11.92 -23.60 41.03
C ARG A 468 11.63 -24.96 40.41
N GLU A 469 10.55 -25.06 39.64
CA GLU A 469 10.25 -26.32 38.98
C GLU A 469 11.02 -26.47 37.68
N LEU A 470 11.55 -25.36 37.14
CA LEU A 470 12.47 -25.47 36.03
C LEU A 470 13.86 -25.85 36.51
N SER A 471 14.26 -25.33 37.68
CA SER A 471 15.56 -25.68 38.25
C SER A 471 15.56 -27.11 38.78
N THR A 472 14.39 -27.63 39.10
CA THR A 472 14.28 -29.02 39.52
C THR A 472 14.32 -29.99 38.34
N ILE A 473 13.56 -29.72 37.29
CA ILE A 473 13.46 -30.65 36.16
C ILE A 473 14.64 -30.49 35.21
N LEU A 474 14.86 -29.30 34.68
CA LEU A 474 15.99 -29.07 33.78
C LEU A 474 17.33 -29.10 34.50
N GLY A 475 17.47 -28.37 35.60
CA GLY A 475 18.65 -28.44 36.42
C GLY A 475 19.62 -27.31 36.19
N PHE A 476 19.56 -26.30 37.05
CA PHE A 476 20.46 -25.15 37.00
C PHE A 476 20.37 -24.40 38.33
N THR A 477 21.32 -23.49 38.53
CA THR A 477 21.30 -22.58 39.66
C THR A 477 20.61 -21.29 39.22
N TYR A 478 19.79 -20.71 40.10
CA TYR A 478 19.07 -19.49 39.78
C TYR A 478 19.48 -18.40 40.76
N GLU A 479 19.64 -17.18 40.25
CA GLU A 479 20.09 -16.04 41.04
C GLU A 479 19.21 -14.85 40.67
N ILE A 480 18.36 -14.43 41.60
CA ILE A 480 17.36 -13.40 41.32
C ILE A 480 18.04 -12.04 41.37
N ARG A 481 17.91 -11.30 40.27
CA ARG A 481 18.56 -10.00 40.08
C ARG A 481 17.55 -9.02 39.47
N LEU A 482 16.51 -8.70 40.24
CA LEU A 482 15.44 -7.74 39.91
C LEU A 482 15.89 -6.53 39.11
N VAL A 483 15.10 -6.14 38.11
CA VAL A 483 15.45 -5.14 37.10
C VAL A 483 15.76 -3.79 37.75
N GLU A 484 16.85 -3.16 37.28
CA GLU A 484 17.37 -1.96 37.94
C GLU A 484 16.48 -0.76 37.73
N ASP A 485 15.80 -0.67 36.59
CA ASP A 485 14.91 0.46 36.34
C ASP A 485 13.57 0.21 37.00
N GLY A 486 12.88 -0.84 36.57
CA GLY A 486 11.57 -1.15 37.11
C GLY A 486 10.47 -1.06 36.09
N LYS A 487 10.79 -1.35 34.84
CA LYS A 487 9.81 -1.31 33.76
C LYS A 487 9.86 -2.64 33.01
N TYR A 488 8.72 -3.05 32.46
CA TYR A 488 8.59 -4.31 31.71
C TYR A 488 9.47 -4.31 30.47
N GLY A 489 9.52 -3.17 29.79
CA GLY A 489 10.20 -3.11 28.51
C GLY A 489 9.28 -2.68 27.38
N ALA A 490 9.49 -1.47 26.88
CA ALA A 490 8.70 -0.92 25.80
C ALA A 490 9.58 -0.05 24.93
N GLN A 491 9.02 0.37 23.80
CA GLN A 491 9.74 1.15 22.79
C GLN A 491 10.03 2.56 23.28
N ASP A 492 11.24 3.06 23.01
CA ASP A 492 11.60 4.43 23.34
C ASP A 492 11.05 5.36 22.26
N ASP A 493 11.32 6.66 22.37
CA ASP A 493 10.63 7.64 21.53
C ASP A 493 11.17 7.69 20.10
N VAL A 494 12.49 7.81 19.92
CA VAL A 494 13.03 7.94 18.56
C VAL A 494 14.02 6.82 18.23
N ASN A 495 14.95 6.53 19.15
CA ASN A 495 15.89 5.43 18.99
C ASN A 495 15.35 4.18 19.67
N GLY A 496 15.85 3.00 19.33
CA GLY A 496 15.32 1.82 19.97
C GLY A 496 15.75 1.63 21.41
N GLN A 497 16.98 1.13 21.61
CA GLN A 497 17.71 0.93 22.86
C GLN A 497 16.83 0.60 24.08
N TRP A 498 16.04 -0.48 23.96
CA TRP A 498 14.84 -0.83 24.74
C TRP A 498 14.92 -0.56 26.23
N ASN A 499 13.83 -0.12 26.83
CA ASN A 499 13.83 0.37 28.21
C ASN A 499 13.02 -0.56 29.09
N GLY A 500 13.68 -1.56 29.69
CA GLY A 500 13.06 -2.41 30.68
C GLY A 500 13.74 -3.77 30.77
N MET A 501 12.93 -4.83 30.88
CA MET A 501 13.48 -6.17 31.00
C MET A 501 13.93 -6.72 29.66
N VAL A 502 13.49 -6.11 28.56
CA VAL A 502 13.95 -6.56 27.25
C VAL A 502 15.30 -5.93 26.92
N ARG A 503 15.76 -4.99 27.75
CA ARG A 503 17.12 -4.49 27.65
C ARG A 503 18.12 -5.52 28.14
N GLU A 504 17.77 -6.21 29.23
CA GLU A 504 18.67 -7.15 29.88
C GLU A 504 18.93 -8.37 29.01
N LEU A 505 18.00 -8.66 28.10
CA LEU A 505 18.10 -9.90 27.32
C LEU A 505 18.81 -9.66 26.00
N ILE A 506 18.98 -8.39 25.61
CA ILE A 506 19.76 -8.08 24.42
C ILE A 506 21.24 -8.01 24.75
N ASP A 507 21.57 -7.32 25.85
CA ASP A 507 22.94 -6.92 26.15
C ASP A 507 23.85 -8.06 26.59
N HIS A 508 23.26 -9.23 26.87
CA HIS A 508 23.93 -10.43 27.38
C HIS A 508 24.60 -10.09 28.71
N LYS A 509 23.95 -9.25 29.52
CA LYS A 509 24.37 -9.01 30.89
C LYS A 509 23.32 -9.65 31.78
N ALA A 510 22.44 -10.43 31.14
CA ALA A 510 21.45 -11.22 31.85
C ALA A 510 21.10 -12.47 31.07
N ASP A 511 19.97 -13.08 31.44
CA ASP A 511 19.61 -14.45 31.12
C ASP A 511 18.08 -14.55 31.04
N LEU A 512 17.54 -15.71 31.40
CA LEU A 512 16.10 -16.02 31.48
C LEU A 512 15.29 -14.88 32.11
N ALA A 513 14.06 -14.71 31.64
CA ALA A 513 13.24 -13.57 32.02
C ALA A 513 11.92 -14.03 32.60
N VAL A 514 11.98 -14.87 33.63
CA VAL A 514 10.79 -15.48 34.22
C VAL A 514 10.00 -14.38 34.91
N ALA A 515 9.00 -13.86 34.21
CA ALA A 515 8.39 -12.57 34.48
C ALA A 515 7.02 -12.53 33.80
N PRO A 516 6.16 -11.55 34.12
CA PRO A 516 4.90 -11.41 33.37
C PRO A 516 5.03 -10.70 32.04
N LEU A 517 6.24 -10.62 31.47
CA LEU A 517 6.53 -9.91 30.24
C LEU A 517 5.68 -10.37 29.07
N ALA A 518 4.79 -9.51 28.62
CA ALA A 518 3.71 -9.90 27.70
C ALA A 518 4.22 -9.93 26.26
N ILE A 519 3.81 -10.98 25.56
CA ILE A 519 4.24 -11.20 24.18
C ILE A 519 3.38 -10.35 23.25
N THR A 520 4.02 -9.52 22.43
CA THR A 520 3.35 -8.83 21.33
C THR A 520 4.35 -8.65 20.20
N TYR A 521 3.97 -7.86 19.20
CA TYR A 521 4.72 -7.78 17.94
C TYR A 521 6.07 -7.09 18.10
N VAL A 522 6.18 -6.15 19.04
CA VAL A 522 7.42 -5.40 19.17
C VAL A 522 8.36 -6.09 20.17
N ARG A 523 7.82 -6.87 21.10
CA ARG A 523 8.66 -7.65 22.00
C ARG A 523 9.20 -8.88 21.30
N GLU A 524 8.42 -9.46 20.39
CA GLU A 524 8.86 -10.62 19.61
C GLU A 524 9.78 -10.22 18.45
N LYS A 525 9.79 -8.93 18.10
CA LYS A 525 10.64 -8.44 17.02
C LYS A 525 12.12 -8.60 17.31
N VAL A 526 12.54 -8.41 18.56
CA VAL A 526 13.96 -8.50 18.88
C VAL A 526 14.25 -9.82 19.60
N ILE A 527 13.72 -9.98 20.80
CA ILE A 527 13.93 -11.21 21.54
C ILE A 527 12.77 -12.15 21.25
N ASP A 528 12.98 -13.44 21.49
CA ASP A 528 11.95 -14.45 21.21
C ASP A 528 11.66 -15.23 22.48
N PHE A 529 10.38 -15.46 22.75
CA PHE A 529 9.90 -16.01 24.01
C PHE A 529 9.72 -17.52 23.90
N SER A 530 9.48 -18.15 25.05
CA SER A 530 9.09 -19.56 25.07
C SER A 530 7.58 -19.67 24.94
N LYS A 531 7.04 -20.86 25.17
CA LYS A 531 5.61 -21.10 25.01
C LYS A 531 4.89 -20.49 26.20
N PRO A 532 3.76 -19.80 26.00
CA PRO A 532 3.06 -19.18 27.12
C PRO A 532 2.54 -20.15 28.16
N PHE A 533 2.75 -19.81 29.44
CA PHE A 533 2.31 -20.61 30.57
C PHE A 533 0.99 -20.11 31.12
N MET A 534 0.41 -19.10 30.47
CA MET A 534 -0.84 -18.50 30.92
C MET A 534 -1.46 -17.76 29.73
N THR A 535 -2.77 -17.57 29.73
CA THR A 535 -3.44 -16.84 28.66
C THR A 535 -4.12 -15.62 29.26
N LEU A 536 -3.70 -14.43 28.81
CA LEU A 536 -4.29 -13.18 29.28
C LEU A 536 -5.62 -12.88 28.63
N GLY A 537 -6.06 -11.64 28.81
CA GLY A 537 -7.23 -11.11 28.16
C GLY A 537 -7.54 -9.74 28.74
N ILE A 538 -8.46 -9.05 28.07
CA ILE A 538 -9.00 -7.80 28.57
C ILE A 538 -10.45 -8.07 28.92
N SER A 539 -10.88 -7.65 30.11
CA SER A 539 -12.26 -7.85 30.53
C SER A 539 -12.66 -6.73 31.48
N ILE A 540 -13.96 -6.62 31.71
CA ILE A 540 -14.54 -5.47 32.39
C ILE A 540 -14.64 -5.77 33.88
N LEU A 541 -14.04 -4.92 34.70
CA LEU A 541 -14.18 -4.97 36.15
C LEU A 541 -15.33 -4.03 36.49
N TYR A 542 -16.45 -4.60 36.87
CA TYR A 542 -17.66 -3.84 37.15
C TYR A 542 -18.07 -4.04 38.59
N ARG A 543 -18.58 -2.97 39.20
CA ARG A 543 -18.99 -3.02 40.60
C ARG A 543 -20.22 -3.89 40.76
N LYS A 544 -20.18 -4.78 41.77
CA LYS A 544 -21.17 -5.79 42.14
C LYS A 544 -22.61 -5.27 42.13
N PRO A 545 -23.53 -5.97 41.45
CA PRO A 545 -24.96 -5.68 41.63
C PRO A 545 -25.39 -5.95 43.06
N ASN A 546 -25.73 -4.87 43.76
CA ASN A 546 -25.87 -4.88 45.20
C ASN A 546 -27.18 -5.54 45.63
N GLY A 547 -27.35 -5.68 46.95
CA GLY A 547 -28.64 -6.01 47.50
C GLY A 547 -29.58 -4.85 47.26
N THR A 548 -30.64 -5.08 46.49
CA THR A 548 -31.44 -3.99 45.92
C THR A 548 -32.25 -3.22 46.95
N ASN A 549 -32.73 -3.93 47.99
CA ASN A 549 -33.50 -3.45 49.14
C ASN A 549 -34.37 -2.18 48.95
N PRO A 550 -35.42 -2.24 48.09
CA PRO A 550 -36.17 -1.03 47.74
C PRO A 550 -36.98 -0.46 48.89
N GLY A 551 -37.21 -1.28 49.91
CA GLY A 551 -37.93 -0.87 51.09
C GLY A 551 -38.78 -1.99 51.63
N VAL A 552 -39.04 -1.98 52.92
CA VAL A 552 -39.93 -2.98 53.50
C VAL A 552 -41.36 -2.49 53.29
N PHE A 553 -41.52 -1.18 53.08
CA PHE A 553 -42.81 -0.58 52.76
C PHE A 553 -42.85 -0.23 51.27
N SER A 554 -42.27 -1.10 50.44
CA SER A 554 -42.23 -0.89 49.00
C SER A 554 -43.39 -1.58 48.30
N PHE A 555 -44.49 -1.80 49.01
CA PHE A 555 -45.71 -2.28 48.38
C PHE A 555 -46.73 -1.17 48.19
N LEU A 556 -46.48 -0.01 48.78
CA LEU A 556 -47.36 1.16 48.62
C LEU A 556 -46.76 2.12 47.59
N ASN A 557 -45.85 1.55 46.81
CA ASN A 557 -45.08 2.24 45.78
C ASN A 557 -45.82 2.53 44.47
N PRO A 558 -46.65 1.59 43.84
CA PRO A 558 -47.14 1.89 42.48
C PRO A 558 -48.16 3.01 42.39
N LEU A 559 -48.67 3.48 43.52
CA LEU A 559 -49.32 4.78 43.56
C LEU A 559 -48.46 5.70 44.40
N SER A 560 -48.34 6.95 43.95
CA SER A 560 -47.48 7.94 44.57
C SER A 560 -48.03 8.32 45.95
N PRO A 561 -47.23 8.99 46.79
CA PRO A 561 -47.79 9.48 48.08
C PRO A 561 -48.72 10.68 47.96
N ASP A 562 -49.15 11.03 46.74
CA ASP A 562 -50.18 12.05 46.58
C ASP A 562 -51.54 11.40 46.36
N ILE A 563 -51.54 10.17 45.85
CA ILE A 563 -52.80 9.46 45.63
C ILE A 563 -53.30 8.82 46.94
N TRP A 564 -52.39 8.20 47.70
CA TRP A 564 -52.77 7.56 48.95
C TRP A 564 -53.23 8.59 49.98
N MET A 565 -52.69 9.80 49.91
CA MET A 565 -53.16 10.86 50.80
C MET A 565 -54.53 11.37 50.37
N TYR A 566 -54.87 11.23 49.09
CA TYR A 566 -56.16 11.69 48.60
C TYR A 566 -57.22 10.60 48.65
N VAL A 567 -56.84 9.33 48.51
CA VAL A 567 -57.81 8.24 48.58
C VAL A 567 -58.40 8.13 49.99
N LEU A 568 -57.52 8.22 51.01
CA LEU A 568 -58.01 8.25 52.39
C LEU A 568 -58.78 9.53 52.68
N LEU A 569 -58.47 10.63 51.99
CA LEU A 569 -59.25 11.85 52.15
C LEU A 569 -60.45 11.86 51.20
N ALA A 570 -60.57 10.86 50.34
CA ALA A 570 -61.83 10.67 49.63
C ALA A 570 -62.68 9.60 50.30
N CYS A 571 -62.08 8.78 51.16
CA CYS A 571 -62.86 7.82 51.93
C CYS A 571 -63.65 8.52 53.01
N LEU A 572 -63.03 9.47 53.71
CA LEU A 572 -63.75 10.27 54.70
C LEU A 572 -64.62 11.33 54.04
N GLY A 573 -64.39 11.58 52.76
CA GLY A 573 -65.19 12.53 52.01
C GLY A 573 -66.47 11.93 51.47
N VAL A 574 -66.55 10.60 51.41
CA VAL A 574 -67.77 9.95 50.91
C VAL A 574 -68.47 9.22 52.05
N SER A 575 -67.74 8.91 53.12
CA SER A 575 -68.36 8.37 54.32
C SER A 575 -69.21 9.43 55.03
N CYS A 576 -68.84 10.70 54.91
CA CYS A 576 -69.60 11.74 55.58
C CYS A 576 -70.73 12.27 54.72
N VAL A 577 -70.55 12.34 53.39
CA VAL A 577 -71.60 12.86 52.52
C VAL A 577 -72.74 11.86 52.40
N LEU A 578 -72.42 10.56 52.35
CA LEU A 578 -73.46 9.54 52.31
C LEU A 578 -74.19 9.45 53.65
N PHE A 579 -73.53 9.88 54.72
CA PHE A 579 -74.18 10.00 56.03
C PHE A 579 -75.18 11.15 56.04
N VAL A 580 -74.88 12.23 55.32
CA VAL A 580 -75.78 13.38 55.28
C VAL A 580 -77.01 13.08 54.44
N ILE A 581 -76.80 12.47 53.27
CA ILE A 581 -77.89 12.27 52.31
C ILE A 581 -78.87 11.22 52.82
N ALA A 582 -78.37 10.20 53.51
CA ALA A 582 -79.24 9.11 53.95
C ALA A 582 -80.17 9.54 55.07
N ARG A 583 -79.73 10.50 55.91
CA ARG A 583 -80.64 11.06 56.90
C ARG A 583 -81.61 12.05 56.28
N PHE A 584 -81.14 12.84 55.32
CA PHE A 584 -81.93 13.88 54.68
C PHE A 584 -83.00 13.32 53.75
N SER A 585 -82.75 12.16 53.16
CA SER A 585 -83.67 11.58 52.19
C SER A 585 -84.90 11.00 52.88
N PRO A 586 -86.07 11.08 52.24
CA PRO A 586 -87.29 10.54 52.87
C PRO A 586 -87.41 9.02 52.78
N TYR A 587 -86.90 8.43 51.70
CA TYR A 587 -87.13 7.00 51.48
C TYR A 587 -86.25 6.13 52.36
N GLU A 588 -85.05 6.61 52.72
CA GLU A 588 -84.15 5.81 53.54
C GLU A 588 -84.59 5.77 55.00
N TRP A 589 -85.58 6.57 55.37
CA TRP A 589 -86.31 6.33 56.60
C TRP A 589 -87.30 5.19 56.37
N TYR A 590 -87.24 4.16 57.22
CA TYR A 590 -88.11 2.99 57.10
C TYR A 590 -88.11 2.30 58.45
N ASN A 591 -89.17 1.58 58.74
CA ASN A 591 -89.13 0.72 59.93
C ASN A 591 -88.39 -0.58 59.62
N PRO A 592 -87.42 -0.96 60.47
CA PRO A 592 -86.72 -2.25 60.26
C PRO A 592 -87.49 -3.46 60.76
N HIS A 593 -88.78 -3.27 61.06
CA HIS A 593 -89.63 -4.33 61.57
C HIS A 593 -90.82 -4.60 60.63
N PRO A 594 -90.63 -5.33 59.52
CA PRO A 594 -91.79 -5.69 58.68
C PRO A 594 -92.42 -6.99 59.13
N CYS A 595 -91.82 -7.63 60.14
CA CYS A 595 -92.34 -8.86 60.73
C CYS A 595 -93.67 -8.57 61.39
N ASN A 596 -93.77 -7.41 62.05
CA ASN A 596 -95.03 -6.80 62.46
C ASN A 596 -95.06 -5.39 61.90
N PRO A 597 -95.61 -5.19 60.69
CA PRO A 597 -95.51 -3.88 60.02
C PRO A 597 -96.39 -2.82 60.66
N ASP A 598 -96.21 -1.57 60.22
CA ASP A 598 -96.88 -0.37 60.72
C ASP A 598 -96.61 -0.20 62.22
N SER A 599 -95.35 0.05 62.58
CA SER A 599 -94.99 0.10 63.99
C SER A 599 -94.46 1.46 64.44
N ASP A 600 -94.12 2.37 63.51
CA ASP A 600 -93.53 3.69 63.78
C ASP A 600 -92.23 3.55 64.57
N VAL A 601 -91.35 2.68 64.08
CA VAL A 601 -90.10 2.34 64.74
C VAL A 601 -88.98 2.63 63.74
N VAL A 602 -89.19 3.67 62.92
CA VAL A 602 -88.33 4.05 61.80
C VAL A 602 -86.87 4.31 62.19
N GLU A 603 -85.96 3.53 61.60
CA GLU A 603 -84.54 3.59 61.89
C GLU A 603 -83.79 3.43 60.56
N ASN A 604 -82.53 3.85 60.54
CA ASN A 604 -81.70 3.73 59.35
C ASN A 604 -80.64 2.66 59.60
N ASN A 605 -79.97 2.24 58.52
CA ASN A 605 -78.71 1.51 58.67
C ASN A 605 -77.54 2.49 58.59
N PHE A 606 -77.83 3.78 58.66
CA PHE A 606 -76.83 4.77 58.26
C PHE A 606 -76.41 5.67 59.40
N THR A 607 -76.08 5.07 60.54
CA THR A 607 -75.29 5.77 61.55
C THR A 607 -73.88 6.01 61.03
N LEU A 608 -73.15 6.90 61.70
CA LEU A 608 -71.79 7.23 61.27
C LEU A 608 -70.84 6.06 61.47
N LEU A 609 -71.15 5.18 62.43
CA LEU A 609 -70.35 3.97 62.63
C LEU A 609 -70.49 3.01 61.44
N ASN A 610 -71.65 3.03 60.78
CA ASN A 610 -71.84 2.19 59.60
C ASN A 610 -71.53 2.92 58.31
N SER A 611 -71.40 4.25 58.33
CA SER A 611 -71.14 4.94 57.07
C SER A 611 -69.68 4.83 56.66
N PHE A 612 -68.78 4.60 57.62
CA PHE A 612 -67.41 4.23 57.26
C PHE A 612 -67.36 2.83 56.69
N TRP A 613 -68.32 1.99 57.07
CA TRP A 613 -68.30 0.58 56.67
C TRP A 613 -68.61 0.42 55.19
N PHE A 614 -69.43 1.31 54.66
CA PHE A 614 -69.65 1.33 53.21
C PHE A 614 -68.55 2.18 52.58
N GLY A 615 -67.87 2.99 53.39
CA GLY A 615 -66.76 3.76 52.88
C GLY A 615 -65.49 2.94 52.80
N VAL A 616 -65.35 1.94 53.68
CA VAL A 616 -64.16 1.10 53.65
C VAL A 616 -64.42 -0.16 52.85
N GLY A 617 -65.56 -0.82 53.09
CA GLY A 617 -65.82 -2.10 52.47
C GLY A 617 -66.03 -2.03 50.97
N ALA A 618 -66.53 -0.90 50.48
CA ALA A 618 -66.67 -0.76 49.04
C ALA A 618 -65.35 -0.46 48.37
N LEU A 619 -64.41 0.14 49.09
CA LEU A 619 -63.08 0.41 48.55
C LEU A 619 -62.19 -0.81 48.58
N MET A 620 -62.49 -1.82 49.39
CA MET A 620 -61.64 -3.00 49.44
C MET A 620 -62.28 -4.25 48.84
N GLN A 621 -63.41 -4.09 48.13
CA GLN A 621 -64.05 -5.10 47.28
C GLN A 621 -64.49 -6.37 48.01
N GLN A 622 -64.55 -6.34 49.33
CA GLN A 622 -64.96 -7.52 50.07
C GLN A 622 -66.47 -7.52 50.28
N GLY A 623 -67.12 -6.41 49.96
CA GLY A 623 -68.54 -6.31 50.12
C GLY A 623 -68.89 -5.21 51.11
N SER A 624 -70.12 -5.25 51.60
CA SER A 624 -70.62 -4.25 52.51
C SER A 624 -71.71 -4.90 53.36
N GLU A 625 -72.47 -4.13 54.12
CA GLU A 625 -73.56 -4.68 54.92
C GLU A 625 -74.79 -3.81 54.75
N LEU A 626 -74.61 -2.62 54.20
CA LEU A 626 -75.71 -1.67 54.12
C LEU A 626 -76.59 -1.92 52.90
N MET A 627 -75.99 -1.87 51.70
CA MET A 627 -76.64 -1.99 50.39
C MET A 627 -77.78 -0.99 50.26
N PRO A 628 -77.47 0.30 49.99
CA PRO A 628 -78.47 1.38 50.00
C PRO A 628 -79.70 1.16 49.13
N LYS A 629 -80.84 1.69 49.54
CA LYS A 629 -82.11 1.21 49.01
C LYS A 629 -82.92 2.26 48.25
N ALA A 630 -82.40 3.47 48.09
CA ALA A 630 -83.13 4.50 47.37
C ALA A 630 -82.18 5.41 46.59
N LEU A 631 -82.76 6.08 45.58
CA LEU A 631 -82.04 6.71 44.48
C LEU A 631 -81.03 7.76 44.91
N SER A 632 -81.30 8.48 45.99
CA SER A 632 -80.35 9.49 46.45
C SER A 632 -79.12 8.87 47.10
N THR A 633 -79.20 7.58 47.42
CA THR A 633 -78.01 6.88 47.88
C THR A 633 -77.59 5.76 46.93
N ARG A 634 -78.12 5.76 45.70
CA ARG A 634 -77.67 4.79 44.71
C ARG A 634 -76.56 5.38 43.85
N ILE A 635 -76.50 6.70 43.73
CA ILE A 635 -75.43 7.32 42.95
C ILE A 635 -74.16 7.39 43.77
N VAL A 636 -74.27 7.82 45.03
CA VAL A 636 -73.12 7.78 45.93
C VAL A 636 -72.70 6.34 46.20
N GLY A 637 -73.67 5.44 46.27
CA GLY A 637 -73.34 4.02 46.32
C GLY A 637 -72.83 3.48 45.01
N GLY A 638 -73.07 4.20 43.91
CA GLY A 638 -72.67 3.75 42.61
C GLY A 638 -71.38 4.34 42.09
N ILE A 639 -71.18 5.64 42.31
CA ILE A 639 -69.94 6.29 41.85
C ILE A 639 -68.76 5.83 42.68
N TRP A 640 -68.98 5.58 43.98
CA TRP A 640 -67.90 5.15 44.85
C TRP A 640 -67.43 3.73 44.51
N TRP A 641 -68.30 2.94 43.89
CA TRP A 641 -67.85 1.65 43.35
C TRP A 641 -66.96 1.85 42.14
N PHE A 642 -67.25 2.86 41.32
CA PHE A 642 -66.40 3.15 40.18
C PHE A 642 -65.11 3.84 40.61
N PHE A 643 -65.09 4.44 41.80
CA PHE A 643 -63.83 4.95 42.32
C PHE A 643 -62.93 3.83 42.80
N THR A 644 -63.52 2.70 43.20
CA THR A 644 -62.72 1.58 43.67
C THR A 644 -62.07 0.84 42.51
N LEU A 645 -62.86 0.57 41.48
CA LEU A 645 -62.43 -0.32 40.41
C LEU A 645 -61.41 0.35 39.50
N ILE A 646 -61.25 1.66 39.62
CA ILE A 646 -60.16 2.31 38.90
C ILE A 646 -58.89 2.32 39.75
N ILE A 647 -59.03 2.58 41.06
CA ILE A 647 -57.87 2.63 41.95
C ILE A 647 -57.26 1.24 42.13
N ILE A 648 -58.09 0.23 42.39
CA ILE A 648 -57.56 -1.12 42.58
C ILE A 648 -57.08 -1.70 41.26
N SER A 649 -57.64 -1.27 40.13
CA SER A 649 -57.08 -1.70 38.86
C SER A 649 -56.17 -0.65 38.24
N SER A 650 -55.77 0.36 39.00
CA SER A 650 -54.53 1.06 38.70
C SER A 650 -53.49 0.77 39.77
N TYR A 651 -53.72 -0.31 40.54
CA TYR A 651 -52.73 -0.75 41.51
C TYR A 651 -52.19 -2.12 41.13
N THR A 652 -53.10 -3.05 40.84
CA THR A 652 -52.70 -4.34 40.28
C THR A 652 -52.11 -4.15 38.89
N ALA A 653 -52.60 -3.17 38.14
CA ALA A 653 -52.06 -2.91 36.82
C ALA A 653 -50.88 -1.95 36.87
N ASN A 654 -50.31 -1.74 38.06
CA ASN A 654 -49.10 -0.95 38.13
C ASN A 654 -48.03 -1.65 38.97
N LEU A 655 -48.44 -2.50 39.91
CA LEU A 655 -47.46 -3.33 40.62
C LEU A 655 -46.98 -4.46 39.72
N ALA A 656 -47.78 -4.82 38.73
CA ALA A 656 -47.27 -5.64 37.63
C ALA A 656 -46.25 -4.85 36.82
N ALA A 657 -46.47 -3.55 36.66
CA ALA A 657 -45.62 -2.72 35.82
C ALA A 657 -44.35 -2.25 36.53
N PHE A 658 -44.13 -2.64 37.78
CA PHE A 658 -42.80 -2.49 38.37
C PHE A 658 -42.01 -3.78 38.23
N LEU A 659 -42.67 -4.90 38.46
CA LEU A 659 -41.97 -6.17 38.60
C LEU A 659 -41.71 -6.81 37.25
N THR A 660 -42.20 -6.20 36.18
CA THR A 660 -41.77 -6.64 34.85
C THR A 660 -40.84 -5.63 34.21
N VAL A 661 -40.61 -4.50 34.88
CA VAL A 661 -39.60 -3.55 34.43
C VAL A 661 -38.23 -3.90 34.98
N GLU A 662 -38.12 -4.15 36.29
CA GLU A 662 -36.84 -4.54 36.86
C GLU A 662 -36.55 -6.02 36.68
N ARG A 663 -37.31 -6.73 35.86
CA ARG A 663 -36.95 -8.05 35.37
C ARG A 663 -36.41 -8.00 33.94
N MET A 664 -36.86 -7.05 33.13
CA MET A 664 -36.27 -6.83 31.80
C MET A 664 -34.86 -6.29 31.88
N GLU A 665 -34.51 -5.57 32.94
CA GLU A 665 -33.16 -5.02 33.05
C GLU A 665 -32.28 -6.08 33.68
N SER A 666 -31.00 -6.04 33.34
CA SER A 666 -30.03 -7.02 33.79
C SER A 666 -28.67 -6.35 33.83
N PRO A 667 -27.77 -6.79 34.72
CA PRO A 667 -26.41 -6.22 34.73
C PRO A 667 -25.64 -6.61 33.48
N ILE A 668 -24.70 -5.75 33.08
CA ILE A 668 -23.90 -5.93 31.88
C ILE A 668 -23.02 -7.17 32.01
N ASP A 669 -22.87 -7.90 30.92
CA ASP A 669 -22.28 -9.23 30.95
C ASP A 669 -21.20 -9.35 29.86
N SER A 670 -21.12 -8.34 29.01
CA SER A 670 -20.16 -8.39 27.90
C SER A 670 -19.60 -7.00 27.60
N ALA A 671 -18.88 -6.88 26.48
CA ALA A 671 -18.29 -5.60 26.13
C ALA A 671 -19.18 -4.80 25.19
N ASP A 672 -20.10 -5.46 24.48
CA ASP A 672 -21.01 -4.72 23.62
C ASP A 672 -22.21 -4.19 24.40
N ASP A 673 -22.59 -4.86 25.50
CA ASP A 673 -23.66 -4.36 26.35
C ASP A 673 -23.24 -3.10 27.08
N LEU A 674 -21.95 -2.97 27.39
CA LEU A 674 -21.49 -1.77 28.08
C LEU A 674 -21.39 -0.60 27.11
N ALA A 675 -21.28 -0.91 25.81
CA ALA A 675 -21.26 0.11 24.77
C ALA A 675 -22.63 0.78 24.60
N LYS A 676 -23.69 0.09 25.01
CA LYS A 676 -25.02 0.66 24.94
C LYS A 676 -25.37 1.36 26.25
N GLN A 677 -24.43 1.40 27.20
CA GLN A 677 -24.64 2.02 28.50
C GLN A 677 -23.76 3.26 28.57
N THR A 678 -24.28 4.39 28.11
CA THR A 678 -23.56 5.66 28.22
C THR A 678 -23.68 6.29 29.60
N LYS A 679 -24.52 5.73 30.49
CA LYS A 679 -24.53 6.17 31.88
C LYS A 679 -23.27 5.72 32.61
N ILE A 680 -23.01 4.42 32.61
CA ILE A 680 -21.81 3.85 33.24
C ILE A 680 -20.62 4.23 32.39
N GLU A 681 -19.73 5.06 32.93
CA GLU A 681 -18.55 5.51 32.20
C GLU A 681 -17.45 4.46 32.29
N TYR A 682 -16.68 4.30 31.21
CA TYR A 682 -15.79 3.16 31.03
C TYR A 682 -14.66 3.04 32.04
N GLY A 683 -13.67 3.93 31.97
CA GLY A 683 -12.48 3.78 32.76
C GLY A 683 -11.51 2.74 32.24
N ALA A 684 -10.21 3.07 32.26
CA ALA A 684 -9.14 2.16 31.85
C ALA A 684 -7.82 2.66 32.41
N VAL A 685 -6.75 1.87 32.26
CA VAL A 685 -5.43 2.39 32.57
C VAL A 685 -4.96 3.21 31.37
N GLU A 686 -4.39 4.37 31.65
CA GLU A 686 -4.17 5.35 30.59
C GLU A 686 -2.87 5.07 29.86
N ASP A 687 -2.94 5.23 28.53
CA ASP A 687 -1.81 5.23 27.59
C ASP A 687 -0.95 3.97 27.68
N GLY A 688 -1.56 2.84 27.99
CA GLY A 688 -0.78 1.63 28.19
C GLY A 688 -1.12 0.58 27.15
N ALA A 689 -1.02 -0.68 27.57
CA ALA A 689 -1.27 -1.79 26.65
C ALA A 689 -2.76 -1.98 26.42
N THR A 690 -3.59 -1.50 27.34
CA THR A 690 -5.03 -1.67 27.21
C THR A 690 -5.59 -0.74 26.14
N MET A 691 -5.17 0.52 26.16
CA MET A 691 -5.64 1.47 25.14
C MET A 691 -4.94 1.23 23.81
N THR A 692 -3.83 0.49 23.82
CA THR A 692 -3.13 0.15 22.59
C THR A 692 -3.97 -0.79 21.73
N PHE A 693 -4.69 -1.70 22.38
CA PHE A 693 -5.57 -2.61 21.65
C PHE A 693 -6.80 -1.88 21.16
N PHE A 694 -7.22 -0.83 21.86
CA PHE A 694 -8.49 -0.19 21.58
C PHE A 694 -8.39 0.90 20.51
N LYS A 695 -7.21 1.49 20.36
CA LYS A 695 -7.04 2.58 19.39
C LYS A 695 -6.80 2.09 17.98
N LYS A 696 -6.36 0.83 17.81
CA LYS A 696 -6.12 0.30 16.48
C LYS A 696 -7.12 -0.79 16.11
N SER A 697 -8.16 -0.98 16.92
CA SER A 697 -9.17 -1.97 16.62
C SER A 697 -10.11 -1.47 15.52
N LYS A 698 -10.43 -2.38 14.60
CA LYS A 698 -11.34 -2.08 13.50
C LYS A 698 -12.57 -2.96 13.57
N ILE A 699 -12.84 -3.51 14.75
CA ILE A 699 -13.95 -4.42 14.98
C ILE A 699 -15.24 -3.61 15.01
N SER A 700 -15.12 -2.32 15.37
CA SER A 700 -16.13 -1.27 15.44
C SER A 700 -17.13 -1.48 16.57
N THR A 701 -16.97 -2.55 17.35
CA THR A 701 -17.62 -2.62 18.65
C THR A 701 -16.70 -2.04 19.71
N TYR A 702 -15.40 -2.29 19.58
CA TYR A 702 -14.43 -1.73 20.51
C TYR A 702 -14.01 -0.33 20.09
N ASP A 703 -14.23 0.03 18.83
CA ASP A 703 -14.04 1.41 18.41
C ASP A 703 -15.10 2.33 19.02
N LYS A 704 -16.31 1.79 19.24
CA LYS A 704 -17.33 2.53 19.97
C LYS A 704 -16.94 2.71 21.44
N MET A 705 -16.22 1.74 22.00
CA MET A 705 -15.71 1.88 23.37
C MET A 705 -14.58 2.92 23.41
N TRP A 706 -13.87 3.09 22.29
CA TRP A 706 -12.81 4.08 22.22
C TRP A 706 -13.38 5.49 22.10
N ALA A 707 -14.62 5.61 21.62
CA ALA A 707 -15.21 6.92 21.34
C ALA A 707 -15.50 7.69 22.62
N PHE A 708 -15.91 7.00 23.68
CA PHE A 708 -16.21 7.70 24.93
C PHE A 708 -14.91 8.07 25.65
N MET A 709 -13.93 7.17 25.64
CA MET A 709 -12.68 7.42 26.35
C MET A 709 -11.84 8.50 25.68
N SER A 710 -12.00 8.70 24.37
CA SER A 710 -11.31 9.79 23.69
C SER A 710 -12.04 11.11 23.84
N SER A 711 -13.34 11.08 24.12
CA SER A 711 -14.12 12.30 24.30
C SER A 711 -14.13 12.71 25.77
N ARG A 712 -13.76 11.78 26.66
CA ARG A 712 -13.74 12.07 28.08
C ARG A 712 -12.36 11.78 28.66
N ARG A 713 -11.31 12.26 27.97
CA ARG A 713 -9.94 12.07 28.41
C ARG A 713 -9.70 12.86 29.70
N GLN A 714 -8.85 12.33 30.58
CA GLN A 714 -8.49 12.86 31.90
C GLN A 714 -9.68 12.92 32.84
N SER A 715 -10.75 12.17 32.55
CA SER A 715 -11.92 12.09 33.41
C SER A 715 -12.33 10.65 33.69
N VAL A 716 -12.09 9.74 32.75
CA VAL A 716 -12.36 8.32 32.97
C VAL A 716 -11.06 7.55 32.99
N LEU A 717 -10.03 8.07 32.31
CA LEU A 717 -8.75 7.39 32.19
C LEU A 717 -7.99 7.55 33.50
N VAL A 718 -8.28 6.64 34.43
CA VAL A 718 -7.78 6.69 35.79
C VAL A 718 -6.30 6.33 35.76
N LYS A 719 -5.52 6.83 36.74
CA LYS A 719 -4.07 6.84 36.61
C LYS A 719 -3.42 5.53 37.05
N SER A 720 -3.60 5.15 38.31
CA SER A 720 -2.93 3.95 38.79
C SER A 720 -3.86 2.74 38.69
N ASN A 721 -3.24 1.56 38.58
CA ASN A 721 -4.01 0.33 38.64
C ASN A 721 -4.63 0.13 40.00
N GLU A 722 -3.96 0.55 41.07
CA GLU A 722 -4.58 0.55 42.38
C GLU A 722 -5.66 1.62 42.47
N GLU A 723 -5.42 2.79 41.87
CA GLU A 723 -6.43 3.84 41.84
C GLU A 723 -7.60 3.45 40.94
N GLY A 724 -7.33 2.58 39.96
CA GLY A 724 -8.37 1.98 39.16
C GLY A 724 -9.27 1.03 39.94
N ILE A 725 -8.77 0.53 41.07
CA ILE A 725 -9.59 -0.29 41.96
C ILE A 725 -10.27 0.58 43.01
N GLN A 726 -9.60 1.66 43.41
CA GLN A 726 -10.14 2.49 44.49
C GLN A 726 -11.35 3.30 44.04
N ARG A 727 -11.33 3.85 42.82
CA ARG A 727 -12.45 4.71 42.42
C ARG A 727 -13.67 3.88 42.04
N VAL A 728 -13.45 2.71 41.43
CA VAL A 728 -14.57 1.82 41.08
C VAL A 728 -15.21 1.22 42.33
N LEU A 729 -14.50 1.20 43.46
CA LEU A 729 -15.14 0.86 44.73
C LEU A 729 -16.09 1.96 45.16
N THR A 730 -15.75 3.22 44.87
CA THR A 730 -16.60 4.36 45.19
C THR A 730 -17.59 4.67 44.07
N SER A 731 -17.06 5.00 42.90
CA SER A 731 -17.86 5.41 41.75
C SER A 731 -18.40 4.21 40.99
N ASP A 732 -18.88 4.44 39.75
CA ASP A 732 -19.56 3.42 38.96
C ASP A 732 -18.81 3.26 37.64
N TYR A 733 -17.49 3.06 37.72
CA TYR A 733 -16.68 2.71 36.54
C TYR A 733 -16.99 1.31 36.01
N ALA A 734 -16.43 1.01 34.84
CA ALA A 734 -16.52 -0.31 34.24
C ALA A 734 -15.12 -0.75 33.83
N PHE A 735 -14.20 -0.67 34.79
CA PHE A 735 -12.75 -0.71 34.65
C PHE A 735 -12.25 -1.88 33.82
N LEU A 736 -11.13 -1.69 33.10
CA LEU A 736 -10.81 -2.53 31.95
C LEU A 736 -9.40 -3.10 31.93
N MET A 737 -8.82 -3.46 33.07
CA MET A 737 -7.43 -3.89 33.06
C MET A 737 -7.36 -5.37 32.67
N GLU A 738 -6.15 -5.93 32.67
CA GLU A 738 -5.90 -7.25 32.11
C GLU A 738 -6.45 -8.37 32.99
N SER A 739 -6.56 -9.57 32.42
CA SER A 739 -7.41 -10.60 33.01
C SER A 739 -6.66 -11.49 33.99
N THR A 740 -5.59 -10.99 34.59
CA THR A 740 -5.00 -11.68 35.73
C THR A 740 -5.08 -10.83 36.98
N THR A 741 -5.11 -9.51 36.80
CA THR A 741 -5.34 -8.63 37.94
C THR A 741 -6.80 -8.17 37.95
N ILE A 742 -7.69 -9.00 37.42
CA ILE A 742 -9.14 -8.79 37.53
C ILE A 742 -9.68 -10.02 38.25
N GLU A 743 -8.86 -11.07 38.32
CA GLU A 743 -9.23 -12.24 39.11
C GLU A 743 -8.58 -12.18 40.48
N PHE A 744 -7.39 -11.57 40.56
CA PHE A 744 -6.72 -11.46 41.85
C PHE A 744 -7.40 -10.45 42.75
N VAL A 745 -7.92 -9.37 42.16
CA VAL A 745 -8.66 -8.39 42.95
C VAL A 745 -10.02 -8.95 43.33
N THR A 746 -10.58 -9.82 42.48
CA THR A 746 -11.87 -10.44 42.76
C THR A 746 -11.79 -11.38 43.96
N GLN A 747 -10.71 -12.16 44.05
CA GLN A 747 -10.62 -13.17 45.09
C GLN A 747 -10.30 -12.61 46.47
N ARG A 748 -9.51 -11.55 46.58
CA ARG A 748 -9.23 -10.96 47.88
C ARG A 748 -10.12 -9.76 48.18
N ASN A 749 -11.12 -9.48 47.34
CA ASN A 749 -12.10 -8.44 47.59
C ASN A 749 -13.38 -8.87 46.87
N CYS A 750 -14.29 -9.48 47.61
CA CYS A 750 -15.39 -10.20 46.97
C CYS A 750 -16.62 -9.33 46.74
N ASN A 751 -16.45 -8.02 46.59
CA ASN A 751 -17.51 -7.14 46.15
C ASN A 751 -17.26 -6.59 44.74
N LEU A 752 -16.47 -7.30 43.94
CA LEU A 752 -16.05 -6.88 42.61
C LEU A 752 -15.83 -8.12 41.76
N THR A 753 -16.48 -8.18 40.60
CA THR A 753 -16.44 -9.39 39.77
C THR A 753 -16.14 -9.04 38.32
N GLN A 754 -15.32 -9.89 37.70
CA GLN A 754 -15.23 -9.98 36.26
C GLN A 754 -16.59 -10.35 35.68
N ILE A 755 -16.97 -9.69 34.59
CA ILE A 755 -18.30 -9.92 34.04
C ILE A 755 -18.23 -10.55 32.65
N GLY A 756 -17.17 -10.26 31.90
CA GLY A 756 -17.19 -10.61 30.50
C GLY A 756 -16.29 -11.76 30.09
N GLY A 757 -16.06 -11.88 28.79
CA GLY A 757 -15.22 -12.94 28.27
C GLY A 757 -13.83 -12.41 27.98
N LEU A 758 -13.02 -13.25 27.35
CA LEU A 758 -11.65 -12.90 27.04
C LEU A 758 -11.55 -12.24 25.68
N ILE A 759 -11.35 -10.93 25.66
CA ILE A 759 -11.29 -10.15 24.44
C ILE A 759 -10.00 -10.47 23.69
N ASP A 760 -8.86 -10.39 24.39
CA ASP A 760 -7.57 -10.58 23.75
C ASP A 760 -6.97 -11.92 24.21
N SER A 761 -5.95 -12.41 23.50
CA SER A 761 -5.35 -13.69 23.84
C SER A 761 -3.84 -13.61 23.82
N LYS A 762 -3.28 -12.61 24.51
CA LYS A 762 -1.86 -12.29 24.51
C LYS A 762 -0.98 -13.42 25.03
N GLY A 763 -1.11 -13.76 26.29
CA GLY A 763 -0.27 -14.78 26.89
C GLY A 763 1.05 -14.27 27.40
N TYR A 764 1.43 -14.72 28.60
CA TYR A 764 2.72 -14.42 29.21
C TYR A 764 3.81 -15.28 28.61
N GLY A 765 4.98 -15.33 29.26
CA GLY A 765 6.00 -16.24 28.79
C GLY A 765 7.31 -16.16 29.54
N VAL A 766 7.92 -17.32 29.78
CA VAL A 766 9.30 -17.37 30.24
C VAL A 766 10.19 -16.81 29.13
N GLY A 767 10.80 -15.66 29.39
CA GLY A 767 11.59 -15.00 28.38
C GLY A 767 12.90 -15.68 28.06
N THR A 768 13.48 -15.35 26.92
CA THR A 768 14.71 -15.96 26.43
C THR A 768 15.51 -14.87 25.73
N PRO A 769 16.82 -14.81 25.97
CA PRO A 769 17.64 -13.75 25.36
C PRO A 769 17.71 -13.84 23.84
N MET A 770 18.41 -12.86 23.26
CA MET A 770 18.64 -12.72 21.82
C MET A 770 19.24 -14.00 21.25
N GLY A 771 18.79 -14.40 20.05
CA GLY A 771 18.51 -15.78 19.67
C GLY A 771 19.40 -16.88 20.21
N SER A 772 18.79 -17.77 20.99
CA SER A 772 19.49 -18.66 21.90
C SER A 772 18.70 -19.95 22.08
N PRO A 773 19.36 -21.09 22.28
CA PRO A 773 18.62 -22.35 22.44
C PRO A 773 18.08 -22.57 23.84
N TYR A 774 18.03 -21.54 24.68
CA TYR A 774 17.41 -21.69 25.99
C TYR A 774 15.89 -21.70 25.90
N ARG A 775 15.33 -21.31 24.76
CA ARG A 775 13.88 -21.40 24.57
C ARG A 775 13.47 -22.85 24.35
N ASP A 776 14.41 -23.69 23.87
CA ASP A 776 14.04 -25.03 23.42
C ASP A 776 14.03 -26.00 24.58
N LYS A 777 14.82 -25.73 25.62
CA LYS A 777 14.79 -26.60 26.79
C LYS A 777 13.64 -26.24 27.71
N ILE A 778 13.07 -25.05 27.54
CA ILE A 778 11.98 -24.62 28.42
C ILE A 778 10.63 -24.96 27.80
N THR A 779 10.45 -24.68 26.50
CA THR A 779 9.20 -24.96 25.79
C THR A 779 8.87 -26.44 25.81
N ILE A 780 9.90 -27.29 25.81
CA ILE A 780 9.71 -28.69 26.17
C ILE A 780 9.24 -28.80 27.62
N ALA A 781 10.01 -28.22 28.54
CA ALA A 781 9.83 -28.55 29.95
C ALA A 781 8.63 -27.83 30.56
N ILE A 782 8.20 -26.72 29.95
CA ILE A 782 7.07 -25.99 30.53
C ILE A 782 5.76 -26.62 30.10
N LEU A 783 5.76 -27.40 29.01
CA LEU A 783 4.55 -28.11 28.61
C LEU A 783 4.28 -29.32 29.49
N GLN A 784 5.31 -29.83 30.17
CA GLN A 784 5.06 -30.90 31.15
C GLN A 784 4.39 -30.34 32.39
N LEU A 785 4.71 -29.11 32.77
CA LEU A 785 4.00 -28.48 33.87
C LEU A 785 2.60 -28.05 33.45
N GLN A 786 2.42 -27.73 32.17
CA GLN A 786 1.12 -27.25 31.71
C GLN A 786 0.10 -28.38 31.58
N GLU A 787 0.54 -29.59 31.23
CA GLU A 787 -0.38 -30.68 30.97
C GLU A 787 -0.66 -31.55 32.19
N GLU A 788 0.26 -31.62 33.15
CA GLU A 788 0.05 -32.58 34.23
C GLU A 788 -0.90 -32.04 35.29
N GLY A 789 -0.43 -31.14 36.14
CA GLY A 789 -1.32 -30.41 37.03
C GLY A 789 -0.78 -29.08 37.50
N LYS A 790 0.45 -28.75 37.10
CA LYS A 790 1.27 -27.85 37.91
C LYS A 790 0.88 -26.39 37.74
N LEU A 791 0.32 -26.01 36.59
CA LEU A 791 -0.10 -24.63 36.41
C LEU A 791 -1.53 -24.42 36.87
N HIS A 792 -2.13 -25.43 37.51
CA HIS A 792 -3.41 -25.25 38.16
C HIS A 792 -3.25 -25.41 39.67
N MET A 793 -2.22 -26.15 40.08
CA MET A 793 -1.93 -26.31 41.50
C MET A 793 -1.26 -25.05 42.07
N MET A 794 -0.64 -24.25 41.20
CA MET A 794 0.03 -23.05 41.65
C MET A 794 -0.82 -21.81 41.40
N LYS A 795 -1.65 -21.85 40.36
CA LYS A 795 -2.58 -20.76 40.10
C LYS A 795 -3.63 -20.69 41.20
N GLU A 796 -3.98 -21.84 41.77
CA GLU A 796 -4.89 -21.86 42.91
C GLU A 796 -4.11 -21.86 44.22
N LYS A 797 -2.92 -21.27 44.21
CA LYS A 797 -2.14 -21.15 45.44
C LYS A 797 -1.86 -19.68 45.75
N TRP A 798 -1.98 -18.82 44.74
CA TRP A 798 -1.81 -17.38 44.95
C TRP A 798 -3.00 -16.55 44.48
N TRP A 799 -3.78 -17.05 43.53
CA TRP A 799 -5.05 -16.42 43.18
C TRP A 799 -6.23 -17.03 43.92
N ARG A 800 -6.02 -17.55 45.13
CA ARG A 800 -7.08 -18.21 45.88
C ARG A 800 -8.04 -17.21 46.49
N GLY A 801 -7.54 -16.36 47.37
CA GLY A 801 -8.37 -15.37 48.03
C GLY A 801 -9.08 -15.92 49.25
N ASN A 802 -10.15 -15.25 49.67
CA ASN A 802 -10.96 -15.69 50.79
C ASN A 802 -11.85 -16.86 50.43
N GLY A 803 -12.10 -17.08 49.14
CA GLY A 803 -13.08 -18.07 48.71
C GLY A 803 -14.47 -17.62 49.10
N CYS A 804 -14.76 -16.35 48.88
CA CYS A 804 -15.93 -15.67 49.44
C CYS A 804 -17.22 -16.12 48.75
N PRO A 805 -18.17 -16.74 49.49
CA PRO A 805 -19.47 -17.05 48.88
C PRO A 805 -20.39 -15.85 48.98
N GLU A 806 -21.23 -15.62 47.96
CA GLU A 806 -21.94 -14.34 47.95
C GLU A 806 -23.27 -14.37 47.21
N GLU A 807 -24.26 -13.68 47.78
CA GLU A 807 -25.56 -13.25 47.25
C GLU A 807 -26.64 -14.31 47.11
N GLU A 808 -26.28 -15.60 47.19
CA GLU A 808 -27.19 -16.73 46.89
C GLU A 808 -27.95 -16.47 45.59
N SER A 809 -27.19 -16.51 44.50
CA SER A 809 -27.00 -15.39 43.58
C SER A 809 -28.16 -14.40 43.46
N LYS A 810 -29.33 -14.81 42.96
CA LYS A 810 -30.40 -13.84 42.76
C LYS A 810 -31.77 -14.38 43.14
N GLU A 811 -32.57 -13.57 43.83
CA GLU A 811 -33.99 -13.85 44.00
C GLU A 811 -34.75 -13.24 42.82
N ALA A 812 -34.38 -12.00 42.46
CA ALA A 812 -34.74 -11.35 41.21
C ALA A 812 -36.24 -11.20 40.96
N SER A 813 -36.90 -10.38 41.78
CA SER A 813 -38.32 -10.01 41.66
C SER A 813 -39.23 -11.23 41.72
N ALA A 814 -39.14 -11.97 42.83
CA ALA A 814 -39.88 -13.20 43.06
C ALA A 814 -40.48 -13.15 44.45
N LEU A 815 -41.24 -12.07 44.72
CA LEU A 815 -41.43 -11.38 45.99
C LEU A 815 -41.40 -12.22 47.26
N GLY A 816 -40.54 -11.84 48.21
CA GLY A 816 -40.42 -12.54 49.47
C GLY A 816 -40.79 -11.62 50.60
N VAL A 817 -39.95 -11.62 51.64
CA VAL A 817 -40.23 -10.86 52.85
C VAL A 817 -39.55 -9.51 52.72
N GLN A 818 -38.60 -9.41 51.78
CA GLN A 818 -37.81 -8.19 51.62
C GLN A 818 -38.60 -7.04 51.00
N ASN A 819 -39.74 -7.30 50.38
CA ASN A 819 -40.48 -6.21 49.75
C ASN A 819 -41.86 -5.99 50.34
N ILE A 820 -42.67 -7.04 50.41
CA ILE A 820 -44.03 -6.88 50.89
C ILE A 820 -44.12 -7.34 52.34
N GLY A 821 -42.97 -7.41 53.02
CA GLY A 821 -42.95 -7.82 54.40
C GLY A 821 -43.43 -6.76 55.35
N GLY A 822 -43.54 -5.52 54.88
CA GLY A 822 -44.04 -4.43 55.69
C GLY A 822 -45.53 -4.40 55.92
N ILE A 823 -46.29 -5.25 55.22
CA ILE A 823 -47.71 -5.35 55.54
C ILE A 823 -47.90 -6.20 56.80
N PHE A 824 -46.93 -7.06 57.12
CA PHE A 824 -47.00 -7.79 58.37
C PHE A 824 -46.65 -6.88 59.55
N ILE A 825 -46.10 -5.70 59.27
CA ILE A 825 -46.02 -4.65 60.28
C ILE A 825 -47.39 -4.02 60.50
N VAL A 826 -48.10 -3.73 59.41
CA VAL A 826 -49.36 -3.00 59.54
C VAL A 826 -50.50 -3.96 59.88
N LEU A 827 -50.26 -5.27 59.71
CA LEU A 827 -51.21 -6.25 60.22
C LEU A 827 -50.96 -6.46 61.71
N ALA A 828 -49.71 -6.34 62.13
CA ALA A 828 -49.42 -6.37 63.57
C ALA A 828 -49.89 -5.07 64.23
N ALA A 829 -49.75 -3.95 63.53
CA ALA A 829 -50.20 -2.68 64.08
C ALA A 829 -51.71 -2.54 64.01
N GLY A 830 -52.36 -3.31 63.15
CA GLY A 830 -53.80 -3.23 63.01
C GLY A 830 -54.55 -4.11 63.98
N LEU A 831 -53.81 -4.89 64.76
CA LEU A 831 -54.46 -5.73 65.77
C LEU A 831 -54.16 -5.19 67.16
N VAL A 832 -53.10 -4.39 67.28
CA VAL A 832 -52.83 -3.68 68.54
C VAL A 832 -53.90 -2.62 68.77
N LEU A 833 -54.35 -1.97 67.70
CA LEU A 833 -55.45 -1.02 67.83
C LEU A 833 -56.80 -1.69 67.90
N SER A 834 -56.85 -3.02 67.85
CA SER A 834 -58.11 -3.71 68.12
C SER A 834 -58.23 -4.07 69.59
N VAL A 835 -57.09 -4.40 70.23
CA VAL A 835 -57.12 -4.79 71.64
C VAL A 835 -57.35 -3.57 72.52
N PHE A 836 -56.73 -2.44 72.15
CA PHE A 836 -56.82 -1.24 72.98
C PHE A 836 -58.18 -0.58 72.85
N VAL A 837 -58.93 -0.89 71.77
CA VAL A 837 -60.30 -0.40 71.66
C VAL A 837 -61.28 -1.43 72.21
N ALA A 838 -60.88 -2.70 72.31
CA ALA A 838 -61.69 -3.71 72.97
C ALA A 838 -61.83 -3.42 74.47
N VAL A 839 -60.82 -2.78 75.05
CA VAL A 839 -60.96 -2.24 76.40
C VAL A 839 -61.90 -1.03 76.36
N GLY A 840 -61.82 -0.25 75.28
CA GLY A 840 -62.57 1.00 75.22
C GLY A 840 -64.07 0.81 75.09
N GLU A 841 -64.48 -0.22 74.34
CA GLU A 841 -65.91 -0.56 74.31
C GLU A 841 -66.35 -1.18 75.63
N PHE A 842 -65.44 -1.90 76.29
CA PHE A 842 -65.79 -2.55 77.55
C PHE A 842 -65.89 -1.53 78.68
N LEU A 843 -65.16 -0.42 78.56
CA LEU A 843 -65.24 0.63 79.56
C LEU A 843 -66.43 1.56 79.31
N TYR A 844 -66.90 1.60 78.06
CA TYR A 844 -67.94 2.56 77.70
C TYR A 844 -69.31 2.12 78.17
N LYS A 845 -69.60 0.82 78.05
CA LYS A 845 -70.88 0.32 78.55
C LYS A 845 -70.84 0.10 80.05
N SER A 846 -69.66 -0.15 80.62
CA SER A 846 -69.54 -0.31 82.07
C SER A 846 -69.73 1.03 82.77
N LYS A 847 -69.29 2.11 82.13
CA LYS A 847 -69.57 3.45 82.64
C LYS A 847 -71.04 3.79 82.49
N LYS A 848 -71.68 3.25 81.45
CA LYS A 848 -73.09 3.50 81.23
C LYS A 848 -73.95 2.69 82.19
N ASN A 849 -73.60 1.42 82.41
CA ASN A 849 -74.43 0.54 83.22
C ASN A 849 -74.26 0.84 84.71
N ALA A 850 -73.13 1.45 85.09
CA ALA A 850 -72.95 1.85 86.48
C ALA A 850 -73.83 3.06 86.81
N GLN A 851 -74.16 3.85 85.78
CA GLN A 851 -75.04 5.00 85.92
C GLN A 851 -76.50 4.54 86.06
N LEU A 852 -76.81 3.35 85.53
CA LEU A 852 -78.21 2.96 85.39
C LEU A 852 -78.81 2.51 86.70
N GLU A 853 -78.34 1.40 87.28
CA GLU A 853 -79.12 0.86 88.39
C GLU A 853 -78.79 1.50 89.73
N LYS A 854 -77.66 1.13 90.35
CA LYS A 854 -77.17 1.88 91.51
C LYS A 854 -75.66 1.88 91.65
N ARG A 855 -75.00 0.87 91.09
CA ARG A 855 -73.76 0.37 91.68
C ARG A 855 -72.53 0.80 90.90
N SER A 856 -71.37 0.67 91.56
CA SER A 856 -70.09 1.18 91.10
C SER A 856 -69.35 0.21 90.17
N PHE A 857 -68.05 0.45 90.00
CA PHE A 857 -67.19 -0.30 89.07
C PHE A 857 -66.94 -1.76 89.46
N CYS A 858 -67.48 -2.21 90.59
CA CYS A 858 -67.36 -3.61 90.97
C CYS A 858 -68.18 -4.49 90.03
N SER A 859 -69.27 -3.96 89.49
CA SER A 859 -70.07 -4.69 88.52
C SER A 859 -69.45 -4.71 87.14
N ALA A 860 -68.47 -3.83 86.88
CA ALA A 860 -67.74 -3.89 85.61
C ALA A 860 -66.91 -5.16 85.52
N MET A 861 -66.36 -5.61 86.64
CA MET A 861 -65.74 -6.92 86.69
C MET A 861 -66.77 -8.04 86.58
N VAL A 862 -67.99 -7.80 87.06
CA VAL A 862 -69.07 -8.79 86.90
C VAL A 862 -69.50 -8.84 85.44
N GLU A 863 -69.39 -7.72 84.72
CA GLU A 863 -69.63 -7.73 83.28
C GLU A 863 -68.55 -8.52 82.55
N GLU A 864 -67.35 -8.59 83.11
CA GLU A 864 -66.35 -9.52 82.60
C GLU A 864 -66.67 -10.94 83.04
N LEU A 865 -67.29 -11.09 84.21
CA LEU A 865 -67.70 -12.42 84.67
C LEU A 865 -68.89 -12.96 83.86
N ARG A 866 -69.65 -12.06 83.23
CA ARG A 866 -70.74 -12.51 82.36
C ARG A 866 -70.24 -12.83 80.97
N MET A 867 -69.32 -12.03 80.44
CA MET A 867 -68.92 -12.16 79.04
C MET A 867 -67.74 -13.11 78.88
N SER A 868 -67.31 -13.75 79.97
CA SER A 868 -66.29 -14.79 79.90
C SER A 868 -66.92 -16.14 79.61
N LEU A 869 -68.25 -16.18 79.60
CA LEU A 869 -68.97 -17.43 79.34
C LEU A 869 -68.95 -17.77 77.86
N LYS A 870 -69.48 -18.94 77.52
CA LYS A 870 -69.52 -19.45 76.16
C LYS A 870 -70.69 -18.86 75.38
N CYS A 871 -71.01 -19.46 74.25
CA CYS A 871 -72.13 -19.04 73.41
C CYS A 871 -73.45 -19.16 74.15
N GLN A 872 -74.08 -18.02 74.41
CA GLN A 872 -75.34 -18.00 75.14
C GLN A 872 -76.52 -17.80 74.20
N THR B 33 75.84 51.77 -16.84
CA THR B 33 76.34 52.53 -17.98
C THR B 33 76.45 51.61 -19.20
N HIS B 34 77.45 50.72 -19.17
CA HIS B 34 77.56 49.72 -20.23
C HIS B 34 77.99 48.35 -19.71
N VAL B 35 78.05 48.14 -18.40
CA VAL B 35 78.62 46.92 -17.83
C VAL B 35 77.57 46.12 -17.09
N LEU B 36 76.31 46.20 -17.55
CA LEU B 36 75.24 45.45 -16.90
C LEU B 36 75.30 43.98 -17.28
N ARG B 37 76.29 43.27 -16.78
CA ARG B 37 76.60 41.92 -17.24
C ARG B 37 75.75 40.89 -16.49
N PHE B 38 74.74 40.33 -17.16
CA PHE B 38 73.86 39.38 -16.51
C PHE B 38 74.44 37.96 -16.53
N GLY B 39 74.05 37.15 -15.55
CA GLY B 39 74.59 35.81 -15.44
C GLY B 39 73.62 34.73 -15.88
N GLY B 40 74.06 33.48 -15.80
CA GLY B 40 73.22 32.36 -16.19
C GLY B 40 73.90 31.06 -15.85
N ILE B 41 73.13 30.17 -15.21
CA ILE B 41 73.61 28.88 -14.78
C ILE B 41 72.72 27.83 -15.45
N PHE B 42 72.41 28.06 -16.72
CA PHE B 42 71.46 27.27 -17.49
C PHE B 42 71.92 25.82 -17.68
N GLU B 43 71.07 25.00 -18.28
CA GLU B 43 71.26 23.57 -18.33
C GLU B 43 72.37 23.21 -19.33
N TYR B 44 73.04 22.08 -19.10
CA TYR B 44 74.17 21.65 -19.90
C TYR B 44 73.71 20.60 -20.90
N VAL B 45 73.96 20.85 -22.18
CA VAL B 45 73.65 19.91 -23.25
C VAL B 45 74.98 19.27 -23.65
N GLU B 46 74.93 18.05 -24.17
CA GLU B 46 76.14 17.28 -24.44
C GLU B 46 76.59 17.43 -25.88
N SER B 47 75.73 17.04 -26.83
CA SER B 47 76.08 17.13 -28.24
C SER B 47 74.91 17.65 -29.07
N GLY B 48 73.77 17.90 -28.42
CA GLY B 48 72.61 18.39 -29.10
C GLY B 48 72.56 19.90 -29.14
N PRO B 49 71.41 20.47 -29.52
CA PRO B 49 71.26 21.93 -29.48
C PRO B 49 71.16 22.44 -28.06
N MET B 50 71.49 23.71 -27.84
CA MET B 50 71.47 24.29 -26.51
C MET B 50 70.03 24.43 -26.00
N GLY B 51 69.89 24.60 -24.68
CA GLY B 51 68.60 24.40 -24.04
C GLY B 51 67.58 25.47 -24.39
N ALA B 52 66.33 25.16 -24.05
CA ALA B 52 65.23 26.05 -24.42
C ALA B 52 65.19 27.27 -23.52
N GLU B 53 65.63 27.14 -22.27
CA GLU B 53 65.65 28.29 -21.37
C GLU B 53 66.72 29.28 -21.77
N GLU B 54 67.89 28.77 -22.19
CA GLU B 54 69.05 29.63 -22.40
C GLU B 54 68.91 30.44 -23.69
N LEU B 55 68.29 29.85 -24.72
CA LEU B 55 68.07 30.59 -25.96
C LEU B 55 67.04 31.70 -25.76
N ALA B 56 66.09 31.49 -24.84
CA ALA B 56 65.14 32.55 -24.52
C ALA B 56 65.82 33.66 -23.74
N PHE B 57 66.90 33.34 -23.04
CA PHE B 57 67.67 34.35 -22.33
C PHE B 57 68.58 35.11 -23.28
N ARG B 58 69.13 34.42 -24.27
CA ARG B 58 69.93 35.10 -25.30
C ARG B 58 69.07 35.98 -26.18
N PHE B 59 67.82 35.57 -26.42
CA PHE B 59 66.92 36.34 -27.27
C PHE B 59 66.35 37.54 -26.52
N ALA B 60 66.32 37.47 -25.18
CA ALA B 60 65.81 38.59 -24.40
C ALA B 60 66.84 39.70 -24.31
N VAL B 61 68.11 39.35 -24.17
CA VAL B 61 69.17 40.35 -24.14
C VAL B 61 69.36 40.95 -25.54
N ASN B 62 69.10 40.14 -26.58
CA ASN B 62 69.21 40.62 -27.95
C ASN B 62 68.12 41.63 -28.29
N THR B 63 66.94 41.47 -27.69
CA THR B 63 65.82 42.33 -28.04
C THR B 63 65.96 43.70 -27.41
N ILE B 64 66.36 43.77 -26.14
CA ILE B 64 66.46 45.04 -25.44
C ILE B 64 67.69 45.82 -25.90
N ASN B 65 68.74 45.11 -26.32
CA ASN B 65 69.89 45.80 -26.93
C ASN B 65 69.53 46.39 -28.29
N ARG B 66 68.69 45.69 -29.05
CA ARG B 66 68.30 46.19 -30.36
C ARG B 66 67.30 47.33 -30.23
N ASN B 67 66.27 47.13 -29.41
CA ASN B 67 65.26 48.17 -29.26
C ASN B 67 65.78 49.25 -28.31
N ARG B 68 66.03 50.44 -28.84
CA ARG B 68 66.63 51.54 -28.10
C ARG B 68 65.59 52.34 -27.33
N THR B 69 64.34 51.90 -27.35
CA THR B 69 63.27 52.56 -26.61
C THR B 69 63.48 52.38 -25.10
N LEU B 70 63.50 51.14 -24.63
CA LEU B 70 63.84 50.86 -23.24
C LEU B 70 65.36 50.81 -23.10
N LEU B 71 65.87 51.23 -21.93
CA LEU B 71 67.29 51.37 -21.59
C LEU B 71 67.98 52.26 -22.61
N PRO B 72 67.76 53.58 -22.56
CA PRO B 72 68.21 54.46 -23.65
C PRO B 72 69.71 54.65 -23.74
N ASN B 73 70.46 54.29 -22.69
CA ASN B 73 71.89 54.55 -22.66
C ASN B 73 72.68 53.30 -22.27
N THR B 74 71.99 52.25 -21.82
CA THR B 74 72.68 51.07 -21.31
C THR B 74 72.43 49.90 -22.25
N THR B 75 73.44 49.04 -22.39
CA THR B 75 73.34 47.84 -23.21
C THR B 75 73.63 46.64 -22.31
N LEU B 76 72.74 45.64 -22.36
CA LEU B 76 72.89 44.47 -21.52
C LEU B 76 73.94 43.53 -22.10
N THR B 77 74.42 42.61 -21.25
CA THR B 77 75.45 41.64 -21.63
C THR B 77 75.18 40.35 -20.86
N TYR B 78 75.07 39.24 -21.59
CA TYR B 78 74.84 37.96 -20.94
C TYR B 78 76.16 37.28 -20.62
N ASP B 79 76.14 36.42 -19.61
CA ASP B 79 77.26 35.55 -19.27
C ASP B 79 76.69 34.22 -18.77
N THR B 80 76.53 33.28 -19.69
CA THR B 80 75.81 32.05 -19.35
C THR B 80 76.77 30.88 -19.23
N GLN B 81 76.63 30.15 -18.13
CA GLN B 81 77.41 28.92 -17.93
C GLN B 81 76.49 27.73 -17.73
N LYS B 82 77.07 26.54 -17.67
CA LYS B 82 76.31 25.29 -17.61
C LYS B 82 76.93 24.38 -16.56
N ILE B 83 76.14 23.61 -15.82
CA ILE B 83 76.79 22.83 -14.76
C ILE B 83 76.59 21.31 -14.82
N ASN B 84 75.53 20.79 -14.17
CA ASN B 84 75.06 19.43 -14.35
C ASN B 84 73.57 19.30 -14.06
N LEU B 85 72.93 20.36 -13.53
CA LEU B 85 71.55 20.43 -13.04
C LEU B 85 71.17 19.43 -11.94
N TYR B 86 72.16 18.72 -11.36
CA TYR B 86 71.91 17.86 -10.20
C TYR B 86 73.11 17.90 -9.26
N ASP B 87 73.97 18.91 -9.43
CA ASP B 87 75.12 19.05 -8.54
C ASP B 87 75.11 20.42 -7.90
N SER B 88 75.01 20.46 -6.57
CA SER B 88 74.89 21.75 -5.89
C SER B 88 76.24 22.40 -5.68
N PHE B 89 77.35 21.66 -5.82
CA PHE B 89 78.66 22.28 -5.66
C PHE B 89 79.21 22.78 -6.98
N GLU B 90 78.87 22.10 -8.08
CA GLU B 90 79.21 22.66 -9.39
C GLU B 90 78.39 23.91 -9.65
N ALA B 91 77.17 23.96 -9.10
CA ALA B 91 76.39 25.19 -9.12
C ALA B 91 77.02 26.26 -8.26
N SER B 92 77.62 25.86 -7.12
CA SER B 92 78.21 26.84 -6.22
C SER B 92 79.52 27.41 -6.78
N LYS B 93 80.22 26.62 -7.58
CA LYS B 93 81.45 27.12 -8.21
C LYS B 93 81.12 28.08 -9.33
N LYS B 94 80.17 27.72 -10.18
CA LYS B 94 79.91 28.52 -11.38
C LYS B 94 79.02 29.71 -11.09
N ALA B 95 78.41 29.74 -9.89
CA ALA B 95 77.76 30.97 -9.45
C ALA B 95 78.79 32.02 -9.11
N CYS B 96 79.84 31.62 -8.36
CA CYS B 96 80.87 32.56 -7.95
C CYS B 96 81.78 32.93 -9.11
N ASP B 97 81.97 32.02 -10.07
CA ASP B 97 82.87 32.30 -11.19
C ASP B 97 82.26 33.34 -12.13
N GLN B 98 80.94 33.45 -12.14
CA GLN B 98 80.30 34.61 -12.78
C GLN B 98 80.34 35.81 -11.84
N LEU B 99 80.27 35.55 -10.54
CA LEU B 99 80.13 36.63 -9.57
C LEU B 99 81.47 37.26 -9.24
N SER B 100 82.56 36.50 -9.40
CA SER B 100 83.90 37.08 -9.28
C SER B 100 84.31 37.76 -10.57
N LEU B 101 83.67 37.38 -11.67
CA LEU B 101 83.93 38.00 -12.97
C LEU B 101 83.16 39.32 -13.04
N GLY B 102 82.08 39.41 -12.25
CA GLY B 102 81.31 40.63 -12.15
C GLY B 102 79.95 40.53 -12.81
N VAL B 103 78.92 40.28 -12.00
CA VAL B 103 77.53 40.27 -12.46
C VAL B 103 76.69 41.09 -11.49
N ALA B 104 75.39 41.16 -11.73
CA ALA B 104 74.51 41.88 -10.82
C ALA B 104 73.23 41.12 -10.51
N ALA B 105 72.80 40.25 -11.41
CA ALA B 105 71.43 39.74 -11.34
C ALA B 105 71.24 38.27 -11.68
N ILE B 106 72.01 37.36 -11.07
CA ILE B 106 72.04 35.90 -11.32
C ILE B 106 70.66 35.27 -11.48
N PHE B 107 70.46 34.56 -12.60
CA PHE B 107 69.13 34.17 -13.06
C PHE B 107 68.78 32.70 -12.76
N GLY B 108 69.52 32.05 -11.88
CA GLY B 108 69.06 30.81 -11.30
C GLY B 108 69.26 29.58 -12.17
N PRO B 109 69.75 28.50 -11.57
CA PRO B 109 69.95 27.26 -12.34
C PRO B 109 68.68 26.45 -12.51
N SER B 110 67.54 26.91 -11.98
CA SER B 110 66.20 26.39 -12.25
C SER B 110 66.01 24.92 -11.87
N HIS B 111 66.20 24.58 -10.59
CA HIS B 111 66.01 23.21 -10.12
C HIS B 111 65.73 23.22 -8.62
N SER B 112 65.18 22.12 -8.09
CA SER B 112 64.82 22.04 -6.68
C SER B 112 66.03 21.86 -5.78
N SER B 113 67.19 21.47 -6.33
CA SER B 113 68.36 21.25 -5.48
C SER B 113 69.53 22.11 -5.94
N SER B 114 69.54 22.49 -7.21
CA SER B 114 70.57 23.40 -7.69
C SER B 114 70.34 24.82 -7.21
N ALA B 115 69.08 25.16 -6.91
CA ALA B 115 68.77 26.51 -6.44
C ALA B 115 68.75 26.56 -4.92
N ASN B 116 69.08 25.46 -4.26
CA ASN B 116 69.23 25.49 -2.81
C ASN B 116 70.57 26.09 -2.43
N ALA B 117 71.50 26.18 -3.38
CA ALA B 117 72.80 26.76 -3.08
C ALA B 117 72.94 28.16 -3.67
N VAL B 118 72.43 28.35 -4.89
CA VAL B 118 72.63 29.62 -5.59
C VAL B 118 71.75 30.71 -4.99
N GLN B 119 70.64 30.32 -4.36
CA GLN B 119 69.86 31.27 -3.58
C GLN B 119 70.65 31.78 -2.38
N SER B 120 71.49 30.91 -1.80
CA SER B 120 72.29 31.33 -0.66
C SER B 120 73.58 32.01 -1.10
N ILE B 121 74.04 31.71 -2.32
CA ILE B 121 75.06 32.54 -2.98
C ILE B 121 74.55 33.96 -3.09
N CYS B 122 73.30 34.12 -3.49
CA CYS B 122 72.74 35.44 -3.76
C CYS B 122 72.20 36.09 -2.49
N ASN B 123 71.89 35.30 -1.46
CA ASN B 123 71.44 35.94 -0.23
C ASN B 123 72.48 35.82 0.89
N ALA B 124 73.76 35.87 0.53
CA ALA B 124 74.84 36.19 1.46
C ALA B 124 75.83 37.16 0.84
N LEU B 125 75.60 37.56 -0.41
CA LEU B 125 76.45 38.48 -1.14
C LEU B 125 75.69 39.71 -1.64
N GLY B 126 74.36 39.66 -1.70
CA GLY B 126 73.54 40.82 -1.96
C GLY B 126 72.80 40.82 -3.28
N VAL B 127 73.26 40.04 -4.24
CA VAL B 127 72.73 40.14 -5.61
C VAL B 127 71.36 39.47 -5.69
N PRO B 128 70.45 39.95 -6.53
CA PRO B 128 69.14 39.30 -6.66
C PRO B 128 69.18 38.02 -7.49
N HIS B 129 68.22 37.15 -7.21
CA HIS B 129 68.19 35.81 -7.80
C HIS B 129 66.85 35.50 -8.42
N ILE B 130 66.67 35.81 -9.70
CA ILE B 130 65.37 35.62 -10.36
C ILE B 130 65.20 34.15 -10.74
N GLN B 131 64.22 33.49 -10.16
CA GLN B 131 63.93 32.09 -10.45
C GLN B 131 62.85 32.00 -11.52
N THR B 132 62.88 30.95 -12.34
CA THR B 132 61.83 30.77 -13.34
C THR B 132 61.24 29.37 -13.32
N ARG B 133 61.49 28.63 -12.25
CA ARG B 133 60.85 27.33 -12.07
C ARG B 133 60.57 27.17 -10.57
N TRP B 134 59.54 26.39 -10.25
CA TRP B 134 59.06 26.30 -8.88
C TRP B 134 60.08 25.55 -8.02
N LYS B 135 60.35 26.09 -6.84
CA LYS B 135 61.27 25.53 -5.86
C LYS B 135 60.57 25.57 -4.52
N HIS B 136 60.71 24.51 -3.71
CA HIS B 136 60.01 24.43 -2.44
C HIS B 136 60.48 25.49 -1.46
N GLN B 137 59.57 26.43 -1.15
CA GLN B 137 59.84 27.45 -0.15
C GLN B 137 59.79 26.81 1.23
N VAL B 138 60.96 26.48 1.78
CA VAL B 138 60.99 25.84 3.08
C VAL B 138 60.65 26.88 4.14
N SER B 139 59.91 26.46 5.17
CA SER B 139 59.05 27.33 5.95
C SER B 139 59.84 28.34 6.78
N ASP B 140 61.05 27.96 7.16
CA ASP B 140 61.84 28.84 8.02
C ASP B 140 63.07 29.39 7.29
N ASN B 141 63.02 29.42 5.96
CA ASN B 141 64.09 30.03 5.19
C ASN B 141 63.95 31.54 5.25
N LYS B 142 64.64 32.19 6.19
CA LYS B 142 64.58 33.65 6.26
C LYS B 142 65.63 34.29 5.36
N ASP B 143 65.69 33.85 4.12
CA ASP B 143 66.40 34.56 3.06
C ASP B 143 65.35 35.25 2.20
N SER B 144 65.52 36.55 1.96
CA SER B 144 64.71 37.22 0.94
C SER B 144 65.55 38.20 0.14
N PHE B 145 66.31 37.68 -0.83
CA PHE B 145 66.95 38.45 -1.90
C PHE B 145 66.61 37.89 -3.27
N TYR B 146 65.41 37.34 -3.42
CA TYR B 146 65.06 36.58 -4.62
C TYR B 146 63.62 36.90 -5.01
N VAL B 147 63.28 36.64 -6.27
CA VAL B 147 61.92 36.76 -6.78
C VAL B 147 61.61 35.56 -7.67
N SER B 148 60.81 34.64 -7.16
CA SER B 148 60.31 33.53 -7.94
C SER B 148 59.26 34.04 -8.92
N LEU B 149 59.49 33.81 -10.20
CA LEU B 149 58.64 34.36 -11.24
C LEU B 149 57.65 33.34 -11.81
N TYR B 150 57.95 32.05 -11.66
CA TYR B 150 56.99 31.01 -11.99
C TYR B 150 55.79 31.12 -11.04
N PRO B 151 54.56 30.88 -11.52
CA PRO B 151 53.38 31.11 -10.69
C PRO B 151 53.34 30.16 -9.50
N ASP B 152 53.04 30.73 -8.34
CA ASP B 152 53.05 29.99 -7.09
C ASP B 152 51.92 28.98 -7.07
N PHE B 153 52.23 27.80 -6.53
CA PHE B 153 51.19 26.78 -6.37
C PHE B 153 50.38 26.96 -5.10
N SER B 154 50.46 28.13 -4.47
CA SER B 154 49.43 28.51 -3.51
C SER B 154 48.34 29.32 -4.19
N SER B 155 48.41 29.44 -5.52
CA SER B 155 47.36 30.12 -6.26
C SER B 155 46.81 29.24 -7.37
N LEU B 156 47.66 28.41 -8.01
CA LEU B 156 47.13 27.41 -8.92
C LEU B 156 46.38 26.31 -8.19
N SER B 157 46.69 26.08 -6.91
CA SER B 157 45.99 25.01 -6.19
C SER B 157 44.70 25.54 -5.56
N ARG B 158 44.41 26.82 -5.74
CA ARG B 158 43.04 27.29 -5.55
C ARG B 158 42.28 27.33 -6.85
N ALA B 159 42.96 27.64 -7.96
CA ALA B 159 42.34 27.66 -9.28
C ALA B 159 41.93 26.28 -9.76
N ILE B 160 42.74 25.25 -9.49
CA ILE B 160 42.29 23.89 -9.71
C ILE B 160 41.14 23.56 -8.77
N LEU B 161 41.18 24.07 -7.54
CA LEU B 161 40.07 23.86 -6.63
C LEU B 161 38.86 24.73 -6.99
N ASP B 162 39.06 25.76 -7.82
CA ASP B 162 37.90 26.48 -8.34
C ASP B 162 37.22 25.71 -9.46
N LEU B 163 37.99 25.01 -10.30
CA LEU B 163 37.39 24.19 -11.34
C LEU B 163 36.78 22.91 -10.78
N VAL B 164 37.23 22.45 -9.61
CA VAL B 164 36.66 21.22 -9.08
C VAL B 164 35.39 21.52 -8.30
N GLN B 165 35.14 22.80 -8.02
CA GLN B 165 33.88 23.18 -7.37
C GLN B 165 32.97 23.92 -8.34
N PHE B 166 33.42 24.05 -9.60
CA PHE B 166 32.57 24.57 -10.66
C PHE B 166 31.94 23.41 -11.41
N PHE B 167 32.74 22.38 -11.68
CA PHE B 167 32.30 21.19 -12.38
C PHE B 167 31.51 20.25 -11.48
N LYS B 168 31.53 20.51 -10.17
CA LYS B 168 30.80 19.79 -9.12
C LYS B 168 31.15 18.30 -9.08
N TRP B 169 32.40 17.99 -8.74
CA TRP B 169 32.89 16.62 -8.72
C TRP B 169 32.81 16.06 -7.30
N LYS B 170 32.99 14.75 -7.22
CA LYS B 170 33.08 14.08 -5.92
C LYS B 170 34.20 13.04 -5.89
N THR B 171 34.70 12.64 -7.05
CA THR B 171 35.52 11.44 -7.16
C THR B 171 36.84 11.67 -7.88
N VAL B 172 37.60 12.69 -7.48
CA VAL B 172 38.84 13.05 -8.16
C VAL B 172 39.93 12.02 -7.91
N THR B 173 41.02 12.12 -8.66
CA THR B 173 42.21 11.28 -8.48
C THR B 173 43.43 12.09 -8.91
N VAL B 174 44.12 12.67 -7.95
CA VAL B 174 45.35 13.41 -8.24
C VAL B 174 46.46 12.44 -8.57
N VAL B 175 47.06 12.61 -9.75
CA VAL B 175 48.15 11.74 -10.19
C VAL B 175 49.39 12.57 -10.40
N TYR B 176 50.34 12.50 -9.47
CA TYR B 176 51.57 13.27 -9.58
C TYR B 176 52.65 12.43 -10.26
N ASP B 177 53.90 12.89 -10.24
CA ASP B 177 54.96 12.17 -10.96
C ASP B 177 56.17 11.86 -10.09
N ASP B 178 56.50 12.72 -9.14
CA ASP B 178 57.57 12.44 -8.19
C ASP B 178 57.20 13.06 -6.85
N SER B 179 57.97 12.73 -5.81
CA SER B 179 57.65 13.09 -4.43
C SER B 179 57.62 14.59 -4.17
N THR B 180 58.20 15.40 -5.06
CA THR B 180 58.02 16.84 -4.99
C THR B 180 56.59 17.24 -5.36
N GLY B 181 55.88 16.37 -6.07
CA GLY B 181 54.55 16.72 -6.56
C GLY B 181 53.49 16.72 -5.47
N LEU B 182 53.81 16.23 -4.29
CA LEU B 182 52.87 16.27 -3.18
C LEU B 182 52.87 17.64 -2.51
N ILE B 183 54.00 18.35 -2.59
CA ILE B 183 54.11 19.65 -1.92
C ILE B 183 53.33 20.72 -2.68
N ARG B 184 53.50 20.80 -4.01
CA ARG B 184 52.85 21.87 -4.74
C ARG B 184 51.39 21.58 -5.07
N LEU B 185 50.79 20.54 -4.49
CA LEU B 185 49.35 20.38 -4.46
C LEU B 185 48.86 20.20 -3.04
N GLN B 186 49.49 20.87 -2.07
CA GLN B 186 49.12 20.67 -0.67
C GLN B 186 47.80 21.37 -0.35
N GLU B 187 47.40 22.34 -1.16
CA GLU B 187 46.11 22.99 -0.91
C GLU B 187 45.00 22.28 -1.68
N LEU B 188 45.32 21.17 -2.31
CA LEU B 188 44.33 20.34 -3.00
C LEU B 188 44.17 18.99 -2.32
N ILE B 189 45.15 18.54 -1.54
CA ILE B 189 45.04 17.28 -0.83
C ILE B 189 44.35 17.56 0.49
N LYS B 190 44.35 18.83 0.92
CA LYS B 190 43.59 19.24 2.08
C LYS B 190 42.12 19.54 1.77
N ALA B 191 41.70 19.31 0.54
CA ALA B 191 40.31 19.48 0.12
C ALA B 191 39.26 18.54 0.70
N PRO B 192 39.57 17.29 1.16
CA PRO B 192 38.54 16.56 1.93
C PRO B 192 38.10 17.23 3.22
N SER B 193 38.91 18.09 3.82
CA SER B 193 38.44 18.87 4.97
C SER B 193 37.89 20.23 4.54
N ARG B 194 37.08 20.18 3.48
CA ARG B 194 36.22 21.24 2.98
C ARG B 194 35.20 20.54 2.08
N TYR B 195 34.60 21.27 1.15
CA TYR B 195 33.26 21.05 0.60
C TYR B 195 32.79 19.63 0.30
N ASN B 196 33.37 18.94 -0.69
CA ASN B 196 32.71 17.69 -1.06
C ASN B 196 33.65 16.57 -1.57
N LEU B 197 34.95 16.81 -1.64
CA LEU B 197 35.78 15.90 -2.44
C LEU B 197 36.14 14.60 -1.74
N ARG B 198 36.64 13.63 -2.50
CA ARG B 198 37.13 12.34 -2.00
C ARG B 198 38.35 11.97 -2.86
N LEU B 199 39.54 12.24 -2.32
CA LEU B 199 40.79 12.08 -3.05
C LEU B 199 41.24 10.62 -3.07
N LYS B 200 41.90 10.20 -4.15
CA LYS B 200 42.45 8.86 -4.28
C LYS B 200 43.85 8.88 -4.87
N ILE B 201 44.76 9.66 -4.28
CA ILE B 201 46.10 9.98 -4.79
C ILE B 201 46.92 8.78 -5.26
N ARG B 202 47.41 8.83 -6.52
CA ARG B 202 48.21 7.77 -7.10
C ARG B 202 49.49 8.37 -7.68
N GLN B 203 50.54 7.54 -7.77
CA GLN B 203 51.86 7.97 -8.22
C GLN B 203 52.25 7.22 -9.48
N LEU B 204 52.69 7.97 -10.50
CA LEU B 204 53.18 7.38 -11.74
C LEU B 204 54.45 6.57 -11.47
N PRO B 205 54.74 5.52 -12.27
CA PRO B 205 55.91 4.67 -12.00
C PRO B 205 57.23 5.40 -12.17
N ALA B 206 58.16 5.11 -11.27
CA ALA B 206 59.42 5.85 -11.14
C ALA B 206 60.35 5.71 -12.34
N ASP B 207 60.82 4.51 -12.61
CA ASP B 207 61.88 4.31 -13.59
C ASP B 207 61.38 4.26 -15.02
N THR B 208 60.23 3.61 -15.24
CA THR B 208 59.76 3.38 -16.60
C THR B 208 58.84 4.48 -17.08
N LYS B 209 58.58 4.51 -18.39
CA LYS B 209 57.60 5.39 -19.00
C LYS B 209 56.24 4.72 -19.14
N ASP B 210 56.17 3.41 -18.96
CA ASP B 210 54.94 2.65 -19.19
C ASP B 210 54.04 2.74 -17.98
N ALA B 211 52.86 3.32 -18.16
CA ALA B 211 51.86 3.43 -17.10
C ALA B 211 50.70 2.47 -17.29
N LYS B 212 50.98 1.24 -17.77
CA LYS B 212 49.92 0.25 -17.92
C LYS B 212 49.33 -0.25 -16.59
N PRO B 213 50.12 -0.59 -15.53
CA PRO B 213 49.46 -1.03 -14.29
C PRO B 213 48.73 0.08 -13.54
N LEU B 214 49.03 1.35 -13.87
CA LEU B 214 48.36 2.44 -13.18
C LEU B 214 47.00 2.73 -13.80
N LEU B 215 46.95 2.94 -15.12
CA LEU B 215 45.68 3.29 -15.76
C LEU B 215 44.74 2.10 -15.82
N LYS B 216 45.23 0.87 -15.60
CA LYS B 216 44.34 -0.27 -15.46
C LYS B 216 43.60 -0.20 -14.13
N GLU B 217 44.29 0.24 -13.07
CA GLU B 217 43.64 0.35 -11.77
C GLU B 217 42.71 1.54 -11.69
N MET B 218 42.93 2.57 -12.53
CA MET B 218 42.03 3.70 -12.55
C MET B 218 40.73 3.31 -13.24
N LYS B 219 40.86 2.45 -14.26
CA LYS B 219 39.72 1.99 -15.02
C LYS B 219 38.85 1.04 -14.21
N ARG B 220 39.48 0.21 -13.38
CA ARG B 220 38.79 -0.76 -12.55
C ARG B 220 38.01 -0.08 -11.43
N GLY B 221 38.59 0.95 -10.84
CA GLY B 221 37.95 1.66 -9.75
C GLY B 221 36.96 2.71 -10.20
N LYS B 222 36.85 2.89 -11.53
CA LYS B 222 35.96 3.86 -12.18
C LYS B 222 36.24 5.28 -11.70
N GLU B 223 37.45 5.75 -11.98
CA GLU B 223 37.87 7.11 -11.61
C GLU B 223 37.72 7.98 -12.85
N PHE B 224 36.57 8.62 -12.98
CA PHE B 224 36.17 9.31 -14.21
C PHE B 224 36.68 10.74 -14.25
N HIS B 225 37.40 11.18 -13.22
CA HIS B 225 37.87 12.56 -13.18
C HIS B 225 39.31 12.54 -12.69
N VAL B 226 40.20 13.11 -13.48
CA VAL B 226 41.62 13.01 -13.23
C VAL B 226 42.21 14.41 -13.10
N ILE B 227 43.14 14.60 -12.17
CA ILE B 227 43.80 15.90 -11.93
C ILE B 227 45.30 15.70 -12.12
N PHE B 228 45.70 15.10 -13.24
CA PHE B 228 47.08 14.96 -13.69
C PHE B 228 48.00 16.12 -13.32
N ASP B 229 49.14 15.79 -12.73
CA ASP B 229 50.13 16.77 -12.26
C ASP B 229 51.48 16.38 -12.86
N CYS B 230 51.74 16.89 -14.06
CA CYS B 230 52.94 16.57 -14.79
C CYS B 230 53.49 17.82 -15.46
N SER B 231 54.65 17.65 -16.11
CA SER B 231 55.13 18.62 -17.07
C SER B 231 54.54 18.31 -18.44
N HIS B 232 55.09 18.94 -19.48
CA HIS B 232 54.58 18.69 -20.82
C HIS B 232 55.29 17.52 -21.47
N GLU B 233 56.23 16.90 -20.76
CA GLU B 233 56.84 15.66 -21.25
C GLU B 233 56.02 14.46 -20.80
N MET B 234 55.57 14.47 -19.54
CA MET B 234 54.70 13.40 -19.06
C MET B 234 53.23 13.69 -19.32
N ALA B 235 52.92 14.79 -20.01
CA ALA B 235 51.55 15.01 -20.45
C ALA B 235 51.28 14.22 -21.74
N ALA B 236 52.11 14.42 -22.75
CA ALA B 236 51.95 13.65 -23.98
C ALA B 236 52.43 12.22 -23.81
N GLY B 237 53.20 11.95 -22.77
CA GLY B 237 53.66 10.61 -22.50
C GLY B 237 52.57 9.72 -21.93
N ILE B 238 51.90 10.18 -20.88
CA ILE B 238 50.89 9.35 -20.22
C ILE B 238 49.63 9.27 -21.06
N LEU B 239 49.20 10.41 -21.61
CA LEU B 239 47.90 10.49 -22.26
C LEU B 239 47.88 9.72 -23.58
N LYS B 240 49.06 9.44 -24.13
CA LYS B 240 49.13 8.52 -25.27
C LYS B 240 48.75 7.10 -24.85
N GLN B 241 49.19 6.65 -23.67
CA GLN B 241 48.71 5.35 -23.21
C GLN B 241 47.30 5.44 -22.61
N ALA B 242 46.72 6.64 -22.50
CA ALA B 242 45.30 6.73 -22.21
C ALA B 242 44.48 6.53 -23.47
N LEU B 243 45.11 6.69 -24.64
CA LEU B 243 44.43 6.43 -25.89
C LEU B 243 44.68 5.01 -26.37
N ALA B 244 45.86 4.46 -26.04
CA ALA B 244 46.13 3.06 -26.34
C ALA B 244 45.32 2.13 -25.46
N MET B 245 44.95 2.57 -24.26
CA MET B 245 43.92 1.89 -23.50
C MET B 245 42.59 2.57 -23.78
N GLY B 246 41.50 2.09 -23.18
CA GLY B 246 40.21 2.69 -23.45
C GLY B 246 39.86 3.77 -22.45
N MET B 247 40.85 4.62 -22.13
CA MET B 247 40.68 5.56 -21.03
C MET B 247 40.09 6.87 -21.51
N MET B 248 40.16 7.15 -22.81
CA MET B 248 39.67 8.41 -23.32
C MET B 248 38.32 8.21 -24.02
N THR B 249 37.31 8.00 -23.19
CA THR B 249 35.93 7.92 -23.68
C THR B 249 35.31 9.31 -23.58
N GLU B 250 33.99 9.38 -23.66
CA GLU B 250 33.24 10.61 -23.48
C GLU B 250 32.96 10.92 -22.02
N TYR B 251 33.53 10.14 -21.10
CA TYR B 251 33.17 10.17 -19.68
C TYR B 251 34.29 10.71 -18.81
N TYR B 252 35.52 10.75 -19.31
CA TYR B 252 36.71 10.98 -18.50
C TYR B 252 37.16 12.42 -18.70
N HIS B 253 37.23 13.16 -17.61
CA HIS B 253 37.69 14.54 -17.65
C HIS B 253 39.17 14.55 -17.28
N TYR B 254 39.96 15.50 -17.77
CA TYR B 254 41.40 15.43 -17.55
C TYR B 254 42.06 16.75 -17.17
N ILE B 255 41.64 17.42 -16.09
CA ILE B 255 42.25 18.68 -15.68
C ILE B 255 43.75 18.54 -15.44
N PHE B 256 44.54 19.23 -16.25
CA PHE B 256 45.98 19.23 -16.09
C PHE B 256 46.42 20.37 -15.19
N THR B 257 47.56 20.22 -14.54
CA THR B 257 48.13 21.27 -13.71
C THR B 257 49.06 22.19 -14.49
N THR B 258 49.82 21.62 -15.42
CA THR B 258 50.87 22.29 -16.18
C THR B 258 50.42 23.54 -16.93
N LEU B 259 51.37 24.45 -17.19
CA LEU B 259 51.06 25.68 -17.89
C LEU B 259 51.55 25.58 -19.33
N ASP B 260 51.93 24.38 -19.73
CA ASP B 260 52.32 24.11 -21.11
C ASP B 260 51.29 23.27 -21.86
N LEU B 261 50.00 23.45 -21.58
CA LEU B 261 48.99 22.71 -22.31
C LEU B 261 48.80 23.35 -23.68
N PHE B 262 49.22 24.61 -23.82
CA PHE B 262 49.22 25.27 -25.13
C PHE B 262 50.55 24.96 -25.85
N ALA B 263 50.93 23.69 -25.83
CA ALA B 263 52.00 23.12 -26.64
C ALA B 263 51.52 21.77 -27.15
N LEU B 264 50.55 21.22 -26.45
CA LEU B 264 50.19 19.82 -26.56
C LEU B 264 49.43 19.54 -27.85
N ASP B 265 50.08 18.81 -28.75
CA ASP B 265 49.53 18.58 -30.09
C ASP B 265 48.36 17.61 -30.04
N VAL B 266 47.16 18.14 -29.84
CA VAL B 266 45.98 17.29 -29.84
C VAL B 266 45.38 17.26 -31.26
N GLU B 267 45.99 16.47 -32.12
CA GLU B 267 45.38 15.92 -33.33
C GLU B 267 44.68 14.58 -33.12
N PRO B 268 45.28 13.52 -32.49
CA PRO B 268 44.65 12.19 -32.60
C PRO B 268 43.45 12.00 -31.70
N TYR B 269 43.23 12.89 -30.75
CA TYR B 269 42.11 12.78 -29.81
C TYR B 269 41.44 14.12 -29.57
N ARG B 270 41.33 14.93 -30.61
CA ARG B 270 40.59 16.19 -30.57
C ARG B 270 39.12 16.00 -30.92
N TYR B 271 38.69 14.77 -31.18
CA TYR B 271 37.30 14.50 -31.51
C TYR B 271 36.56 13.70 -30.46
N SER B 272 37.27 12.92 -29.63
CA SER B 272 36.66 11.74 -29.02
C SER B 272 35.56 12.00 -28.02
N GLY B 273 35.91 12.34 -26.79
CA GLY B 273 34.92 12.86 -25.88
C GLY B 273 35.50 13.62 -24.72
N VAL B 274 36.82 13.76 -24.70
CA VAL B 274 37.48 14.16 -23.45
C VAL B 274 37.42 15.67 -23.30
N ASN B 275 37.72 16.12 -22.09
CA ASN B 275 37.59 17.52 -21.70
C ASN B 275 38.80 18.02 -20.93
N MET B 276 39.97 17.96 -21.56
CA MET B 276 41.24 18.28 -20.95
C MET B 276 41.32 19.77 -20.60
N THR B 277 40.60 20.19 -19.56
CA THR B 277 40.49 21.59 -19.21
C THR B 277 41.68 22.01 -18.37
N GLY B 278 42.65 22.64 -19.02
CA GLY B 278 43.88 23.00 -18.33
C GLY B 278 44.12 24.49 -18.35
N PHE B 279 45.26 24.88 -17.81
CA PHE B 279 45.62 26.28 -17.61
C PHE B 279 46.78 26.68 -18.51
N ARG B 280 46.62 27.78 -19.23
CA ARG B 280 47.72 28.43 -19.91
C ARG B 280 47.91 29.82 -19.32
N ILE B 281 49.12 30.35 -19.42
CA ILE B 281 49.39 31.68 -18.90
C ILE B 281 50.07 32.49 -19.99
N LEU B 282 50.55 31.81 -21.03
CA LEU B 282 51.15 32.49 -22.16
C LEU B 282 50.06 33.18 -22.96
N ASN B 283 49.91 34.49 -22.78
CA ASN B 283 48.76 35.22 -23.30
C ASN B 283 48.87 35.41 -24.81
N THR B 284 48.46 34.41 -25.57
CA THR B 284 48.56 34.44 -27.03
C THR B 284 47.29 34.97 -27.69
N GLU B 285 46.56 35.86 -27.04
CA GLU B 285 45.41 36.55 -27.60
C GLU B 285 45.85 37.86 -28.23
N ASN B 286 47.06 38.30 -27.90
CA ASN B 286 47.56 39.60 -28.34
C ASN B 286 48.37 39.42 -29.61
N THR B 287 48.31 40.43 -30.49
CA THR B 287 49.14 40.42 -31.69
C THR B 287 50.59 40.70 -31.35
N GLN B 288 50.84 41.52 -30.33
CA GLN B 288 52.20 41.86 -29.93
C GLN B 288 52.90 40.66 -29.30
N VAL B 289 52.12 39.76 -28.69
CA VAL B 289 52.67 38.50 -28.20
C VAL B 289 52.97 37.57 -29.36
N SER B 290 52.02 37.44 -30.29
CA SER B 290 52.15 36.52 -31.41
C SER B 290 53.21 36.97 -32.40
N SER B 291 53.58 38.25 -32.36
CA SER B 291 54.72 38.71 -33.13
C SER B 291 56.02 38.16 -32.55
N ILE B 292 56.12 38.10 -31.22
CA ILE B 292 57.33 37.63 -30.58
C ILE B 292 57.42 36.10 -30.65
N ILE B 293 56.28 35.42 -30.57
CA ILE B 293 56.25 33.96 -30.65
C ILE B 293 56.66 33.49 -32.04
N GLU B 294 56.19 34.18 -33.08
CA GLU B 294 56.60 33.83 -34.43
C GLU B 294 58.05 34.22 -34.70
N LYS B 295 58.54 35.27 -34.03
CA LYS B 295 59.97 35.55 -34.08
C LYS B 295 60.75 34.54 -33.25
N TRP B 296 60.11 33.96 -32.23
CA TRP B 296 60.71 32.83 -31.53
C TRP B 296 60.57 31.55 -32.31
N SER B 297 59.54 31.43 -33.15
CA SER B 297 59.33 30.22 -33.92
C SER B 297 60.36 30.08 -35.03
N MET B 298 61.00 31.19 -35.42
CA MET B 298 62.02 31.13 -36.45
C MET B 298 63.33 30.58 -35.88
N GLU B 299 63.92 31.30 -34.92
CA GLU B 299 65.34 31.15 -34.59
C GLU B 299 65.61 29.97 -33.64
N ARG B 300 65.06 28.81 -34.00
CA ARG B 300 65.48 27.56 -33.37
C ARG B 300 65.51 26.41 -34.37
N LEU B 301 66.11 26.65 -35.55
CA LEU B 301 66.13 25.72 -36.68
C LEU B 301 66.69 24.34 -36.37
N GLN B 302 67.58 24.25 -35.38
CA GLN B 302 68.32 23.02 -35.11
C GLN B 302 67.56 22.07 -34.19
N ALA B 303 66.27 22.30 -33.94
CA ALA B 303 65.48 21.47 -33.04
C ALA B 303 64.19 21.00 -33.72
N PRO B 304 64.24 19.90 -34.47
CA PRO B 304 62.99 19.20 -34.82
C PRO B 304 62.69 18.10 -33.81
N PRO B 305 61.44 17.94 -33.40
CA PRO B 305 61.09 16.86 -32.46
C PRO B 305 60.85 15.56 -33.21
N LYS B 306 60.92 14.45 -32.50
CA LYS B 306 60.60 13.14 -33.07
C LYS B 306 59.09 13.05 -33.29
N PRO B 307 58.63 12.32 -34.32
CA PRO B 307 57.19 12.38 -34.69
C PRO B 307 56.26 11.72 -33.68
N ASP B 308 56.76 10.78 -32.88
CA ASP B 308 55.91 10.13 -31.88
C ASP B 308 55.99 10.79 -30.51
N SER B 309 56.36 12.06 -30.42
CA SER B 309 56.40 12.76 -29.14
C SER B 309 55.00 13.14 -28.70
N GLY B 310 54.32 13.96 -29.49
CA GLY B 310 52.99 14.42 -29.14
C GLY B 310 52.95 15.89 -28.78
N LEU B 311 53.84 16.68 -29.39
CA LEU B 311 53.92 18.11 -29.12
C LEU B 311 53.99 18.87 -30.44
N LEU B 312 53.84 20.18 -30.36
CA LEU B 312 53.86 21.03 -31.55
C LEU B 312 55.28 21.36 -31.98
N ASP B 313 55.42 22.34 -32.88
CA ASP B 313 56.73 22.75 -33.33
C ASP B 313 57.03 24.20 -32.95
N GLY B 314 56.17 25.11 -33.39
CA GLY B 314 56.37 26.54 -33.15
C GLY B 314 55.71 27.04 -31.89
N PHE B 315 56.27 26.69 -30.73
CA PHE B 315 55.67 27.06 -29.45
C PHE B 315 56.75 27.54 -28.50
N MET B 316 56.36 28.45 -27.61
CA MET B 316 57.18 28.85 -26.48
C MET B 316 56.71 28.09 -25.25
N THR B 317 57.61 27.37 -24.59
CA THR B 317 57.28 26.76 -23.32
C THR B 317 57.11 27.82 -22.25
N THR B 318 56.39 27.48 -21.18
CA THR B 318 56.35 28.40 -20.04
C THR B 318 57.61 28.33 -19.19
N ASP B 319 58.49 27.36 -19.47
CA ASP B 319 59.79 27.34 -18.81
C ASP B 319 60.75 28.30 -19.49
N ALA B 320 60.39 28.78 -20.69
CA ALA B 320 61.24 29.72 -21.40
C ALA B 320 60.56 31.06 -21.61
N ALA B 321 59.23 31.10 -21.47
CA ALA B 321 58.52 32.37 -21.57
C ALA B 321 58.81 33.24 -20.37
N LEU B 322 59.06 32.62 -19.21
CA LEU B 322 59.28 33.38 -17.99
C LEU B 322 60.70 33.92 -17.94
N MET B 323 61.67 33.14 -18.42
CA MET B 323 63.05 33.62 -18.49
C MET B 323 63.19 34.74 -19.50
N TYR B 324 62.45 34.67 -20.61
CA TYR B 324 62.34 35.82 -21.51
C TYR B 324 61.70 37.00 -20.80
N ASP B 325 60.68 36.74 -20.00
CA ASP B 325 59.97 37.84 -19.36
C ASP B 325 60.75 38.35 -18.15
N ALA B 326 61.68 37.55 -17.63
CA ALA B 326 62.48 37.95 -16.48
C ALA B 326 63.41 39.09 -16.81
N VAL B 327 63.95 39.12 -18.02
CA VAL B 327 64.85 40.20 -18.42
C VAL B 327 64.04 41.47 -18.64
N HIS B 328 62.76 41.32 -18.97
CA HIS B 328 61.89 42.49 -19.06
C HIS B 328 61.33 42.89 -17.69
N VAL B 329 61.67 42.16 -16.63
CA VAL B 329 61.36 42.63 -15.28
C VAL B 329 62.52 43.47 -14.75
N VAL B 330 63.75 42.99 -14.93
CA VAL B 330 64.94 43.72 -14.53
C VAL B 330 65.12 44.96 -15.40
N SER B 331 64.57 44.95 -16.62
CA SER B 331 64.52 46.13 -17.50
C SER B 331 63.77 47.28 -16.86
N VAL B 332 62.76 46.99 -16.04
CA VAL B 332 62.12 48.04 -15.25
C VAL B 332 63.04 48.46 -14.12
N ALA B 333 63.80 47.51 -13.58
CA ALA B 333 64.62 47.80 -12.40
C ALA B 333 65.87 48.59 -12.77
N VAL B 334 66.44 48.33 -13.95
CA VAL B 334 67.65 49.06 -14.35
C VAL B 334 67.28 50.42 -14.91
N GLN B 335 66.00 50.62 -15.22
CA GLN B 335 65.58 51.90 -15.78
C GLN B 335 65.43 52.95 -14.69
N GLN B 336 65.02 52.52 -13.51
CA GLN B 336 64.79 53.46 -12.41
C GLN B 336 66.00 53.52 -11.49
N PHE B 337 67.19 53.29 -12.04
CA PHE B 337 68.39 53.14 -11.21
C PHE B 337 69.63 53.42 -12.06
N PRO B 338 69.97 54.70 -12.30
CA PRO B 338 71.01 55.01 -13.31
C PRO B 338 72.44 54.84 -12.84
N GLN B 339 72.68 54.80 -11.53
CA GLN B 339 74.05 54.76 -11.02
C GLN B 339 74.56 53.32 -10.86
N MET B 340 73.96 52.38 -11.58
CA MET B 340 74.19 50.96 -11.38
C MET B 340 75.59 50.53 -11.82
N THR B 341 76.46 50.26 -10.84
CA THR B 341 77.83 49.86 -11.07
C THR B 341 78.01 48.41 -10.59
N VAL B 342 78.66 47.59 -11.41
CA VAL B 342 78.91 46.19 -11.09
C VAL B 342 80.30 46.11 -10.46
N SER B 343 80.37 45.59 -9.24
CA SER B 343 81.63 45.50 -8.52
C SER B 343 82.32 44.17 -8.81
N SER B 344 83.36 43.88 -8.03
CA SER B 344 84.24 42.74 -8.26
C SER B 344 84.24 41.80 -7.06
N LEU B 345 83.04 41.43 -6.60
CA LEU B 345 82.82 40.63 -5.40
C LEU B 345 83.54 39.28 -5.37
N GLN B 346 83.67 38.69 -4.19
CA GLN B 346 84.28 37.37 -4.03
C GLN B 346 83.35 36.44 -3.26
N CYS B 347 83.82 35.23 -2.96
CA CYS B 347 83.01 34.27 -2.21
C CYS B 347 83.78 33.69 -1.03
N ASN B 348 85.02 34.10 -0.85
CA ASN B 348 85.77 33.65 0.32
C ASN B 348 85.42 34.45 1.57
N ARG B 349 85.26 35.77 1.43
CA ARG B 349 84.93 36.63 2.57
C ARG B 349 83.75 37.49 2.13
N HIS B 350 82.55 37.19 2.63
CA HIS B 350 81.35 37.83 2.11
C HIS B 350 81.22 39.27 2.59
N LYS B 351 81.35 40.21 1.67
CA LYS B 351 81.22 41.63 1.93
C LYS B 351 80.08 42.14 1.06
N PRO B 352 78.83 42.25 1.59
CA PRO B 352 77.62 42.34 0.75
C PRO B 352 77.57 43.51 -0.23
N TRP B 353 76.77 43.35 -1.29
CA TRP B 353 76.82 44.25 -2.44
C TRP B 353 76.25 45.61 -2.09
N ARG B 354 76.87 46.64 -2.65
CA ARG B 354 76.71 48.03 -2.20
C ARG B 354 75.33 48.57 -2.52
N PHE B 355 74.74 48.09 -3.62
CA PHE B 355 73.45 48.60 -4.05
C PHE B 355 72.38 47.53 -3.84
N GLY B 356 72.57 46.69 -2.82
CA GLY B 356 71.72 45.51 -2.67
C GLY B 356 70.33 45.83 -2.16
N THR B 357 70.24 46.63 -1.09
CA THR B 357 68.96 46.84 -0.43
C THR B 357 68.08 47.82 -1.19
N ARG B 358 68.63 48.49 -2.21
CA ARG B 358 67.79 49.35 -3.05
C ARG B 358 67.36 48.64 -4.31
N PHE B 359 68.29 47.94 -4.98
CA PHE B 359 67.97 47.29 -6.25
C PHE B 359 67.06 46.10 -6.07
N MET B 360 67.08 45.49 -4.87
CA MET B 360 66.11 44.44 -4.58
C MET B 360 64.73 45.01 -4.37
N SER B 361 64.65 46.28 -3.94
CA SER B 361 63.34 46.90 -3.74
C SER B 361 62.88 47.61 -5.01
N LEU B 362 63.64 47.48 -6.10
CA LEU B 362 63.19 48.02 -7.38
C LEU B 362 62.66 46.91 -8.28
N ILE B 363 63.02 45.66 -7.99
CA ILE B 363 62.46 44.54 -8.72
C ILE B 363 61.06 44.23 -8.22
N LYS B 364 60.87 44.28 -6.89
CA LYS B 364 59.58 43.91 -6.31
C LYS B 364 58.51 44.98 -6.48
N GLU B 365 58.83 46.11 -7.09
CA GLU B 365 57.85 47.15 -7.40
C GLU B 365 57.59 47.27 -8.90
N ALA B 366 57.77 46.18 -9.65
CA ALA B 366 57.63 46.21 -11.08
C ALA B 366 56.28 45.65 -11.51
N HIS B 367 55.58 46.43 -12.34
CA HIS B 367 54.33 45.94 -12.92
C HIS B 367 54.39 45.82 -14.44
N TRP B 368 55.49 45.29 -15.00
CA TRP B 368 55.67 45.24 -16.45
C TRP B 368 54.71 44.25 -17.09
N GLU B 369 54.30 44.57 -18.32
CA GLU B 369 53.45 43.68 -19.10
C GLU B 369 54.27 43.06 -20.24
N GLY B 370 54.39 41.76 -20.19
CA GLY B 370 55.17 41.02 -21.16
C GLY B 370 54.41 39.80 -21.64
N LEU B 371 55.15 38.74 -21.93
CA LEU B 371 54.52 37.54 -22.44
C LEU B 371 54.08 36.63 -21.31
N THR B 372 53.44 37.18 -20.28
CA THR B 372 52.81 36.34 -19.27
C THR B 372 51.50 36.99 -18.86
N GLY B 373 51.36 38.27 -19.18
CA GLY B 373 50.22 38.99 -18.66
C GLY B 373 50.59 40.09 -17.67
N ARG B 374 50.39 39.81 -16.39
CA ARG B 374 50.34 40.83 -15.36
C ARG B 374 51.40 40.56 -14.29
N ILE B 375 52.67 40.52 -14.70
CA ILE B 375 53.82 40.42 -13.82
C ILE B 375 53.75 41.42 -12.66
N THR B 376 53.76 40.90 -11.44
CA THR B 376 53.79 41.68 -10.20
C THR B 376 54.27 40.72 -9.10
N PHE B 377 54.86 41.30 -8.06
CA PHE B 377 55.36 40.48 -6.97
C PHE B 377 54.65 40.82 -5.67
N ASN B 378 54.90 40.04 -4.63
CA ASN B 378 53.99 40.04 -3.50
C ASN B 378 54.43 41.04 -2.45
N LYS B 379 55.69 41.52 -2.55
CA LYS B 379 56.33 42.50 -1.68
C LYS B 379 56.40 41.99 -0.23
N THR B 380 56.25 40.68 -0.04
CA THR B 380 56.33 40.06 1.27
C THR B 380 57.21 38.83 1.15
N ASN B 381 57.21 38.21 -0.04
CA ASN B 381 57.75 36.88 -0.21
C ASN B 381 58.64 36.76 -1.44
N GLY B 382 58.54 37.68 -2.39
CA GLY B 382 59.00 37.36 -3.71
C GLY B 382 57.87 36.88 -4.59
N LEU B 383 57.63 35.57 -4.54
CA LEU B 383 56.75 34.74 -5.38
C LEU B 383 55.47 35.38 -5.87
N ARG B 384 55.20 35.27 -7.17
CA ARG B 384 54.02 35.87 -7.76
C ARG B 384 52.74 35.11 -7.41
N THR B 385 51.74 35.82 -6.87
CA THR B 385 50.44 35.23 -6.56
C THR B 385 49.29 36.08 -7.09
N ASP B 386 49.53 36.98 -8.04
CA ASP B 386 48.50 37.86 -8.58
C ASP B 386 48.53 37.86 -10.11
N PHE B 387 48.53 36.67 -10.69
CA PHE B 387 48.65 36.46 -12.13
C PHE B 387 47.27 36.15 -12.72
N ASP B 388 47.09 36.49 -13.99
CA ASP B 388 45.81 36.31 -14.71
C ASP B 388 46.01 35.24 -15.78
N LEU B 389 45.16 34.21 -15.78
CA LEU B 389 45.29 33.17 -16.79
C LEU B 389 44.09 33.14 -17.71
N ASP B 390 44.09 32.13 -18.59
CA ASP B 390 43.00 31.86 -19.52
C ASP B 390 42.68 30.38 -19.36
N VAL B 391 41.49 30.06 -18.83
CA VAL B 391 41.12 28.66 -18.69
C VAL B 391 40.73 28.11 -20.06
N ILE B 392 41.51 27.14 -20.55
CA ILE B 392 41.30 26.58 -21.87
C ILE B 392 40.85 25.13 -21.74
N SER B 393 40.04 24.69 -22.70
CA SER B 393 39.45 23.36 -22.71
C SER B 393 39.57 22.77 -24.11
N LEU B 394 39.32 21.47 -24.22
CA LEU B 394 39.43 20.76 -25.49
C LEU B 394 38.02 20.61 -26.07
N LYS B 395 37.70 21.46 -27.03
CA LYS B 395 36.52 21.29 -27.86
C LYS B 395 36.96 20.66 -29.17
N GLU B 396 35.99 20.32 -30.03
CA GLU B 396 36.29 19.66 -31.29
C GLU B 396 37.03 20.59 -32.24
N GLU B 397 36.90 21.91 -32.05
CA GLU B 397 37.66 22.89 -32.80
C GLU B 397 39.12 22.85 -32.41
N GLY B 398 39.41 22.49 -31.16
CA GLY B 398 40.77 22.47 -30.65
C GLY B 398 40.87 22.99 -29.24
N LEU B 399 41.73 23.99 -29.01
CA LEU B 399 41.83 24.66 -27.73
C LEU B 399 41.08 25.98 -27.82
N GLU B 400 40.17 26.22 -26.90
CA GLU B 400 39.42 27.46 -26.86
C GLU B 400 39.33 28.00 -25.44
N LYS B 401 39.61 29.27 -25.30
CA LYS B 401 39.47 29.99 -24.02
C LYS B 401 38.00 30.07 -23.62
N ILE B 402 37.64 29.35 -22.57
CA ILE B 402 36.26 29.34 -22.13
C ILE B 402 36.13 29.97 -20.76
N GLY B 403 37.21 30.52 -20.23
CA GLY B 403 37.16 31.09 -18.91
C GLY B 403 38.39 31.92 -18.61
N THR B 404 38.43 32.44 -17.39
CA THR B 404 39.52 33.27 -16.91
C THR B 404 39.59 33.23 -15.40
N TRP B 405 40.70 32.77 -14.84
CA TRP B 405 40.91 32.81 -13.41
C TRP B 405 41.47 34.19 -13.05
N ASP B 406 41.16 34.64 -11.84
CA ASP B 406 41.59 35.95 -11.37
C ASP B 406 41.60 35.85 -9.84
N PRO B 407 42.77 36.05 -9.19
CA PRO B 407 42.90 35.75 -7.75
C PRO B 407 42.00 36.56 -6.83
N ALA B 408 41.52 37.70 -7.30
CA ALA B 408 40.64 38.58 -6.55
C ALA B 408 39.21 38.45 -7.09
N SER B 409 39.04 37.61 -8.10
CA SER B 409 37.73 37.54 -8.75
C SER B 409 37.28 36.12 -9.07
N GLY B 410 38.09 35.12 -8.70
CA GLY B 410 37.70 33.73 -8.87
C GLY B 410 37.64 33.28 -10.31
N LEU B 411 36.61 32.52 -10.67
CA LEU B 411 36.42 32.11 -12.06
C LEU B 411 35.40 32.99 -12.76
N ASN B 412 35.85 33.80 -13.70
CA ASN B 412 34.95 34.55 -14.55
C ASN B 412 34.86 33.84 -15.90
N MET B 413 34.01 32.83 -16.01
CA MET B 413 33.94 31.99 -17.20
C MET B 413 32.84 32.50 -18.12
N THR B 414 33.01 32.26 -19.43
CA THR B 414 32.06 32.72 -20.43
C THR B 414 31.07 31.61 -20.79
N GLU B 415 30.71 30.80 -19.79
CA GLU B 415 29.74 29.72 -19.91
C GLU B 415 28.30 30.26 -19.96
N SER B 416 28.11 31.58 -19.91
CA SER B 416 26.80 32.20 -20.11
C SER B 416 26.27 32.05 -21.53
N GLN B 417 27.08 31.55 -22.47
CA GLN B 417 26.61 31.14 -23.79
C GLN B 417 25.90 29.79 -23.72
N LYS B 418 25.54 29.22 -24.86
CA LYS B 418 24.66 28.06 -24.87
C LYS B 418 25.04 27.12 -26.02
N GLY B 419 24.54 25.88 -26.00
CA GLY B 419 24.83 24.91 -27.03
C GLY B 419 24.88 23.49 -26.53
N LYS B 420 25.06 23.31 -25.22
CA LYS B 420 25.05 22.02 -24.56
C LYS B 420 23.60 21.54 -24.41
N PRO B 421 23.33 20.23 -24.65
CA PRO B 421 21.98 19.71 -24.43
C PRO B 421 21.51 19.80 -22.99
N ALA B 422 20.32 20.36 -22.78
CA ALA B 422 19.83 20.72 -21.47
C ALA B 422 18.79 19.73 -20.97
N ASN B 423 18.57 19.76 -19.65
CA ASN B 423 17.58 18.93 -19.00
C ASN B 423 17.16 19.60 -17.70
N ILE B 424 15.85 19.73 -17.47
CA ILE B 424 15.34 20.43 -16.29
C ILE B 424 14.50 19.45 -15.48
N THR B 425 14.91 19.22 -14.24
CA THR B 425 14.18 18.38 -13.31
C THR B 425 13.62 19.24 -12.19
N ASP B 426 12.30 19.39 -12.15
CA ASP B 426 11.66 20.21 -11.15
C ASP B 426 10.27 19.70 -10.79
N SER B 427 9.49 20.53 -10.09
CA SER B 427 8.11 20.20 -9.78
C SER B 427 7.17 20.80 -10.81
N LEU B 428 5.87 20.81 -10.54
CA LEU B 428 4.86 21.40 -11.41
C LEU B 428 4.51 22.80 -10.87
N SER B 429 5.52 23.46 -10.28
CA SER B 429 5.40 24.69 -9.50
C SER B 429 4.37 24.55 -8.38
N ASN B 430 4.56 23.55 -7.52
CA ASN B 430 3.63 23.23 -6.45
C ASN B 430 3.56 24.31 -5.37
N ARG B 431 2.34 24.59 -4.92
CA ARG B 431 2.12 25.58 -3.87
C ARG B 431 1.41 24.92 -2.69
N SER B 432 1.76 25.32 -1.46
CA SER B 432 0.89 25.05 -0.33
C SER B 432 -0.38 25.85 -0.56
N LEU B 433 -1.47 25.15 -0.92
CA LEU B 433 -2.66 25.79 -1.45
C LEU B 433 -3.39 26.65 -0.42
N ILE B 434 -4.38 27.40 -0.89
CA ILE B 434 -4.98 28.50 -0.13
C ILE B 434 -6.40 28.05 0.20
N VAL B 435 -6.50 26.79 0.64
CA VAL B 435 -7.75 26.19 1.11
C VAL B 435 -8.38 27.10 2.16
N THR B 436 -9.55 27.63 1.85
CA THR B 436 -10.17 28.72 2.60
C THR B 436 -11.51 28.24 3.15
N THR B 437 -11.54 27.98 4.45
CA THR B 437 -12.74 27.47 5.09
C THR B 437 -13.43 28.58 5.88
N ILE B 438 -14.45 28.19 6.64
CA ILE B 438 -15.12 29.07 7.57
C ILE B 438 -15.53 28.25 8.79
N LEU B 439 -15.42 28.85 9.97
CA LEU B 439 -15.65 28.12 11.22
C LEU B 439 -17.11 27.80 11.44
N GLU B 440 -17.48 26.53 11.24
CA GLU B 440 -18.83 26.04 11.49
C GLU B 440 -18.75 24.65 12.10
N GLU B 441 -19.34 24.51 13.24
CA GLU B 441 -19.40 23.24 13.94
C GLU B 441 -20.36 22.29 13.23
N PRO B 442 -19.99 21.02 12.99
CA PRO B 442 -18.72 20.38 13.34
C PRO B 442 -17.74 20.20 12.18
N TYR B 443 -17.69 21.08 11.18
CA TYR B 443 -16.71 20.92 10.10
C TYR B 443 -16.00 22.24 9.76
N VAL B 444 -15.67 23.00 10.81
CA VAL B 444 -14.35 23.61 11.08
C VAL B 444 -14.44 24.04 12.54
N LEU B 445 -13.46 23.66 13.35
CA LEU B 445 -13.54 23.81 14.80
C LEU B 445 -12.12 23.84 15.38
N PHE B 446 -11.85 24.86 16.19
CA PHE B 446 -10.57 24.97 16.89
C PHE B 446 -10.37 23.81 17.85
N LYS B 447 -9.19 23.19 17.82
CA LYS B 447 -8.93 21.98 18.59
C LYS B 447 -8.94 22.25 20.09
N LYS B 448 -9.86 21.60 20.80
CA LYS B 448 -10.08 21.82 22.23
C LYS B 448 -8.95 21.13 22.99
N SER B 449 -7.84 21.83 23.16
CA SER B 449 -6.70 21.27 23.87
C SER B 449 -5.85 22.38 24.50
N ASP B 450 -4.76 22.00 25.15
CA ASP B 450 -3.85 22.94 25.78
C ASP B 450 -2.76 23.30 24.77
N LYS B 451 -1.64 23.93 25.17
CA LYS B 451 -0.54 24.37 24.31
C LYS B 451 -1.04 25.35 23.25
N PRO B 452 -1.37 26.61 23.62
CA PRO B 452 -2.02 27.53 22.68
C PRO B 452 -1.12 28.05 21.56
N LEU B 453 0.17 27.68 21.57
CA LEU B 453 1.03 27.95 20.44
C LEU B 453 0.59 27.06 19.27
N TYR B 454 -0.11 27.65 18.31
CA TYR B 454 -0.74 26.92 17.23
C TYR B 454 -0.01 27.23 15.92
N GLY B 455 0.02 26.24 15.03
CA GLY B 455 0.22 26.54 13.63
C GLY B 455 -0.36 25.51 12.70
N ASN B 456 -1.31 25.94 11.85
CA ASN B 456 -1.92 25.21 10.73
C ASN B 456 -2.40 23.78 11.03
N ASP B 457 -2.64 23.45 12.30
CA ASP B 457 -3.11 22.14 12.71
C ASP B 457 -4.14 22.24 13.83
N ARG B 458 -4.52 23.46 14.21
CA ARG B 458 -5.51 23.73 15.25
C ARG B 458 -6.93 23.47 14.77
N PHE B 459 -7.11 23.29 13.47
CA PHE B 459 -8.44 23.09 12.92
C PHE B 459 -8.76 21.63 12.73
N GLU B 460 -9.85 21.17 13.37
CA GLU B 460 -10.32 19.80 13.23
C GLU B 460 -11.82 19.85 12.94
N GLY B 461 -12.28 18.83 12.23
CA GLY B 461 -13.67 18.75 11.82
C GLY B 461 -13.82 17.80 10.64
N TYR B 462 -15.03 17.81 10.08
CA TYR B 462 -15.34 16.94 8.95
C TYR B 462 -14.84 17.55 7.64
N CYS B 463 -14.54 18.85 7.66
CA CYS B 463 -13.82 19.47 6.56
C CYS B 463 -12.39 18.97 6.49
N ILE B 464 -11.72 18.91 7.65
CA ILE B 464 -10.30 18.60 7.68
C ILE B 464 -10.06 17.14 7.34
N ASP B 465 -10.92 16.25 7.83
CA ASP B 465 -10.79 14.83 7.50
C ASP B 465 -11.14 14.56 6.04
N LEU B 466 -11.99 15.39 5.45
CA LEU B 466 -12.19 15.33 4.01
C LEU B 466 -10.98 15.89 3.27
N LEU B 467 -10.35 16.93 3.84
CA LEU B 467 -9.23 17.60 3.19
C LEU B 467 -7.98 16.73 3.20
N ARG B 468 -7.79 15.95 4.27
CA ARG B 468 -6.61 15.09 4.36
C ARG B 468 -6.72 13.91 3.40
N GLU B 469 -7.95 13.43 3.16
CA GLU B 469 -8.12 12.35 2.21
C GLU B 469 -7.97 12.84 0.77
N LEU B 470 -8.19 14.14 0.53
CA LEU B 470 -7.93 14.68 -0.80
C LEU B 470 -6.44 14.85 -1.05
N SER B 471 -5.65 15.03 0.03
CA SER B 471 -4.22 15.26 -0.14
C SER B 471 -3.50 14.00 -0.58
N THR B 472 -4.05 12.83 -0.25
CA THR B 472 -3.48 11.58 -0.72
C THR B 472 -3.87 11.29 -2.16
N ILE B 473 -5.15 11.48 -2.49
CA ILE B 473 -5.63 11.12 -3.83
C ILE B 473 -5.25 12.15 -4.88
N LEU B 474 -5.54 13.42 -4.65
CA LEU B 474 -5.21 14.48 -5.60
C LEU B 474 -3.73 14.85 -5.55
N GLY B 475 -3.07 14.64 -4.42
CA GLY B 475 -1.65 14.92 -4.30
C GLY B 475 -1.32 16.40 -4.28
N PHE B 476 -1.69 17.10 -3.21
CA PHE B 476 -1.36 18.51 -3.08
C PHE B 476 -0.83 18.84 -1.68
N THR B 477 -0.47 20.10 -1.47
CA THR B 477 -0.13 20.64 -0.17
C THR B 477 -1.00 21.88 0.09
N TYR B 478 -1.29 22.14 1.36
CA TYR B 478 -2.32 23.12 1.68
C TYR B 478 -1.94 23.89 2.94
N GLU B 479 -2.26 25.19 2.96
CA GLU B 479 -2.32 25.96 4.21
C GLU B 479 -3.75 26.48 4.35
N ILE B 480 -4.35 26.26 5.51
CA ILE B 480 -5.74 26.62 5.74
C ILE B 480 -5.90 28.03 6.30
N ARG B 481 -5.93 29.01 5.40
CA ARG B 481 -6.18 30.40 5.78
C ARG B 481 -7.68 30.66 5.84
N LEU B 482 -8.14 31.40 6.86
CA LEU B 482 -9.57 31.53 7.15
C LEU B 482 -10.32 32.52 6.28
N VAL B 483 -11.55 32.82 6.70
CA VAL B 483 -12.54 33.59 5.95
C VAL B 483 -12.39 35.07 6.28
N GLU B 484 -12.93 35.94 5.41
CA GLU B 484 -13.10 37.34 5.74
C GLU B 484 -14.59 37.66 5.87
N ASP B 485 -14.94 38.41 6.93
CA ASP B 485 -16.26 38.93 7.27
C ASP B 485 -17.26 37.85 7.67
N GLY B 486 -16.82 36.58 7.70
CA GLY B 486 -17.63 35.49 8.20
C GLY B 486 -18.89 35.15 7.43
N LYS B 487 -18.94 35.54 6.15
CA LYS B 487 -20.11 35.33 5.30
C LYS B 487 -19.84 34.14 4.39
N TYR B 488 -20.90 33.42 4.03
CA TYR B 488 -20.79 32.33 3.07
C TYR B 488 -20.62 32.90 1.67
N GLY B 489 -21.44 33.89 1.33
CA GLY B 489 -21.36 34.53 0.03
C GLY B 489 -22.70 34.90 -0.55
N ALA B 490 -22.83 36.16 -0.96
CA ALA B 490 -24.10 36.69 -1.49
C ALA B 490 -23.85 37.97 -2.28
N GLN B 491 -24.39 38.03 -3.51
CA GLN B 491 -24.31 39.24 -4.31
C GLN B 491 -25.16 40.31 -3.66
N ASP B 492 -24.56 41.43 -3.25
CA ASP B 492 -25.32 42.49 -2.59
C ASP B 492 -26.16 43.24 -3.61
N ASP B 493 -27.36 43.67 -3.20
CA ASP B 493 -28.28 44.36 -4.08
C ASP B 493 -27.77 45.76 -4.42
N VAL B 494 -27.41 46.52 -3.40
CA VAL B 494 -26.79 47.82 -3.64
C VAL B 494 -25.32 47.58 -3.99
N ASN B 495 -24.77 48.45 -4.84
CA ASN B 495 -23.36 48.62 -5.24
C ASN B 495 -22.61 47.36 -5.63
N GLY B 496 -23.34 46.31 -6.00
CA GLY B 496 -22.74 45.08 -6.49
C GLY B 496 -22.11 44.21 -5.42
N GLN B 497 -20.96 44.65 -4.90
CA GLN B 497 -19.85 43.87 -4.34
C GLN B 497 -20.21 42.59 -3.58
N TRP B 498 -19.55 41.50 -3.93
CA TRP B 498 -19.71 40.23 -3.22
C TRP B 498 -19.14 40.33 -1.81
N ASN B 499 -19.59 39.44 -0.92
CA ASN B 499 -19.15 39.47 0.47
C ASN B 499 -19.13 38.03 0.98
N GLY B 500 -17.93 37.53 1.30
CA GLY B 500 -17.81 36.22 1.90
C GLY B 500 -16.68 35.38 1.36
N MET B 501 -16.88 34.06 1.27
CA MET B 501 -15.88 33.19 0.66
C MET B 501 -15.79 33.41 -0.84
N VAL B 502 -16.94 33.62 -1.49
CA VAL B 502 -16.97 33.66 -2.94
C VAL B 502 -16.46 35.02 -3.44
N ARG B 503 -16.39 36.02 -2.57
CA ARG B 503 -15.66 37.23 -2.90
C ARG B 503 -14.17 36.94 -2.99
N GLU B 504 -13.66 36.13 -2.06
CA GLU B 504 -12.26 35.73 -2.12
C GLU B 504 -12.02 34.72 -3.24
N LEU B 505 -13.02 33.87 -3.51
CA LEU B 505 -12.86 32.84 -4.53
C LEU B 505 -12.92 33.36 -5.95
N ILE B 506 -13.58 34.50 -6.21
CA ILE B 506 -13.73 34.93 -7.61
C ILE B 506 -12.44 35.55 -8.14
N ASP B 507 -11.77 36.38 -7.36
CA ASP B 507 -10.63 37.10 -7.90
C ASP B 507 -9.33 36.37 -7.63
N HIS B 508 -9.32 35.06 -7.87
CA HIS B 508 -8.16 34.17 -7.83
C HIS B 508 -7.27 34.28 -6.58
N LYS B 509 -7.86 34.68 -5.45
CA LYS B 509 -7.10 34.89 -4.22
C LYS B 509 -7.20 33.66 -3.31
N ALA B 510 -7.62 32.56 -3.93
CA ALA B 510 -7.89 31.36 -3.16
C ALA B 510 -7.75 30.10 -3.99
N ASP B 511 -8.26 29.00 -3.46
CA ASP B 511 -8.09 27.64 -3.95
C ASP B 511 -9.33 26.85 -3.57
N LEU B 512 -9.18 25.53 -3.43
CA LEU B 512 -10.16 24.60 -2.85
C LEU B 512 -10.92 25.21 -1.68
N ALA B 513 -12.24 25.13 -1.69
CA ALA B 513 -13.03 25.88 -0.72
C ALA B 513 -13.96 24.97 0.06
N VAL B 514 -13.43 23.89 0.64
CA VAL B 514 -14.20 22.91 1.39
C VAL B 514 -14.83 23.58 2.60
N ALA B 515 -16.16 23.61 2.63
CA ALA B 515 -16.87 24.55 3.48
C ALA B 515 -18.33 24.12 3.62
N PRO B 516 -19.15 24.82 4.44
CA PRO B 516 -20.61 24.76 4.23
C PRO B 516 -21.04 25.68 3.10
N LEU B 517 -20.54 25.43 1.89
CA LEU B 517 -20.81 26.30 0.74
C LEU B 517 -21.87 25.64 -0.13
N ALA B 518 -23.14 25.86 0.21
CA ALA B 518 -24.28 25.16 -0.40
C ALA B 518 -24.45 25.64 -1.84
N ILE B 519 -24.61 24.70 -2.76
CA ILE B 519 -24.67 24.98 -4.19
C ILE B 519 -26.00 25.66 -4.50
N THR B 520 -25.96 26.77 -5.22
CA THR B 520 -27.17 27.45 -5.66
C THR B 520 -26.95 28.00 -7.05
N TYR B 521 -28.00 28.60 -7.61
CA TYR B 521 -27.96 29.05 -8.99
C TYR B 521 -27.13 30.31 -9.14
N VAL B 522 -27.08 31.14 -8.11
CA VAL B 522 -26.34 32.39 -8.20
C VAL B 522 -24.85 32.14 -8.09
N ARG B 523 -24.45 31.22 -7.20
CA ARG B 523 -23.04 30.92 -7.01
C ARG B 523 -22.46 30.12 -8.17
N GLU B 524 -23.27 29.27 -8.81
CA GLU B 524 -22.79 28.43 -9.90
C GLU B 524 -22.45 29.23 -11.15
N LYS B 525 -23.09 30.38 -11.36
CA LYS B 525 -22.79 31.21 -12.51
C LYS B 525 -21.45 31.93 -12.35
N VAL B 526 -21.01 32.14 -11.11
CA VAL B 526 -19.85 32.99 -10.88
C VAL B 526 -18.63 32.18 -10.45
N ILE B 527 -18.78 31.27 -9.49
CA ILE B 527 -17.72 30.32 -9.19
C ILE B 527 -18.25 28.96 -9.62
N ASP B 528 -17.44 27.91 -9.47
CA ASP B 528 -17.90 26.58 -9.84
C ASP B 528 -17.74 25.62 -8.67
N PHE B 529 -18.36 24.45 -8.78
CA PHE B 529 -18.45 23.50 -7.71
C PHE B 529 -18.11 22.10 -8.20
N SER B 530 -17.55 21.29 -7.31
CA SER B 530 -17.39 19.87 -7.59
C SER B 530 -18.71 19.16 -7.29
N LYS B 531 -18.78 17.88 -7.57
CA LYS B 531 -19.99 17.10 -7.31
C LYS B 531 -20.17 16.93 -5.80
N PRO B 532 -21.42 16.87 -5.31
CA PRO B 532 -21.64 16.92 -3.87
C PRO B 532 -21.13 15.73 -3.07
N PHE B 533 -20.46 16.01 -1.96
CA PHE B 533 -20.02 15.01 -1.01
C PHE B 533 -21.05 14.77 0.08
N MET B 534 -22.07 15.63 0.16
CA MET B 534 -23.08 15.56 1.20
C MET B 534 -24.32 16.33 0.76
N THR B 535 -25.51 15.81 1.06
CA THR B 535 -26.77 16.42 0.66
C THR B 535 -27.55 16.88 1.88
N LEU B 536 -27.95 18.14 1.86
CA LEU B 536 -28.65 18.77 2.97
C LEU B 536 -30.16 18.60 2.81
N GLY B 537 -30.91 19.30 3.66
CA GLY B 537 -32.35 19.33 3.52
C GLY B 537 -32.97 20.38 4.41
N ILE B 538 -34.06 20.99 3.92
CA ILE B 538 -34.87 21.86 4.74
C ILE B 538 -35.82 20.98 5.52
N SER B 539 -35.43 20.60 6.74
CA SER B 539 -36.16 19.63 7.54
C SER B 539 -36.72 20.31 8.79
N ILE B 540 -37.39 19.54 9.65
CA ILE B 540 -38.13 20.08 10.78
C ILE B 540 -37.53 19.54 12.07
N LEU B 541 -37.22 20.45 12.99
CA LEU B 541 -36.72 20.07 14.31
C LEU B 541 -37.79 20.42 15.32
N TYR B 542 -38.31 19.41 16.02
CA TYR B 542 -39.42 19.55 16.94
C TYR B 542 -39.08 18.82 18.24
N ARG B 543 -39.68 19.29 19.33
CA ARG B 543 -39.42 18.75 20.67
C ARG B 543 -39.94 17.33 20.75
N LYS B 544 -39.15 16.43 21.35
CA LYS B 544 -39.51 15.04 21.50
C LYS B 544 -40.70 14.89 22.44
N PRO B 545 -41.71 14.08 22.09
CA PRO B 545 -42.83 13.84 23.01
C PRO B 545 -42.37 13.12 24.27
N ASN B 546 -42.92 13.49 25.42
CA ASN B 546 -42.23 13.24 26.67
C ASN B 546 -42.86 12.08 27.44
N GLY B 547 -44.16 12.15 27.70
CA GLY B 547 -44.83 11.05 28.36
C GLY B 547 -45.46 11.41 29.69
N THR B 548 -44.85 12.31 30.44
CA THR B 548 -45.32 12.68 31.78
C THR B 548 -46.25 13.89 31.69
N ASN B 549 -47.17 13.85 30.72
CA ASN B 549 -48.40 14.63 30.67
C ASN B 549 -49.36 14.01 29.65
N PRO B 550 -49.97 12.84 29.93
CA PRO B 550 -50.85 12.24 28.91
C PRO B 550 -52.31 12.65 29.09
N GLY B 551 -52.58 13.49 30.06
CA GLY B 551 -53.95 13.87 30.36
C GLY B 551 -54.37 13.50 31.76
N VAL B 552 -55.44 14.13 32.25
CA VAL B 552 -55.93 13.89 33.61
C VAL B 552 -57.02 12.83 33.53
N PHE B 553 -57.41 12.47 32.31
CA PHE B 553 -58.38 11.42 32.09
C PHE B 553 -57.73 10.25 31.37
N SER B 554 -56.53 9.84 31.80
CA SER B 554 -55.80 8.75 31.17
C SER B 554 -56.11 7.40 31.81
N PHE B 555 -57.31 7.25 32.36
CA PHE B 555 -57.80 5.96 32.84
C PHE B 555 -58.94 5.44 31.98
N LEU B 556 -59.46 6.27 31.08
CA LEU B 556 -60.52 5.86 30.15
C LEU B 556 -59.87 5.46 28.83
N ASN B 557 -58.59 5.80 28.74
CA ASN B 557 -57.67 5.46 27.67
C ASN B 557 -57.58 3.96 27.32
N PRO B 558 -57.48 2.98 28.28
CA PRO B 558 -57.13 1.62 27.84
C PRO B 558 -58.22 0.79 27.21
N LEU B 559 -59.41 1.34 26.93
CA LEU B 559 -60.44 0.53 26.30
C LEU B 559 -61.15 1.14 25.09
N SER B 560 -60.61 2.22 24.46
CA SER B 560 -61.05 2.71 23.15
C SER B 560 -62.54 3.03 23.05
N PRO B 561 -62.98 4.25 23.44
CA PRO B 561 -64.33 4.49 23.97
C PRO B 561 -65.58 4.01 23.21
N ASP B 562 -65.42 3.34 22.06
CA ASP B 562 -66.50 2.52 21.52
C ASP B 562 -66.96 1.47 22.53
N ILE B 563 -66.01 0.85 23.25
CA ILE B 563 -66.36 -0.16 24.25
C ILE B 563 -66.97 0.48 25.49
N TRP B 564 -66.52 1.68 25.87
CA TRP B 564 -67.11 2.38 27.00
C TRP B 564 -68.55 2.80 26.70
N MET B 565 -68.88 2.97 25.43
CA MET B 565 -70.24 3.32 25.06
C MET B 565 -71.09 2.06 24.87
N TYR B 566 -70.46 0.94 24.52
CA TYR B 566 -71.21 -0.29 24.36
C TYR B 566 -71.54 -0.93 25.70
N VAL B 567 -70.59 -0.90 26.64
CA VAL B 567 -70.81 -1.45 27.98
C VAL B 567 -71.86 -0.63 28.72
N LEU B 568 -71.80 0.70 28.56
CA LEU B 568 -72.81 1.57 29.15
C LEU B 568 -74.19 1.34 28.53
N LEU B 569 -74.22 1.03 27.23
CA LEU B 569 -75.50 0.69 26.60
C LEU B 569 -75.82 -0.79 26.77
N ALA B 570 -74.93 -1.56 27.40
CA ALA B 570 -75.29 -2.90 27.82
C ALA B 570 -75.60 -2.95 29.32
N CYS B 571 -75.19 -1.93 30.07
CA CYS B 571 -75.54 -1.87 31.49
C CYS B 571 -76.96 -1.32 31.66
N LEU B 572 -77.51 -0.74 30.60
CA LEU B 572 -78.94 -0.44 30.57
C LEU B 572 -79.69 -1.49 29.76
N GLY B 573 -78.96 -2.30 29.00
CA GLY B 573 -79.62 -3.30 28.18
C GLY B 573 -80.02 -4.54 28.95
N VAL B 574 -79.02 -5.23 29.52
CA VAL B 574 -79.27 -6.47 30.27
C VAL B 574 -80.00 -6.19 31.57
N SER B 575 -79.86 -4.97 32.09
CA SER B 575 -80.61 -4.53 33.25
C SER B 575 -82.11 -4.50 32.98
N CYS B 576 -82.52 -3.88 31.86
CA CYS B 576 -83.95 -3.69 31.62
C CYS B 576 -84.60 -4.98 31.13
N VAL B 577 -83.83 -5.88 30.52
CA VAL B 577 -84.39 -7.17 30.14
C VAL B 577 -84.61 -8.03 31.38
N LEU B 578 -83.74 -7.90 32.39
CA LEU B 578 -83.91 -8.66 33.63
C LEU B 578 -85.14 -8.20 34.41
N PHE B 579 -85.58 -6.96 34.17
CA PHE B 579 -86.88 -6.53 34.68
C PHE B 579 -88.02 -7.24 33.95
N VAL B 580 -87.85 -7.46 32.64
CA VAL B 580 -88.90 -8.08 31.84
C VAL B 580 -88.99 -9.58 32.13
N ILE B 581 -87.84 -10.23 32.32
CA ILE B 581 -87.82 -11.67 32.56
C ILE B 581 -88.40 -12.00 33.93
N ALA B 582 -88.11 -11.17 34.93
CA ALA B 582 -88.52 -11.43 36.30
C ALA B 582 -90.03 -11.32 36.50
N ARG B 583 -90.64 -10.26 35.96
CA ARG B 583 -92.08 -10.06 36.11
C ARG B 583 -92.89 -11.06 35.29
N PHE B 584 -92.29 -11.65 34.26
CA PHE B 584 -92.93 -12.65 33.42
C PHE B 584 -92.72 -14.07 33.96
N SER B 585 -91.76 -14.26 34.85
CA SER B 585 -91.45 -15.54 35.46
C SER B 585 -92.22 -15.72 36.76
N PRO B 586 -92.65 -16.94 37.08
CA PRO B 586 -93.47 -17.15 38.27
C PRO B 586 -92.68 -17.27 39.57
N TYR B 587 -91.44 -17.74 39.50
CA TYR B 587 -90.70 -18.07 40.71
C TYR B 587 -90.20 -16.82 41.43
N GLU B 588 -90.08 -15.71 40.70
CA GLU B 588 -89.66 -14.46 41.33
C GLU B 588 -90.81 -13.81 42.07
N TRP B 589 -92.04 -14.27 41.80
CA TRP B 589 -93.18 -13.93 42.64
C TRP B 589 -93.19 -14.78 43.91
N TYR B 590 -92.28 -14.48 44.83
CA TYR B 590 -92.28 -15.11 46.13
C TYR B 590 -92.55 -14.04 47.20
N ASN B 591 -92.56 -14.46 48.46
CA ASN B 591 -92.91 -13.56 49.54
C ASN B 591 -91.69 -12.88 50.13
N PRO B 592 -91.69 -11.55 50.29
CA PRO B 592 -90.64 -10.90 51.09
C PRO B 592 -90.86 -11.04 52.59
N HIS B 593 -91.98 -11.63 53.01
CA HIS B 593 -92.28 -11.88 54.41
C HIS B 593 -92.48 -13.38 54.62
N PRO B 594 -91.41 -14.17 54.78
CA PRO B 594 -91.59 -15.62 54.89
C PRO B 594 -91.85 -16.12 56.30
N CYS B 595 -92.19 -15.24 57.24
CA CYS B 595 -92.49 -15.67 58.60
C CYS B 595 -93.81 -16.43 58.64
N ASN B 596 -94.82 -15.88 57.96
CA ASN B 596 -96.07 -16.57 57.72
C ASN B 596 -95.93 -17.40 56.46
N PRO B 597 -96.85 -18.32 56.14
CA PRO B 597 -96.88 -18.88 54.78
C PRO B 597 -97.09 -17.81 53.73
N ASP B 598 -98.19 -17.06 53.84
CA ASP B 598 -98.41 -15.84 53.08
C ASP B 598 -99.48 -14.95 53.73
N SER B 599 -99.28 -13.64 53.64
CA SER B 599 -100.33 -12.67 53.96
C SER B 599 -100.87 -12.02 52.69
N ASP B 600 -100.84 -12.77 51.59
CA ASP B 600 -101.00 -12.29 50.21
C ASP B 600 -100.07 -11.13 49.91
N VAL B 601 -98.83 -11.18 50.41
CA VAL B 601 -97.88 -10.08 50.33
C VAL B 601 -96.83 -10.49 49.31
N VAL B 602 -97.14 -11.54 48.54
CA VAL B 602 -96.28 -12.09 47.50
C VAL B 602 -95.96 -11.03 46.46
N GLU B 603 -94.68 -10.68 46.34
CA GLU B 603 -94.25 -9.52 45.59
C GLU B 603 -92.87 -9.76 45.00
N ASN B 604 -92.73 -9.49 43.70
CA ASN B 604 -91.44 -9.55 43.02
C ASN B 604 -90.60 -8.34 43.43
N ASN B 605 -89.36 -8.61 43.85
CA ASN B 605 -88.48 -7.60 44.39
C ASN B 605 -87.95 -6.65 43.33
N PHE B 606 -87.88 -7.13 42.09
CA PHE B 606 -87.20 -6.40 41.04
C PHE B 606 -88.00 -5.22 40.53
N THR B 607 -87.82 -4.05 41.13
CA THR B 607 -88.33 -2.82 40.58
C THR B 607 -87.29 -2.29 39.59
N LEU B 608 -87.65 -1.25 38.84
CA LEU B 608 -86.74 -0.71 37.84
C LEU B 608 -85.55 -0.01 38.49
N LEU B 609 -85.71 0.47 39.72
CA LEU B 609 -84.56 0.97 40.47
C LEU B 609 -83.65 -0.17 40.89
N ASN B 610 -84.24 -1.29 41.32
CA ASN B 610 -83.43 -2.46 41.64
C ASN B 610 -82.94 -3.17 40.39
N SER B 611 -83.56 -2.90 39.24
CA SER B 611 -83.11 -3.50 37.99
C SER B 611 -81.77 -2.91 37.56
N PHE B 612 -81.60 -1.59 37.72
CA PHE B 612 -80.30 -0.97 37.50
C PHE B 612 -79.30 -1.40 38.56
N TRP B 613 -79.77 -1.79 39.74
CA TRP B 613 -78.89 -2.00 40.88
C TRP B 613 -78.15 -3.32 40.77
N PHE B 614 -78.77 -4.33 40.14
CA PHE B 614 -78.04 -5.55 39.85
C PHE B 614 -77.22 -5.38 38.58
N GLY B 615 -77.57 -4.40 37.76
CA GLY B 615 -76.76 -4.08 36.61
C GLY B 615 -75.44 -3.44 36.98
N VAL B 616 -75.49 -2.32 37.70
CA VAL B 616 -74.28 -1.62 38.11
C VAL B 616 -73.55 -2.36 39.22
N GLY B 617 -74.30 -3.02 40.11
CA GLY B 617 -73.69 -3.68 41.24
C GLY B 617 -72.89 -4.91 40.86
N ALA B 618 -73.21 -5.51 39.71
CA ALA B 618 -72.46 -6.68 39.29
C ALA B 618 -71.32 -6.30 38.36
N LEU B 619 -71.46 -5.19 37.63
CA LEU B 619 -70.41 -4.72 36.75
C LEU B 619 -69.21 -4.18 37.49
N MET B 620 -69.37 -3.73 38.74
CA MET B 620 -68.26 -3.14 39.47
C MET B 620 -67.77 -4.01 40.62
N GLN B 621 -67.97 -5.33 40.55
CA GLN B 621 -67.36 -6.35 41.40
C GLN B 621 -67.75 -6.31 42.87
N GLN B 622 -68.62 -5.38 43.27
CA GLN B 622 -68.95 -5.23 44.68
C GLN B 622 -70.11 -6.13 45.04
N GLY B 623 -70.89 -6.52 44.04
CA GLY B 623 -72.05 -7.35 44.27
C GLY B 623 -73.31 -6.54 44.44
N SER B 624 -74.36 -7.16 44.92
CA SER B 624 -75.64 -6.47 45.12
C SER B 624 -76.34 -7.11 46.31
N GLU B 625 -77.62 -6.84 46.43
CA GLU B 625 -78.42 -7.43 47.50
C GLU B 625 -79.44 -8.42 46.97
N LEU B 626 -79.71 -8.44 45.66
CA LEU B 626 -80.86 -9.18 45.15
C LEU B 626 -80.57 -10.66 45.03
N MET B 627 -79.59 -11.03 44.17
CA MET B 627 -79.12 -12.40 43.94
C MET B 627 -80.25 -13.34 43.57
N PRO B 628 -80.74 -13.30 42.32
CA PRO B 628 -82.05 -13.87 41.95
C PRO B 628 -82.24 -15.37 42.20
N LYS B 629 -83.49 -15.83 42.15
CA LYS B 629 -83.80 -17.21 42.51
C LYS B 629 -84.26 -18.05 41.32
N ALA B 630 -85.09 -17.47 40.46
CA ALA B 630 -85.64 -18.20 39.31
C ALA B 630 -84.56 -18.49 38.28
N LEU B 631 -84.67 -19.67 37.65
CA LEU B 631 -83.67 -20.11 36.67
C LEU B 631 -83.64 -19.21 35.43
N SER B 632 -84.77 -18.58 35.11
CA SER B 632 -84.77 -17.60 34.03
C SER B 632 -84.07 -16.32 34.45
N THR B 633 -83.93 -16.10 35.75
CA THR B 633 -83.15 -14.96 36.23
C THR B 633 -81.81 -15.39 36.80
N ARG B 634 -81.44 -16.68 36.63
CA ARG B 634 -80.06 -17.07 36.87
C ARG B 634 -79.23 -16.93 35.61
N ILE B 635 -79.85 -17.17 34.45
CA ILE B 635 -79.14 -17.10 33.17
C ILE B 635 -78.78 -15.65 32.85
N VAL B 636 -79.59 -14.70 33.32
CA VAL B 636 -79.17 -13.31 33.29
C VAL B 636 -78.02 -13.10 34.27
N GLY B 637 -78.13 -13.69 35.46
CA GLY B 637 -77.08 -13.56 36.45
C GLY B 637 -75.87 -14.43 36.19
N GLY B 638 -75.95 -15.31 35.19
CA GLY B 638 -74.80 -16.16 34.88
C GLY B 638 -74.00 -15.64 33.70
N ILE B 639 -74.59 -14.73 32.93
CA ILE B 639 -73.90 -14.19 31.77
C ILE B 639 -73.44 -12.77 32.04
N TRP B 640 -74.22 -12.00 32.80
CA TRP B 640 -73.82 -10.64 33.14
C TRP B 640 -72.65 -10.63 34.10
N TRP B 641 -72.47 -11.69 34.88
CA TRP B 641 -71.26 -11.84 35.66
C TRP B 641 -70.07 -12.17 34.77
N PHE B 642 -70.26 -13.06 33.79
CA PHE B 642 -69.16 -13.38 32.88
C PHE B 642 -68.91 -12.25 31.90
N PHE B 643 -69.89 -11.36 31.72
CA PHE B 643 -69.60 -10.14 30.98
C PHE B 643 -68.72 -9.20 31.80
N THR B 644 -68.72 -9.36 33.12
CA THR B 644 -67.93 -8.46 33.95
C THR B 644 -66.47 -8.93 34.03
N LEU B 645 -66.24 -10.24 34.13
CA LEU B 645 -64.87 -10.72 34.35
C LEU B 645 -64.01 -10.71 33.10
N ILE B 646 -64.49 -10.11 32.01
CA ILE B 646 -63.59 -9.89 30.88
C ILE B 646 -63.34 -8.39 30.71
N ILE B 647 -64.37 -7.58 30.94
CA ILE B 647 -64.23 -6.14 30.82
C ILE B 647 -63.37 -5.60 31.96
N ILE B 648 -63.54 -6.14 33.16
CA ILE B 648 -62.72 -5.68 34.27
C ILE B 648 -61.37 -6.39 34.26
N SER B 649 -61.29 -7.55 33.61
CA SER B 649 -59.99 -8.20 33.47
C SER B 649 -59.35 -7.97 32.12
N SER B 650 -59.88 -7.04 31.32
CA SER B 650 -59.07 -6.47 30.25
C SER B 650 -58.63 -5.06 30.61
N TYR B 651 -59.35 -4.43 31.54
CA TYR B 651 -58.94 -3.12 32.03
C TYR B 651 -57.66 -3.22 32.84
N THR B 652 -57.55 -4.24 33.68
CA THR B 652 -56.32 -4.45 34.44
C THR B 652 -55.24 -5.06 33.54
N ALA B 653 -55.65 -5.62 32.41
CA ALA B 653 -54.68 -6.14 31.46
C ALA B 653 -54.04 -5.04 30.64
N ASN B 654 -54.85 -4.13 30.08
CA ASN B 654 -54.29 -3.06 29.26
C ASN B 654 -53.56 -2.02 30.09
N LEU B 655 -54.07 -1.71 31.27
CA LEU B 655 -53.45 -0.65 32.07
C LEU B 655 -52.18 -1.17 32.74
N ALA B 656 -52.00 -2.49 32.79
CA ALA B 656 -50.68 -3.04 33.07
C ALA B 656 -49.79 -2.94 31.85
N ALA B 657 -50.39 -2.99 30.66
CA ALA B 657 -49.60 -2.98 29.44
C ALA B 657 -49.43 -1.58 28.86
N PHE B 658 -50.01 -0.56 29.50
CA PHE B 658 -49.71 0.81 29.08
C PHE B 658 -48.76 1.53 30.02
N LEU B 659 -48.55 1.02 31.22
CA LEU B 659 -47.61 1.64 32.12
C LEU B 659 -46.20 1.10 31.95
N THR B 660 -46.01 -0.19 31.71
CA THR B 660 -44.67 -0.74 31.56
C THR B 660 -44.08 -0.53 30.17
N VAL B 661 -44.90 -0.40 29.13
CA VAL B 661 -44.39 -0.19 27.77
C VAL B 661 -45.14 0.98 27.16
N GLU B 662 -44.48 2.14 27.13
CA GLU B 662 -45.10 3.34 26.57
C GLU B 662 -44.35 3.77 25.32
N ARG B 663 -45.11 4.26 24.33
CA ARG B 663 -44.54 4.80 23.10
C ARG B 663 -45.12 6.19 22.87
N MET B 664 -44.27 7.20 23.02
CA MET B 664 -44.68 8.59 22.90
C MET B 664 -45.04 8.93 21.46
N GLU B 665 -46.32 9.07 21.18
CA GLU B 665 -46.80 9.41 19.84
C GLU B 665 -46.66 10.91 19.61
N SER B 666 -46.08 11.27 18.49
CA SER B 666 -45.99 12.67 18.12
C SER B 666 -47.26 13.10 17.41
N PRO B 667 -47.72 14.33 17.65
CA PRO B 667 -48.95 14.80 16.96
C PRO B 667 -48.69 15.11 15.49
N ILE B 668 -47.43 15.32 15.13
CA ILE B 668 -47.04 15.69 13.79
C ILE B 668 -46.01 14.70 13.26
N ASP B 669 -46.03 14.45 11.95
CA ASP B 669 -45.17 13.42 11.38
C ASP B 669 -44.51 13.92 10.10
N SER B 670 -44.95 15.06 9.58
CA SER B 670 -44.41 15.55 8.32
C SER B 670 -44.47 17.06 8.25
N ALA B 671 -44.29 17.62 7.05
CA ALA B 671 -44.56 19.04 6.85
C ALA B 671 -46.02 19.25 6.45
N ASP B 672 -46.73 18.17 6.13
CA ASP B 672 -48.12 18.31 5.72
C ASP B 672 -49.07 18.13 6.91
N ASP B 673 -48.81 17.13 7.76
CA ASP B 673 -49.60 16.97 8.98
C ASP B 673 -49.33 18.08 9.99
N LEU B 674 -48.14 18.67 9.95
CA LEU B 674 -47.83 19.86 10.73
C LEU B 674 -48.56 21.09 10.23
N ALA B 675 -48.94 21.13 8.95
CA ALA B 675 -49.48 22.33 8.33
C ALA B 675 -50.89 22.66 8.80
N LYS B 676 -51.65 21.68 9.26
CA LYS B 676 -53.06 21.90 9.56
C LYS B 676 -53.27 22.56 10.92
N GLN B 677 -52.29 22.42 11.82
CA GLN B 677 -52.44 22.89 13.20
C GLN B 677 -51.62 24.17 13.36
N THR B 678 -52.32 25.28 13.60
CA THR B 678 -51.69 26.59 13.73
C THR B 678 -51.35 26.92 15.18
N LYS B 679 -51.53 25.96 16.08
CA LYS B 679 -51.19 26.15 17.48
C LYS B 679 -49.76 25.77 17.82
N ILE B 680 -48.94 25.48 16.80
CA ILE B 680 -47.59 24.96 17.03
C ILE B 680 -46.52 26.03 16.82
N GLU B 681 -46.85 27.13 16.12
CA GLU B 681 -46.01 28.33 15.97
C GLU B 681 -44.68 27.98 15.31
N TYR B 682 -44.72 27.71 14.00
CA TYR B 682 -43.65 27.07 13.23
C TYR B 682 -42.30 27.75 13.33
N GLY B 683 -42.16 28.92 12.70
CA GLY B 683 -40.92 29.65 12.74
C GLY B 683 -39.92 29.15 11.73
N ALA B 684 -38.89 29.97 11.50
CA ALA B 684 -37.78 29.65 10.62
C ALA B 684 -36.57 30.50 10.97
N VAL B 685 -35.42 30.22 10.37
CA VAL B 685 -34.24 31.04 10.63
C VAL B 685 -34.20 32.19 9.62
N GLU B 686 -34.42 33.40 10.14
CA GLU B 686 -34.59 34.59 9.32
C GLU B 686 -33.28 35.00 8.66
N ASP B 687 -33.35 35.25 7.35
CA ASP B 687 -32.25 35.73 6.49
C ASP B 687 -31.08 34.75 6.51
N GLY B 688 -31.33 33.50 6.16
CA GLY B 688 -30.28 32.51 6.01
C GLY B 688 -30.34 31.95 4.62
N ALA B 689 -30.55 30.63 4.53
CA ALA B 689 -30.79 30.01 3.23
C ALA B 689 -32.19 29.42 3.17
N THR B 690 -32.88 29.35 4.32
CA THR B 690 -34.19 28.72 4.36
C THR B 690 -35.28 29.68 3.92
N MET B 691 -35.17 30.95 4.31
CA MET B 691 -36.19 31.94 3.98
C MET B 691 -36.21 32.23 2.48
N THR B 692 -35.10 32.00 1.79
CA THR B 692 -35.07 32.18 0.34
C THR B 692 -35.77 31.03 -0.38
N PHE B 693 -36.07 29.95 0.34
CA PHE B 693 -36.79 28.84 -0.27
C PHE B 693 -38.30 29.06 -0.19
N PHE B 694 -38.78 29.58 0.94
CA PHE B 694 -40.22 29.74 1.14
C PHE B 694 -40.74 31.03 0.52
N LYS B 695 -39.84 32.00 0.30
CA LYS B 695 -40.22 33.24 -0.36
C LYS B 695 -40.51 33.01 -1.82
N LYS B 696 -39.71 32.16 -2.46
CA LYS B 696 -39.90 31.83 -3.87
C LYS B 696 -40.81 30.62 -4.03
N SER B 697 -41.33 30.10 -2.93
CA SER B 697 -42.17 28.91 -3.00
C SER B 697 -43.57 29.24 -3.51
N LYS B 698 -43.87 28.81 -4.74
CA LYS B 698 -45.21 28.95 -5.29
C LYS B 698 -45.74 27.57 -5.64
N ILE B 699 -45.39 26.57 -4.83
CA ILE B 699 -45.57 25.18 -5.22
C ILE B 699 -46.87 24.62 -4.64
N SER B 700 -47.02 24.67 -3.32
CA SER B 700 -47.91 23.78 -2.62
C SER B 700 -48.30 24.33 -1.26
N THR B 701 -48.58 23.38 -0.34
CA THR B 701 -48.67 23.60 1.10
C THR B 701 -47.69 24.66 1.63
N TYR B 702 -46.43 24.62 1.17
CA TYR B 702 -45.39 25.52 1.68
C TYR B 702 -45.68 26.98 1.35
N ASP B 703 -46.52 27.24 0.35
CA ASP B 703 -46.97 28.61 0.10
C ASP B 703 -47.91 29.08 1.20
N LYS B 704 -48.70 28.16 1.77
CA LYS B 704 -49.63 28.53 2.83
C LYS B 704 -48.87 28.77 4.14
N MET B 705 -47.73 28.11 4.32
CA MET B 705 -46.90 28.37 5.49
C MET B 705 -46.19 29.71 5.41
N TRP B 706 -46.07 30.28 4.21
CA TRP B 706 -45.52 31.62 4.07
C TRP B 706 -46.49 32.68 4.57
N ALA B 707 -47.79 32.39 4.49
CA ALA B 707 -48.80 33.31 5.01
C ALA B 707 -48.81 33.31 6.53
N PHE B 708 -48.30 32.23 7.14
CA PHE B 708 -48.14 32.18 8.58
C PHE B 708 -47.05 33.14 9.03
N MET B 709 -45.88 33.08 8.39
CA MET B 709 -44.71 33.78 8.89
C MET B 709 -44.79 35.28 8.60
N SER B 710 -45.49 35.64 7.53
CA SER B 710 -45.61 37.05 7.18
C SER B 710 -46.64 37.76 8.06
N SER B 711 -47.46 36.98 8.78
CA SER B 711 -48.52 37.55 9.61
C SER B 711 -48.03 37.87 11.01
N ARG B 712 -47.02 37.14 11.48
CA ARG B 712 -46.60 37.27 12.88
C ARG B 712 -45.08 37.37 13.00
N ARG B 713 -44.47 38.26 12.22
CA ARG B 713 -43.02 38.51 12.23
C ARG B 713 -42.50 38.97 13.59
N GLN B 714 -41.18 38.85 13.78
CA GLN B 714 -40.40 39.11 15.00
C GLN B 714 -40.72 38.14 16.14
N SER B 715 -41.55 37.13 15.87
CA SER B 715 -41.84 36.06 16.82
C SER B 715 -41.64 34.68 16.23
N VAL B 716 -41.57 34.57 14.90
CA VAL B 716 -41.34 33.31 14.21
C VAL B 716 -40.13 33.48 13.29
N LEU B 717 -39.28 34.43 13.61
CA LEU B 717 -38.14 34.77 12.75
C LEU B 717 -36.86 34.93 13.56
N VAL B 718 -36.52 33.92 14.37
CA VAL B 718 -35.36 33.91 15.26
C VAL B 718 -34.08 34.17 14.48
N LYS B 719 -33.27 35.12 14.95
CA LYS B 719 -32.16 35.69 14.20
C LYS B 719 -31.00 34.73 13.98
N SER B 720 -30.96 33.60 14.68
CA SER B 720 -29.88 32.64 14.49
C SER B 720 -30.34 31.22 14.82
N ASN B 721 -29.47 30.25 14.59
CA ASN B 721 -29.81 28.86 14.92
C ASN B 721 -29.81 28.64 16.42
N GLU B 722 -28.80 29.17 17.12
CA GLU B 722 -28.58 28.82 18.53
C GLU B 722 -29.62 29.46 19.44
N GLU B 723 -30.14 30.63 19.07
CA GLU B 723 -31.15 31.28 19.90
C GLU B 723 -32.47 30.53 19.83
N GLY B 724 -32.77 29.92 18.68
CA GLY B 724 -34.03 29.21 18.55
C GLY B 724 -34.01 27.85 19.23
N ILE B 725 -32.83 27.23 19.32
CA ILE B 725 -32.70 25.98 20.03
C ILE B 725 -32.93 26.19 21.52
N GLN B 726 -32.53 27.35 22.03
CA GLN B 726 -32.94 27.76 23.37
C GLN B 726 -34.43 28.05 23.42
N ARG B 727 -34.99 28.55 22.30
CA ARG B 727 -36.42 28.88 22.27
C ARG B 727 -37.30 27.65 22.18
N VAL B 728 -36.94 26.68 21.33
CA VAL B 728 -37.72 25.45 21.23
C VAL B 728 -37.58 24.58 22.48
N LEU B 729 -36.49 24.74 23.24
CA LEU B 729 -36.36 24.02 24.49
C LEU B 729 -37.31 24.56 25.56
N THR B 730 -37.66 25.84 25.50
CA THR B 730 -38.63 26.41 26.42
C THR B 730 -40.03 26.41 25.84
N SER B 731 -40.23 27.09 24.71
CA SER B 731 -41.56 27.24 24.14
C SER B 731 -41.95 26.03 23.31
N ASP B 732 -43.08 26.12 22.61
CA ASP B 732 -43.53 25.09 21.67
C ASP B 732 -43.25 25.61 20.25
N TYR B 733 -42.28 24.99 19.59
CA TYR B 733 -41.70 25.53 18.37
C TYR B 733 -41.31 24.37 17.45
N ALA B 734 -41.21 24.64 16.14
CA ALA B 734 -40.89 23.55 15.19
C ALA B 734 -40.12 24.15 14.01
N PHE B 735 -38.80 23.91 14.00
CA PHE B 735 -37.89 24.56 13.06
C PHE B 735 -38.18 24.25 11.60
N LEU B 736 -37.61 25.07 10.75
CA LEU B 736 -37.37 24.77 9.34
C LEU B 736 -35.92 25.20 9.11
N MET B 737 -34.99 24.25 9.24
CA MET B 737 -33.57 24.55 9.09
C MET B 737 -32.87 23.35 8.46
N GLU B 738 -31.55 23.46 8.37
CA GLU B 738 -30.74 22.55 7.57
C GLU B 738 -30.71 21.15 8.18
N SER B 739 -30.83 20.12 7.33
CA SER B 739 -30.90 18.75 7.85
C SER B 739 -29.52 18.16 8.09
N THR B 740 -28.48 18.98 8.03
CA THR B 740 -27.18 18.55 8.51
C THR B 740 -26.97 19.00 9.95
N THR B 741 -27.50 20.17 10.31
CA THR B 741 -27.39 20.65 11.68
C THR B 741 -28.42 19.96 12.57
N ILE B 742 -29.57 19.58 12.01
CA ILE B 742 -30.58 18.84 12.77
C ILE B 742 -30.05 17.45 13.13
N GLU B 743 -29.25 16.85 12.25
CA GLU B 743 -28.58 15.60 12.57
C GLU B 743 -27.48 15.82 13.61
N PHE B 744 -27.06 17.06 13.81
CA PHE B 744 -26.01 17.35 14.79
C PHE B 744 -26.59 17.71 16.15
N VAL B 745 -27.72 18.41 16.15
CA VAL B 745 -28.33 18.83 17.42
C VAL B 745 -28.99 17.65 18.12
N THR B 746 -29.62 16.76 17.36
CA THR B 746 -30.42 15.69 17.95
C THR B 746 -29.57 14.57 18.58
N GLN B 747 -28.25 14.63 18.44
CA GLN B 747 -27.38 13.61 19.01
C GLN B 747 -26.80 14.01 20.36
N ARG B 748 -26.85 15.29 20.72
CA ARG B 748 -26.29 15.77 21.98
C ARG B 748 -27.32 16.45 22.85
N ASN B 749 -28.51 16.69 22.34
CA ASN B 749 -29.52 17.48 23.02
C ASN B 749 -30.85 16.74 22.96
N CYS B 750 -30.85 15.48 23.44
CA CYS B 750 -31.88 14.51 23.09
C CYS B 750 -33.24 14.82 23.69
N ASN B 751 -33.82 15.93 23.21
CA ASN B 751 -35.20 16.27 23.53
C ASN B 751 -35.87 16.81 22.27
N LEU B 752 -35.18 16.69 21.13
CA LEU B 752 -35.42 17.48 19.94
C LEU B 752 -35.17 16.60 18.73
N THR B 753 -36.22 15.92 18.27
CA THR B 753 -36.04 14.91 17.23
C THR B 753 -36.42 15.50 15.89
N GLN B 754 -36.03 14.80 14.83
CA GLN B 754 -36.32 15.21 13.46
C GLN B 754 -37.60 14.52 12.98
N ILE B 755 -38.69 15.29 12.97
CA ILE B 755 -39.92 14.77 12.41
C ILE B 755 -40.00 15.23 10.96
N GLY B 756 -40.57 14.40 10.10
CA GLY B 756 -40.64 14.69 8.69
C GLY B 756 -39.41 14.18 7.99
N GLY B 757 -39.11 14.76 6.85
CA GLY B 757 -37.97 14.33 6.07
C GLY B 757 -37.49 15.42 5.14
N LEU B 758 -37.03 15.01 3.98
CA LEU B 758 -36.44 15.93 3.02
C LEU B 758 -37.51 16.74 2.31
N ILE B 759 -37.26 18.04 2.17
CA ILE B 759 -38.15 18.91 1.41
C ILE B 759 -37.34 19.51 0.26
N ASP B 760 -36.04 19.70 0.49
CA ASP B 760 -35.16 20.31 -0.50
C ASP B 760 -33.85 19.53 -0.49
N SER B 761 -33.15 19.53 -1.62
CA SER B 761 -31.85 18.89 -1.74
C SER B 761 -30.91 19.82 -2.52
N LYS B 762 -30.24 20.72 -1.79
CA LYS B 762 -29.22 21.55 -2.41
C LYS B 762 -27.95 20.73 -2.60
N GLY B 763 -27.40 20.25 -1.49
CA GLY B 763 -26.16 19.51 -1.51
C GLY B 763 -24.96 20.41 -1.44
N TYR B 764 -24.00 20.10 -0.57
CA TYR B 764 -22.81 20.91 -0.42
C TYR B 764 -21.79 20.57 -1.50
N GLY B 765 -20.56 21.05 -1.35
CA GLY B 765 -19.56 20.79 -2.37
C GLY B 765 -18.31 21.61 -2.25
N VAL B 766 -17.18 21.02 -2.65
CA VAL B 766 -15.89 21.70 -2.64
C VAL B 766 -15.89 22.81 -3.66
N GLY B 767 -15.52 24.03 -3.24
CA GLY B 767 -15.46 25.16 -4.13
C GLY B 767 -14.24 25.08 -5.04
N THR B 768 -14.31 25.84 -6.13
CA THR B 768 -13.30 25.86 -7.17
C THR B 768 -13.42 27.18 -7.93
N PRO B 769 -12.31 27.86 -8.20
CA PRO B 769 -12.35 29.09 -9.00
C PRO B 769 -12.81 28.85 -10.43
N MET B 770 -13.18 29.94 -11.10
CA MET B 770 -13.81 29.88 -12.40
C MET B 770 -12.82 29.43 -13.47
N GLY B 771 -12.87 28.14 -13.80
CA GLY B 771 -11.98 27.56 -14.78
C GLY B 771 -10.77 26.92 -14.12
N SER B 772 -10.76 25.59 -14.01
CA SER B 772 -9.66 24.88 -13.38
C SER B 772 -9.66 23.42 -13.81
N PRO B 773 -8.49 22.79 -13.93
CA PRO B 773 -8.44 21.35 -14.19
C PRO B 773 -8.52 20.53 -12.92
N TYR B 774 -8.75 21.20 -11.79
CA TYR B 774 -8.90 20.50 -10.52
C TYR B 774 -10.20 19.72 -10.47
N ARG B 775 -11.30 20.32 -10.95
CA ARG B 775 -12.64 19.81 -10.67
C ARG B 775 -12.91 18.49 -11.39
N ASP B 776 -12.11 18.16 -12.41
CA ASP B 776 -12.23 16.85 -13.03
C ASP B 776 -11.50 15.80 -12.21
N LYS B 777 -10.60 16.24 -11.34
CA LYS B 777 -9.89 15.30 -10.49
C LYS B 777 -10.36 15.38 -9.04
N ILE B 778 -11.12 16.42 -8.69
CA ILE B 778 -11.78 16.45 -7.39
C ILE B 778 -12.92 15.45 -7.36
N THR B 779 -13.69 15.39 -8.44
CA THR B 779 -14.87 14.53 -8.49
C THR B 779 -14.47 13.06 -8.64
N ILE B 780 -13.25 12.79 -9.10
CA ILE B 780 -12.78 11.41 -9.14
C ILE B 780 -12.24 11.01 -7.79
N ALA B 781 -12.11 11.99 -6.88
CA ALA B 781 -11.69 11.69 -5.51
C ALA B 781 -12.88 11.64 -4.57
N ILE B 782 -13.90 12.46 -4.82
CA ILE B 782 -15.09 12.44 -3.96
C ILE B 782 -15.91 11.19 -4.24
N LEU B 783 -16.09 10.86 -5.52
CA LEU B 783 -16.84 9.66 -5.89
C LEU B 783 -16.07 8.39 -5.54
N GLN B 784 -14.76 8.51 -5.38
CA GLN B 784 -13.98 7.39 -4.86
C GLN B 784 -14.26 7.19 -3.37
N LEU B 785 -14.51 8.27 -2.64
CA LEU B 785 -14.75 8.16 -1.21
C LEU B 785 -16.20 7.76 -0.90
N GLN B 786 -17.12 7.95 -1.85
CA GLN B 786 -18.49 7.50 -1.63
C GLN B 786 -18.58 5.99 -1.69
N GLU B 787 -17.77 5.36 -2.55
CA GLU B 787 -17.95 3.93 -2.81
C GLU B 787 -17.26 3.06 -1.78
N GLU B 788 -16.11 3.49 -1.26
CA GLU B 788 -15.48 2.73 -0.18
C GLU B 788 -16.12 2.98 1.17
N GLY B 789 -17.04 3.93 1.26
CA GLY B 789 -17.70 4.26 2.51
C GLY B 789 -16.88 5.16 3.41
N LYS B 790 -15.75 5.66 2.95
CA LYS B 790 -14.94 6.56 3.77
C LYS B 790 -15.66 7.89 4.00
N LEU B 791 -16.46 8.32 3.02
CA LEU B 791 -17.23 9.54 3.19
C LEU B 791 -18.39 9.32 4.17
N HIS B 792 -18.77 8.06 4.36
CA HIS B 792 -19.84 7.73 5.30
C HIS B 792 -19.28 7.44 6.69
N MET B 793 -18.10 6.82 6.76
CA MET B 793 -17.50 6.50 8.05
C MET B 793 -16.98 7.74 8.74
N MET B 794 -16.58 8.76 7.96
CA MET B 794 -16.24 10.04 8.55
C MET B 794 -17.51 10.79 8.96
N LYS B 795 -18.61 10.55 8.25
CA LYS B 795 -19.88 11.15 8.64
C LYS B 795 -20.43 10.50 9.90
N GLU B 796 -20.17 9.19 10.07
CA GLU B 796 -20.56 8.53 11.30
C GLU B 796 -19.66 8.94 12.46
N LYS B 797 -18.44 9.39 12.16
CA LYS B 797 -17.48 9.66 13.23
C LYS B 797 -17.77 11.00 13.92
N TRP B 798 -18.04 12.05 13.14
CA TRP B 798 -18.20 13.39 13.73
C TRP B 798 -19.58 13.64 14.31
N TRP B 799 -20.65 13.21 13.64
CA TRP B 799 -22.01 13.45 14.11
C TRP B 799 -22.50 12.43 15.14
N ARG B 800 -21.65 11.48 15.55
CA ARG B 800 -22.01 10.51 16.57
C ARG B 800 -22.26 11.17 17.92
N GLY B 801 -21.22 11.72 18.52
CA GLY B 801 -21.31 12.31 19.84
C GLY B 801 -21.58 11.29 20.93
N ASN B 802 -22.47 11.68 21.84
CA ASN B 802 -22.81 10.85 22.98
C ASN B 802 -23.71 9.69 22.56
N GLY B 803 -24.84 10.00 21.95
CA GLY B 803 -25.85 9.01 21.61
C GLY B 803 -26.80 8.78 22.77
N CYS B 804 -28.06 8.55 22.43
CA CYS B 804 -29.08 8.40 23.46
C CYS B 804 -29.90 7.13 23.28
N PRO B 805 -29.44 6.00 23.82
CA PRO B 805 -30.33 4.83 23.94
C PRO B 805 -31.34 5.05 25.06
N GLU B 806 -32.42 5.78 24.75
CA GLU B 806 -33.29 6.31 25.79
C GLU B 806 -34.29 5.29 26.31
N GLU B 807 -34.32 4.09 25.74
CA GLU B 807 -35.26 3.09 26.20
C GLU B 807 -34.82 2.47 27.54
N GLU B 808 -35.48 2.89 28.61
CA GLU B 808 -35.25 2.36 29.95
C GLU B 808 -36.59 2.09 30.62
N SER B 809 -37.61 2.85 30.19
CA SER B 809 -38.99 2.97 30.64
C SER B 809 -39.14 3.72 31.96
N LYS B 810 -38.03 4.04 32.64
CA LYS B 810 -37.96 4.98 33.77
C LYS B 810 -38.86 4.57 34.94
N GLU B 811 -38.52 3.45 35.59
CA GLU B 811 -39.13 2.87 36.80
C GLU B 811 -40.65 2.90 36.74
N ALA B 812 -41.21 2.12 35.81
CA ALA B 812 -42.12 2.61 34.77
C ALA B 812 -42.91 3.86 35.11
N SER B 813 -43.66 3.87 36.21
CA SER B 813 -44.36 5.08 36.63
C SER B 813 -44.74 4.92 38.10
N ALA B 814 -44.29 5.88 38.91
CA ALA B 814 -44.90 6.10 40.21
C ALA B 814 -46.14 6.93 39.95
N LEU B 815 -47.31 6.29 39.97
CA LEU B 815 -48.53 6.86 39.40
C LEU B 815 -49.09 7.96 40.30
N GLY B 816 -49.14 9.19 39.79
CA GLY B 816 -49.59 10.31 40.59
C GLY B 816 -50.93 10.87 40.14
N VAL B 817 -51.16 12.16 40.42
CA VAL B 817 -52.41 12.81 40.04
C VAL B 817 -52.33 13.12 38.55
N GLN B 818 -51.11 13.30 38.05
CA GLN B 818 -50.83 13.64 36.65
C GLN B 818 -51.34 12.62 35.65
N ASN B 819 -51.48 11.35 36.03
CA ASN B 819 -52.07 10.36 35.14
C ASN B 819 -53.55 10.18 35.43
N ILE B 820 -53.87 9.77 36.66
CA ILE B 820 -55.27 9.64 37.05
C ILE B 820 -55.61 10.75 38.04
N GLY B 821 -56.53 11.62 37.64
CA GLY B 821 -57.04 12.63 38.54
C GLY B 821 -58.50 12.86 38.24
N GLY B 822 -58.99 12.15 37.23
CA GLY B 822 -60.36 12.29 36.80
C GLY B 822 -61.30 11.52 37.70
N ILE B 823 -60.74 10.56 38.43
CA ILE B 823 -61.55 9.85 39.41
C ILE B 823 -61.59 10.61 40.73
N PHE B 824 -60.90 11.74 40.82
CA PHE B 824 -61.23 12.71 41.86
C PHE B 824 -62.09 13.82 41.28
N ILE B 825 -62.34 13.77 39.96
CA ILE B 825 -63.26 14.71 39.33
C ILE B 825 -64.62 14.05 39.14
N VAL B 826 -64.64 12.79 38.70
CA VAL B 826 -65.90 12.08 38.55
C VAL B 826 -66.47 11.70 39.92
N LEU B 827 -65.62 11.68 40.95
CA LEU B 827 -66.12 11.56 42.31
C LEU B 827 -66.71 12.88 42.77
N ALA B 828 -66.05 13.98 42.42
CA ALA B 828 -66.56 15.30 42.80
C ALA B 828 -67.79 15.67 42.00
N ALA B 829 -67.88 15.19 40.76
CA ALA B 829 -69.07 15.47 39.95
C ALA B 829 -70.10 14.38 40.12
N GLY B 830 -69.88 13.46 41.05
CA GLY B 830 -70.91 12.46 41.35
C GLY B 830 -71.67 12.80 42.62
N LEU B 831 -70.95 13.23 43.65
CA LEU B 831 -71.58 13.48 44.95
C LEU B 831 -72.42 14.75 44.92
N VAL B 832 -72.04 15.72 44.10
CA VAL B 832 -72.84 16.94 43.95
C VAL B 832 -74.13 16.62 43.20
N LEU B 833 -74.09 15.61 42.32
CA LEU B 833 -75.30 15.20 41.60
C LEU B 833 -76.28 14.51 42.53
N SER B 834 -75.80 13.95 43.65
CA SER B 834 -76.69 13.24 44.56
C SER B 834 -77.25 14.14 45.64
N VAL B 835 -76.59 15.28 45.90
CA VAL B 835 -77.11 16.28 46.82
C VAL B 835 -78.32 16.92 46.17
N PHE B 836 -78.24 17.11 44.85
CA PHE B 836 -79.33 17.76 44.11
C PHE B 836 -80.54 16.86 44.02
N VAL B 837 -80.33 15.54 44.02
CA VAL B 837 -81.48 14.63 43.96
C VAL B 837 -81.97 14.31 45.37
N ALA B 838 -81.17 14.66 46.38
CA ALA B 838 -81.62 14.52 47.76
C ALA B 838 -82.68 15.56 48.08
N VAL B 839 -82.41 16.82 47.73
CA VAL B 839 -83.41 17.88 47.84
C VAL B 839 -84.52 17.65 46.82
N GLY B 840 -84.17 17.03 45.68
CA GLY B 840 -85.15 16.83 44.63
C GLY B 840 -86.21 15.81 44.98
N GLU B 841 -85.88 14.85 45.84
CA GLU B 841 -86.91 13.94 46.33
C GLU B 841 -87.43 14.38 47.69
N PHE B 842 -86.72 15.31 48.34
CA PHE B 842 -87.24 15.91 49.57
C PHE B 842 -88.45 16.77 49.29
N LEU B 843 -88.45 17.46 48.14
CA LEU B 843 -89.64 18.17 47.70
C LEU B 843 -90.71 17.21 47.20
N TYR B 844 -90.31 16.02 46.75
CA TYR B 844 -91.29 15.03 46.30
C TYR B 844 -92.10 14.47 47.46
N LYS B 845 -91.48 14.30 48.63
CA LYS B 845 -92.23 13.92 49.82
C LYS B 845 -93.13 15.06 50.28
N SER B 846 -92.66 16.31 50.11
CA SER B 846 -93.51 17.46 50.38
C SER B 846 -94.60 17.59 49.32
N LYS B 847 -94.34 17.09 48.12
CA LYS B 847 -95.37 17.05 47.09
C LYS B 847 -96.43 16.01 47.43
N LYS B 848 -96.02 14.91 48.05
CA LYS B 848 -97.00 13.93 48.53
C LYS B 848 -97.72 14.44 49.77
N ASN B 849 -96.99 15.10 50.68
CA ASN B 849 -97.60 15.62 51.90
C ASN B 849 -98.49 16.82 51.61
N ALA B 850 -98.31 17.45 50.44
CA ALA B 850 -99.26 18.46 49.97
C ALA B 850 -100.61 17.83 49.68
N GLN B 851 -100.61 16.57 49.24
CA GLN B 851 -101.86 15.90 48.91
C GLN B 851 -102.39 15.04 50.05
N LEU B 852 -101.58 14.76 51.07
CA LEU B 852 -102.04 13.85 52.11
C LEU B 852 -102.92 14.50 53.16
N GLU B 853 -102.38 15.41 53.98
CA GLU B 853 -103.23 15.87 55.09
C GLU B 853 -104.10 17.05 54.69
N LYS B 854 -103.55 18.27 54.66
CA LYS B 854 -104.15 19.39 53.93
C LYS B 854 -103.09 20.34 53.39
N ARG B 855 -101.92 20.37 54.03
CA ARG B 855 -101.00 21.50 53.92
C ARG B 855 -99.84 21.19 52.98
N SER B 856 -99.34 22.22 52.29
CA SER B 856 -98.41 22.01 51.19
C SER B 856 -97.02 22.60 51.44
N PHE B 857 -96.95 23.91 51.71
CA PHE B 857 -95.66 24.58 51.69
C PHE B 857 -95.18 24.92 53.09
N CYS B 858 -96.10 25.09 54.04
CA CYS B 858 -95.71 25.33 55.42
C CYS B 858 -95.27 24.04 56.10
N SER B 859 -95.58 22.89 55.49
CA SER B 859 -95.13 21.61 56.03
C SER B 859 -93.62 21.46 55.86
N ALA B 860 -93.12 21.77 54.65
CA ALA B 860 -91.74 21.44 54.30
C ALA B 860 -90.71 22.27 55.07
N MET B 861 -91.15 23.35 55.73
CA MET B 861 -90.24 24.08 56.60
C MET B 861 -90.34 23.61 58.04
N VAL B 862 -91.26 22.68 58.34
CA VAL B 862 -91.35 22.17 59.71
C VAL B 862 -91.14 20.66 59.76
N GLU B 863 -91.34 19.95 58.64
CA GLU B 863 -90.96 18.54 58.61
C GLU B 863 -89.48 18.39 58.29
N GLU B 864 -88.85 19.47 57.80
CA GLU B 864 -87.40 19.54 57.78
C GLU B 864 -86.85 19.74 59.19
N LEU B 865 -87.62 20.43 60.04
CA LEU B 865 -87.25 20.55 61.45
C LEU B 865 -87.49 19.25 62.18
N ARG B 866 -88.37 18.40 61.65
CA ARG B 866 -88.54 17.05 62.18
C ARG B 866 -87.33 16.20 61.83
N MET B 867 -86.87 16.29 60.58
CA MET B 867 -85.80 15.42 60.11
C MET B 867 -84.42 15.89 60.54
N SER B 868 -84.36 17.01 61.25
CA SER B 868 -83.11 17.48 61.83
C SER B 868 -82.91 16.90 63.23
N LEU B 869 -83.84 16.05 63.66
CA LEU B 869 -83.67 15.33 64.91
C LEU B 869 -82.79 14.10 64.72
N LYS B 870 -82.69 13.29 65.78
CA LYS B 870 -82.04 11.99 65.68
C LYS B 870 -83.05 10.95 65.20
N CYS B 871 -82.69 9.67 65.33
CA CYS B 871 -83.57 8.60 64.87
C CYS B 871 -84.77 8.45 65.81
N GLN B 872 -85.95 8.71 65.25
CA GLN B 872 -87.20 8.62 66.01
C GLN B 872 -87.68 7.18 66.10
N THR C 33 24.53 11.92 -96.08
CA THR C 33 23.75 12.93 -95.37
C THR C 33 22.30 12.48 -95.20
N HIS C 34 21.98 11.30 -95.71
CA HIS C 34 20.63 10.78 -95.64
C HIS C 34 20.63 9.35 -95.11
N VAL C 35 21.80 8.82 -94.77
CA VAL C 35 21.93 7.46 -94.28
C VAL C 35 22.39 7.50 -92.81
N LEU C 36 21.65 6.79 -91.95
CA LEU C 36 22.07 6.56 -90.57
C LEU C 36 21.33 5.31 -90.11
N ARG C 37 22.02 4.42 -89.42
CA ARG C 37 21.47 3.12 -89.05
C ARG C 37 21.28 3.06 -87.53
N PHE C 38 20.01 3.09 -87.11
CA PHE C 38 19.68 2.81 -85.72
C PHE C 38 19.82 1.32 -85.44
N GLY C 39 21.03 0.89 -85.09
CA GLY C 39 21.23 -0.51 -84.78
C GLY C 39 20.70 -0.88 -83.41
N GLY C 40 20.34 -2.14 -83.19
CA GLY C 40 19.84 -2.52 -81.89
C GLY C 40 19.86 -4.00 -81.55
N ILE C 41 20.39 -4.33 -80.38
CA ILE C 41 20.37 -5.69 -79.87
C ILE C 41 19.10 -5.89 -79.04
N PHE C 42 18.38 -6.98 -79.25
CA PHE C 42 17.10 -7.14 -78.56
C PHE C 42 16.95 -8.57 -78.07
N GLU C 43 15.82 -8.81 -77.39
CA GLU C 43 15.53 -10.12 -76.81
C GLU C 43 15.14 -11.11 -77.91
N TYR C 44 15.45 -12.38 -77.68
CA TYR C 44 15.17 -13.45 -78.64
C TYR C 44 14.03 -14.33 -78.13
N VAL C 45 12.89 -14.27 -78.80
CA VAL C 45 11.78 -15.17 -78.52
C VAL C 45 12.08 -16.48 -79.24
N GLU C 46 11.84 -17.61 -78.57
CA GLU C 46 12.19 -18.90 -79.15
C GLU C 46 11.21 -19.42 -80.21
N SER C 47 9.91 -19.16 -80.07
CA SER C 47 8.94 -19.64 -81.05
C SER C 47 7.98 -18.55 -81.49
N GLY C 48 7.59 -17.68 -80.56
CA GLY C 48 6.51 -16.74 -80.78
C GLY C 48 6.90 -15.52 -81.59
N PRO C 49 6.04 -14.50 -81.57
CA PRO C 49 6.29 -13.28 -82.36
C PRO C 49 7.33 -12.37 -81.74
N MET C 50 7.49 -11.18 -82.32
CA MET C 50 8.39 -10.16 -81.81
C MET C 50 8.02 -9.73 -80.40
N GLY C 51 9.01 -9.54 -79.54
CA GLY C 51 8.78 -9.25 -78.14
C GLY C 51 8.26 -7.85 -77.84
N ALA C 52 8.21 -7.50 -76.56
CA ALA C 52 7.71 -6.19 -76.17
C ALA C 52 8.69 -5.09 -76.52
N GLU C 53 9.98 -5.34 -76.32
CA GLU C 53 10.98 -4.31 -76.63
C GLU C 53 11.35 -4.35 -78.11
N GLU C 54 11.24 -5.52 -78.74
CA GLU C 54 11.51 -5.63 -80.18
C GLU C 54 10.47 -4.87 -81.00
N LEU C 55 9.19 -5.02 -80.65
CA LEU C 55 8.14 -4.26 -81.33
C LEU C 55 8.19 -2.79 -80.94
N ALA C 56 8.83 -2.45 -79.83
CA ALA C 56 8.89 -1.07 -79.38
C ALA C 56 9.87 -0.25 -80.22
N PHE C 57 10.66 -0.92 -81.05
CA PHE C 57 11.66 -0.21 -81.84
C PHE C 57 11.26 -0.13 -83.31
N ARG C 58 10.47 -1.10 -83.78
CA ARG C 58 10.02 -1.10 -85.17
C ARG C 58 9.02 0.02 -85.42
N PHE C 59 8.07 0.18 -84.49
CA PHE C 59 7.09 1.27 -84.59
C PHE C 59 7.76 2.61 -84.34
N ALA C 60 8.88 2.60 -83.61
CA ALA C 60 9.61 3.83 -83.33
C ALA C 60 10.30 4.37 -84.57
N VAL C 61 10.84 3.48 -85.40
CA VAL C 61 11.60 3.92 -86.56
C VAL C 61 10.67 4.12 -87.75
N ASN C 62 9.49 3.51 -87.72
CA ASN C 62 8.56 3.64 -88.83
C ASN C 62 7.71 4.89 -88.69
N THR C 63 7.46 5.33 -87.46
CA THR C 63 6.70 6.57 -87.25
C THR C 63 7.53 7.79 -87.64
N ILE C 64 8.83 7.74 -87.34
CA ILE C 64 9.71 8.86 -87.73
C ILE C 64 10.03 8.77 -89.23
N ASN C 65 9.77 7.62 -89.84
CA ASN C 65 9.98 7.47 -91.27
C ASN C 65 8.91 8.21 -92.06
N ARG C 66 7.70 8.31 -91.49
CA ARG C 66 6.59 8.96 -92.18
C ARG C 66 6.60 10.47 -92.03
N ASN C 67 6.50 10.96 -90.80
CA ASN C 67 6.52 12.40 -90.53
C ASN C 67 7.83 13.10 -90.88
N ARG C 68 7.76 14.42 -90.99
CA ARG C 68 8.87 15.27 -91.40
C ARG C 68 9.43 16.09 -90.25
N THR C 69 8.58 16.41 -89.27
CA THR C 69 8.84 17.36 -88.18
C THR C 69 10.09 16.99 -87.37
N LEU C 70 10.25 15.71 -87.08
CA LEU C 70 11.47 15.25 -86.45
C LEU C 70 12.34 14.50 -87.45
N LEU C 71 13.55 15.02 -87.69
CA LEU C 71 14.59 14.48 -88.57
C LEU C 71 14.09 14.31 -90.00
N PRO C 72 13.96 15.40 -90.77
CA PRO C 72 13.31 15.32 -92.09
C PRO C 72 14.12 14.65 -93.19
N ASN C 73 15.42 14.45 -93.00
CA ASN C 73 16.27 14.11 -94.13
C ASN C 73 17.17 12.89 -93.92
N THR C 74 16.61 11.81 -93.38
CA THR C 74 17.38 10.56 -93.22
C THR C 74 16.55 9.40 -93.77
N THR C 75 17.20 8.25 -93.89
CA THR C 75 16.59 6.99 -94.34
C THR C 75 16.86 5.89 -93.32
N LEU C 76 16.52 6.17 -92.05
CA LEU C 76 16.80 5.36 -90.87
C LEU C 76 16.41 3.89 -90.99
N THR C 77 17.39 3.00 -90.88
CA THR C 77 17.21 1.58 -91.13
C THR C 77 17.57 0.81 -89.86
N TYR C 78 16.68 -0.09 -89.44
CA TYR C 78 16.91 -0.88 -88.23
C TYR C 78 17.88 -2.03 -88.49
N ASP C 79 18.29 -2.70 -87.41
CA ASP C 79 19.11 -3.91 -87.46
C ASP C 79 18.94 -4.63 -86.14
N THR C 80 18.35 -5.83 -86.16
CA THR C 80 17.71 -6.42 -84.98
C THR C 80 18.25 -7.82 -84.67
N GLN C 81 19.58 -7.95 -84.56
CA GLN C 81 20.16 -9.17 -84.01
C GLN C 81 19.66 -9.41 -82.58
N LYS C 82 19.42 -10.67 -82.25
CA LYS C 82 18.66 -11.03 -81.06
C LYS C 82 19.49 -11.83 -80.05
N ILE C 83 19.86 -11.21 -78.92
CA ILE C 83 20.74 -11.80 -77.90
C ILE C 83 19.96 -12.85 -77.12
N ASN C 84 20.66 -13.78 -76.45
CA ASN C 84 20.00 -14.90 -75.80
C ASN C 84 19.57 -14.62 -74.36
N LEU C 85 19.97 -13.47 -73.76
CA LEU C 85 19.68 -13.14 -72.36
C LEU C 85 20.24 -14.16 -71.35
N TYR C 86 21.48 -13.90 -70.91
CA TYR C 86 22.48 -14.72 -70.20
C TYR C 86 23.27 -15.58 -71.19
N ASP C 87 23.59 -14.99 -72.34
CA ASP C 87 24.74 -15.44 -73.12
C ASP C 87 25.56 -14.17 -73.40
N SER C 88 26.49 -13.87 -72.51
CA SER C 88 27.25 -12.63 -72.61
C SER C 88 28.39 -12.76 -73.64
N PHE C 89 28.57 -13.95 -74.19
CA PHE C 89 29.53 -14.10 -75.29
C PHE C 89 28.85 -13.84 -76.63
N GLU C 90 27.54 -14.11 -76.69
CA GLU C 90 26.76 -13.68 -77.85
C GLU C 90 26.53 -12.17 -77.83
N ALA C 91 26.69 -11.56 -76.65
CA ALA C 91 26.64 -10.11 -76.52
C ALA C 91 27.72 -9.43 -77.33
N SER C 92 28.96 -9.92 -77.21
CA SER C 92 30.06 -9.31 -77.94
C SER C 92 30.07 -9.73 -79.40
N LYS C 93 29.52 -10.91 -79.70
CA LYS C 93 29.48 -11.38 -81.08
C LYS C 93 28.45 -10.60 -81.90
N LYS C 94 27.25 -10.42 -81.34
CA LYS C 94 26.20 -9.73 -82.08
C LYS C 94 26.41 -8.21 -82.07
N ALA C 95 27.36 -7.74 -81.26
CA ALA C 95 27.71 -6.32 -81.31
C ALA C 95 28.77 -6.06 -82.38
N CYS C 96 29.88 -6.82 -82.34
CA CYS C 96 31.00 -6.54 -83.25
C CYS C 96 30.68 -6.95 -84.69
N ASP C 97 29.85 -7.97 -84.88
CA ASP C 97 29.39 -8.30 -86.23
C ASP C 97 28.45 -7.22 -86.74
N GLN C 98 27.76 -6.53 -85.84
CA GLN C 98 26.90 -5.42 -86.23
C GLN C 98 27.69 -4.13 -86.37
N LEU C 99 28.71 -3.96 -85.53
CA LEU C 99 29.50 -2.74 -85.58
C LEU C 99 30.44 -2.74 -86.77
N SER C 100 30.83 -3.91 -87.25
CA SER C 100 31.63 -3.99 -88.47
C SER C 100 30.77 -3.67 -89.69
N LEU C 101 29.45 -3.90 -89.59
CA LEU C 101 28.52 -3.55 -90.65
C LEU C 101 28.33 -2.04 -90.68
N GLY C 102 28.51 -1.40 -89.53
CA GLY C 102 28.43 0.04 -89.42
C GLY C 102 27.14 0.53 -88.80
N VAL C 103 27.20 0.82 -87.50
CA VAL C 103 26.08 1.41 -86.77
C VAL C 103 26.64 2.57 -85.94
N ALA C 104 25.74 3.37 -85.37
CA ALA C 104 26.18 4.46 -84.50
C ALA C 104 25.24 4.64 -83.32
N ALA C 105 24.26 3.76 -83.17
CA ALA C 105 23.23 3.97 -82.16
C ALA C 105 22.74 2.69 -81.49
N ILE C 106 23.66 1.82 -81.03
CA ILE C 106 23.31 0.52 -80.45
C ILE C 106 22.39 0.66 -79.24
N PHE C 107 21.18 0.10 -79.32
CA PHE C 107 20.15 0.38 -78.33
C PHE C 107 20.03 -0.65 -77.21
N GLY C 108 21.05 -1.44 -76.96
CA GLY C 108 21.20 -2.13 -75.69
C GLY C 108 20.37 -3.39 -75.54
N PRO C 109 20.99 -4.44 -74.98
CA PRO C 109 20.27 -5.71 -74.81
C PRO C 109 19.38 -5.74 -73.57
N SER C 110 19.45 -4.68 -72.75
CA SER C 110 18.58 -4.45 -71.60
C SER C 110 18.64 -5.57 -70.57
N HIS C 111 19.79 -5.75 -69.93
CA HIS C 111 20.00 -6.90 -69.04
C HIS C 111 21.11 -6.60 -68.05
N SER C 112 21.21 -7.37 -66.96
CA SER C 112 22.15 -7.08 -65.88
C SER C 112 23.53 -7.68 -66.15
N SER C 113 23.62 -8.85 -66.78
CA SER C 113 24.91 -9.45 -67.05
C SER C 113 25.23 -9.46 -68.53
N SER C 114 24.31 -8.97 -69.35
CA SER C 114 24.54 -8.95 -70.79
C SER C 114 24.85 -7.54 -71.28
N ALA C 115 24.28 -6.53 -70.65
CA ALA C 115 24.55 -5.16 -71.07
C ALA C 115 25.81 -4.62 -70.41
N ASN C 116 26.45 -5.42 -69.55
CA ASN C 116 27.78 -5.08 -69.08
C ASN C 116 28.80 -5.23 -70.20
N ALA C 117 28.57 -6.19 -71.09
CA ALA C 117 29.54 -6.45 -72.16
C ALA C 117 29.33 -5.48 -73.32
N VAL C 118 28.09 -5.21 -73.69
CA VAL C 118 27.82 -4.40 -74.88
C VAL C 118 28.13 -2.93 -74.57
N GLN C 119 28.06 -2.54 -73.30
CA GLN C 119 28.53 -1.22 -72.89
C GLN C 119 30.04 -1.12 -73.06
N SER C 120 30.75 -2.22 -72.82
CA SER C 120 32.20 -2.21 -72.95
C SER C 120 32.61 -2.36 -74.41
N ILE C 121 31.70 -2.88 -75.25
CA ILE C 121 31.86 -2.79 -76.70
C ILE C 121 31.84 -1.33 -77.13
N CYS C 122 30.85 -0.58 -76.65
CA CYS C 122 30.60 0.75 -77.16
C CYS C 122 31.60 1.76 -76.62
N ASN C 123 32.17 1.50 -75.45
CA ASN C 123 33.16 2.42 -74.92
C ASN C 123 34.51 2.27 -75.64
N ALA C 124 34.88 1.05 -76.01
CA ALA C 124 36.16 0.83 -76.67
C ALA C 124 36.10 1.14 -78.16
N LEU C 125 34.90 1.44 -78.68
CA LEU C 125 34.75 1.78 -80.08
C LEU C 125 34.18 3.17 -80.31
N GLY C 126 33.82 3.88 -79.24
CA GLY C 126 33.31 5.23 -79.37
C GLY C 126 31.90 5.31 -79.92
N VAL C 127 31.03 4.43 -79.44
CA VAL C 127 29.66 4.31 -79.95
C VAL C 127 28.70 4.61 -78.81
N PRO C 128 27.59 5.31 -79.03
CA PRO C 128 26.54 5.40 -78.01
C PRO C 128 25.88 4.08 -77.70
N HIS C 129 25.46 3.90 -76.45
CA HIS C 129 24.88 2.65 -75.95
C HIS C 129 23.61 2.94 -75.16
N ILE C 130 22.65 3.60 -75.80
CA ILE C 130 21.39 4.00 -75.20
C ILE C 130 20.65 2.80 -74.63
N GLN C 131 20.46 2.79 -73.31
CA GLN C 131 19.84 1.65 -72.64
C GLN C 131 18.37 1.91 -72.39
N THR C 132 17.64 0.90 -71.93
CA THR C 132 16.23 1.11 -71.61
C THR C 132 15.88 0.60 -70.21
N ARG C 133 16.43 -0.53 -69.81
CA ARG C 133 16.13 -1.05 -68.47
C ARG C 133 17.22 -0.66 -67.48
N TRP C 134 16.94 -0.84 -66.19
CA TRP C 134 17.93 -0.56 -65.15
C TRP C 134 19.06 -1.57 -65.19
N LYS C 135 20.25 -1.15 -64.81
CA LYS C 135 21.38 -2.06 -64.67
C LYS C 135 22.21 -1.65 -63.45
N HIS C 136 22.73 -2.62 -62.71
CA HIS C 136 23.71 -2.35 -61.67
C HIS C 136 24.99 -1.81 -62.27
N GLN C 137 25.45 -0.67 -61.76
CA GLN C 137 26.71 -0.07 -62.20
C GLN C 137 27.66 -0.05 -61.01
N VAL C 138 28.80 -0.70 -61.18
CA VAL C 138 29.85 -0.74 -60.17
C VAL C 138 30.47 0.65 -60.15
N SER C 139 30.83 1.13 -58.95
CA SER C 139 31.21 2.52 -58.72
C SER C 139 32.45 2.96 -59.48
N ASP C 140 33.45 2.10 -59.60
CA ASP C 140 34.66 2.49 -60.31
C ASP C 140 34.62 2.06 -61.78
N ASN C 141 33.51 2.35 -62.46
CA ASN C 141 33.37 2.05 -63.89
C ASN C 141 33.54 3.37 -64.62
N LYS C 142 34.74 3.58 -65.18
CA LYS C 142 35.05 4.85 -65.82
C LYS C 142 34.63 4.86 -67.29
N ASP C 143 33.36 4.51 -67.55
CA ASP C 143 32.80 4.61 -68.89
C ASP C 143 32.10 5.96 -69.04
N SER C 144 31.92 6.44 -70.26
CA SER C 144 31.23 7.70 -70.46
C SER C 144 30.24 7.62 -71.61
N PHE C 145 30.36 6.60 -72.45
CA PHE C 145 29.55 6.51 -73.67
C PHE C 145 28.33 5.61 -73.44
N TYR C 146 27.48 6.03 -72.51
CA TYR C 146 26.29 5.24 -72.16
C TYR C 146 25.26 6.18 -71.54
N VAL C 147 24.00 5.98 -71.89
CA VAL C 147 22.89 6.58 -71.17
C VAL C 147 21.89 5.48 -70.84
N SER C 148 20.95 5.80 -69.97
CA SER C 148 19.89 4.87 -69.59
C SER C 148 18.63 5.68 -69.31
N LEU C 149 17.63 5.53 -70.17
CA LEU C 149 16.36 6.22 -69.96
C LEU C 149 15.45 5.42 -69.04
N TYR C 150 15.94 5.03 -67.88
CA TYR C 150 15.10 4.39 -66.86
C TYR C 150 15.31 5.19 -65.60
N PRO C 151 14.31 5.37 -64.74
CA PRO C 151 14.52 6.14 -63.51
C PRO C 151 15.45 5.44 -62.54
N ASP C 152 16.48 6.16 -62.10
CA ASP C 152 17.47 5.59 -61.21
C ASP C 152 16.86 5.29 -59.86
N PHE C 153 17.32 4.20 -59.24
CA PHE C 153 16.87 3.87 -57.90
C PHE C 153 17.68 4.61 -56.85
N SER C 154 18.55 5.53 -57.26
CA SER C 154 19.07 6.54 -56.37
C SER C 154 18.04 7.65 -56.18
N SER C 155 17.06 7.71 -57.10
CA SER C 155 16.03 8.75 -57.03
C SER C 155 14.64 8.15 -56.88
N LEU C 156 14.36 7.04 -57.56
CA LEU C 156 13.04 6.42 -57.46
C LEU C 156 12.82 5.81 -56.08
N SER C 157 13.88 5.37 -55.41
CA SER C 157 13.71 4.79 -54.09
C SER C 157 13.47 5.86 -53.03
N ARG C 158 13.80 7.12 -53.34
CA ARG C 158 13.36 8.20 -52.46
C ARG C 158 11.87 8.47 -52.62
N ALA C 159 11.32 8.21 -53.81
CA ALA C 159 9.90 8.43 -54.04
C ALA C 159 9.05 7.42 -53.30
N ILE C 160 9.55 6.20 -53.09
CA ILE C 160 8.84 5.29 -52.21
C ILE C 160 8.99 5.73 -50.77
N LEU C 161 10.13 6.34 -50.43
CA LEU C 161 10.33 6.86 -49.08
C LEU C 161 9.44 8.08 -48.81
N ASP C 162 9.12 8.84 -49.86
CA ASP C 162 8.25 9.99 -49.67
C ASP C 162 6.80 9.55 -49.46
N LEU C 163 6.39 8.44 -50.08
CA LEU C 163 5.05 7.92 -49.85
C LEU C 163 4.93 7.29 -48.47
N VAL C 164 6.04 6.86 -47.88
CA VAL C 164 5.99 6.33 -46.52
C VAL C 164 5.88 7.47 -45.51
N GLN C 165 6.55 8.60 -45.78
CA GLN C 165 6.44 9.77 -44.92
C GLN C 165 5.02 10.35 -44.96
N PHE C 166 4.37 10.29 -46.11
CA PHE C 166 3.02 10.81 -46.21
C PHE C 166 2.01 9.87 -45.57
N PHE C 167 2.19 8.56 -45.72
CA PHE C 167 1.29 7.59 -45.11
C PHE C 167 1.61 7.34 -43.65
N LYS C 168 2.78 7.78 -43.18
CA LYS C 168 3.20 7.77 -41.76
C LYS C 168 3.19 6.38 -41.13
N TRP C 169 4.09 5.51 -41.58
CA TRP C 169 4.11 4.12 -41.17
C TRP C 169 5.19 3.88 -40.11
N LYS C 170 5.22 2.66 -39.57
CA LYS C 170 6.24 2.25 -38.61
C LYS C 170 6.76 0.86 -38.97
N THR C 171 5.98 0.07 -39.70
CA THR C 171 6.21 -1.37 -39.79
C THR C 171 6.17 -1.88 -41.23
N VAL C 172 6.91 -1.26 -42.14
CA VAL C 172 7.00 -1.73 -43.53
C VAL C 172 7.63 -3.11 -43.61
N THR C 173 7.28 -3.86 -44.65
CA THR C 173 7.74 -5.23 -44.83
C THR C 173 8.15 -5.42 -46.28
N VAL C 174 9.15 -4.66 -46.74
CA VAL C 174 9.71 -4.73 -48.08
C VAL C 174 10.01 -6.17 -48.50
N VAL C 175 9.42 -6.58 -49.63
CA VAL C 175 9.60 -7.91 -50.19
C VAL C 175 10.23 -7.78 -51.57
N TYR C 176 11.49 -8.17 -51.68
CA TYR C 176 12.21 -8.03 -52.94
C TYR C 176 12.09 -9.31 -53.76
N ASP C 177 12.05 -9.16 -55.09
CA ASP C 177 11.86 -10.31 -55.96
C ASP C 177 13.18 -10.98 -56.27
N ASP C 178 14.09 -10.23 -56.88
CA ASP C 178 15.41 -10.71 -57.24
C ASP C 178 16.43 -10.14 -56.27
N SER C 179 17.54 -10.86 -56.09
CA SER C 179 18.65 -10.38 -55.27
C SER C 179 19.24 -9.08 -55.75
N THR C 180 19.14 -8.80 -57.05
CA THR C 180 19.54 -7.50 -57.59
C THR C 180 18.57 -6.41 -57.12
N GLY C 181 17.35 -6.79 -56.76
CA GLY C 181 16.38 -5.80 -56.27
C GLY C 181 16.70 -5.25 -54.90
N LEU C 182 17.59 -5.91 -54.17
CA LEU C 182 17.96 -5.39 -52.85
C LEU C 182 18.87 -4.18 -53.00
N ILE C 183 19.51 -4.03 -54.18
CA ILE C 183 20.15 -2.79 -54.57
C ILE C 183 19.09 -1.75 -54.88
N ARG C 184 18.02 -2.16 -55.58
CA ARG C 184 17.00 -1.25 -56.09
C ARG C 184 16.22 -0.51 -55.02
N LEU C 185 16.29 -0.92 -53.76
CA LEU C 185 15.68 -0.19 -52.67
C LEU C 185 16.69 0.21 -51.61
N GLN C 186 17.92 0.54 -52.01
CA GLN C 186 18.98 0.78 -51.04
C GLN C 186 18.75 2.08 -50.26
N GLU C 187 17.99 3.01 -50.84
CA GLU C 187 17.69 4.22 -50.09
C GLU C 187 16.57 3.97 -49.08
N LEU C 188 15.68 3.03 -49.40
CA LEU C 188 14.60 2.70 -48.48
C LEU C 188 15.03 1.78 -47.35
N ILE C 189 16.03 0.94 -47.57
CA ILE C 189 16.54 0.08 -46.50
C ILE C 189 17.38 0.88 -45.49
N LYS C 190 18.03 1.95 -45.93
CA LYS C 190 18.80 2.80 -45.04
C LYS C 190 17.93 3.78 -44.24
N ALA C 191 16.60 3.70 -44.37
CA ALA C 191 15.67 4.58 -43.67
C ALA C 191 15.59 4.45 -42.14
N PRO C 192 15.78 3.25 -41.49
CA PRO C 192 15.81 3.26 -40.01
C PRO C 192 17.01 3.95 -39.38
N SER C 193 17.99 4.36 -40.18
CA SER C 193 19.13 5.13 -39.68
C SER C 193 18.75 6.55 -39.28
N ARG C 194 17.69 7.11 -39.86
CA ARG C 194 17.32 8.50 -39.63
C ARG C 194 15.81 8.67 -39.53
N TYR C 195 15.06 7.57 -39.38
CA TYR C 195 13.62 7.66 -39.18
C TYR C 195 13.12 6.61 -38.20
N ASN C 196 11.81 6.41 -38.16
CA ASN C 196 11.20 5.54 -37.15
C ASN C 196 10.71 4.21 -37.70
N LEU C 197 10.99 3.87 -38.96
CA LEU C 197 10.52 2.63 -39.57
C LEU C 197 11.17 1.41 -38.94
N ARG C 198 10.56 0.25 -39.12
CA ARG C 198 11.16 -1.02 -38.71
C ARG C 198 11.00 -2.00 -39.86
N LEU C 199 11.98 -2.01 -40.76
CA LEU C 199 12.02 -2.90 -41.91
C LEU C 199 12.11 -4.35 -41.48
N LYS C 200 11.38 -5.24 -42.15
CA LYS C 200 11.41 -6.66 -41.80
C LYS C 200 11.52 -7.49 -43.08
N ILE C 201 12.53 -7.20 -43.89
CA ILE C 201 12.72 -7.66 -45.27
C ILE C 201 12.56 -9.16 -45.44
N ARG C 202 11.64 -9.57 -46.33
CA ARG C 202 11.46 -10.96 -46.69
C ARG C 202 11.80 -11.16 -48.16
N GLN C 203 11.63 -12.38 -48.67
CA GLN C 203 11.98 -12.66 -50.06
C GLN C 203 10.99 -13.66 -50.63
N LEU C 204 10.52 -13.40 -51.85
CA LEU C 204 9.72 -14.34 -52.62
C LEU C 204 10.56 -15.56 -52.93
N PRO C 205 9.96 -16.77 -53.04
CA PRO C 205 10.76 -17.98 -53.32
C PRO C 205 11.46 -17.95 -54.67
N ALA C 206 12.51 -18.77 -54.81
CA ALA C 206 13.54 -18.64 -55.82
C ALA C 206 13.02 -18.72 -57.26
N ASP C 207 12.46 -19.86 -57.64
CA ASP C 207 11.99 -20.05 -59.01
C ASP C 207 10.51 -20.42 -59.07
N THR C 208 10.00 -21.16 -58.09
CA THR C 208 8.59 -21.54 -58.11
C THR C 208 7.72 -20.36 -57.68
N LYS C 209 6.51 -20.28 -58.23
CA LYS C 209 5.59 -19.20 -57.91
C LYS C 209 4.59 -19.69 -56.87
N ASP C 210 5.07 -19.90 -55.64
CA ASP C 210 4.31 -20.59 -54.60
C ASP C 210 4.41 -19.78 -53.30
N ALA C 211 4.07 -18.49 -53.38
CA ALA C 211 4.23 -17.61 -52.23
C ALA C 211 3.10 -17.72 -51.22
N LYS C 212 2.77 -18.94 -50.81
CA LYS C 212 1.92 -19.23 -49.66
C LYS C 212 2.68 -19.24 -48.32
N PRO C 213 3.91 -19.88 -48.18
CA PRO C 213 4.59 -19.76 -46.87
C PRO C 213 5.11 -18.38 -46.57
N LEU C 214 5.29 -17.55 -47.61
CA LEU C 214 5.60 -16.15 -47.39
C LEU C 214 4.45 -15.43 -46.70
N LEU C 215 3.25 -15.53 -47.29
CA LEU C 215 2.10 -14.81 -46.74
C LEU C 215 1.66 -15.38 -45.40
N LYS C 216 1.81 -16.69 -45.20
CA LYS C 216 1.37 -17.32 -43.96
C LYS C 216 2.22 -16.87 -42.78
N GLU C 217 3.49 -16.57 -43.01
CA GLU C 217 4.30 -15.93 -41.97
C GLU C 217 3.88 -14.48 -41.76
N MET C 218 3.40 -13.83 -42.82
CA MET C 218 3.07 -12.42 -42.74
C MET C 218 1.71 -12.21 -42.07
N LYS C 219 0.78 -13.14 -42.30
CA LYS C 219 -0.51 -13.08 -41.62
C LYS C 219 -0.35 -13.31 -40.12
N ARG C 220 0.59 -14.19 -39.75
CA ARG C 220 0.95 -14.34 -38.35
C ARG C 220 1.75 -13.13 -37.87
N GLY C 221 2.48 -12.48 -38.79
CA GLY C 221 3.34 -11.38 -38.41
C GLY C 221 2.63 -10.06 -38.24
N LYS C 222 1.33 -9.99 -38.53
CA LYS C 222 0.48 -8.80 -38.45
C LYS C 222 1.02 -7.62 -39.26
N GLU C 223 1.19 -7.80 -40.56
CA GLU C 223 1.83 -6.77 -41.38
C GLU C 223 0.86 -6.24 -42.41
N PHE C 224 0.71 -4.93 -42.46
CA PHE C 224 -0.40 -4.29 -43.14
C PHE C 224 0.07 -3.19 -44.08
N HIS C 225 1.38 -2.98 -44.17
CA HIS C 225 1.89 -1.87 -44.96
C HIS C 225 3.04 -2.37 -45.83
N VAL C 226 2.78 -3.44 -46.57
CA VAL C 226 3.77 -4.18 -47.33
C VAL C 226 4.24 -3.35 -48.52
N ILE C 227 5.54 -3.40 -48.83
CA ILE C 227 6.09 -2.76 -50.03
C ILE C 227 6.64 -3.84 -50.96
N PHE C 228 6.17 -3.84 -52.20
CA PHE C 228 6.63 -4.82 -53.18
C PHE C 228 7.70 -4.27 -54.10
N ASP C 229 8.82 -4.97 -54.22
CA ASP C 229 9.79 -4.74 -55.26
C ASP C 229 9.59 -5.71 -56.42
N CYS C 230 8.35 -6.06 -56.70
CA CYS C 230 8.07 -7.01 -57.76
C CYS C 230 8.01 -6.30 -59.10
N SER C 231 8.01 -7.10 -60.17
CA SER C 231 7.69 -6.60 -61.51
C SER C 231 6.17 -6.54 -61.67
N HIS C 232 5.67 -6.39 -62.88
CA HIS C 232 4.22 -6.42 -63.06
C HIS C 232 3.69 -7.77 -63.52
N GLU C 233 4.57 -8.72 -63.85
CA GLU C 233 4.10 -10.06 -64.19
C GLU C 233 3.64 -10.80 -62.94
N MET C 234 4.42 -10.71 -61.86
CA MET C 234 4.07 -11.46 -60.66
C MET C 234 3.33 -10.61 -59.62
N ALA C 235 3.24 -9.29 -59.81
CA ALA C 235 2.42 -8.47 -58.91
C ALA C 235 0.94 -8.81 -59.07
N ALA C 236 0.54 -9.21 -60.27
CA ALA C 236 -0.81 -9.69 -60.48
C ALA C 236 -0.95 -11.13 -60.03
N GLY C 237 0.17 -11.77 -59.68
CA GLY C 237 0.13 -13.06 -59.03
C GLY C 237 -0.07 -12.94 -57.54
N ILE C 238 0.77 -12.13 -56.89
CA ILE C 238 0.74 -12.01 -55.44
C ILE C 238 -0.53 -11.29 -54.98
N LEU C 239 -1.10 -10.45 -55.85
CA LEU C 239 -2.40 -9.85 -55.54
C LEU C 239 -3.50 -10.91 -55.59
N LYS C 240 -3.38 -11.87 -56.52
CA LYS C 240 -4.47 -12.82 -56.73
C LYS C 240 -4.29 -14.11 -55.94
N GLN C 241 -3.15 -14.28 -55.27
CA GLN C 241 -3.10 -15.32 -54.26
C GLN C 241 -3.27 -14.72 -52.87
N ALA C 242 -3.62 -13.44 -52.81
CA ALA C 242 -3.88 -12.80 -51.52
C ALA C 242 -5.34 -12.96 -51.11
N LEU C 243 -6.22 -13.23 -52.07
CA LEU C 243 -7.62 -13.49 -51.75
C LEU C 243 -7.79 -14.85 -51.09
N ALA C 244 -7.04 -15.85 -51.55
CA ALA C 244 -7.07 -17.17 -50.93
C ALA C 244 -6.47 -17.14 -49.54
N MET C 245 -5.54 -16.22 -49.30
CA MET C 245 -5.07 -15.97 -47.94
C MET C 245 -6.02 -15.06 -47.19
N GLY C 246 -6.63 -14.10 -47.88
CA GLY C 246 -7.61 -13.23 -47.27
C GLY C 246 -7.02 -11.96 -46.71
N MET C 247 -5.99 -11.44 -47.36
CA MET C 247 -5.36 -10.19 -46.92
C MET C 247 -5.92 -8.98 -47.65
N MET C 248 -7.09 -9.14 -48.26
CA MET C 248 -7.67 -8.10 -49.10
C MET C 248 -8.75 -7.37 -48.31
N THR C 249 -8.37 -6.72 -47.21
CA THR C 249 -9.31 -5.98 -46.38
C THR C 249 -8.94 -4.51 -46.34
N GLU C 250 -9.60 -3.74 -45.45
CA GLU C 250 -9.33 -2.32 -45.32
C GLU C 250 -8.22 -2.02 -44.33
N TYR C 251 -7.45 -3.03 -43.91
CA TYR C 251 -6.34 -2.85 -42.99
C TYR C 251 -4.99 -3.01 -43.67
N TYR C 252 -4.90 -3.94 -44.63
CA TYR C 252 -3.68 -4.17 -45.40
C TYR C 252 -3.53 -3.05 -46.42
N HIS C 253 -2.29 -2.76 -46.81
CA HIS C 253 -1.98 -1.69 -47.76
C HIS C 253 -0.74 -2.12 -48.53
N TYR C 254 -0.67 -1.80 -49.82
CA TYR C 254 0.43 -2.27 -50.64
C TYR C 254 1.06 -1.11 -51.41
N ILE C 255 2.38 -1.16 -51.55
CA ILE C 255 3.13 -0.21 -52.37
C ILE C 255 3.83 -1.00 -53.47
N PHE C 256 3.71 -0.55 -54.71
CA PHE C 256 4.35 -1.21 -55.83
C PHE C 256 5.46 -0.36 -56.41
N THR C 257 6.67 -0.92 -56.43
CA THR C 257 7.85 -0.25 -56.96
C THR C 257 7.80 -0.08 -58.47
N THR C 258 7.42 -1.12 -59.20
CA THR C 258 7.46 -1.14 -60.66
C THR C 258 6.57 -0.09 -61.30
N LEU C 259 6.96 0.40 -62.47
CA LEU C 259 6.23 1.48 -63.11
C LEU C 259 5.18 0.94 -64.06
N ASP C 260 4.41 -0.05 -63.62
CA ASP C 260 3.40 -0.68 -64.45
C ASP C 260 2.17 -1.04 -63.62
N LEU C 261 1.82 -0.22 -62.63
CA LEU C 261 0.57 -0.45 -61.90
C LEU C 261 -0.64 -0.22 -62.81
N PHE C 262 -0.49 0.67 -63.80
CA PHE C 262 -1.52 0.91 -64.80
C PHE C 262 -1.39 -0.10 -65.93
N ALA C 263 -1.30 -1.38 -65.57
CA ALA C 263 -1.34 -2.48 -66.52
C ALA C 263 -2.10 -3.66 -65.93
N LEU C 264 -2.62 -3.49 -64.72
CA LEU C 264 -3.08 -4.63 -63.95
C LEU C 264 -4.61 -4.65 -63.86
N ASP C 265 -5.18 -5.85 -64.00
CA ASP C 265 -6.63 -6.00 -63.90
C ASP C 265 -7.06 -5.96 -62.44
N VAL C 266 -7.12 -4.77 -61.85
CA VAL C 266 -7.72 -4.67 -60.54
C VAL C 266 -9.22 -4.40 -60.69
N GLU C 267 -9.96 -5.48 -60.96
CA GLU C 267 -11.41 -5.47 -60.85
C GLU C 267 -11.94 -6.75 -60.19
N PRO C 268 -11.30 -7.29 -59.13
CA PRO C 268 -12.11 -7.73 -57.99
C PRO C 268 -12.08 -6.66 -56.91
N TYR C 269 -11.21 -5.66 -57.10
CA TYR C 269 -10.88 -4.73 -56.03
C TYR C 269 -10.96 -3.28 -56.49
N ARG C 270 -12.09 -2.93 -57.09
CA ARG C 270 -12.53 -1.55 -57.29
C ARG C 270 -13.47 -1.23 -56.13
N TYR C 271 -13.35 -2.02 -55.06
CA TYR C 271 -14.35 -2.16 -54.01
C TYR C 271 -13.69 -2.25 -52.64
N SER C 272 -14.42 -2.83 -51.67
CA SER C 272 -14.47 -2.48 -50.26
C SER C 272 -13.19 -1.99 -49.56
N GLY C 273 -12.12 -2.77 -49.56
CA GLY C 273 -11.10 -2.44 -48.59
C GLY C 273 -9.70 -2.02 -48.98
N VAL C 274 -9.12 -2.59 -50.04
CA VAL C 274 -7.68 -2.51 -50.21
C VAL C 274 -7.31 -1.17 -50.84
N ASN C 275 -6.08 -0.70 -50.58
CA ASN C 275 -5.52 0.45 -51.28
C ASN C 275 -4.14 0.08 -51.85
N MET C 276 -4.14 -0.32 -53.12
CA MET C 276 -2.90 -0.45 -53.85
C MET C 276 -2.39 0.95 -54.26
N THR C 277 -1.11 1.19 -54.04
CA THR C 277 -0.58 2.51 -54.38
C THR C 277 0.81 2.42 -54.99
N GLY C 278 0.90 2.63 -56.30
CA GLY C 278 2.17 2.59 -56.99
C GLY C 278 2.44 3.87 -57.76
N PHE C 279 3.38 3.78 -58.69
CA PHE C 279 3.73 4.90 -59.52
C PHE C 279 3.40 4.62 -60.98
N ARG C 280 3.22 5.68 -61.76
CA ARG C 280 3.14 5.58 -63.21
C ARG C 280 3.95 6.72 -63.81
N ILE C 281 4.94 6.38 -64.63
CA ILE C 281 5.68 7.41 -65.36
C ILE C 281 5.04 7.69 -66.71
N LEU C 282 4.20 6.78 -67.21
CA LEU C 282 3.56 6.93 -68.50
C LEU C 282 2.49 8.02 -68.43
N ASN C 283 2.55 8.94 -69.38
CA ASN C 283 1.75 10.17 -69.31
C ASN C 283 0.49 10.04 -70.16
N THR C 284 -0.45 9.22 -69.68
CA THR C 284 -1.69 8.97 -70.41
C THR C 284 -2.75 10.02 -70.10
N GLU C 285 -2.39 11.30 -70.22
CA GLU C 285 -3.31 12.38 -69.88
C GLU C 285 -3.30 13.46 -70.95
N ASN C 286 -2.25 13.50 -71.76
CA ASN C 286 -2.16 14.49 -72.83
C ASN C 286 -2.94 14.03 -74.05
N THR C 287 -2.90 14.84 -75.11
CA THR C 287 -3.59 14.50 -76.34
C THR C 287 -2.67 13.73 -77.28
N GLN C 288 -1.49 14.29 -77.57
CA GLN C 288 -0.55 13.64 -78.48
C GLN C 288 0.07 12.41 -77.84
N VAL C 289 0.30 12.48 -76.53
CA VAL C 289 1.04 11.42 -75.84
C VAL C 289 0.17 10.18 -75.66
N SER C 290 -1.12 10.38 -75.40
CA SER C 290 -2.02 9.25 -75.20
C SER C 290 -2.38 8.58 -76.52
N SER C 291 -2.48 9.36 -77.59
CA SER C 291 -3.06 8.85 -78.83
C SER C 291 -2.10 7.93 -79.57
N ILE C 292 -0.83 7.93 -79.18
CA ILE C 292 0.14 6.97 -79.74
C ILE C 292 -0.16 5.58 -79.18
N ILE C 293 -0.71 5.52 -77.97
CA ILE C 293 -0.89 4.24 -77.30
C ILE C 293 -2.07 3.48 -77.89
N GLU C 294 -3.12 4.20 -78.32
CA GLU C 294 -4.19 3.52 -79.05
C GLU C 294 -3.75 3.18 -80.47
N LYS C 295 -2.86 3.97 -81.06
CA LYS C 295 -2.24 3.56 -82.32
C LYS C 295 -1.24 2.43 -82.09
N TRP C 296 -0.70 2.33 -80.88
CA TRP C 296 0.10 1.17 -80.51
C TRP C 296 -0.77 -0.08 -80.39
N SER C 297 -2.01 0.08 -79.92
CA SER C 297 -2.89 -1.07 -79.74
C SER C 297 -3.40 -1.59 -81.07
N MET C 298 -3.34 -0.76 -82.11
CA MET C 298 -3.70 -1.19 -83.45
C MET C 298 -2.50 -1.82 -84.17
N GLU C 299 -1.38 -1.92 -83.47
CA GLU C 299 -0.21 -2.65 -83.95
C GLU C 299 0.07 -3.90 -83.15
N ARG C 300 -0.26 -3.90 -81.85
CA ARG C 300 -0.11 -5.08 -81.00
C ARG C 300 -1.45 -5.81 -80.91
N LEU C 301 -1.59 -6.81 -81.78
CA LEU C 301 -2.79 -7.63 -81.83
C LEU C 301 -2.54 -9.08 -81.44
N GLN C 302 -1.28 -9.49 -81.31
CA GLN C 302 -0.92 -10.87 -81.03
C GLN C 302 -0.79 -11.15 -79.53
N ALA C 303 -1.76 -10.71 -78.74
CA ALA C 303 -1.70 -10.80 -77.28
C ALA C 303 -3.00 -11.39 -76.74
N PRO C 304 -3.11 -12.71 -76.67
CA PRO C 304 -4.25 -13.32 -75.98
C PRO C 304 -4.10 -13.21 -74.48
N PRO C 305 -5.07 -12.63 -73.79
CA PRO C 305 -4.95 -12.46 -72.33
C PRO C 305 -5.21 -13.74 -71.56
N LYS C 306 -4.72 -13.80 -70.33
CA LYS C 306 -4.94 -14.93 -69.44
C LYS C 306 -5.70 -14.42 -68.21
N PRO C 307 -6.56 -15.24 -67.57
CA PRO C 307 -7.41 -14.72 -66.50
C PRO C 307 -6.69 -14.35 -65.22
N ASP C 308 -5.61 -15.05 -64.88
CA ASP C 308 -4.86 -14.72 -63.68
C ASP C 308 -3.70 -13.78 -63.99
N SER C 309 -3.38 -13.60 -65.26
CA SER C 309 -2.29 -12.71 -65.67
C SER C 309 -2.67 -11.26 -65.45
N GLY C 310 -3.93 -10.92 -65.75
CA GLY C 310 -4.47 -9.62 -65.42
C GLY C 310 -3.89 -8.45 -66.19
N LEU C 311 -4.01 -8.46 -67.51
CA LEU C 311 -3.42 -7.41 -68.33
C LEU C 311 -4.45 -6.88 -69.34
N LEU C 312 -4.89 -5.64 -69.17
CA LEU C 312 -5.85 -5.04 -70.09
C LEU C 312 -5.17 -4.69 -71.41
N ASP C 313 -5.11 -5.65 -72.33
CA ASP C 313 -4.15 -5.61 -73.44
C ASP C 313 -4.44 -4.52 -74.46
N GLY C 314 -4.30 -3.27 -74.04
CA GLY C 314 -4.32 -2.10 -74.90
C GLY C 314 -3.34 -1.08 -74.37
N PHE C 315 -2.56 -1.48 -73.37
CA PHE C 315 -1.59 -0.61 -72.71
C PHE C 315 -0.22 -0.79 -73.35
N MET C 316 0.69 0.12 -73.00
CA MET C 316 2.11 -0.09 -73.26
C MET C 316 2.78 -0.46 -71.94
N THR C 317 3.63 -1.49 -71.97
CA THR C 317 4.53 -1.72 -70.87
C THR C 317 5.53 -0.58 -70.80
N THR C 318 5.98 -0.25 -69.58
CA THR C 318 6.93 0.85 -69.44
C THR C 318 8.32 0.48 -69.95
N ASP C 319 8.58 -0.80 -70.20
CA ASP C 319 9.79 -1.17 -70.92
C ASP C 319 9.67 -0.78 -72.39
N ALA C 320 8.47 -0.93 -72.94
CA ALA C 320 8.27 -0.57 -74.35
C ALA C 320 8.15 0.93 -74.54
N ALA C 321 7.64 1.65 -73.54
CA ALA C 321 7.47 3.10 -73.70
C ALA C 321 8.81 3.82 -73.64
N LEU C 322 9.73 3.32 -72.81
CA LEU C 322 11.05 3.95 -72.70
C LEU C 322 11.91 3.61 -73.90
N MET C 323 11.71 2.44 -74.50
CA MET C 323 12.40 2.11 -75.75
C MET C 323 11.91 3.01 -76.89
N TYR C 324 10.60 3.29 -76.92
CA TYR C 324 10.08 4.25 -77.87
C TYR C 324 10.55 5.66 -77.56
N ASP C 325 10.71 5.99 -76.28
CA ASP C 325 11.19 7.32 -75.92
C ASP C 325 12.69 7.45 -76.17
N ALA C 326 13.40 6.33 -76.21
CA ALA C 326 14.85 6.38 -76.39
C ALA C 326 15.23 6.77 -77.81
N VAL C 327 14.37 6.44 -78.79
CA VAL C 327 14.71 6.67 -80.19
C VAL C 327 14.58 8.16 -80.51
N HIS C 328 13.61 8.83 -79.88
CA HIS C 328 13.40 10.26 -80.11
C HIS C 328 14.52 11.12 -79.55
N VAL C 329 15.17 10.66 -78.48
CA VAL C 329 16.23 11.41 -77.82
C VAL C 329 17.45 11.48 -78.73
N VAL C 330 17.75 10.37 -79.41
CA VAL C 330 18.91 10.29 -80.28
C VAL C 330 18.63 11.10 -81.55
N SER C 331 17.39 11.04 -82.02
CA SER C 331 17.06 11.64 -83.31
C SER C 331 16.98 13.16 -83.21
N VAL C 332 16.64 13.67 -82.02
CA VAL C 332 16.62 15.13 -81.83
C VAL C 332 18.02 15.62 -81.51
N ALA C 333 18.92 14.70 -81.13
CA ALA C 333 20.31 15.07 -80.89
C ALA C 333 21.13 15.01 -82.17
N VAL C 334 20.75 14.13 -83.10
CA VAL C 334 21.44 14.09 -84.39
C VAL C 334 20.83 15.12 -85.34
N GLN C 335 19.70 15.71 -84.95
CA GLN C 335 19.11 16.83 -85.69
C GLN C 335 20.00 18.07 -85.61
N GLN C 336 20.74 18.18 -84.50
CA GLN C 336 21.69 19.27 -84.30
C GLN C 336 23.04 18.87 -84.89
N PHE C 337 23.16 17.59 -85.27
CA PHE C 337 24.46 17.07 -85.71
C PHE C 337 24.35 16.42 -87.08
N PRO C 338 24.43 17.19 -88.18
CA PRO C 338 24.28 16.60 -89.52
C PRO C 338 25.57 16.26 -90.26
N GLN C 339 26.75 16.63 -89.75
CA GLN C 339 27.96 16.55 -90.56
C GLN C 339 28.64 15.18 -90.53
N MET C 340 27.93 14.12 -90.18
CA MET C 340 28.50 12.79 -90.07
C MET C 340 27.97 11.89 -91.18
N THR C 341 28.47 10.65 -91.20
CA THR C 341 27.90 9.55 -91.97
C THR C 341 28.29 8.26 -91.27
N VAL C 342 27.72 7.14 -91.71
CA VAL C 342 27.99 5.85 -91.08
C VAL C 342 29.40 5.39 -91.44
N SER C 343 30.23 5.18 -90.41
CA SER C 343 31.61 4.74 -90.59
C SER C 343 31.77 3.41 -89.86
N SER C 344 32.17 2.38 -90.60
CA SER C 344 32.34 1.06 -90.01
C SER C 344 33.70 0.95 -89.31
N LEU C 345 33.66 0.38 -88.11
CA LEU C 345 34.88 0.18 -87.33
C LEU C 345 35.05 -1.31 -86.99
N GLN C 346 36.26 -1.71 -86.63
CA GLN C 346 36.57 -3.09 -86.30
C GLN C 346 36.92 -3.19 -84.81
N CYS C 347 36.63 -4.35 -84.21
CA CYS C 347 36.80 -4.49 -82.76
C CYS C 347 38.23 -4.89 -82.38
N ASN C 348 38.86 -5.71 -83.20
CA ASN C 348 40.20 -6.21 -82.89
C ASN C 348 41.26 -5.13 -83.05
N ARG C 349 41.23 -4.38 -84.15
CA ARG C 349 41.97 -3.13 -84.22
C ARG C 349 41.05 -2.01 -83.78
N HIS C 350 40.88 -1.84 -82.47
CA HIS C 350 39.85 -0.95 -81.96
C HIS C 350 40.25 0.51 -82.14
N LYS C 351 39.32 1.29 -82.66
CA LYS C 351 39.49 2.71 -82.91
C LYS C 351 38.17 3.39 -82.59
N PRO C 352 38.18 4.57 -81.95
CA PRO C 352 36.92 5.29 -81.73
C PRO C 352 36.28 5.75 -83.03
N TRP C 353 34.96 5.92 -83.01
CA TRP C 353 34.22 6.39 -84.18
C TRP C 353 34.63 7.82 -84.49
N ARG C 354 34.54 8.20 -85.78
CA ARG C 354 35.14 9.42 -86.32
C ARG C 354 34.57 10.68 -85.66
N PHE C 355 33.31 10.62 -85.25
CA PHE C 355 32.69 11.67 -84.44
C PHE C 355 32.07 11.12 -83.16
N GLY C 356 32.78 10.25 -82.44
CA GLY C 356 32.16 9.56 -81.32
C GLY C 356 32.05 10.42 -80.08
N THR C 357 33.13 11.07 -79.70
CA THR C 357 33.14 11.85 -78.45
C THR C 357 32.45 13.19 -78.63
N ARG C 358 32.15 13.58 -79.87
CA ARG C 358 31.40 14.80 -80.11
C ARG C 358 29.90 14.52 -80.10
N PHE C 359 29.49 13.38 -80.65
CA PHE C 359 28.07 13.06 -80.74
C PHE C 359 27.49 12.69 -79.38
N MET C 360 28.33 12.20 -78.47
CA MET C 360 27.85 11.74 -77.18
C MET C 360 27.44 12.91 -76.29
N SER C 361 28.16 14.03 -76.39
CA SER C 361 27.84 15.20 -75.57
C SER C 361 26.57 15.88 -76.06
N LEU C 362 26.20 15.68 -77.32
CA LEU C 362 24.97 16.26 -77.84
C LEU C 362 23.76 15.43 -77.42
N ILE C 363 23.99 14.18 -77.02
CA ILE C 363 22.90 13.33 -76.55
C ILE C 363 22.41 13.80 -75.19
N LYS C 364 23.34 14.13 -74.30
CA LYS C 364 23.00 14.46 -72.92
C LYS C 364 22.38 15.84 -72.77
N GLU C 365 22.30 16.62 -73.83
CA GLU C 365 21.66 17.94 -73.81
C GLU C 365 20.25 17.90 -74.39
N ALA C 366 19.52 16.81 -74.16
CA ALA C 366 18.23 16.59 -74.78
C ALA C 366 17.13 17.29 -73.99
N HIS C 367 16.07 17.72 -74.69
CA HIS C 367 14.94 18.39 -74.07
C HIS C 367 13.65 17.79 -74.64
N TRP C 368 13.54 16.46 -74.62
CA TRP C 368 12.41 15.81 -75.26
C TRP C 368 11.26 15.60 -74.28
N GLU C 369 10.03 15.56 -74.79
CA GLU C 369 8.82 15.49 -74.00
C GLU C 369 7.98 14.27 -74.40
N GLY C 370 8.58 13.09 -74.38
CA GLY C 370 7.93 11.90 -74.89
C GLY C 370 6.87 11.28 -74.01
N LEU C 371 6.77 9.95 -74.03
CA LEU C 371 5.69 9.26 -73.32
C LEU C 371 5.84 9.31 -71.81
N THR C 372 7.05 9.60 -71.31
CA THR C 372 7.29 9.54 -69.87
C THR C 372 7.72 10.89 -69.32
N GLY C 373 7.02 11.96 -69.70
CA GLY C 373 7.32 13.27 -69.17
C GLY C 373 8.52 13.92 -69.82
N ARG C 374 9.04 14.98 -69.21
CA ARG C 374 10.21 15.67 -69.70
C ARG C 374 11.43 14.78 -69.58
N ILE C 375 12.10 14.50 -70.70
CA ILE C 375 13.22 13.57 -70.68
C ILE C 375 14.53 14.33 -70.86
N THR C 376 15.40 14.22 -69.87
CA THR C 376 16.74 14.79 -69.95
C THR C 376 17.65 13.97 -69.04
N PHE C 377 18.95 14.01 -69.31
CA PHE C 377 19.91 13.31 -68.47
C PHE C 377 20.59 14.30 -67.53
N ASN C 378 21.35 13.78 -66.57
CA ASN C 378 21.59 14.58 -65.38
C ASN C 378 22.71 15.60 -65.57
N LYS C 379 23.98 15.20 -65.40
CA LYS C 379 25.13 15.90 -65.94
C LYS C 379 26.20 14.92 -66.42
N THR C 380 26.47 13.93 -65.57
CA THR C 380 27.71 13.16 -65.60
C THR C 380 27.50 11.66 -65.73
N ASN C 381 26.62 11.12 -64.89
CA ASN C 381 26.47 9.67 -64.75
C ASN C 381 25.82 9.05 -65.96
N GLY C 382 25.06 9.84 -66.71
CA GLY C 382 24.43 9.35 -67.91
C GLY C 382 23.03 8.82 -67.67
N LEU C 383 22.65 8.66 -66.41
CA LEU C 383 21.34 8.13 -66.10
C LEU C 383 20.35 9.28 -66.03
N ARG C 384 19.11 9.00 -65.63
CA ARG C 384 18.08 10.02 -65.53
C ARG C 384 17.59 10.13 -64.09
N THR C 385 17.71 11.32 -63.53
CA THR C 385 17.11 11.65 -62.25
C THR C 385 16.03 12.71 -62.35
N ASP C 386 16.05 13.53 -63.40
CA ASP C 386 15.02 14.55 -63.62
C ASP C 386 13.88 13.97 -64.45
N PHE C 387 12.83 13.52 -63.76
CA PHE C 387 11.66 12.96 -64.43
C PHE C 387 10.37 13.31 -63.68
N ASP C 388 9.24 12.81 -64.17
CA ASP C 388 7.96 13.40 -63.82
C ASP C 388 6.89 12.37 -63.45
N LEU C 389 7.18 11.49 -62.49
CA LEU C 389 6.22 10.51 -61.97
C LEU C 389 4.88 11.08 -61.51
N ASP C 390 3.82 10.30 -61.67
CA ASP C 390 2.50 10.62 -61.14
C ASP C 390 2.06 9.54 -60.17
N VAL C 391 1.87 9.90 -58.90
CA VAL C 391 1.47 8.95 -57.88
C VAL C 391 0.03 8.55 -58.11
N ILE C 392 -0.21 7.25 -58.35
CA ILE C 392 -1.57 6.77 -58.55
C ILE C 392 -1.90 5.83 -57.39
N SER C 393 -3.19 5.67 -57.13
CA SER C 393 -3.64 4.83 -56.02
C SER C 393 -5.02 4.29 -56.34
N LEU C 394 -5.45 3.30 -55.57
CA LEU C 394 -6.72 2.64 -55.80
C LEU C 394 -7.86 3.44 -55.17
N LYS C 395 -8.58 4.20 -55.98
CA LYS C 395 -9.80 4.84 -55.51
C LYS C 395 -10.97 3.90 -55.77
N GLU C 396 -12.17 4.29 -55.35
CA GLU C 396 -13.34 3.44 -55.49
C GLU C 396 -13.82 3.38 -56.94
N GLU C 397 -13.44 4.36 -57.75
CA GLU C 397 -13.69 4.29 -59.18
C GLU C 397 -12.61 3.43 -59.82
N GLY C 398 -11.44 3.40 -59.22
CA GLY C 398 -10.31 2.64 -59.73
C GLY C 398 -9.04 3.46 -59.66
N LEU C 399 -8.30 3.47 -60.76
CA LEU C 399 -7.05 4.20 -60.82
C LEU C 399 -7.30 5.68 -60.99
N GLU C 400 -6.63 6.51 -60.18
CA GLU C 400 -6.76 7.96 -60.24
C GLU C 400 -5.42 8.56 -59.84
N LYS C 401 -4.89 9.44 -60.70
CA LYS C 401 -3.63 10.08 -60.37
C LYS C 401 -3.83 11.14 -59.28
N ILE C 402 -2.97 11.12 -58.26
CA ILE C 402 -3.11 12.01 -57.12
C ILE C 402 -1.77 12.63 -56.76
N GLY C 403 -0.77 12.50 -57.63
CA GLY C 403 0.55 12.97 -57.29
C GLY C 403 1.28 13.54 -58.48
N THR C 404 2.21 14.44 -58.17
CA THR C 404 3.05 15.08 -59.19
C THR C 404 4.49 15.11 -58.67
N TRP C 405 5.03 13.94 -58.28
CA TRP C 405 6.37 13.87 -57.71
C TRP C 405 7.43 14.37 -58.68
N ASP C 406 8.33 15.18 -58.15
CA ASP C 406 9.20 16.05 -58.90
C ASP C 406 10.44 16.21 -58.02
N PRO C 407 11.66 15.83 -58.53
CA PRO C 407 12.86 15.63 -57.67
C PRO C 407 13.23 16.70 -56.66
N ALA C 408 12.86 17.95 -56.89
CA ALA C 408 12.80 18.93 -55.80
C ALA C 408 11.45 19.63 -55.88
N SER C 409 10.41 18.93 -55.43
CA SER C 409 9.14 19.56 -55.06
C SER C 409 8.51 18.77 -53.93
N GLY C 410 9.19 17.72 -53.47
CA GLY C 410 8.59 16.74 -52.59
C GLY C 410 7.45 16.02 -53.27
N LEU C 411 6.42 15.65 -52.51
CA LEU C 411 5.17 15.13 -53.09
C LEU C 411 4.20 16.31 -53.20
N ASN C 412 3.58 16.45 -54.36
CA ASN C 412 2.58 17.48 -54.54
C ASN C 412 1.21 16.80 -54.55
N MET C 413 1.06 15.81 -53.66
CA MET C 413 -0.18 15.11 -53.37
C MET C 413 -1.34 16.06 -53.09
N THR C 414 -2.36 16.01 -53.94
CA THR C 414 -3.55 16.82 -53.71
C THR C 414 -4.47 16.16 -52.69
N GLU C 415 -4.76 16.89 -51.62
CA GLU C 415 -5.46 16.37 -50.46
C GLU C 415 -6.07 17.58 -49.76
N SER C 416 -6.61 17.44 -48.55
CA SER C 416 -7.20 18.55 -47.81
C SER C 416 -6.13 19.52 -47.30
N GLN C 417 -5.57 20.34 -48.18
CA GLN C 417 -4.66 21.41 -47.78
C GLN C 417 -5.39 22.66 -47.31
N LYS C 418 -6.72 22.64 -47.28
CA LYS C 418 -7.52 23.76 -46.80
C LYS C 418 -7.67 23.69 -45.28
N GLY C 419 -8.51 24.55 -44.72
CA GLY C 419 -8.86 24.45 -43.32
C GLY C 419 -10.19 23.74 -43.18
N LYS C 420 -11.17 24.41 -42.60
CA LYS C 420 -12.53 23.89 -42.66
C LYS C 420 -13.53 25.03 -42.88
N PRO C 421 -13.93 25.27 -44.14
CA PRO C 421 -14.99 26.27 -44.38
C PRO C 421 -16.38 25.65 -44.33
N ALA C 422 -16.71 24.99 -43.22
CA ALA C 422 -17.99 24.32 -43.11
C ALA C 422 -18.56 24.36 -41.69
N ASN C 423 -19.35 25.38 -41.40
CA ASN C 423 -20.32 25.36 -40.31
C ASN C 423 -21.65 25.65 -41.01
N ILE C 424 -22.47 24.60 -41.16
CA ILE C 424 -23.28 24.38 -42.36
C ILE C 424 -24.29 25.49 -42.63
N THR C 425 -25.32 25.60 -41.78
CA THR C 425 -26.30 26.67 -41.87
C THR C 425 -26.77 27.13 -40.49
N ASP C 426 -26.24 26.51 -39.42
CA ASP C 426 -27.07 26.34 -38.23
C ASP C 426 -26.42 26.74 -36.90
N SER C 427 -25.88 27.95 -36.77
CA SER C 427 -25.53 28.48 -35.47
C SER C 427 -26.80 28.69 -34.64
N LEU C 428 -26.78 28.16 -33.39
CA LEU C 428 -27.91 28.17 -32.43
C LEU C 428 -29.13 27.38 -32.91
N SER C 429 -28.98 26.61 -33.99
CA SER C 429 -30.01 25.69 -34.46
C SER C 429 -29.32 24.41 -34.90
N ASN C 430 -28.41 23.91 -34.06
CA ASN C 430 -27.29 23.04 -34.40
C ASN C 430 -27.74 21.60 -34.64
N ARG C 431 -26.82 20.64 -34.56
CA ARG C 431 -26.97 19.23 -34.94
C ARG C 431 -28.12 18.45 -34.30
N SER C 432 -28.88 19.11 -33.41
CA SER C 432 -30.13 18.71 -32.77
C SER C 432 -29.89 17.73 -31.63
N LEU C 433 -28.62 17.59 -31.22
CA LEU C 433 -28.23 17.14 -29.88
C LEU C 433 -28.78 15.78 -29.47
N ILE C 434 -28.18 14.71 -30.01
CA ILE C 434 -28.68 13.34 -29.90
C ILE C 434 -28.76 12.91 -28.44
N VAL C 435 -29.98 12.86 -27.90
CA VAL C 435 -30.20 12.60 -26.48
C VAL C 435 -30.38 11.10 -26.23
N THR C 436 -29.27 10.40 -26.06
CA THR C 436 -29.29 8.96 -25.80
C THR C 436 -29.85 8.68 -24.41
N THR C 437 -30.92 7.88 -24.33
CA THR C 437 -31.50 7.55 -23.04
C THR C 437 -31.94 6.10 -22.93
N ILE C 438 -31.91 5.57 -21.70
CA ILE C 438 -32.35 4.22 -21.39
C ILE C 438 -33.86 4.27 -21.27
N LEU C 439 -34.52 3.11 -21.20
CA LEU C 439 -35.97 3.06 -21.15
C LEU C 439 -36.41 2.44 -19.81
N GLU C 440 -35.82 2.92 -18.72
CA GLU C 440 -36.32 2.56 -17.39
C GLU C 440 -37.58 3.35 -17.10
N GLU C 441 -38.58 2.73 -16.47
CA GLU C 441 -39.86 3.40 -16.25
C GLU C 441 -40.04 3.84 -14.81
N PRO C 442 -40.65 5.01 -14.56
CA PRO C 442 -40.95 6.03 -15.57
C PRO C 442 -39.87 7.10 -15.71
N TYR C 443 -39.11 7.05 -16.80
CA TYR C 443 -38.25 8.17 -17.14
C TYR C 443 -38.46 8.54 -18.59
N VAL C 444 -38.59 7.53 -19.45
CA VAL C 444 -39.16 7.69 -20.78
C VAL C 444 -40.14 6.54 -20.95
N LEU C 445 -41.15 6.72 -21.79
CA LEU C 445 -42.10 5.67 -22.14
C LEU C 445 -42.51 5.86 -23.59
N PHE C 446 -43.02 4.80 -24.20
CA PHE C 446 -43.81 4.95 -25.40
C PHE C 446 -45.13 5.59 -24.98
N LYS C 447 -45.66 6.52 -25.76
CA LYS C 447 -46.98 7.04 -25.42
C LYS C 447 -48.06 6.04 -25.79
N LYS C 448 -49.25 6.28 -25.25
CA LYS C 448 -50.41 5.44 -25.51
C LYS C 448 -51.47 6.34 -26.14
N SER C 449 -51.39 6.50 -27.46
CA SER C 449 -52.34 7.31 -28.21
C SER C 449 -52.85 6.49 -29.38
N ASP C 450 -53.94 6.97 -29.98
CA ASP C 450 -54.60 6.23 -31.06
C ASP C 450 -53.82 6.28 -32.37
N LYS C 451 -53.18 7.41 -32.67
CA LYS C 451 -52.44 7.52 -33.93
C LYS C 451 -51.00 7.11 -33.74
N PRO C 452 -50.45 6.32 -34.67
CA PRO C 452 -49.05 5.90 -34.57
C PRO C 452 -48.10 6.77 -35.38
N LEU C 453 -48.59 7.88 -35.93
CA LEU C 453 -47.77 8.75 -36.76
C LEU C 453 -46.78 9.49 -35.87
N TYR C 454 -45.58 8.93 -35.71
CA TYR C 454 -44.63 9.39 -34.72
C TYR C 454 -43.29 9.69 -35.39
N GLY C 455 -42.80 10.91 -35.17
CA GLY C 455 -41.42 11.23 -35.44
C GLY C 455 -40.83 12.01 -34.28
N ASN C 456 -39.84 11.41 -33.61
CA ASN C 456 -39.05 11.86 -32.45
C ASN C 456 -39.83 12.70 -31.44
N ASP C 457 -41.06 12.28 -31.13
CA ASP C 457 -42.00 13.18 -30.47
C ASP C 457 -42.45 12.67 -29.11
N ARG C 458 -42.85 11.38 -29.05
CA ARG C 458 -43.83 10.92 -28.08
C ARG C 458 -43.45 11.03 -26.60
N PHE C 459 -42.60 10.12 -26.08
CA PHE C 459 -41.70 10.22 -24.93
C PHE C 459 -42.13 11.06 -23.74
N GLU C 460 -43.23 10.69 -23.11
CA GLU C 460 -43.66 11.31 -21.86
C GLU C 460 -42.86 10.70 -20.72
N GLY C 461 -43.06 11.22 -19.53
CA GLY C 461 -42.38 10.75 -18.34
C GLY C 461 -41.77 11.91 -17.59
N TYR C 462 -40.70 11.60 -16.84
CA TYR C 462 -40.02 12.64 -16.08
C TYR C 462 -38.78 13.13 -16.80
N CYS C 463 -38.08 12.22 -17.48
CA CYS C 463 -36.74 12.56 -17.95
C CYS C 463 -36.78 13.18 -19.35
N ILE C 464 -37.97 13.56 -19.81
CA ILE C 464 -38.08 14.38 -21.01
C ILE C 464 -38.61 15.76 -20.65
N ASP C 465 -39.40 15.87 -19.57
CA ASP C 465 -39.77 17.18 -19.05
C ASP C 465 -38.55 17.91 -18.48
N LEU C 466 -37.53 17.16 -18.09
CA LEU C 466 -36.23 17.76 -17.78
C LEU C 466 -35.56 18.27 -19.05
N LEU C 467 -35.77 17.58 -20.17
CA LEU C 467 -35.13 17.97 -21.42
C LEU C 467 -35.82 19.17 -22.05
N ARG C 468 -37.14 19.24 -21.94
CA ARG C 468 -37.89 20.32 -22.57
C ARG C 468 -37.65 21.65 -21.87
N GLU C 469 -37.32 21.61 -20.58
CA GLU C 469 -37.03 22.86 -19.88
C GLU C 469 -35.59 23.29 -20.10
N LEU C 470 -34.73 22.38 -20.55
CA LEU C 470 -33.40 22.79 -20.98
C LEU C 470 -33.45 23.39 -22.38
N SER C 471 -34.30 22.84 -23.25
CA SER C 471 -34.44 23.36 -24.60
C SER C 471 -35.18 24.70 -24.58
N THR C 472 -35.96 24.95 -23.54
CA THR C 472 -36.63 26.23 -23.39
C THR C 472 -35.70 27.30 -22.85
N ILE C 473 -34.93 27.01 -21.80
CA ILE C 473 -34.08 28.01 -21.17
C ILE C 473 -32.78 28.21 -21.94
N LEU C 474 -32.00 27.14 -22.13
CA LEU C 474 -30.75 27.25 -22.87
C LEU C 474 -30.96 27.45 -24.36
N GLY C 475 -31.81 26.66 -24.99
CA GLY C 475 -32.19 26.88 -26.38
C GLY C 475 -31.45 25.99 -27.34
N PHE C 476 -32.09 24.90 -27.76
CA PHE C 476 -31.55 23.96 -28.73
C PHE C 476 -32.67 23.07 -29.24
N THR C 477 -32.38 22.36 -30.32
CA THR C 477 -33.27 21.35 -30.85
C THR C 477 -32.88 20.01 -30.24
N TYR C 478 -33.87 19.18 -29.90
CA TYR C 478 -33.61 17.88 -29.30
C TYR C 478 -34.19 16.79 -30.19
N GLU C 479 -33.46 15.69 -30.33
CA GLU C 479 -33.83 14.58 -31.20
C GLU C 479 -33.58 13.29 -30.44
N ILE C 480 -34.67 12.61 -30.05
CA ILE C 480 -34.56 11.44 -29.20
C ILE C 480 -34.15 10.24 -30.03
N ARG C 481 -33.04 9.61 -29.62
CA ARG C 481 -32.43 8.50 -30.33
C ARG C 481 -32.03 7.41 -29.34
N LEU C 482 -33.04 6.79 -28.70
CA LEU C 482 -32.94 5.69 -27.74
C LEU C 482 -31.83 4.69 -28.05
N VAL C 483 -31.11 4.26 -27.01
CA VAL C 483 -29.89 3.46 -27.12
C VAL C 483 -30.14 2.14 -27.84
N GLU C 484 -29.23 1.79 -28.76
CA GLU C 484 -29.45 0.67 -29.66
C GLU C 484 -29.36 -0.66 -28.94
N ASP C 485 -28.51 -0.76 -27.91
CA ASP C 485 -28.39 -2.01 -27.18
C ASP C 485 -29.50 -2.12 -26.13
N GLY C 486 -29.52 -1.17 -25.20
CA GLY C 486 -30.52 -1.19 -24.14
C GLY C 486 -29.93 -1.40 -22.77
N LYS C 487 -28.71 -0.91 -22.56
CA LYS C 487 -28.03 -1.02 -21.27
C LYS C 487 -27.56 0.37 -20.86
N TYR C 488 -27.50 0.60 -19.54
CA TYR C 488 -27.08 1.87 -18.97
C TYR C 488 -25.63 2.18 -19.32
N GLY C 489 -24.78 1.17 -19.30
CA GLY C 489 -23.36 1.38 -19.46
C GLY C 489 -22.55 0.89 -18.27
N ALA C 490 -21.81 -0.19 -18.46
CA ALA C 490 -20.98 -0.76 -17.41
C ALA C 490 -19.72 -1.35 -18.04
N GLN C 491 -18.80 -1.73 -17.17
CA GLN C 491 -17.49 -2.23 -17.59
C GLN C 491 -17.60 -3.61 -18.24
N ASP C 492 -16.86 -3.83 -19.33
CA ASP C 492 -16.80 -5.12 -20.00
C ASP C 492 -15.82 -6.02 -19.22
N ASP C 493 -15.61 -7.26 -19.71
CA ASP C 493 -14.90 -8.25 -18.91
C ASP C 493 -13.39 -8.04 -18.90
N VAL C 494 -12.75 -7.87 -20.06
CA VAL C 494 -11.29 -7.74 -20.08
C VAL C 494 -10.85 -6.42 -20.71
N ASN C 495 -11.43 -6.06 -21.86
CA ASN C 495 -11.15 -4.78 -22.50
C ASN C 495 -12.18 -3.75 -22.07
N GLY C 496 -11.90 -2.45 -22.23
CA GLY C 496 -12.87 -1.48 -21.79
C GLY C 496 -14.09 -1.37 -22.69
N GLN C 497 -13.95 -0.65 -23.81
CA GLN C 497 -14.90 -0.44 -24.91
C GLN C 497 -16.38 -0.43 -24.50
N TRP C 498 -16.72 0.47 -23.57
CA TRP C 498 -17.89 0.49 -22.70
C TRP C 498 -19.21 0.09 -23.35
N ASN C 499 -20.06 -0.64 -22.64
CA ASN C 499 -21.25 -1.25 -23.20
C ASN C 499 -22.51 -0.60 -22.65
N GLY C 500 -23.01 0.43 -23.33
CA GLY C 500 -24.28 1.03 -22.99
C GLY C 500 -24.37 2.48 -23.45
N MET C 501 -24.93 3.33 -22.59
CA MET C 501 -25.08 4.74 -22.94
C MET C 501 -23.78 5.51 -22.78
N VAL C 502 -22.81 4.95 -22.06
CA VAL C 502 -21.51 5.62 -21.94
C VAL C 502 -20.65 5.32 -23.16
N ARG C 503 -21.10 4.40 -24.02
CA ARG C 503 -20.45 4.19 -25.31
C ARG C 503 -20.75 5.35 -26.26
N GLU C 504 -22.00 5.82 -26.22
CA GLU C 504 -22.45 6.85 -27.16
C GLU C 504 -21.77 8.18 -26.90
N LEU C 505 -21.30 8.40 -25.68
CA LEU C 505 -20.75 9.69 -25.31
C LEU C 505 -19.25 9.75 -25.50
N ILE C 506 -18.62 8.59 -25.71
CA ILE C 506 -17.20 8.57 -26.03
C ILE C 506 -17.00 8.75 -27.53
N ASP C 507 -17.78 8.04 -28.34
CA ASP C 507 -17.52 7.88 -29.76
C ASP C 507 -17.82 9.12 -30.58
N HIS C 508 -18.48 10.12 -29.97
CA HIS C 508 -18.94 11.36 -30.60
C HIS C 508 -19.89 11.02 -31.76
N LYS C 509 -20.69 9.98 -31.57
CA LYS C 509 -21.78 9.70 -32.49
C LYS C 509 -23.08 10.01 -31.75
N ALA C 510 -22.91 10.66 -30.61
CA ALA C 510 -24.04 11.15 -29.83
C ALA C 510 -23.66 12.39 -29.02
N ASP C 511 -24.49 12.72 -28.05
CA ASP C 511 -24.54 14.02 -27.39
C ASP C 511 -25.00 13.81 -25.95
N LEU C 512 -25.72 14.80 -25.39
CA LEU C 512 -26.33 14.80 -24.07
C LEU C 512 -26.99 13.46 -23.71
N ALA C 513 -26.94 13.10 -22.44
CA ALA C 513 -27.38 11.78 -21.98
C ALA C 513 -28.44 11.91 -20.91
N VAL C 514 -29.52 12.63 -21.22
CA VAL C 514 -30.57 12.92 -20.25
C VAL C 514 -31.28 11.62 -19.94
N ALA C 515 -30.88 10.99 -18.84
CA ALA C 515 -31.12 9.58 -18.57
C ALA C 515 -30.95 9.34 -17.07
N PRO C 516 -31.36 8.18 -16.54
CA PRO C 516 -31.07 7.88 -15.14
C PRO C 516 -29.68 7.35 -14.87
N LEU C 517 -28.73 7.58 -15.79
CA LEU C 517 -27.38 7.07 -15.72
C LEU C 517 -26.65 7.49 -14.44
N ALA C 518 -26.39 6.52 -13.57
CA ALA C 518 -25.97 6.79 -12.20
C ALA C 518 -24.47 7.07 -12.14
N ILE C 519 -24.13 8.09 -11.36
CA ILE C 519 -22.76 8.53 -11.20
C ILE C 519 -22.04 7.64 -10.20
N THR C 520 -20.93 7.05 -10.62
CA THR C 520 -20.02 6.36 -9.71
C THR C 520 -18.60 6.52 -10.24
N TYR C 521 -17.67 5.77 -9.65
CA TYR C 521 -16.24 5.98 -9.90
C TYR C 521 -15.80 5.55 -11.29
N VAL C 522 -16.48 4.56 -11.87
CA VAL C 522 -16.06 4.07 -13.19
C VAL C 522 -16.77 4.82 -14.30
N ARG C 523 -17.96 5.36 -14.02
CA ARG C 523 -18.64 6.20 -15.01
C ARG C 523 -18.01 7.59 -15.08
N GLU C 524 -17.54 8.09 -13.94
CA GLU C 524 -16.86 9.38 -13.88
C GLU C 524 -15.42 9.30 -14.36
N LYS C 525 -14.85 8.09 -14.44
CA LYS C 525 -13.49 7.90 -14.90
C LYS C 525 -13.29 8.32 -16.35
N VAL C 526 -14.28 8.08 -17.22
CA VAL C 526 -14.10 8.43 -18.62
C VAL C 526 -14.90 9.68 -18.97
N ILE C 527 -16.22 9.60 -18.90
CA ILE C 527 -17.05 10.77 -19.16
C ILE C 527 -17.32 11.48 -17.85
N ASP C 528 -17.69 12.76 -17.93
CA ASP C 528 -17.97 13.56 -16.75
C ASP C 528 -19.37 14.13 -16.82
N PHE C 529 -20.10 14.06 -15.71
CA PHE C 529 -21.51 14.36 -15.65
C PHE C 529 -21.74 15.80 -15.22
N SER C 530 -22.99 16.26 -15.32
CA SER C 530 -23.38 17.55 -14.76
C SER C 530 -23.79 17.36 -13.31
N LYS C 531 -24.39 18.40 -12.72
CA LYS C 531 -24.76 18.36 -11.32
C LYS C 531 -26.00 17.50 -11.18
N PRO C 532 -26.08 16.62 -10.16
CA PRO C 532 -27.25 15.75 -10.02
C PRO C 532 -28.56 16.49 -9.77
N PHE C 533 -29.61 16.06 -10.48
CA PHE C 533 -30.94 16.62 -10.37
C PHE C 533 -31.82 15.81 -9.42
N MET C 534 -31.24 14.79 -8.81
CA MET C 534 -31.96 13.90 -7.91
C MET C 534 -30.95 13.19 -7.03
N THR C 535 -31.35 12.74 -5.84
CA THR C 535 -30.47 12.02 -4.94
C THR C 535 -31.05 10.62 -4.72
N LEU C 536 -30.28 9.60 -5.10
CA LEU C 536 -30.70 8.22 -4.93
C LEU C 536 -30.50 7.72 -3.51
N GLY C 537 -30.59 6.42 -3.36
CA GLY C 537 -30.30 5.73 -2.13
C GLY C 537 -30.70 4.28 -2.25
N ILE C 538 -30.29 3.50 -1.27
CA ILE C 538 -30.72 2.11 -1.14
C ILE C 538 -31.56 2.04 0.12
N SER C 539 -32.74 1.42 0.02
CA SER C 539 -33.64 1.30 1.15
C SER C 539 -34.45 0.02 1.02
N ILE C 540 -35.09 -0.37 2.11
CA ILE C 540 -35.72 -1.67 2.24
C ILE C 540 -37.18 -1.56 1.83
N LEU C 541 -37.59 -2.37 0.84
CA LEU C 541 -38.99 -2.50 0.45
C LEU C 541 -39.52 -3.69 1.25
N TYR C 542 -40.36 -3.39 2.24
CA TYR C 542 -40.89 -4.40 3.13
C TYR C 542 -42.40 -4.45 3.02
N ARG C 543 -42.95 -5.66 3.11
CA ARG C 543 -44.39 -5.85 2.97
C ARG C 543 -45.11 -5.26 4.18
N LYS C 544 -46.19 -4.50 3.92
CA LYS C 544 -47.03 -3.75 4.84
C LYS C 544 -47.42 -4.53 6.09
N PRO C 545 -47.22 -3.97 7.28
CA PRO C 545 -47.82 -4.55 8.49
C PRO C 545 -49.34 -4.54 8.40
N ASN C 546 -49.91 -5.72 8.30
CA ASN C 546 -51.29 -5.89 7.90
C ASN C 546 -52.25 -5.57 9.05
N GLY C 547 -53.55 -5.60 8.75
CA GLY C 547 -54.55 -5.61 9.79
C GLY C 547 -54.45 -6.90 10.56
N THR C 548 -54.13 -6.80 11.86
CA THR C 548 -53.69 -7.95 12.63
C THR C 548 -54.78 -8.98 12.89
N ASN C 549 -56.03 -8.51 13.07
CA ASN C 549 -57.27 -9.25 13.29
C ASN C 549 -57.17 -10.63 13.96
N PRO C 550 -56.74 -10.68 15.25
CA PRO C 550 -56.46 -11.98 15.89
C PRO C 550 -57.70 -12.83 16.13
N GLY C 551 -58.86 -12.18 16.10
CA GLY C 551 -60.12 -12.86 16.27
C GLY C 551 -61.11 -11.98 17.02
N VAL C 552 -62.40 -12.19 16.79
CA VAL C 552 -63.40 -11.47 17.54
C VAL C 552 -63.60 -12.19 18.87
N PHE C 553 -63.24 -13.48 18.89
CA PHE C 553 -63.27 -14.29 20.11
C PHE C 553 -61.84 -14.48 20.63
N SER C 554 -61.04 -13.41 20.52
CA SER C 554 -59.65 -13.46 20.98
C SER C 554 -59.51 -12.95 22.41
N PHE C 555 -60.58 -13.03 23.20
CA PHE C 555 -60.49 -12.73 24.62
C PHE C 555 -60.46 -13.99 25.46
N LEU C 556 -60.74 -15.14 24.85
CA LEU C 556 -60.69 -16.44 25.54
C LEU C 556 -59.37 -17.14 25.22
N ASN C 557 -58.43 -16.33 24.76
CA ASN C 557 -57.10 -16.73 24.32
C ASN C 557 -56.07 -17.02 25.43
N PRO C 558 -55.94 -16.20 26.55
CA PRO C 558 -54.81 -16.44 27.46
C PRO C 558 -54.87 -17.73 28.26
N LEU C 559 -56.01 -18.41 28.25
CA LEU C 559 -56.05 -19.80 28.65
C LEU C 559 -56.37 -20.63 27.41
N SER C 560 -55.70 -21.76 27.29
CA SER C 560 -55.81 -22.63 26.11
C SER C 560 -57.20 -23.26 26.06
N PRO C 561 -57.60 -23.84 24.92
CA PRO C 561 -58.88 -24.57 24.89
C PRO C 561 -58.89 -25.91 25.62
N ASP C 562 -57.85 -26.21 26.41
CA ASP C 562 -57.87 -27.39 27.26
C ASP C 562 -58.24 -27.01 28.69
N ILE C 563 -57.99 -25.74 29.06
CA ILE C 563 -58.33 -25.28 30.40
C ILE C 563 -59.81 -24.91 30.48
N TRP C 564 -60.31 -24.20 29.46
CA TRP C 564 -61.72 -23.79 29.45
C TRP C 564 -62.65 -24.99 29.35
N MET C 565 -62.19 -26.06 28.70
CA MET C 565 -62.98 -27.28 28.65
C MET C 565 -62.96 -28.01 29.98
N TYR C 566 -61.91 -27.78 30.78
CA TYR C 566 -61.83 -28.45 32.08
C TYR C 566 -62.41 -27.60 33.21
N VAL C 567 -62.37 -26.27 33.09
CA VAL C 567 -62.96 -25.41 34.12
C VAL C 567 -64.48 -25.58 34.15
N LEU C 568 -65.11 -25.60 32.98
CA LEU C 568 -66.54 -25.87 32.91
C LEU C 568 -66.86 -27.30 33.33
N LEU C 569 -65.93 -28.24 33.13
CA LEU C 569 -66.12 -29.60 33.61
C LEU C 569 -65.65 -29.76 35.06
N ALA C 570 -65.07 -28.70 35.64
CA ALA C 570 -64.86 -28.69 37.08
C ALA C 570 -65.95 -27.89 37.77
N CYS C 571 -66.69 -27.07 37.03
CA CYS C 571 -67.83 -26.37 37.60
C CYS C 571 -68.99 -27.33 37.84
N LEU C 572 -69.26 -28.22 36.88
CA LEU C 572 -70.28 -29.24 37.05
C LEU C 572 -69.77 -30.37 37.95
N GLY C 573 -68.47 -30.43 38.17
CA GLY C 573 -67.89 -31.44 39.03
C GLY C 573 -67.93 -31.05 40.49
N VAL C 574 -68.13 -29.76 40.78
CA VAL C 574 -68.18 -29.33 42.17
C VAL C 574 -69.60 -28.87 42.51
N SER C 575 -70.40 -28.55 41.49
CA SER C 575 -71.81 -28.27 41.72
C SER C 575 -72.58 -29.54 42.08
N CYS C 576 -72.11 -30.69 41.60
CA CYS C 576 -72.81 -31.94 41.89
C CYS C 576 -72.31 -32.59 43.18
N VAL C 577 -71.01 -32.47 43.48
CA VAL C 577 -70.47 -33.09 44.69
C VAL C 577 -70.92 -32.32 45.93
N LEU C 578 -70.98 -30.99 45.85
CA LEU C 578 -71.47 -30.20 46.96
C LEU C 578 -72.98 -30.41 47.16
N PHE C 579 -73.67 -30.82 46.11
CA PHE C 579 -75.07 -31.20 46.21
C PHE C 579 -75.24 -32.52 46.95
N VAL C 580 -74.27 -33.43 46.78
CA VAL C 580 -74.34 -34.73 47.45
C VAL C 580 -74.03 -34.59 48.93
N ILE C 581 -72.99 -33.82 49.26
CA ILE C 581 -72.49 -33.75 50.63
C ILE C 581 -73.48 -32.98 51.51
N ALA C 582 -74.13 -31.96 50.95
CA ALA C 582 -75.02 -31.12 51.75
C ALA C 582 -76.29 -31.85 52.13
N ARG C 583 -76.75 -32.78 51.30
CA ARG C 583 -77.89 -33.61 51.68
C ARG C 583 -77.47 -34.70 52.65
N PHE C 584 -76.28 -35.28 52.45
CA PHE C 584 -75.78 -36.38 53.25
C PHE C 584 -75.38 -35.94 54.65
N SER C 585 -74.95 -34.69 54.82
CA SER C 585 -74.46 -34.21 56.11
C SER C 585 -75.62 -33.98 57.07
N PRO C 586 -75.40 -34.20 58.36
CA PRO C 586 -76.49 -34.00 59.33
C PRO C 586 -76.72 -32.54 59.70
N TYR C 587 -75.65 -31.73 59.72
CA TYR C 587 -75.76 -30.37 60.22
C TYR C 587 -76.44 -29.44 59.21
N GLU C 588 -76.28 -29.71 57.91
CA GLU C 588 -76.87 -28.84 56.90
C GLU C 588 -78.37 -29.04 56.77
N TRP C 589 -78.91 -30.06 57.45
CA TRP C 589 -80.34 -30.10 57.70
C TRP C 589 -80.66 -29.18 58.86
N TYR C 590 -81.60 -28.25 58.66
CA TYR C 590 -81.98 -27.27 59.67
C TYR C 590 -83.35 -26.74 59.28
N ASN C 591 -84.10 -26.28 60.26
CA ASN C 591 -85.32 -25.58 59.91
C ASN C 591 -85.03 -24.12 59.54
N PRO C 592 -85.54 -23.64 58.39
CA PRO C 592 -85.33 -22.23 58.02
C PRO C 592 -86.28 -21.27 58.73
N HIS C 593 -86.96 -21.73 59.78
CA HIS C 593 -87.90 -20.92 60.53
C HIS C 593 -87.47 -20.79 62.00
N PRO C 594 -86.50 -19.92 62.34
CA PRO C 594 -86.18 -19.72 63.76
C PRO C 594 -87.05 -18.63 64.37
N CYS C 595 -87.88 -17.99 63.54
CA CYS C 595 -88.81 -16.97 64.00
C CYS C 595 -89.84 -17.59 64.93
N ASN C 596 -90.26 -18.81 64.61
CA ASN C 596 -90.97 -19.69 65.53
C ASN C 596 -90.21 -21.01 65.56
N PRO C 597 -89.24 -21.18 66.47
CA PRO C 597 -88.37 -22.37 66.43
C PRO C 597 -89.08 -23.65 66.85
N ASP C 598 -88.39 -24.78 66.66
CA ASP C 598 -88.88 -26.14 66.91
C ASP C 598 -90.14 -26.41 66.11
N SER C 599 -90.01 -26.44 64.77
CA SER C 599 -91.19 -26.58 63.92
C SER C 599 -91.19 -27.83 63.06
N ASP C 600 -90.06 -28.55 62.96
CA ASP C 600 -89.87 -29.75 62.13
C ASP C 600 -90.20 -29.44 60.65
N VAL C 601 -89.60 -28.36 60.16
CA VAL C 601 -89.84 -27.86 58.81
C VAL C 601 -88.48 -27.80 58.10
N VAL C 602 -87.62 -28.78 58.44
CA VAL C 602 -86.23 -28.85 58.00
C VAL C 602 -86.05 -28.85 56.49
N GLU C 603 -85.33 -27.86 55.98
CA GLU C 603 -85.10 -27.66 54.55
C GLU C 603 -83.66 -27.22 54.37
N ASN C 604 -83.13 -27.37 53.15
CA ASN C 604 -81.77 -26.95 52.85
C ASN C 604 -81.82 -25.72 51.94
N ASN C 605 -80.68 -25.07 51.77
CA ASN C 605 -80.51 -24.12 50.67
C ASN C 605 -79.87 -24.83 49.48
N PHE C 606 -79.82 -26.16 49.53
CA PHE C 606 -78.94 -26.87 48.61
C PHE C 606 -79.70 -27.80 47.67
N THR C 607 -80.75 -27.27 47.04
CA THR C 607 -81.29 -27.90 45.85
C THR C 607 -80.28 -27.79 44.71
N LEU C 608 -80.51 -28.59 43.66
CA LEU C 608 -79.60 -28.60 42.52
C LEU C 608 -79.67 -27.28 41.74
N LEU C 609 -80.80 -26.60 41.81
CA LEU C 609 -80.92 -25.28 41.18
C LEU C 609 -80.05 -24.26 41.88
N ASN C 610 -79.82 -24.43 43.18
CA ASN C 610 -78.94 -23.52 43.91
C ASN C 610 -77.50 -24.03 43.99
N SER C 611 -77.25 -25.29 43.66
CA SER C 611 -75.88 -25.77 43.78
C SER C 611 -75.03 -25.34 42.60
N PHE C 612 -75.66 -25.04 41.46
CA PHE C 612 -74.92 -24.37 40.39
C PHE C 612 -74.62 -22.93 40.75
N TRP C 613 -75.44 -22.34 41.63
CA TRP C 613 -75.30 -20.93 41.95
C TRP C 613 -74.07 -20.67 42.80
N PHE C 614 -73.69 -21.64 43.63
CA PHE C 614 -72.43 -21.54 44.34
C PHE C 614 -71.33 -22.09 43.44
N GLY C 615 -71.71 -22.83 42.40
CA GLY C 615 -70.72 -23.30 41.44
C GLY C 615 -70.37 -22.24 40.42
N VAL C 616 -71.30 -21.34 40.14
CA VAL C 616 -71.04 -20.28 39.17
C VAL C 616 -70.59 -19.01 39.89
N GLY C 617 -71.30 -18.63 40.95
CA GLY C 617 -71.04 -17.36 41.60
C GLY C 617 -69.71 -17.31 42.33
N ALA C 618 -69.23 -18.46 42.79
CA ALA C 618 -67.93 -18.46 43.44
C ALA C 618 -66.80 -18.42 42.42
N LEU C 619 -67.06 -18.90 41.20
CA LEU C 619 -66.07 -18.83 40.14
C LEU C 619 -65.98 -17.47 39.48
N MET C 620 -67.01 -16.64 39.62
CA MET C 620 -66.98 -15.32 38.99
C MET C 620 -66.86 -14.18 39.98
N GLN C 621 -66.56 -14.47 41.25
CA GLN C 621 -66.16 -13.52 42.30
C GLN C 621 -67.20 -12.46 42.64
N GLN C 622 -68.44 -12.65 42.20
CA GLN C 622 -69.47 -11.66 42.48
C GLN C 622 -70.17 -11.97 43.79
N GLY C 623 -69.90 -13.15 44.34
CA GLY C 623 -70.52 -13.55 45.59
C GLY C 623 -71.35 -14.80 45.37
N SER C 624 -72.23 -15.05 46.35
CA SER C 624 -73.08 -16.24 46.32
C SER C 624 -74.33 -15.91 47.10
N GLU C 625 -75.17 -16.89 47.42
CA GLU C 625 -76.37 -16.65 48.20
C GLU C 625 -76.48 -17.72 49.28
N LEU C 626 -75.71 -18.79 49.13
CA LEU C 626 -75.84 -19.94 50.03
C LEU C 626 -75.06 -19.73 51.32
N MET C 627 -73.73 -19.53 51.20
CA MET C 627 -72.76 -19.40 52.29
C MET C 627 -72.85 -20.59 53.24
N PRO C 628 -72.27 -21.76 52.86
CA PRO C 628 -72.43 -23.01 53.63
C PRO C 628 -72.07 -22.94 55.11
N LYS C 629 -72.76 -23.73 55.93
CA LYS C 629 -72.78 -23.46 57.36
C LYS C 629 -72.18 -24.57 58.22
N ALA C 630 -71.64 -25.61 57.62
CA ALA C 630 -71.04 -26.68 58.40
C ALA C 630 -69.84 -27.30 57.67
N LEU C 631 -68.99 -27.96 58.47
CA LEU C 631 -67.61 -28.31 58.13
C LEU C 631 -67.48 -29.18 56.88
N SER C 632 -68.45 -30.05 56.63
CA SER C 632 -68.39 -30.89 55.45
C SER C 632 -68.67 -30.12 54.17
N THR C 633 -69.22 -28.91 54.30
CA THR C 633 -69.38 -28.04 53.15
C THR C 633 -68.54 -26.76 53.28
N ARG C 634 -67.58 -26.73 54.22
CA ARG C 634 -66.68 -25.59 54.30
C ARG C 634 -65.40 -25.85 53.51
N ILE C 635 -65.05 -27.12 53.31
CA ILE C 635 -63.86 -27.42 52.52
C ILE C 635 -64.18 -27.33 51.03
N VAL C 636 -65.31 -27.91 50.61
CA VAL C 636 -65.76 -27.73 49.22
C VAL C 636 -66.11 -26.27 48.96
N GLY C 637 -66.66 -25.60 49.96
CA GLY C 637 -66.84 -24.16 49.85
C GLY C 637 -65.54 -23.39 49.93
N GLY C 638 -64.49 -24.02 50.45
CA GLY C 638 -63.22 -23.35 50.62
C GLY C 638 -62.21 -23.62 49.53
N ILE C 639 -62.12 -24.87 49.08
CA ILE C 639 -61.16 -25.21 48.01
C ILE C 639 -61.61 -24.61 46.69
N TRP C 640 -62.93 -24.55 46.46
CA TRP C 640 -63.45 -24.00 45.21
C TRP C 640 -63.22 -22.50 45.12
N TRP C 641 -63.07 -21.83 46.26
CA TRP C 641 -62.64 -20.44 46.23
C TRP C 641 -61.20 -20.32 45.82
N PHE C 642 -60.36 -21.27 46.23
CA PHE C 642 -58.96 -21.25 45.82
C PHE C 642 -58.80 -21.72 44.38
N PHE C 643 -59.80 -22.43 43.84
CA PHE C 643 -59.76 -22.73 42.42
C PHE C 643 -60.10 -21.51 41.58
N THR C 644 -60.87 -20.58 42.15
CA THR C 644 -61.22 -19.38 41.40
C THR C 644 -60.07 -18.40 41.34
N LEU C 645 -59.41 -18.19 42.48
CA LEU C 645 -58.43 -17.11 42.60
C LEU C 645 -57.12 -17.47 41.90
N ILE C 646 -56.96 -18.73 41.51
CA ILE C 646 -55.81 -19.06 40.67
C ILE C 646 -56.17 -18.91 39.20
N ILE C 647 -57.39 -19.33 38.81
CA ILE C 647 -57.81 -19.24 37.41
C ILE C 647 -58.00 -17.79 36.99
N ILE C 648 -58.71 -17.00 37.81
CA ILE C 648 -58.93 -15.60 37.46
C ILE C 648 -57.64 -14.79 37.59
N SER C 649 -56.71 -15.21 38.44
CA SER C 649 -55.42 -14.53 38.45
C SER C 649 -54.37 -15.31 37.68
N SER C 650 -54.76 -16.30 36.89
CA SER C 650 -53.94 -16.69 35.75
C SER C 650 -54.64 -16.32 34.46
N TYR C 651 -55.60 -15.40 34.54
CA TYR C 651 -56.24 -14.88 33.34
C TYR C 651 -55.95 -13.40 33.19
N THR C 652 -56.15 -12.64 34.27
CA THR C 652 -55.72 -11.25 34.31
C THR C 652 -54.20 -11.16 34.23
N ALA C 653 -53.51 -12.13 34.80
CA ALA C 653 -52.05 -12.13 34.75
C ALA C 653 -51.54 -12.84 33.51
N ASN C 654 -52.40 -13.06 32.52
CA ASN C 654 -51.92 -13.59 31.25
C ASN C 654 -52.46 -12.79 30.08
N LEU C 655 -53.61 -12.14 30.24
CA LEU C 655 -54.09 -11.22 29.21
C LEU C 655 -53.29 -9.93 29.26
N ALA C 656 -52.70 -9.62 30.40
CA ALA C 656 -51.65 -8.61 30.45
C ALA C 656 -50.42 -9.07 29.70
N ALA C 657 -50.13 -10.38 29.77
CA ALA C 657 -48.92 -10.92 29.16
C ALA C 657 -49.06 -11.21 27.67
N PHE C 658 -50.22 -10.91 27.07
CA PHE C 658 -50.28 -10.87 25.62
C PHE C 658 -50.11 -9.44 25.12
N LEU C 659 -50.74 -8.50 25.82
CA LEU C 659 -50.86 -7.14 25.31
C LEU C 659 -49.63 -6.31 25.65
N THR C 660 -48.69 -6.89 26.41
CA THR C 660 -47.39 -6.23 26.57
C THR C 660 -46.31 -6.97 25.78
N VAL C 661 -46.66 -8.09 25.15
CA VAL C 661 -45.74 -8.77 24.25
C VAL C 661 -45.84 -8.21 22.84
N GLU C 662 -47.07 -8.10 22.31
CA GLU C 662 -47.23 -7.52 20.99
C GLU C 662 -47.22 -6.00 20.99
N ARG C 663 -46.84 -5.37 22.10
CA ARG C 663 -46.49 -3.97 22.14
C ARG C 663 -44.98 -3.74 22.16
N MET C 664 -44.20 -4.67 22.72
CA MET C 664 -42.74 -4.63 22.63
C MET C 664 -42.26 -4.87 21.22
N GLU C 665 -42.99 -5.63 20.41
CA GLU C 665 -42.55 -5.90 19.06
C GLU C 665 -43.02 -4.76 18.16
N SER C 666 -42.26 -4.50 17.10
CA SER C 666 -42.51 -3.40 16.19
C SER C 666 -41.97 -3.79 14.83
N PRO C 667 -42.57 -3.29 13.75
CA PRO C 667 -42.03 -3.57 12.41
C PRO C 667 -40.67 -2.90 12.21
N ILE C 668 -39.84 -3.51 11.37
CA ILE C 668 -38.49 -3.05 11.09
C ILE C 668 -38.53 -1.68 10.42
N ASP C 669 -37.59 -0.81 10.79
CA ASP C 669 -37.64 0.60 10.42
C ASP C 669 -36.30 1.04 9.85
N SER C 670 -35.30 0.16 9.93
CA SER C 670 -33.97 0.52 9.47
C SER C 670 -33.26 -0.67 8.85
N ALA C 671 -31.97 -0.53 8.58
CA ALA C 671 -31.21 -1.63 7.97
C ALA C 671 -30.50 -2.48 9.02
N ASP C 672 -30.26 -1.93 10.21
CA ASP C 672 -29.66 -2.75 11.27
C ASP C 672 -30.70 -3.59 12.00
N ASP C 673 -31.95 -3.13 12.04
CA ASP C 673 -33.01 -3.92 12.65
C ASP C 673 -33.33 -5.15 11.81
N LEU C 674 -33.16 -5.05 10.50
CA LEU C 674 -33.44 -6.19 9.65
C LEU C 674 -32.30 -7.20 9.73
N ALA C 675 -31.13 -6.76 10.15
CA ALA C 675 -29.97 -7.64 10.36
C ALA C 675 -30.16 -8.54 11.57
N LYS C 676 -31.02 -8.12 12.51
CA LYS C 676 -31.31 -8.93 13.67
C LYS C 676 -32.51 -9.82 13.42
N GLN C 677 -33.08 -9.77 12.20
CA GLN C 677 -34.25 -10.57 11.83
C GLN C 677 -33.80 -11.60 10.80
N THR C 678 -33.35 -12.76 11.28
CA THR C 678 -32.99 -13.86 10.40
C THR C 678 -34.20 -14.64 9.92
N LYS C 679 -35.40 -14.37 10.44
CA LYS C 679 -36.61 -14.95 9.89
C LYS C 679 -36.95 -14.34 8.53
N ILE C 680 -37.08 -13.02 8.47
CA ILE C 680 -37.36 -12.30 7.24
C ILE C 680 -36.09 -12.33 6.39
N GLU C 681 -36.15 -13.03 5.25
CA GLU C 681 -35.01 -13.15 4.37
C GLU C 681 -34.90 -11.91 3.48
N TYR C 682 -33.66 -11.50 3.18
CA TYR C 682 -33.39 -10.18 2.60
C TYR C 682 -33.96 -9.96 1.21
N GLY C 683 -33.41 -10.62 0.20
CA GLY C 683 -33.77 -10.32 -1.17
C GLY C 683 -33.14 -9.05 -1.72
N ALA C 684 -32.67 -9.12 -2.96
CA ALA C 684 -32.08 -7.97 -3.66
C ALA C 684 -32.06 -8.25 -5.16
N VAL C 685 -31.71 -7.26 -5.97
CA VAL C 685 -31.45 -7.53 -7.37
C VAL C 685 -30.03 -8.12 -7.49
N GLU C 686 -29.90 -9.17 -8.30
CA GLU C 686 -28.69 -9.95 -8.25
C GLU C 686 -27.60 -9.34 -9.14
N ASP C 687 -26.38 -9.37 -8.61
CA ASP C 687 -25.13 -9.04 -9.32
C ASP C 687 -25.13 -7.66 -9.96
N GLY C 688 -25.82 -6.71 -9.34
CA GLY C 688 -25.96 -5.40 -9.95
C GLY C 688 -25.29 -4.33 -9.11
N ALA C 689 -25.87 -3.12 -9.16
CA ALA C 689 -25.29 -2.00 -8.44
C ALA C 689 -25.61 -2.07 -6.96
N THR C 690 -26.66 -2.81 -6.60
CA THR C 690 -27.05 -2.92 -5.19
C THR C 690 -26.09 -3.82 -4.43
N MET C 691 -25.75 -4.98 -5.01
CA MET C 691 -24.81 -5.88 -4.36
C MET C 691 -23.38 -5.35 -4.46
N THR C 692 -23.14 -4.42 -5.39
CA THR C 692 -21.82 -3.81 -5.54
C THR C 692 -21.48 -2.98 -4.32
N PHE C 693 -22.48 -2.30 -3.75
CA PHE C 693 -22.25 -1.51 -2.54
C PHE C 693 -22.09 -2.42 -1.33
N PHE C 694 -22.70 -3.59 -1.36
CA PHE C 694 -22.76 -4.45 -0.19
C PHE C 694 -21.55 -5.37 -0.05
N LYS C 695 -20.90 -5.69 -1.16
CA LYS C 695 -19.76 -6.61 -1.13
C LYS C 695 -18.46 -5.92 -0.77
N LYS C 696 -18.37 -4.60 -0.93
CA LYS C 696 -17.14 -3.90 -0.58
C LYS C 696 -17.34 -2.98 0.63
N SER C 697 -18.46 -3.10 1.32
CA SER C 697 -18.70 -2.31 2.50
C SER C 697 -17.92 -2.86 3.69
N LYS C 698 -17.33 -1.94 4.46
CA LYS C 698 -16.57 -2.29 5.65
C LYS C 698 -17.21 -1.69 6.89
N ILE C 699 -18.49 -1.34 6.79
CA ILE C 699 -19.23 -0.69 7.87
C ILE C 699 -19.54 -1.75 8.92
N SER C 700 -19.61 -3.02 8.47
CA SER C 700 -19.84 -4.24 9.23
C SER C 700 -21.27 -4.37 9.78
N THR C 701 -22.12 -3.37 9.50
CA THR C 701 -23.55 -3.57 9.63
C THR C 701 -24.12 -4.08 8.32
N TYR C 702 -23.61 -3.55 7.20
CA TYR C 702 -24.04 -4.01 5.90
C TYR C 702 -23.27 -5.25 5.46
N ASP C 703 -22.12 -5.51 6.07
CA ASP C 703 -21.43 -6.77 5.84
C ASP C 703 -22.19 -7.93 6.46
N LYS C 704 -22.90 -7.68 7.56
CA LYS C 704 -23.80 -8.68 8.13
C LYS C 704 -24.98 -8.94 7.21
N MET C 705 -25.43 -7.91 6.49
CA MET C 705 -26.49 -8.10 5.50
C MET C 705 -25.97 -8.87 4.30
N TRP C 706 -24.68 -8.78 4.02
CA TRP C 706 -24.08 -9.53 2.92
C TRP C 706 -23.92 -11.01 3.28
N ALA C 707 -23.87 -11.31 4.59
CA ALA C 707 -23.58 -12.67 5.03
C ALA C 707 -24.73 -13.62 4.71
N PHE C 708 -25.97 -13.15 4.82
CA PHE C 708 -27.09 -14.03 4.53
C PHE C 708 -27.28 -14.21 3.02
N MET C 709 -27.08 -13.14 2.26
CA MET C 709 -27.27 -13.20 0.81
C MET C 709 -26.19 -14.01 0.12
N SER C 710 -25.00 -14.10 0.71
CA SER C 710 -23.94 -14.95 0.17
C SER C 710 -24.11 -16.40 0.58
N SER C 711 -24.81 -16.65 1.69
CA SER C 711 -25.03 -18.01 2.16
C SER C 711 -26.31 -18.58 1.57
N ARG C 712 -27.17 -17.71 1.05
CA ARG C 712 -28.44 -18.13 0.46
C ARG C 712 -28.55 -17.64 -0.98
N ARG C 713 -27.48 -17.82 -1.75
CA ARG C 713 -27.45 -17.41 -3.15
C ARG C 713 -28.43 -18.29 -3.95
N GLN C 714 -29.05 -17.68 -4.97
CA GLN C 714 -30.06 -18.27 -5.86
C GLN C 714 -31.33 -18.67 -5.12
N SER C 715 -31.54 -18.12 -3.92
CA SER C 715 -32.74 -18.37 -3.14
C SER C 715 -33.40 -17.08 -2.66
N VAL C 716 -32.60 -16.03 -2.41
CA VAL C 716 -33.15 -14.74 -2.02
C VAL C 716 -32.85 -13.72 -3.12
N LEU C 717 -31.78 -13.96 -3.89
CA LEU C 717 -31.36 -13.02 -4.93
C LEU C 717 -32.29 -13.16 -6.13
N VAL C 718 -33.40 -12.44 -6.06
CA VAL C 718 -34.48 -12.54 -7.03
C VAL C 718 -34.02 -11.89 -8.33
N LYS C 719 -34.57 -12.33 -9.46
CA LYS C 719 -33.96 -12.03 -10.75
C LYS C 719 -34.37 -10.67 -11.31
N SER C 720 -35.65 -10.48 -11.55
CA SER C 720 -36.08 -9.23 -12.17
C SER C 720 -36.51 -8.23 -11.10
N ASN C 721 -36.41 -6.95 -11.46
CA ASN C 721 -36.93 -5.90 -10.58
C ASN C 721 -38.45 -5.97 -10.47
N GLU C 722 -39.13 -6.37 -11.55
CA GLU C 722 -40.56 -6.64 -11.46
C GLU C 722 -40.82 -7.91 -10.65
N GLU C 723 -39.99 -8.94 -10.83
CA GLU C 723 -40.11 -10.16 -10.03
C GLU C 723 -39.74 -9.89 -8.58
N GLY C 724 -38.90 -8.90 -8.34
CA GLY C 724 -38.61 -8.44 -6.99
C GLY C 724 -39.80 -7.78 -6.32
N ILE C 725 -40.76 -7.32 -7.12
CA ILE C 725 -41.99 -6.77 -6.57
C ILE C 725 -43.05 -7.87 -6.44
N GLN C 726 -43.01 -8.84 -7.37
CA GLN C 726 -44.05 -9.87 -7.39
C GLN C 726 -43.91 -10.85 -6.23
N ARG C 727 -42.68 -11.25 -5.89
CA ARG C 727 -42.53 -12.26 -4.85
C ARG C 727 -42.74 -11.65 -3.46
N VAL C 728 -42.30 -10.41 -3.26
CA VAL C 728 -42.51 -9.73 -1.98
C VAL C 728 -43.99 -9.40 -1.75
N LEU C 729 -44.80 -9.36 -2.81
CA LEU C 729 -46.24 -9.30 -2.64
C LEU C 729 -46.78 -10.62 -2.09
N THR C 730 -46.17 -11.73 -2.47
CA THR C 730 -46.56 -13.05 -1.98
C THR C 730 -45.81 -13.43 -0.72
N SER C 731 -44.48 -13.52 -0.82
CA SER C 731 -43.62 -13.95 0.29
C SER C 731 -43.31 -12.80 1.22
N ASP C 732 -42.29 -12.99 2.08
CA ASP C 732 -41.96 -12.05 3.14
C ASP C 732 -40.50 -11.59 2.96
N TYR C 733 -40.17 -11.15 1.74
CA TYR C 733 -38.88 -10.53 1.49
C TYR C 733 -38.72 -9.17 2.16
N ALA C 734 -37.51 -8.63 2.12
CA ALA C 734 -37.20 -7.30 2.62
C ALA C 734 -36.43 -6.55 1.55
N PHE C 735 -37.00 -6.55 0.33
CA PHE C 735 -36.37 -6.21 -0.94
C PHE C 735 -35.64 -4.87 -0.93
N LEU C 736 -34.57 -4.76 -1.73
CA LEU C 736 -33.54 -3.75 -1.48
C LEU C 736 -33.15 -2.90 -2.68
N MET C 737 -34.07 -2.57 -3.58
CA MET C 737 -33.66 -1.87 -4.79
C MET C 737 -33.53 -0.37 -4.50
N GLU C 738 -33.21 0.42 -5.52
CA GLU C 738 -32.84 1.81 -5.36
C GLU C 738 -34.03 2.69 -5.00
N SER C 739 -33.75 3.91 -4.52
CA SER C 739 -34.76 4.68 -3.79
C SER C 739 -35.57 5.58 -4.71
N THR C 740 -35.67 5.24 -5.99
CA THR C 740 -36.64 5.91 -6.84
C THR C 740 -37.68 4.93 -7.35
N THR C 741 -37.31 3.65 -7.45
CA THR C 741 -38.29 2.63 -7.78
C THR C 741 -38.69 1.89 -6.51
N ILE C 742 -38.67 2.58 -5.37
CA ILE C 742 -39.21 2.07 -4.12
C ILE C 742 -40.27 3.08 -3.70
N GLU C 743 -40.24 4.26 -4.32
CA GLU C 743 -41.30 5.24 -4.10
C GLU C 743 -42.34 5.16 -5.20
N PHE C 744 -41.92 4.80 -6.42
CA PHE C 744 -42.86 4.69 -7.52
C PHE C 744 -43.74 3.47 -7.37
N VAL C 745 -43.19 2.38 -6.84
CA VAL C 745 -44.00 1.18 -6.59
C VAL C 745 -44.91 1.42 -5.39
N THR C 746 -44.46 2.24 -4.43
CA THR C 746 -45.26 2.57 -3.26
C THR C 746 -46.51 3.37 -3.64
N GLN C 747 -46.36 4.33 -4.55
CA GLN C 747 -47.47 5.22 -4.85
C GLN C 747 -48.55 4.59 -5.73
N ARG C 748 -48.19 3.71 -6.67
CA ARG C 748 -49.21 3.04 -7.48
C ARG C 748 -49.57 1.66 -6.95
N ASN C 749 -49.08 1.29 -5.76
CA ASN C 749 -49.46 0.05 -5.11
C ASN C 749 -49.30 0.30 -3.60
N CYS C 750 -50.41 0.62 -2.93
CA CYS C 750 -50.29 1.17 -1.58
C CYS C 750 -50.37 0.10 -0.49
N ASN C 751 -49.94 -1.11 -0.81
CA ASN C 751 -49.73 -2.15 0.21
C ASN C 751 -48.26 -2.47 0.40
N LEU C 752 -47.37 -1.54 0.07
CA LEU C 752 -45.92 -1.72 0.11
C LEU C 752 -45.27 -0.37 0.41
N THR C 753 -44.43 -0.31 1.44
CA THR C 753 -43.86 0.95 1.87
C THR C 753 -42.35 0.84 2.07
N GLN C 754 -41.65 1.90 1.67
CA GLN C 754 -40.30 2.15 2.13
C GLN C 754 -40.29 2.31 3.64
N ILE C 755 -39.29 1.70 4.29
CA ILE C 755 -39.28 1.72 5.74
C ILE C 755 -38.08 2.50 6.28
N GLY C 756 -36.98 2.52 5.54
CA GLY C 756 -35.75 3.01 6.11
C GLY C 756 -35.27 4.35 5.61
N GLY C 757 -34.00 4.66 5.88
CA GLY C 757 -33.42 5.90 5.45
C GLY C 757 -32.59 5.70 4.20
N LEU C 758 -31.88 6.75 3.81
CA LEU C 758 -31.07 6.72 2.61
C LEU C 758 -29.66 6.24 2.93
N ILE C 759 -29.36 5.01 2.55
CA ILE C 759 -28.06 4.39 2.83
C ILE C 759 -26.99 5.04 1.96
N ASP C 760 -27.24 5.11 0.65
CA ASP C 760 -26.25 5.63 -0.29
C ASP C 760 -26.70 7.00 -0.80
N SER C 761 -25.78 7.76 -1.41
CA SER C 761 -26.11 9.09 -1.89
C SER C 761 -25.58 9.32 -3.30
N LYS C 762 -25.86 8.36 -4.20
CA LYS C 762 -25.33 8.35 -5.56
C LYS C 762 -25.69 9.57 -6.39
N GLY C 763 -26.97 9.74 -6.69
CA GLY C 763 -27.41 10.83 -7.51
C GLY C 763 -27.35 10.54 -8.99
N TYR C 764 -28.40 10.93 -9.71
CA TYR C 764 -28.48 10.82 -11.17
C TYR C 764 -27.71 11.94 -11.84
N GLY C 765 -27.93 12.15 -13.12
CA GLY C 765 -27.30 13.30 -13.76
C GLY C 765 -27.53 13.40 -15.25
N VAL C 766 -27.75 14.62 -15.73
CA VAL C 766 -27.72 14.90 -17.16
C VAL C 766 -26.31 14.64 -17.65
N GLY C 767 -26.13 13.63 -18.49
CA GLY C 767 -24.81 13.25 -18.93
C GLY C 767 -24.19 14.21 -19.92
N THR C 768 -22.88 14.12 -20.09
CA THR C 768 -22.13 15.02 -20.95
C THR C 768 -21.02 14.19 -21.60
N PRO C 769 -20.78 14.36 -22.91
CA PRO C 769 -19.76 13.57 -23.59
C PRO C 769 -18.34 13.83 -23.09
N MET C 770 -17.40 13.07 -23.67
CA MET C 770 -15.97 13.14 -23.37
C MET C 770 -15.46 14.57 -23.53
N GLY C 771 -14.57 14.99 -22.62
CA GLY C 771 -14.55 16.33 -22.03
C GLY C 771 -14.94 17.51 -22.88
N SER C 772 -16.03 18.18 -22.47
CA SER C 772 -16.78 19.10 -23.31
C SER C 772 -17.43 20.16 -22.45
N PRO C 773 -17.59 21.40 -22.97
CA PRO C 773 -18.20 22.45 -22.16
C PRO C 773 -19.72 22.41 -22.14
N TYR C 774 -20.34 21.30 -22.55
CA TYR C 774 -21.79 21.17 -22.44
C TYR C 774 -22.22 20.90 -21.00
N ARG C 775 -21.28 20.53 -20.13
CA ARG C 775 -21.63 20.35 -18.73
C ARG C 775 -21.80 21.71 -18.05
N ASP C 776 -21.18 22.76 -18.61
CA ASP C 776 -21.13 24.04 -17.91
C ASP C 776 -22.37 24.87 -18.18
N LYS C 777 -23.02 24.64 -19.33
CA LYS C 777 -24.26 25.36 -19.60
C LYS C 777 -25.44 24.68 -18.92
N ILE C 778 -25.27 23.42 -18.51
CA ILE C 778 -26.38 22.69 -17.89
C ILE C 778 -26.31 22.82 -16.37
N THR C 779 -25.13 22.64 -15.78
CA THR C 779 -24.93 22.75 -14.33
C THR C 779 -25.33 24.12 -13.81
N ILE C 780 -25.13 25.17 -14.63
CA ILE C 780 -25.77 26.45 -14.38
C ILE C 780 -27.28 26.31 -14.47
N ALA C 781 -27.77 25.79 -15.59
CA ALA C 781 -29.20 25.92 -15.88
C ALA C 781 -30.04 24.91 -15.11
N ILE C 782 -29.43 23.81 -14.66
CA ILE C 782 -30.22 22.81 -13.94
C ILE C 782 -30.38 23.22 -12.47
N LEU C 783 -29.50 24.09 -11.97
CA LEU C 783 -29.67 24.59 -10.61
C LEU C 783 -30.79 25.61 -10.51
N GLN C 784 -31.16 26.25 -11.62
CA GLN C 784 -32.32 27.13 -11.59
C GLN C 784 -33.61 26.32 -11.50
N LEU C 785 -33.63 25.14 -12.11
CA LEU C 785 -34.79 24.26 -11.96
C LEU C 785 -34.80 23.61 -10.59
N GLN C 786 -33.61 23.40 -9.99
CA GLN C 786 -33.55 22.72 -8.70
C GLN C 786 -33.96 23.63 -7.55
N GLU C 787 -33.70 24.94 -7.66
CA GLU C 787 -33.96 25.84 -6.55
C GLU C 787 -35.32 26.51 -6.61
N GLU C 788 -35.93 26.66 -7.79
CA GLU C 788 -37.15 27.44 -7.85
C GLU C 788 -38.37 26.60 -7.44
N GLY C 789 -38.84 25.73 -8.32
CA GLY C 789 -39.84 24.74 -7.93
C GLY C 789 -39.86 23.50 -8.80
N LYS C 790 -39.01 23.47 -9.83
CA LYS C 790 -39.32 22.67 -11.01
C LYS C 790 -39.06 21.18 -10.81
N LEU C 791 -38.12 20.84 -9.93
CA LEU C 791 -37.85 19.42 -9.68
C LEU C 791 -38.73 18.88 -8.56
N HIS C 792 -39.69 19.68 -8.10
CA HIS C 792 -40.71 19.17 -7.18
C HIS C 792 -42.06 19.21 -7.85
N MET C 793 -42.23 20.09 -8.84
CA MET C 793 -43.47 20.13 -9.60
C MET C 793 -43.55 18.99 -10.60
N MET C 794 -42.40 18.43 -10.98
CA MET C 794 -42.40 17.34 -11.94
C MET C 794 -42.22 15.99 -11.26
N LYS C 795 -41.56 15.98 -10.10
CA LYS C 795 -41.45 14.76 -9.31
C LYS C 795 -42.80 14.36 -8.75
N GLU C 796 -43.64 15.35 -8.46
CA GLU C 796 -45.02 15.06 -8.04
C GLU C 796 -45.96 15.08 -9.23
N LYS C 797 -45.45 14.74 -10.43
CA LYS C 797 -46.30 14.65 -11.60
C LYS C 797 -46.23 13.23 -12.18
N TRP C 798 -45.19 12.48 -11.84
CA TRP C 798 -45.09 11.10 -12.29
C TRP C 798 -44.91 10.10 -11.14
N TRP C 799 -44.38 10.53 -10.00
CA TRP C 799 -44.38 9.71 -8.80
C TRP C 799 -45.57 9.98 -7.90
N ARG C 800 -46.70 10.40 -8.45
CA ARG C 800 -47.87 10.76 -7.65
C ARG C 800 -48.58 9.52 -7.13
N GLY C 801 -49.09 8.69 -8.04
CA GLY C 801 -49.82 7.49 -7.66
C GLY C 801 -51.27 7.76 -7.38
N ASN C 802 -51.90 6.84 -6.65
CA ASN C 802 -53.29 6.98 -6.24
C ASN C 802 -53.46 8.00 -5.11
N GLY C 803 -52.39 8.31 -4.38
CA GLY C 803 -52.50 9.11 -3.19
C GLY C 803 -53.25 8.36 -2.11
N CYS C 804 -52.92 7.08 -1.96
CA CYS C 804 -53.71 6.13 -1.18
C CYS C 804 -53.60 6.38 0.32
N PRO C 805 -54.71 6.73 1.02
CA PRO C 805 -54.64 6.82 2.48
C PRO C 805 -54.83 5.46 3.12
N GLU C 806 -54.14 5.18 4.23
CA GLU C 806 -54.13 3.80 4.69
C GLU C 806 -53.91 3.65 6.20
N GLU C 807 -54.65 2.70 6.79
CA GLU C 807 -54.53 2.08 8.11
C GLU C 807 -54.95 2.92 9.31
N GLU C 808 -55.12 4.25 9.15
CA GLU C 808 -55.35 5.19 10.26
C GLU C 808 -54.36 4.93 11.39
N SER C 809 -53.09 5.24 11.10
CA SER C 809 -51.99 4.28 11.09
C SER C 809 -52.10 3.10 12.05
N LYS C 810 -52.10 3.33 13.37
CA LYS C 810 -52.11 2.18 14.29
C LYS C 810 -53.02 2.40 15.49
N GLU C 811 -53.79 1.38 15.85
CA GLU C 811 -54.47 1.35 17.14
C GLU C 811 -53.52 0.74 18.17
N ALA C 812 -52.86 -0.37 17.79
CA ALA C 812 -51.71 -0.94 18.48
C ALA C 812 -51.96 -1.35 19.92
N SER C 813 -52.80 -2.38 20.12
CA SER C 813 -53.11 -3.00 21.41
C SER C 813 -53.68 -2.00 22.40
N ALA C 814 -54.80 -1.38 22.02
CA ALA C 814 -55.48 -0.36 22.80
C ALA C 814 -56.97 -0.68 22.84
N LEU C 815 -57.29 -1.91 23.28
CA LEU C 815 -58.40 -2.77 22.89
C LEU C 815 -59.71 -2.07 22.53
N GLY C 816 -60.23 -2.38 21.34
CA GLY C 816 -61.48 -1.81 20.88
C GLY C 816 -62.50 -2.89 20.66
N VAL C 817 -63.17 -2.84 19.52
CA VAL C 817 -64.26 -3.77 19.23
C VAL C 817 -63.67 -4.94 18.44
N GLN C 818 -62.47 -4.75 17.90
CA GLN C 818 -61.84 -5.75 17.05
C GLN C 818 -61.33 -6.97 17.82
N ASN C 819 -61.19 -6.88 19.15
CA ASN C 819 -60.67 -8.02 19.88
C ASN C 819 -61.64 -8.57 20.91
N ILE C 820 -62.16 -7.71 21.79
CA ILE C 820 -63.04 -8.20 22.84
C ILE C 820 -64.49 -7.92 22.47
N GLY C 821 -64.74 -7.69 21.18
CA GLY C 821 -66.09 -7.44 20.71
C GLY C 821 -66.95 -8.68 20.65
N GLY C 822 -66.33 -9.85 20.75
CA GLY C 822 -67.07 -11.10 20.74
C GLY C 822 -67.77 -11.44 22.03
N ILE C 823 -67.53 -10.70 23.10
CA ILE C 823 -68.32 -10.92 24.30
C ILE C 823 -69.69 -10.28 24.15
N PHE C 824 -69.81 -9.28 23.26
CA PHE C 824 -71.13 -8.72 22.98
C PHE C 824 -71.94 -9.65 22.10
N ILE C 825 -71.29 -10.67 21.52
CA ILE C 825 -72.02 -11.78 20.92
C ILE C 825 -72.57 -12.69 22.00
N VAL C 826 -71.76 -13.00 23.02
CA VAL C 826 -72.18 -13.97 24.02
C VAL C 826 -73.04 -13.30 25.09
N LEU C 827 -73.02 -11.96 25.14
CA LEU C 827 -74.00 -11.25 25.96
C LEU C 827 -75.33 -11.16 25.22
N ALA C 828 -75.28 -11.07 23.90
CA ALA C 828 -76.50 -11.15 23.11
C ALA C 828 -77.05 -12.56 23.11
N ALA C 829 -76.16 -13.56 23.07
CA ALA C 829 -76.60 -14.95 23.10
C ALA C 829 -77.03 -15.38 24.49
N GLY C 830 -76.58 -14.66 25.51
CA GLY C 830 -76.92 -15.01 26.88
C GLY C 830 -78.22 -14.41 27.35
N LEU C 831 -78.84 -13.59 26.51
CA LEU C 831 -80.14 -13.00 26.85
C LEU C 831 -81.23 -13.62 25.99
N VAL C 832 -80.84 -14.20 24.85
CA VAL C 832 -81.79 -14.97 24.04
C VAL C 832 -82.18 -16.25 24.79
N LEU C 833 -81.24 -16.86 25.49
CA LEU C 833 -81.56 -18.02 26.32
C LEU C 833 -82.21 -17.64 27.64
N SER C 834 -82.40 -16.35 27.89
CA SER C 834 -83.19 -15.95 29.05
C SER C 834 -84.66 -15.79 28.68
N VAL C 835 -84.93 -15.32 27.46
CA VAL C 835 -86.31 -15.09 27.03
C VAL C 835 -86.99 -16.43 26.73
N PHE C 836 -86.24 -17.35 26.13
CA PHE C 836 -86.83 -18.64 25.74
C PHE C 836 -87.05 -19.54 26.96
N VAL C 837 -86.38 -19.26 28.07
CA VAL C 837 -86.63 -20.00 29.30
C VAL C 837 -87.66 -19.26 30.16
N ALA C 838 -87.84 -17.95 29.92
CA ALA C 838 -88.90 -17.20 30.59
C ALA C 838 -90.27 -17.67 30.13
N VAL C 839 -90.37 -18.15 28.89
CA VAL C 839 -91.57 -18.86 28.46
C VAL C 839 -91.64 -20.22 29.15
N GLY C 840 -90.48 -20.85 29.36
CA GLY C 840 -90.46 -22.21 29.88
C GLY C 840 -90.88 -22.30 31.33
N GLU C 841 -90.51 -21.30 32.14
CA GLU C 841 -91.01 -21.26 33.51
C GLU C 841 -92.49 -20.88 33.54
N PHE C 842 -92.92 -20.07 32.57
CA PHE C 842 -94.31 -19.64 32.53
C PHE C 842 -95.22 -20.77 32.05
N LEU C 843 -94.67 -21.70 31.27
CA LEU C 843 -95.45 -22.85 30.81
C LEU C 843 -95.45 -23.96 31.87
N TYR C 844 -94.45 -23.96 32.75
CA TYR C 844 -94.30 -25.07 33.68
C TYR C 844 -95.27 -24.96 34.84
N LYS C 845 -95.49 -23.74 35.35
CA LYS C 845 -96.46 -23.55 36.42
C LYS C 845 -97.89 -23.51 35.87
N SER C 846 -98.05 -23.09 34.62
CA SER C 846 -99.38 -23.07 34.01
C SER C 846 -99.86 -24.47 33.72
N LYS C 847 -98.93 -25.38 33.40
CA LYS C 847 -99.27 -26.79 33.25
C LYS C 847 -99.56 -27.40 34.62
N LYS C 848 -98.92 -26.88 35.67
CA LYS C 848 -99.15 -27.39 37.01
C LYS C 848 -100.47 -26.87 37.57
N ASN C 849 -100.77 -25.60 37.35
CA ASN C 849 -101.96 -24.99 37.96
C ASN C 849 -103.23 -25.41 37.21
N ALA C 850 -103.09 -25.81 35.95
CA ALA C 850 -104.25 -26.33 35.22
C ALA C 850 -104.63 -27.71 35.73
N GLN C 851 -103.66 -28.44 36.28
CA GLN C 851 -103.89 -29.74 36.87
C GLN C 851 -104.58 -29.59 38.22
N LEU C 852 -104.40 -28.44 38.88
CA LEU C 852 -104.81 -28.34 40.28
C LEU C 852 -106.32 -28.16 40.43
N GLU C 853 -106.87 -27.04 39.96
CA GLU C 853 -108.26 -26.79 40.33
C GLU C 853 -109.28 -27.50 39.45
N LYS C 854 -109.54 -26.98 38.24
CA LYS C 854 -110.32 -27.74 37.27
C LYS C 854 -109.93 -27.46 35.82
N ARG C 855 -109.37 -26.28 35.56
CA ARG C 855 -109.58 -25.61 34.28
C ARG C 855 -108.37 -25.70 33.36
N SER C 856 -108.61 -25.41 32.09
CA SER C 856 -107.66 -25.61 31.00
C SER C 856 -106.72 -24.41 30.81
N PHE C 857 -106.09 -24.35 29.64
CA PHE C 857 -105.07 -23.36 29.29
C PHE C 857 -105.58 -21.94 29.14
N CYS C 858 -106.89 -21.73 29.28
CA CYS C 858 -107.45 -20.38 29.25
C CYS C 858 -107.01 -19.58 30.47
N SER C 859 -106.79 -20.26 31.59
CA SER C 859 -106.29 -19.60 32.79
C SER C 859 -104.79 -19.31 32.72
N ALA C 860 -104.07 -19.93 31.79
CA ALA C 860 -102.67 -19.60 31.59
C ALA C 860 -102.51 -18.19 31.04
N MET C 861 -103.46 -17.77 30.20
CA MET C 861 -103.52 -16.36 29.80
C MET C 861 -103.95 -15.47 30.95
N VAL C 862 -104.77 -15.99 31.87
CA VAL C 862 -105.15 -15.23 33.06
C VAL C 862 -103.96 -15.11 34.00
N GLU C 863 -103.06 -16.11 34.00
CA GLU C 863 -101.80 -15.98 34.74
C GLU C 863 -100.90 -14.91 34.13
N GLU C 864 -101.03 -14.67 32.82
CA GLU C 864 -100.38 -13.52 32.23
C GLU C 864 -101.14 -12.24 32.58
N LEU C 865 -102.45 -12.34 32.75
CA LEU C 865 -103.24 -11.18 33.16
C LEU C 865 -102.99 -10.81 34.61
N ARG C 866 -102.51 -11.77 35.41
CA ARG C 866 -102.16 -11.45 36.80
C ARG C 866 -100.76 -10.88 36.89
N MET C 867 -99.81 -11.42 36.12
CA MET C 867 -98.41 -11.07 36.28
C MET C 867 -98.02 -9.88 35.39
N SER C 868 -99.00 -9.30 34.69
CA SER C 868 -98.76 -8.08 33.93
C SER C 868 -98.94 -6.86 34.83
N LEU C 869 -99.40 -7.08 36.06
CA LEU C 869 -99.61 -5.98 37.00
C LEU C 869 -98.29 -5.49 37.56
N LYS C 870 -98.37 -4.42 38.35
CA LYS C 870 -97.20 -3.77 38.95
C LYS C 870 -96.77 -4.50 40.23
N CYS C 871 -95.93 -3.85 41.03
CA CYS C 871 -95.47 -4.39 42.29
C CYS C 871 -96.62 -4.61 43.27
N GLN C 872 -96.88 -5.88 43.58
CA GLN C 872 -97.97 -6.25 44.47
C GLN C 872 -97.46 -6.57 45.87
N THR D 33 51.11 -34.15 -70.41
CA THR D 33 52.48 -34.64 -70.55
C THR D 33 53.46 -33.57 -70.09
N HIS D 34 53.60 -32.52 -70.91
CA HIS D 34 54.44 -31.39 -70.48
C HIS D 34 53.85 -30.05 -70.90
N VAL D 35 52.61 -30.00 -71.39
CA VAL D 35 52.07 -28.78 -71.97
C VAL D 35 50.87 -28.29 -71.17
N LEU D 36 50.88 -28.55 -69.85
CA LEU D 36 49.77 -28.11 -69.01
C LEU D 36 49.89 -26.61 -68.73
N ARG D 37 49.62 -25.79 -69.74
CA ARG D 37 49.89 -24.37 -69.68
C ARG D 37 48.72 -23.62 -69.03
N PHE D 38 48.90 -23.18 -67.79
CA PHE D 38 47.82 -22.49 -67.09
C PHE D 38 47.77 -21.01 -67.43
N GLY D 39 46.58 -20.41 -67.32
CA GLY D 39 46.42 -19.03 -67.69
C GLY D 39 46.29 -18.10 -66.50
N GLY D 40 46.13 -16.81 -66.77
CA GLY D 40 45.99 -15.83 -65.70
C GLY D 40 45.67 -14.48 -66.28
N ILE D 41 44.66 -13.85 -65.69
CA ILE D 41 44.18 -12.53 -66.13
C ILE D 41 44.30 -11.61 -64.92
N PHE D 42 45.40 -11.73 -64.20
CA PHE D 42 45.64 -11.04 -62.93
C PHE D 42 45.70 -9.51 -63.10
N GLU D 43 45.82 -8.80 -62.00
CA GLU D 43 45.67 -7.36 -61.96
C GLU D 43 46.88 -6.69 -62.58
N TYR D 44 46.70 -5.49 -63.13
CA TYR D 44 47.74 -4.74 -63.82
C TYR D 44 48.30 -3.68 -62.90
N VAL D 45 49.62 -3.72 -62.68
CA VAL D 45 50.32 -2.72 -61.89
C VAL D 45 51.03 -1.80 -62.88
N GLU D 46 51.25 -0.56 -62.49
CA GLU D 46 51.76 0.45 -63.41
C GLU D 46 53.28 0.58 -63.31
N SER D 47 53.79 0.92 -62.12
CA SER D 47 55.22 1.08 -61.95
C SER D 47 55.69 0.45 -60.63
N GLY D 48 54.75 -0.08 -59.85
CA GLY D 48 55.09 -0.69 -58.58
C GLY D 48 55.38 -2.16 -58.74
N PRO D 49 55.43 -2.89 -57.60
CA PRO D 49 55.63 -4.34 -57.67
C PRO D 49 54.38 -5.04 -58.17
N MET D 50 54.53 -6.24 -58.71
CA MET D 50 53.40 -6.98 -59.26
C MET D 50 52.48 -7.45 -58.14
N GLY D 51 51.24 -7.81 -58.51
CA GLY D 51 50.17 -7.95 -57.54
C GLY D 51 50.35 -9.14 -56.60
N ALA D 52 49.56 -9.11 -55.53
CA ALA D 52 49.69 -10.14 -54.50
C ALA D 52 49.08 -11.45 -54.94
N GLU D 53 48.04 -11.40 -55.80
CA GLU D 53 47.43 -12.63 -56.29
C GLU D 53 48.36 -13.34 -57.27
N GLU D 54 49.04 -12.57 -58.12
CA GLU D 54 49.79 -13.17 -59.23
C GLU D 54 51.08 -13.81 -58.74
N LEU D 55 51.71 -13.22 -57.71
CA LEU D 55 52.92 -13.83 -57.14
C LEU D 55 52.59 -15.12 -56.42
N ALA D 56 51.39 -15.22 -55.85
CA ALA D 56 50.96 -16.48 -55.23
C ALA D 56 50.68 -17.53 -56.30
N PHE D 57 50.35 -17.09 -57.51
CA PHE D 57 50.14 -18.03 -58.59
C PHE D 57 51.47 -18.48 -59.18
N ARG D 58 52.45 -17.57 -59.25
CA ARG D 58 53.79 -17.96 -59.70
C ARG D 58 54.47 -18.86 -58.69
N PHE D 59 54.19 -18.66 -57.40
CA PHE D 59 54.81 -19.48 -56.36
C PHE D 59 54.15 -20.85 -56.28
N ALA D 60 52.90 -20.95 -56.72
CA ALA D 60 52.20 -22.24 -56.68
C ALA D 60 52.68 -23.15 -57.80
N VAL D 61 52.92 -22.58 -58.99
CA VAL D 61 53.45 -23.35 -60.10
C VAL D 61 54.91 -23.71 -59.84
N ASN D 62 55.62 -22.85 -59.12
CA ASN D 62 57.02 -23.11 -58.79
C ASN D 62 57.15 -24.26 -57.79
N THR D 63 56.16 -24.41 -56.90
CA THR D 63 56.27 -25.42 -55.85
C THR D 63 56.00 -26.82 -56.38
N ILE D 64 54.98 -26.95 -57.23
CA ILE D 64 54.59 -28.27 -57.74
C ILE D 64 55.58 -28.74 -58.81
N ASN D 65 56.20 -27.80 -59.53
CA ASN D 65 57.27 -28.17 -60.45
C ASN D 65 58.51 -28.63 -59.71
N ARG D 66 58.80 -28.02 -58.56
CA ARG D 66 59.97 -28.40 -57.78
C ARG D 66 59.72 -29.71 -57.06
N ASN D 67 58.58 -29.83 -56.39
CA ASN D 67 58.29 -31.05 -55.65
C ASN D 67 57.79 -32.13 -56.61
N ARG D 68 58.60 -33.17 -56.80
CA ARG D 68 58.32 -34.22 -57.77
C ARG D 68 57.41 -35.30 -57.21
N THR D 69 56.92 -35.10 -55.98
CA THR D 69 55.99 -36.03 -55.36
C THR D 69 54.65 -36.03 -56.08
N LEU D 70 53.98 -34.87 -56.10
CA LEU D 70 52.77 -34.71 -56.89
C LEU D 70 53.15 -34.40 -58.33
N LEU D 71 52.31 -34.85 -59.29
CA LEU D 71 52.51 -34.77 -60.73
C LEU D 71 53.85 -35.37 -61.13
N PRO D 72 53.97 -36.71 -61.11
CA PRO D 72 55.30 -37.33 -61.24
C PRO D 72 55.93 -37.22 -62.62
N ASN D 73 55.15 -36.87 -63.63
CA ASN D 73 55.65 -36.86 -65.01
C ASN D 73 55.33 -35.55 -65.71
N THR D 74 54.48 -34.71 -65.10
CA THR D 74 54.02 -33.50 -65.77
C THR D 74 54.59 -32.28 -65.05
N THR D 75 54.90 -31.23 -65.81
CA THR D 75 55.41 -29.98 -65.25
C THR D 75 54.44 -28.88 -65.69
N LEU D 76 54.00 -28.07 -64.72
CA LEU D 76 53.06 -27.00 -65.02
C LEU D 76 53.77 -25.81 -65.66
N THR D 77 52.98 -24.94 -66.28
CA THR D 77 53.50 -23.76 -66.98
C THR D 77 52.45 -22.65 -66.83
N TYR D 78 52.89 -21.49 -66.34
CA TYR D 78 51.98 -20.37 -66.18
C TYR D 78 51.99 -19.49 -67.43
N ASP D 79 50.89 -18.79 -67.67
CA ASP D 79 50.79 -17.78 -68.72
C ASP D 79 49.90 -16.66 -68.20
N THR D 80 50.51 -15.64 -67.59
CA THR D 80 49.74 -14.64 -66.90
C THR D 80 49.72 -13.32 -67.66
N GLN D 81 48.52 -12.78 -67.85
CA GLN D 81 48.38 -11.48 -68.48
C GLN D 81 47.66 -10.50 -67.55
N LYS D 82 47.57 -9.24 -67.95
CA LYS D 82 47.03 -8.18 -67.11
C LYS D 82 46.11 -7.32 -67.94
N ILE D 83 45.00 -6.80 -67.38
CA ILE D 83 44.12 -6.06 -68.27
C ILE D 83 43.80 -4.61 -67.86
N ASN D 84 42.75 -4.39 -67.06
CA ASN D 84 42.52 -3.12 -66.38
C ASN D 84 41.70 -3.32 -65.10
N LEU D 85 41.20 -4.54 -64.84
CA LEU D 85 40.28 -4.93 -63.75
C LEU D 85 38.96 -4.17 -63.69
N TYR D 86 38.63 -3.37 -64.70
CA TYR D 86 37.33 -2.71 -64.79
C TYR D 86 36.86 -2.66 -66.25
N ASP D 87 37.50 -3.45 -67.11
CA ASP D 87 37.11 -3.48 -68.51
C ASP D 87 36.76 -4.91 -68.92
N SER D 88 35.51 -5.13 -69.32
CA SER D 88 35.08 -6.49 -69.62
C SER D 88 35.47 -6.91 -71.04
N PHE D 89 35.84 -5.96 -71.90
CA PHE D 89 36.25 -6.34 -73.25
C PHE D 89 37.75 -6.55 -73.35
N GLU D 90 38.53 -5.81 -72.54
CA GLU D 90 39.94 -6.12 -72.44
C GLU D 90 40.14 -7.46 -71.75
N ALA D 91 39.24 -7.82 -70.84
CA ALA D 91 39.21 -9.15 -70.27
C ALA D 91 38.83 -10.19 -71.31
N SER D 92 37.92 -9.83 -72.23
CA SER D 92 37.46 -10.79 -73.23
C SER D 92 38.53 -11.02 -74.30
N LYS D 93 39.36 -10.02 -74.56
CA LYS D 93 40.45 -10.19 -75.52
C LYS D 93 41.56 -11.05 -74.93
N LYS D 94 41.96 -10.77 -73.69
CA LYS D 94 43.12 -11.44 -73.13
C LYS D 94 42.77 -12.81 -72.57
N ALA D 95 41.47 -13.10 -72.44
CA ALA D 95 41.07 -14.47 -72.16
C ALA D 95 41.29 -15.36 -73.39
N CYS D 96 40.89 -14.86 -74.56
CA CYS D 96 41.04 -15.64 -75.79
C CYS D 96 42.49 -15.67 -76.26
N ASP D 97 43.26 -14.63 -75.96
CA ASP D 97 44.65 -14.59 -76.41
C ASP D 97 45.50 -15.60 -75.65
N GLN D 98 45.09 -15.96 -74.44
CA GLN D 98 45.67 -17.12 -73.78
C GLN D 98 45.05 -18.40 -74.30
N LEU D 99 43.78 -18.33 -74.68
CA LEU D 99 43.03 -19.53 -75.04
C LEU D 99 43.31 -19.93 -76.49
N SER D 100 43.69 -18.97 -77.33
CA SER D 100 44.13 -19.30 -78.68
C SER D 100 45.59 -19.72 -78.68
N LEU D 101 46.33 -19.32 -77.64
CA LEU D 101 47.71 -19.72 -77.48
C LEU D 101 47.76 -21.13 -76.92
N GLY D 102 46.69 -21.53 -76.23
CA GLY D 102 46.56 -22.87 -75.71
C GLY D 102 46.68 -22.94 -74.20
N VAL D 103 45.55 -23.00 -73.52
CA VAL D 103 45.50 -23.20 -72.07
C VAL D 103 44.47 -24.27 -71.77
N ALA D 104 44.27 -24.56 -70.48
CA ALA D 104 43.26 -25.54 -70.10
C ALA D 104 42.41 -25.09 -68.92
N ALA D 105 42.92 -24.20 -68.08
CA ALA D 105 42.29 -23.97 -66.78
C ALA D 105 42.28 -22.53 -66.30
N ILE D 106 41.79 -21.58 -67.11
CA ILE D 106 41.76 -20.13 -66.86
C ILE D 106 41.33 -19.75 -65.44
N PHE D 107 42.16 -18.94 -64.75
CA PHE D 107 42.05 -18.75 -63.31
C PHE D 107 41.39 -17.45 -62.91
N GLY D 108 40.70 -16.77 -63.83
CA GLY D 108 39.78 -15.73 -63.45
C GLY D 108 40.43 -14.39 -63.17
N PRO D 109 39.84 -13.31 -63.69
CA PRO D 109 40.37 -11.97 -63.43
C PRO D 109 39.96 -11.40 -62.08
N SER D 110 39.16 -12.13 -61.29
CA SER D 110 38.86 -11.84 -59.89
C SER D 110 38.18 -10.49 -59.67
N HIS D 111 36.99 -10.30 -60.26
CA HIS D 111 36.24 -9.07 -60.09
C HIS D 111 34.76 -9.31 -60.37
N SER D 112 33.88 -8.41 -59.92
CA SER D 112 32.45 -8.58 -60.10
C SER D 112 31.99 -8.29 -61.52
N SER D 113 32.82 -7.63 -62.33
CA SER D 113 32.40 -7.29 -63.69
C SER D 113 33.37 -7.85 -64.71
N SER D 114 34.63 -8.07 -64.30
CA SER D 114 35.59 -8.69 -65.20
C SER D 114 35.33 -10.18 -65.34
N ALA D 115 34.69 -10.79 -64.34
CA ALA D 115 34.40 -12.22 -64.40
C ALA D 115 33.00 -12.47 -64.95
N ASN D 116 32.30 -11.42 -65.35
CA ASN D 116 31.02 -11.61 -66.03
C ASN D 116 31.23 -11.98 -67.49
N ALA D 117 32.45 -11.78 -68.01
CA ALA D 117 32.72 -12.13 -69.39
C ALA D 117 33.57 -13.39 -69.47
N VAL D 118 34.56 -13.52 -68.59
CA VAL D 118 35.51 -14.63 -68.68
C VAL D 118 34.85 -15.93 -68.24
N GLN D 119 33.83 -15.84 -67.39
CA GLN D 119 33.01 -17.02 -67.08
C GLN D 119 32.28 -17.51 -68.31
N SER D 120 31.87 -16.60 -69.18
CA SER D 120 31.16 -16.99 -70.39
C SER D 120 32.14 -17.35 -71.50
N ILE D 121 33.37 -16.82 -71.45
CA ILE D 121 34.47 -17.35 -72.25
C ILE D 121 34.67 -18.83 -71.93
N CYS D 122 34.65 -19.16 -70.64
CA CYS D 122 34.95 -20.51 -70.21
C CYS D 122 33.71 -21.40 -70.25
N ASN D 123 32.51 -20.83 -70.25
CA ASN D 123 31.34 -21.69 -70.38
C ASN D 123 30.65 -21.53 -71.72
N ALA D 124 31.42 -21.28 -72.77
CA ALA D 124 31.00 -21.51 -74.15
C ALA D 124 32.08 -22.20 -74.97
N LEU D 125 33.22 -22.46 -74.34
CA LEU D 125 34.36 -23.11 -74.97
C LEU D 125 34.79 -24.38 -74.27
N GLY D 126 34.40 -24.57 -73.00
CA GLY D 126 34.56 -25.83 -72.31
C GLY D 126 35.53 -25.80 -71.14
N VAL D 127 36.44 -24.83 -71.11
CA VAL D 127 37.53 -24.85 -70.13
C VAL D 127 37.01 -24.45 -68.76
N PRO D 128 37.57 -24.98 -67.67
CA PRO D 128 37.12 -24.57 -66.33
C PRO D 128 37.66 -23.21 -65.91
N HIS D 129 36.91 -22.58 -65.00
CA HIS D 129 37.19 -21.21 -64.59
C HIS D 129 37.26 -21.08 -63.08
N ILE D 130 38.43 -21.25 -62.48
CA ILE D 130 38.57 -21.23 -61.03
C ILE D 130 38.59 -19.78 -60.54
N GLN D 131 37.58 -19.40 -59.76
CA GLN D 131 37.50 -18.05 -59.21
C GLN D 131 38.09 -18.03 -57.81
N THR D 132 38.67 -16.90 -57.39
CA THR D 132 39.21 -16.80 -56.04
C THR D 132 38.72 -15.54 -55.32
N ARG D 133 37.68 -14.91 -55.85
CA ARG D 133 37.06 -13.79 -55.16
C ARG D 133 35.55 -13.88 -55.41
N TRP D 134 34.75 -13.36 -54.50
CA TRP D 134 33.32 -13.54 -54.54
C TRP D 134 32.72 -12.72 -55.69
N LYS D 135 31.83 -13.35 -56.45
CA LYS D 135 31.14 -12.75 -57.58
C LYS D 135 29.67 -13.09 -57.44
N HIS D 136 28.78 -12.14 -57.72
CA HIS D 136 27.35 -12.35 -57.53
C HIS D 136 26.81 -13.44 -58.45
N GLN D 137 26.38 -14.55 -57.85
CA GLN D 137 25.74 -15.62 -58.60
C GLN D 137 24.34 -15.19 -58.97
N VAL D 138 24.16 -14.72 -60.21
CA VAL D 138 22.86 -14.26 -60.64
C VAL D 138 21.96 -15.47 -60.84
N SER D 139 20.68 -15.33 -60.49
CA SER D 139 19.83 -16.45 -60.08
C SER D 139 19.52 -17.39 -61.25
N ASP D 140 19.52 -16.83 -62.46
CA ASP D 140 19.16 -17.65 -63.61
C ASP D 140 20.35 -17.86 -64.55
N ASN D 141 21.56 -17.72 -64.02
CA ASN D 141 22.75 -18.02 -64.81
C ASN D 141 22.93 -19.53 -64.89
N LYS D 142 22.42 -20.15 -65.96
CA LYS D 142 22.61 -21.59 -66.13
C LYS D 142 23.91 -21.90 -66.85
N ASP D 143 25.00 -21.29 -66.40
CA ASP D 143 26.34 -21.72 -66.74
C ASP D 143 26.90 -22.49 -65.56
N SER D 144 27.43 -23.69 -65.79
CA SER D 144 28.22 -24.35 -64.75
C SER D 144 29.42 -25.05 -65.37
N PHE D 145 30.48 -24.28 -65.64
CA PHE D 145 31.83 -24.77 -65.95
C PHE D 145 32.87 -24.11 -65.06
N TYR D 146 32.50 -23.79 -63.82
CA TYR D 146 33.35 -22.96 -62.96
C TYR D 146 33.27 -23.49 -61.54
N VAL D 147 34.27 -23.13 -60.73
CA VAL D 147 34.31 -23.46 -59.31
C VAL D 147 34.80 -22.23 -58.54
N SER D 148 33.88 -21.55 -57.87
CA SER D 148 34.23 -20.46 -56.98
C SER D 148 34.86 -21.03 -55.71
N LEU D 149 36.09 -20.60 -55.43
CA LEU D 149 36.85 -21.16 -54.33
C LEU D 149 36.85 -20.28 -53.09
N TYR D 150 36.57 -18.99 -53.25
CA TYR D 150 36.35 -18.12 -52.10
C TYR D 150 35.10 -18.58 -51.36
N PRO D 151 35.08 -18.51 -50.03
CA PRO D 151 33.95 -19.05 -49.28
C PRO D 151 32.66 -18.30 -49.54
N ASP D 152 31.60 -19.06 -49.76
CA ASP D 152 30.31 -18.49 -50.13
C ASP D 152 29.72 -17.72 -48.98
N PHE D 153 29.11 -16.57 -49.29
CA PHE D 153 28.42 -15.81 -48.27
C PHE D 153 27.01 -16.30 -48.00
N SER D 154 26.67 -17.50 -48.46
CA SER D 154 25.50 -18.19 -47.91
C SER D 154 25.92 -19.10 -46.77
N SER D 155 27.19 -19.03 -46.37
CA SER D 155 27.65 -19.80 -45.22
C SER D 155 28.31 -18.90 -44.19
N LEU D 156 29.03 -17.86 -44.63
CA LEU D 156 29.51 -16.85 -43.68
C LEU D 156 28.37 -16.03 -43.10
N SER D 157 27.26 -15.90 -43.82
CA SER D 157 26.15 -15.10 -43.31
C SER D 157 25.23 -15.93 -42.43
N ARG D 158 25.55 -17.21 -42.26
CA ARG D 158 24.98 -17.94 -41.13
C ARG D 158 25.94 -17.95 -39.95
N ALA D 159 27.25 -17.99 -40.21
CA ALA D 159 28.26 -17.96 -39.16
C ALA D 159 28.31 -16.63 -38.43
N ILE D 160 28.14 -15.52 -39.15
CA ILE D 160 27.94 -14.24 -38.46
C ILE D 160 26.62 -14.25 -37.70
N LEU D 161 25.60 -14.92 -38.26
CA LEU D 161 24.33 -15.03 -37.54
C LEU D 161 24.42 -16.06 -36.42
N ASP D 162 25.44 -16.92 -36.42
CA ASP D 162 25.66 -17.77 -35.26
C ASP D 162 26.33 -17.01 -34.12
N LEU D 163 27.22 -16.07 -34.43
CA LEU D 163 27.82 -15.25 -33.39
C LEU D 163 26.86 -14.20 -32.87
N VAL D 164 25.85 -13.81 -33.65
CA VAL D 164 24.95 -12.79 -33.17
C VAL D 164 23.85 -13.43 -32.31
N GLN D 165 23.74 -14.75 -32.35
CA GLN D 165 22.78 -15.44 -31.48
C GLN D 165 23.52 -16.20 -30.39
N PHE D 166 24.85 -16.09 -30.36
CA PHE D 166 25.63 -16.62 -29.26
C PHE D 166 25.89 -15.52 -28.25
N PHE D 167 26.22 -14.33 -28.75
CA PHE D 167 26.49 -13.16 -27.92
C PHE D 167 25.22 -12.51 -27.41
N LYS D 168 24.08 -12.92 -27.94
CA LYS D 168 22.73 -12.49 -27.56
C LYS D 168 22.53 -10.99 -27.71
N TRP D 169 22.58 -10.49 -28.94
CA TRP D 169 22.46 -9.07 -29.22
C TRP D 169 21.03 -8.72 -29.59
N LYS D 170 20.76 -7.42 -29.61
CA LYS D 170 19.48 -6.92 -30.08
C LYS D 170 19.63 -5.70 -30.99
N THR D 171 20.80 -5.07 -30.97
CA THR D 171 20.96 -3.73 -31.54
C THR D 171 22.11 -3.62 -32.52
N VAL D 172 22.19 -4.51 -33.50
CA VAL D 172 23.30 -4.54 -34.44
C VAL D 172 23.25 -3.37 -35.40
N THR D 173 24.33 -3.16 -36.14
CA THR D 173 24.41 -2.14 -37.20
C THR D 173 25.38 -2.64 -38.26
N VAL D 174 24.84 -3.20 -39.34
CA VAL D 174 25.66 -3.65 -40.45
C VAL D 174 26.15 -2.46 -41.23
N VAL D 175 27.47 -2.35 -41.37
CA VAL D 175 28.09 -1.24 -42.09
C VAL D 175 28.87 -1.81 -43.28
N TYR D 176 28.32 -1.67 -44.48
CA TYR D 176 28.99 -2.17 -45.68
C TYR D 176 29.82 -1.06 -46.32
N ASP D 177 30.31 -1.28 -47.53
CA ASP D 177 31.19 -0.29 -48.15
C ASP D 177 30.75 0.14 -49.55
N ASP D 178 30.14 -0.77 -50.31
CA ASP D 178 29.58 -0.42 -51.60
C ASP D 178 28.34 -1.27 -51.84
N SER D 179 27.58 -0.92 -52.88
CA SER D 179 26.26 -1.51 -53.14
C SER D 179 26.29 -3.01 -53.40
N THR D 180 27.46 -3.57 -53.72
CA THR D 180 27.61 -5.02 -53.77
C THR D 180 27.54 -5.63 -52.36
N GLY D 181 27.79 -4.82 -51.34
CA GLY D 181 27.85 -5.35 -49.98
C GLY D 181 26.49 -5.70 -49.39
N LEU D 182 25.42 -5.29 -50.07
CA LEU D 182 24.09 -5.68 -49.61
C LEU D 182 23.72 -7.09 -50.04
N ILE D 183 24.31 -7.55 -51.14
CA ILE D 183 23.98 -8.88 -51.65
C ILE D 183 24.62 -9.97 -50.80
N ARG D 184 25.91 -9.85 -50.48
CA ARG D 184 26.56 -10.92 -49.75
C ARG D 184 26.31 -10.88 -48.25
N LEU D 185 25.39 -10.06 -47.78
CA LEU D 185 24.84 -10.17 -46.43
C LEU D 185 23.32 -10.27 -46.48
N GLN D 186 22.78 -10.93 -47.50
CA GLN D 186 21.32 -10.98 -47.64
C GLN D 186 20.70 -11.95 -46.64
N GLU D 187 21.50 -12.87 -46.10
CA GLU D 187 20.96 -13.78 -45.08
C GLU D 187 21.15 -13.21 -43.69
N LEU D 188 21.64 -11.97 -43.61
CA LEU D 188 21.78 -11.27 -42.35
C LEU D 188 20.84 -10.06 -42.26
N ILE D 189 20.38 -9.56 -43.40
CA ILE D 189 19.45 -8.43 -43.39
C ILE D 189 18.05 -9.00 -43.28
N LYS D 190 17.89 -10.28 -43.59
CA LYS D 190 16.63 -10.99 -43.37
C LYS D 190 16.48 -11.51 -41.94
N ALA D 191 17.43 -11.21 -41.07
CA ALA D 191 17.38 -11.59 -39.66
C ALA D 191 16.31 -10.94 -38.78
N PRO D 192 15.75 -9.72 -39.07
CA PRO D 192 14.57 -9.30 -38.31
C PRO D 192 13.35 -10.21 -38.47
N SER D 193 13.23 -10.97 -39.55
CA SER D 193 12.15 -11.96 -39.64
C SER D 193 12.62 -13.34 -39.15
N ARG D 194 13.31 -13.31 -38.02
CA ARG D 194 13.67 -14.43 -37.17
C ARG D 194 14.03 -13.82 -35.82
N TYR D 195 14.82 -14.53 -35.01
CA TYR D 195 14.84 -14.51 -33.54
C TYR D 195 14.69 -13.17 -32.82
N ASN D 196 15.66 -12.26 -32.89
CA ASN D 196 15.55 -11.12 -32.00
C ASN D 196 16.13 -9.80 -32.52
N LEU D 197 16.69 -9.77 -33.73
CA LEU D 197 17.53 -8.63 -34.09
C LEU D 197 16.76 -7.38 -34.51
N ARG D 198 17.46 -6.24 -34.56
CA ARG D 198 16.92 -4.96 -35.02
C ARG D 198 18.04 -4.26 -35.79
N LEU D 199 18.01 -4.37 -37.12
CA LEU D 199 19.07 -3.88 -37.98
C LEU D 199 18.98 -2.38 -38.20
N LYS D 200 20.12 -1.71 -38.36
CA LYS D 200 20.18 -0.27 -38.64
C LYS D 200 21.20 0.05 -39.72
N ILE D 201 21.12 -0.61 -40.88
CA ILE D 201 22.09 -0.62 -41.97
C ILE D 201 22.59 0.76 -42.40
N ARG D 202 23.91 0.96 -42.38
CA ARG D 202 24.53 2.23 -42.78
C ARG D 202 25.61 1.96 -43.82
N GLN D 203 25.89 2.98 -44.64
CA GLN D 203 26.83 2.87 -45.75
C GLN D 203 28.00 3.83 -45.55
N LEU D 204 29.22 3.31 -45.68
CA LEU D 204 30.42 4.15 -45.61
C LEU D 204 30.46 5.14 -46.77
N PRO D 205 31.08 6.32 -46.60
CA PRO D 205 31.09 7.33 -47.66
C PRO D 205 31.82 6.89 -48.92
N ALA D 206 31.25 7.23 -50.08
CA ALA D 206 31.69 6.73 -51.38
C ALA D 206 33.10 7.19 -51.77
N ASP D 207 33.27 8.50 -51.95
CA ASP D 207 34.50 9.01 -52.55
C ASP D 207 35.65 9.15 -51.55
N THR D 208 35.34 9.59 -50.33
CA THR D 208 36.39 9.90 -49.37
C THR D 208 36.72 8.71 -48.49
N LYS D 209 37.84 8.80 -47.78
CA LYS D 209 38.23 7.85 -46.77
C LYS D 209 37.78 8.25 -45.37
N ASP D 210 37.35 9.51 -45.20
CA ASP D 210 37.00 10.04 -43.88
C ASP D 210 35.58 9.62 -43.51
N ALA D 211 35.46 8.86 -42.42
CA ALA D 211 34.18 8.42 -41.91
C ALA D 211 33.77 9.18 -40.64
N LYS D 212 34.07 10.47 -40.57
CA LYS D 212 33.67 11.26 -39.40
C LYS D 212 32.17 11.46 -39.28
N PRO D 213 31.38 11.82 -40.37
CA PRO D 213 29.93 11.95 -40.15
C PRO D 213 29.21 10.64 -39.89
N LEU D 214 29.83 9.51 -40.20
CA LEU D 214 29.19 8.22 -39.98
C LEU D 214 29.34 7.76 -38.54
N LEU D 215 30.58 7.73 -38.05
CA LEU D 215 30.81 7.24 -36.69
C LEU D 215 30.33 8.22 -35.64
N LYS D 216 30.06 9.47 -36.01
CA LYS D 216 29.41 10.40 -35.10
C LYS D 216 27.95 10.02 -34.92
N GLU D 217 27.30 9.59 -35.99
CA GLU D 217 25.90 9.19 -35.89
C GLU D 217 25.73 7.85 -35.21
N MET D 218 26.76 7.01 -35.24
CA MET D 218 26.68 5.72 -34.55
C MET D 218 26.82 5.96 -33.05
N LYS D 219 27.63 6.94 -32.69
CA LYS D 219 27.86 7.27 -31.29
C LYS D 219 26.64 7.92 -30.67
N ARG D 220 25.94 8.74 -31.45
CA ARG D 220 24.75 9.46 -30.98
C ARG D 220 23.59 8.50 -30.77
N GLY D 221 23.44 7.53 -31.65
CA GLY D 221 22.34 6.58 -31.56
C GLY D 221 22.61 5.43 -30.61
N LYS D 222 23.83 5.41 -30.05
CA LYS D 222 24.32 4.38 -29.12
C LYS D 222 24.23 2.98 -29.74
N GLU D 223 25.00 2.79 -30.81
CA GLU D 223 25.05 1.51 -31.51
C GLU D 223 26.30 0.79 -31.03
N PHE D 224 26.15 -0.04 -30.00
CA PHE D 224 27.27 -0.63 -29.28
C PHE D 224 27.75 -1.93 -29.92
N HIS D 225 27.13 -2.34 -31.01
CA HIS D 225 27.52 -3.60 -31.64
C HIS D 225 27.54 -3.38 -33.15
N VAL D 226 28.69 -3.67 -33.75
CA VAL D 226 28.91 -3.32 -35.15
C VAL D 226 29.26 -4.59 -35.92
N ILE D 227 28.75 -4.73 -37.14
CA ILE D 227 29.00 -5.89 -38.00
C ILE D 227 29.64 -5.40 -39.29
N PHE D 228 30.71 -4.60 -39.16
CA PHE D 228 31.57 -4.14 -40.26
C PHE D 228 31.75 -5.15 -41.39
N ASP D 229 31.53 -4.69 -42.61
CA ASP D 229 31.61 -5.51 -43.83
C ASP D 229 32.56 -4.81 -44.80
N CYS D 230 33.84 -5.09 -44.67
CA CYS D 230 34.87 -4.46 -45.47
C CYS D 230 35.91 -5.48 -45.89
N SER D 231 36.86 -5.02 -46.69
CA SER D 231 38.10 -5.75 -46.92
C SER D 231 39.10 -5.38 -45.84
N HIS D 232 40.36 -5.77 -46.05
CA HIS D 232 41.38 -5.45 -45.05
C HIS D 232 41.99 -4.08 -45.31
N GLU D 233 41.55 -3.39 -46.37
CA GLU D 233 41.97 -2.01 -46.57
C GLU D 233 41.06 -1.05 -45.83
N MET D 234 39.74 -1.31 -45.87
CA MET D 234 38.80 -0.49 -45.12
C MET D 234 38.60 -1.02 -43.70
N ALA D 235 39.34 -2.06 -43.31
CA ALA D 235 39.32 -2.48 -41.91
C ALA D 235 40.26 -1.60 -41.08
N ALA D 236 41.52 -1.50 -41.51
CA ALA D 236 42.46 -0.63 -40.81
C ALA D 236 42.19 0.83 -41.12
N GLY D 237 41.44 1.11 -42.19
CA GLY D 237 41.10 2.47 -42.52
C GLY D 237 40.04 3.06 -41.62
N ILE D 238 38.93 2.35 -41.45
CA ILE D 238 37.82 2.88 -40.65
C ILE D 238 38.16 2.82 -39.17
N LEU D 239 38.73 1.71 -38.72
CA LEU D 239 38.91 1.46 -37.29
C LEU D 239 39.97 2.38 -36.69
N LYS D 240 40.83 2.95 -37.54
CA LYS D 240 41.72 4.00 -37.06
C LYS D 240 40.94 5.26 -36.69
N GLN D 241 39.93 5.64 -37.46
CA GLN D 241 39.09 6.74 -37.02
C GLN D 241 38.09 6.32 -35.96
N ALA D 242 38.01 5.03 -35.62
CA ALA D 242 37.27 4.62 -34.43
C ALA D 242 38.11 4.83 -33.18
N LEU D 243 39.44 4.95 -33.36
CA LEU D 243 40.32 5.23 -32.23
C LEU D 243 40.57 6.72 -32.11
N ALA D 244 40.57 7.43 -33.24
CA ALA D 244 40.67 8.89 -33.21
C ALA D 244 39.41 9.52 -32.65
N MET D 245 38.26 8.87 -32.80
CA MET D 245 37.08 9.25 -32.05
C MET D 245 37.02 8.37 -30.80
N GLY D 246 36.01 8.55 -29.97
CA GLY D 246 35.93 7.76 -28.75
C GLY D 246 35.10 6.51 -28.94
N MET D 247 35.29 5.84 -30.07
CA MET D 247 34.39 4.75 -30.44
C MET D 247 34.88 3.42 -29.91
N MET D 248 36.15 3.33 -29.53
CA MET D 248 36.69 2.06 -29.05
C MET D 248 36.84 2.11 -27.53
N THR D 249 35.70 2.02 -26.87
CA THR D 249 35.66 1.89 -25.42
C THR D 249 35.63 0.41 -25.06
N GLU D 250 35.26 0.10 -23.81
CA GLU D 250 35.08 -1.27 -23.36
C GLU D 250 33.69 -1.80 -23.67
N TYR D 251 32.89 -1.06 -24.43
CA TYR D 251 31.48 -1.33 -24.62
C TYR D 251 31.13 -1.75 -26.04
N TYR D 252 32.02 -1.50 -27.00
CA TYR D 252 31.74 -1.61 -28.42
C TYR D 252 32.34 -2.89 -28.96
N HIS D 253 31.50 -3.75 -29.50
CA HIS D 253 31.94 -5.00 -30.10
C HIS D 253 32.10 -4.77 -31.60
N TYR D 254 33.00 -5.48 -32.27
CA TYR D 254 33.27 -5.18 -33.68
C TYR D 254 33.40 -6.38 -34.60
N ILE D 255 32.39 -7.25 -34.69
CA ILE D 255 32.45 -8.43 -35.57
C ILE D 255 32.71 -8.03 -37.02
N PHE D 256 33.86 -8.45 -37.53
CA PHE D 256 34.20 -8.20 -38.92
C PHE D 256 33.73 -9.35 -39.80
N THR D 257 33.48 -9.07 -41.08
CA THR D 257 33.11 -10.08 -42.04
C THR D 257 34.32 -10.70 -42.73
N THR D 258 35.33 -9.88 -43.02
CA THR D 258 36.52 -10.24 -43.80
C THR D 258 37.28 -11.45 -43.27
N LEU D 259 38.01 -12.12 -44.17
CA LEU D 259 38.78 -13.28 -43.79
C LEU D 259 40.26 -12.92 -43.70
N ASP D 260 40.54 -11.61 -43.75
CA ASP D 260 41.88 -11.11 -43.56
C ASP D 260 42.07 -10.40 -42.24
N LEU D 261 41.41 -10.84 -41.17
CA LEU D 261 41.61 -10.21 -39.88
C LEU D 261 42.92 -10.70 -39.28
N PHE D 262 43.43 -11.83 -39.78
CA PHE D 262 44.76 -12.31 -39.39
C PHE D 262 45.81 -11.66 -40.30
N ALA D 263 45.68 -10.35 -40.50
CA ALA D 263 46.69 -9.50 -41.12
C ALA D 263 46.75 -8.22 -40.32
N LEU D 264 45.67 -7.95 -39.60
CA LEU D 264 45.39 -6.63 -39.05
C LEU D 264 46.27 -6.34 -37.84
N ASP D 265 47.19 -5.39 -38.00
CA ASP D 265 48.19 -5.10 -36.99
C ASP D 265 47.58 -4.38 -35.80
N VAL D 266 47.08 -5.15 -34.84
CA VAL D 266 46.52 -4.55 -33.64
C VAL D 266 47.61 -4.46 -32.57
N GLU D 267 48.47 -3.45 -32.70
CA GLU D 267 49.27 -2.88 -31.64
C GLU D 267 48.59 -1.74 -30.88
N PRO D 268 48.01 -0.66 -31.53
CA PRO D 268 47.65 0.51 -30.74
C PRO D 268 46.37 0.37 -29.94
N TYR D 269 45.59 -0.67 -30.21
CA TYR D 269 44.32 -0.89 -29.50
C TYR D 269 44.12 -2.36 -29.14
N ARG D 270 45.21 -3.03 -28.76
CA ARG D 270 45.14 -4.40 -28.26
C ARG D 270 44.94 -4.44 -26.76
N TYR D 271 44.81 -3.29 -26.10
CA TYR D 271 44.58 -3.26 -24.66
C TYR D 271 43.21 -2.76 -24.27
N SER D 272 42.54 -1.96 -25.12
CA SER D 272 41.56 -1.00 -24.63
C SER D 272 40.31 -1.60 -24.01
N GLY D 273 39.35 -2.01 -24.83
CA GLY D 273 38.27 -2.83 -24.31
C GLY D 273 37.55 -3.60 -25.38
N VAL D 274 37.99 -3.50 -26.62
CA VAL D 274 37.15 -3.92 -27.73
C VAL D 274 37.27 -5.42 -27.94
N ASN D 275 36.34 -5.96 -28.71
CA ASN D 275 36.19 -7.39 -28.91
C ASN D 275 36.00 -7.75 -30.38
N MET D 276 36.96 -7.39 -31.21
CA MET D 276 36.89 -7.55 -32.66
C MET D 276 36.87 -9.03 -33.05
N THR D 277 35.75 -9.70 -32.83
CA THR D 277 35.65 -11.14 -33.02
C THR D 277 35.37 -11.41 -34.49
N GLY D 278 36.41 -11.77 -35.24
CA GLY D 278 36.26 -11.98 -36.66
C GLY D 278 36.63 -13.39 -37.07
N PHE D 279 36.60 -13.61 -38.37
CA PHE D 279 36.80 -14.93 -38.95
C PHE D 279 38.09 -14.99 -39.75
N ARG D 280 38.91 -16.00 -39.47
CA ARG D 280 40.03 -16.34 -40.32
C ARG D 280 39.81 -17.73 -40.89
N ILE D 281 40.41 -18.01 -42.04
CA ILE D 281 40.27 -19.32 -42.66
C ILE D 281 41.66 -19.84 -43.01
N LEU D 282 42.65 -18.95 -42.97
CA LEU D 282 44.02 -19.35 -43.20
C LEU D 282 44.53 -20.13 -41.99
N ASN D 283 44.55 -21.46 -42.08
CA ASN D 283 44.78 -22.32 -40.94
C ASN D 283 46.24 -22.29 -40.51
N THR D 284 46.62 -21.30 -39.72
CA THR D 284 48.00 -21.13 -39.28
C THR D 284 48.28 -21.79 -37.94
N GLU D 285 47.60 -22.88 -37.63
CA GLU D 285 47.85 -23.69 -36.44
C GLU D 285 48.83 -24.81 -36.79
N ASN D 286 49.01 -25.06 -38.08
CA ASN D 286 49.83 -26.16 -38.55
C ASN D 286 51.24 -25.67 -38.81
N THR D 287 52.22 -26.55 -38.56
CA THR D 287 53.61 -26.23 -38.89
C THR D 287 53.84 -26.28 -40.39
N GLN D 288 53.14 -27.16 -41.10
CA GLN D 288 53.30 -27.28 -42.54
C GLN D 288 52.73 -26.06 -43.26
N VAL D 289 51.73 -25.42 -42.65
CA VAL D 289 51.24 -24.15 -43.18
C VAL D 289 52.24 -23.03 -42.90
N SER D 290 52.75 -22.98 -41.67
CA SER D 290 53.64 -21.90 -41.25
C SER D 290 55.01 -22.02 -41.94
N SER D 291 55.33 -23.20 -42.45
CA SER D 291 56.51 -23.34 -43.29
C SER D 291 56.32 -22.63 -44.63
N ILE D 292 55.12 -22.73 -45.19
CA ILE D 292 54.84 -22.11 -46.49
C ILE D 292 54.66 -20.61 -46.35
N ILE D 293 54.06 -20.17 -45.22
CA ILE D 293 53.86 -18.74 -44.98
C ILE D 293 55.18 -18.02 -44.79
N GLU D 294 56.12 -18.66 -44.07
CA GLU D 294 57.44 -18.07 -43.90
C GLU D 294 58.24 -18.13 -45.20
N LYS D 295 58.00 -19.16 -46.02
CA LYS D 295 58.58 -19.14 -47.37
C LYS D 295 57.89 -18.12 -48.25
N TRP D 296 56.63 -17.80 -47.96
CA TRP D 296 55.97 -16.69 -48.63
C TRP D 296 56.40 -15.36 -48.05
N SER D 297 56.81 -15.34 -46.77
CA SER D 297 57.22 -14.09 -46.13
C SER D 297 58.58 -13.62 -46.65
N MET D 298 59.35 -14.54 -47.25
CA MET D 298 60.63 -14.15 -47.81
C MET D 298 60.46 -13.45 -49.16
N GLU D 299 59.89 -14.15 -50.14
CA GLU D 299 60.05 -13.78 -51.55
C GLU D 299 59.06 -12.71 -51.99
N ARG D 300 58.97 -11.64 -51.21
CA ARG D 300 58.30 -10.42 -51.66
C ARG D 300 59.03 -9.17 -51.17
N LEU D 301 60.36 -9.14 -51.32
CA LEU D 301 61.24 -8.08 -50.80
C LEU D 301 60.88 -6.67 -51.26
N GLN D 302 60.25 -6.54 -52.43
CA GLN D 302 60.02 -5.24 -53.04
C GLN D 302 58.74 -4.57 -52.56
N ALA D 303 58.12 -5.08 -51.49
CA ALA D 303 56.86 -4.53 -50.98
C ALA D 303 56.95 -4.23 -49.48
N PRO D 304 57.46 -3.05 -49.11
CA PRO D 304 57.23 -2.56 -47.74
C PRO D 304 56.00 -1.67 -47.70
N PRO D 305 55.17 -1.81 -46.67
CA PRO D 305 53.97 -0.94 -46.55
C PRO D 305 54.34 0.37 -45.88
N LYS D 306 53.50 1.39 -46.07
CA LYS D 306 53.67 2.67 -45.39
C LYS D 306 53.35 2.49 -43.91
N PRO D 307 54.00 3.25 -43.00
CA PRO D 307 53.86 2.97 -41.56
C PRO D 307 52.50 3.30 -40.97
N ASP D 308 51.75 4.21 -41.61
CA ASP D 308 50.42 4.55 -41.10
C ASP D 308 49.31 3.75 -41.77
N SER D 309 49.60 2.58 -42.31
CA SER D 309 48.56 1.74 -42.90
C SER D 309 47.74 1.05 -41.83
N GLY D 310 48.39 0.22 -41.02
CA GLY D 310 47.71 -0.52 -39.98
C GLY D 310 47.64 -2.00 -40.26
N LEU D 311 48.64 -2.52 -40.97
CA LEU D 311 48.69 -3.94 -41.33
C LEU D 311 50.07 -4.49 -41.01
N LEU D 312 50.20 -5.81 -41.07
CA LEU D 312 51.46 -6.48 -40.76
C LEU D 312 52.40 -6.49 -41.95
N ASP D 313 53.46 -7.30 -41.88
CA ASP D 313 54.40 -7.40 -42.98
C ASP D 313 54.42 -8.80 -43.58
N GLY D 314 54.70 -9.79 -42.75
CA GLY D 314 54.81 -11.16 -43.21
C GLY D 314 53.53 -11.95 -43.14
N PHE D 315 52.57 -11.64 -44.02
CA PHE D 315 51.27 -12.28 -43.99
C PHE D 315 50.85 -12.67 -45.39
N MET D 316 50.06 -13.74 -45.48
CA MET D 316 49.37 -14.12 -46.70
C MET D 316 47.93 -13.63 -46.62
N THR D 317 47.51 -12.84 -47.60
CA THR D 317 46.11 -12.47 -47.67
C THR D 317 45.26 -13.68 -48.05
N THR D 318 43.96 -13.61 -47.74
CA THR D 318 43.08 -14.67 -48.23
C THR D 318 42.70 -14.46 -49.69
N ASP D 319 43.07 -13.32 -50.27
CA ASP D 319 42.91 -13.13 -51.71
C ASP D 319 44.05 -13.81 -52.47
N ALA D 320 45.12 -14.18 -51.77
CA ALA D 320 46.24 -14.85 -52.41
C ALA D 320 46.44 -16.25 -51.88
N ALA D 321 45.88 -16.56 -50.71
CA ALA D 321 45.96 -17.92 -50.19
C ALA D 321 45.11 -18.87 -51.01
N LEU D 322 44.02 -18.36 -51.58
CA LEU D 322 43.11 -19.22 -52.32
C LEU D 322 43.63 -19.48 -53.73
N MET D 323 44.27 -18.48 -54.34
CA MET D 323 44.89 -18.68 -55.65
C MET D 323 46.09 -19.61 -55.56
N TYR D 324 46.84 -19.54 -54.46
CA TYR D 324 47.86 -20.57 -54.19
C TYR D 324 47.20 -21.93 -54.01
N ASP D 325 46.06 -21.97 -53.31
CA ASP D 325 45.43 -23.26 -53.05
C ASP D 325 44.69 -23.76 -54.27
N ALA D 326 44.38 -22.87 -55.22
CA ALA D 326 43.66 -23.25 -56.43
C ALA D 326 44.49 -24.16 -57.32
N VAL D 327 45.80 -23.92 -57.37
CA VAL D 327 46.67 -24.75 -58.19
C VAL D 327 46.84 -26.12 -57.54
N HIS D 328 46.67 -26.18 -56.21
CA HIS D 328 46.68 -27.46 -55.52
C HIS D 328 45.31 -28.13 -55.57
N VAL D 329 44.31 -27.49 -56.18
CA VAL D 329 43.05 -28.18 -56.45
C VAL D 329 43.11 -28.85 -57.81
N VAL D 330 43.60 -28.13 -58.82
CA VAL D 330 43.78 -28.66 -60.15
C VAL D 330 44.87 -29.73 -60.17
N SER D 331 45.81 -29.67 -59.22
CA SER D 331 46.82 -30.70 -59.01
C SER D 331 46.20 -32.06 -58.70
N VAL D 332 45.05 -32.07 -58.03
CA VAL D 332 44.30 -33.31 -57.86
C VAL D 332 43.63 -33.69 -59.18
N ALA D 333 43.21 -32.70 -59.95
CA ALA D 333 42.46 -32.97 -61.18
C ALA D 333 43.38 -33.45 -62.30
N VAL D 334 44.61 -32.94 -62.36
CA VAL D 334 45.52 -33.37 -63.42
C VAL D 334 46.17 -34.69 -63.05
N GLN D 335 46.06 -35.10 -61.79
CA GLN D 335 46.68 -36.35 -61.36
C GLN D 335 45.82 -37.54 -61.75
N GLN D 336 44.50 -37.36 -61.76
CA GLN D 336 43.59 -38.45 -62.07
C GLN D 336 43.15 -38.40 -63.53
N PHE D 337 44.02 -37.88 -64.40
CA PHE D 337 43.66 -37.61 -65.79
C PHE D 337 44.91 -37.54 -66.65
N PRO D 338 45.49 -38.69 -67.04
CA PRO D 338 46.81 -38.67 -67.67
C PRO D 338 46.84 -38.30 -69.14
N GLN D 339 45.71 -38.37 -69.83
CA GLN D 339 45.70 -38.14 -71.28
C GLN D 339 45.46 -36.67 -71.62
N MET D 340 45.74 -35.77 -70.68
CA MET D 340 45.38 -34.36 -70.78
C MET D 340 46.17 -33.64 -71.86
N THR D 341 45.51 -33.34 -72.98
CA THR D 341 46.10 -32.65 -74.11
C THR D 341 45.45 -31.27 -74.25
N VAL D 342 46.28 -30.25 -74.44
CA VAL D 342 45.81 -28.88 -74.62
C VAL D 342 45.68 -28.62 -76.12
N SER D 343 44.48 -28.25 -76.56
CA SER D 343 44.23 -28.02 -77.96
C SER D 343 44.49 -26.55 -78.33
N SER D 344 44.07 -26.18 -79.54
CA SER D 344 44.36 -24.86 -80.11
C SER D 344 43.08 -24.11 -80.43
N LEU D 345 42.18 -24.03 -79.45
CA LEU D 345 40.85 -23.45 -79.58
C LEU D 345 40.82 -22.00 -80.07
N GLN D 346 39.66 -21.56 -80.55
CA GLN D 346 39.48 -20.18 -80.99
C GLN D 346 38.28 -19.55 -80.29
N CYS D 347 37.93 -18.32 -80.68
CA CYS D 347 36.79 -17.63 -80.09
C CYS D 347 35.85 -17.08 -81.15
N ASN D 348 36.19 -17.26 -82.43
CA ASN D 348 35.28 -16.82 -83.48
C ASN D 348 34.16 -17.83 -83.71
N ARG D 349 34.47 -19.13 -83.69
CA ARG D 349 33.47 -20.18 -83.91
C ARG D 349 33.64 -21.19 -82.78
N HIS D 350 32.72 -21.17 -81.82
CA HIS D 350 32.90 -21.96 -80.60
C HIS D 350 32.69 -23.45 -80.85
N LYS D 351 33.76 -24.22 -80.76
CA LYS D 351 33.73 -25.67 -80.91
C LYS D 351 34.25 -26.26 -79.60
N PRO D 352 33.36 -26.68 -78.67
CA PRO D 352 33.74 -26.89 -77.25
C PRO D 352 34.84 -27.91 -77.00
N TRP D 353 35.51 -27.77 -75.86
CA TRP D 353 36.76 -28.49 -75.61
C TRP D 353 36.50 -29.97 -75.38
N ARG D 354 37.42 -30.78 -75.88
CA ARG D 354 37.21 -32.22 -76.08
C ARG D 354 37.13 -32.96 -74.77
N PHE D 355 37.86 -32.46 -73.76
CA PHE D 355 37.92 -33.15 -72.46
C PHE D 355 37.16 -32.34 -71.43
N GLY D 356 36.13 -31.61 -71.86
CA GLY D 356 35.48 -30.65 -70.98
C GLY D 356 34.60 -31.28 -69.93
N THR D 357 33.73 -32.21 -70.34
CA THR D 357 32.72 -32.74 -69.43
C THR D 357 33.31 -33.77 -68.47
N ARG D 358 34.56 -34.19 -68.69
CA ARG D 358 35.20 -35.08 -67.73
C ARG D 358 36.10 -34.30 -66.77
N PHE D 359 36.89 -33.35 -67.29
CA PHE D 359 37.84 -32.64 -66.45
C PHE D 359 37.13 -31.66 -65.53
N MET D 360 35.93 -31.22 -65.89
CA MET D 360 35.14 -30.41 -64.97
C MET D 360 34.58 -31.27 -63.85
N SER D 361 34.39 -32.56 -64.10
CA SER D 361 33.88 -33.44 -63.05
C SER D 361 35.03 -34.07 -62.26
N LEU D 362 36.26 -33.65 -62.54
CA LEU D 362 37.39 -34.10 -61.72
C LEU D 362 37.83 -33.00 -60.76
N ILE D 363 37.45 -31.76 -61.04
CA ILE D 363 37.73 -30.67 -60.11
C ILE D 363 36.73 -30.71 -58.96
N LYS D 364 35.45 -30.95 -59.27
CA LYS D 364 34.41 -30.91 -58.26
C LYS D 364 34.41 -32.13 -57.34
N GLU D 365 35.29 -33.10 -57.56
CA GLU D 365 35.43 -34.26 -56.69
C GLU D 365 36.74 -34.23 -55.91
N ALA D 366 37.30 -33.04 -55.67
CA ALA D 366 38.59 -32.90 -55.01
C ALA D 366 38.42 -32.57 -53.54
N HIS D 367 39.09 -33.35 -52.69
CA HIS D 367 39.11 -33.03 -51.26
C HIS D 367 40.50 -32.71 -50.75
N TRP D 368 41.30 -31.92 -51.48
CA TRP D 368 42.68 -31.65 -51.12
C TRP D 368 42.77 -30.79 -49.86
N GLU D 369 43.80 -31.01 -49.08
CA GLU D 369 44.09 -30.20 -47.90
C GLU D 369 45.29 -29.31 -48.15
N GLY D 370 45.04 -28.01 -48.11
CA GLY D 370 46.06 -27.03 -48.38
C GLY D 370 46.02 -25.93 -47.35
N LEU D 371 46.34 -24.72 -47.79
CA LEU D 371 46.37 -23.60 -46.86
C LEU D 371 45.01 -22.95 -46.74
N THR D 372 43.95 -23.73 -46.61
CA THR D 372 42.65 -23.16 -46.29
C THR D 372 41.95 -24.10 -45.31
N GLY D 373 42.43 -25.33 -45.23
CA GLY D 373 41.70 -26.32 -44.47
C GLY D 373 41.13 -27.43 -45.31
N ARG D 374 39.82 -27.37 -45.56
CA ARG D 374 39.04 -28.50 -46.03
C ARG D 374 38.36 -28.18 -47.36
N ILE D 375 39.17 -27.85 -48.37
CA ILE D 375 38.73 -27.64 -49.75
C ILE D 375 37.82 -28.77 -50.22
N THR D 376 36.60 -28.41 -50.62
CA THR D 376 35.61 -29.33 -51.20
C THR D 376 34.58 -28.46 -51.92
N PHE D 377 33.93 -29.03 -52.92
CA PHE D 377 32.94 -28.28 -53.68
C PHE D 377 31.56 -28.92 -53.54
N ASN D 378 30.55 -28.24 -54.05
CA ASN D 378 29.21 -28.56 -53.62
C ASN D 378 28.57 -29.60 -54.55
N LYS D 379 29.17 -29.79 -55.73
CA LYS D 379 28.77 -30.75 -56.77
C LYS D 379 27.37 -30.42 -57.29
N THR D 380 26.90 -29.19 -57.06
CA THR D 380 25.61 -28.75 -57.53
C THR D 380 25.78 -27.36 -58.13
N ASN D 381 26.76 -26.61 -57.61
CA ASN D 381 26.86 -25.19 -57.88
C ASN D 381 28.27 -24.75 -58.23
N GLY D 382 29.27 -25.55 -57.91
CA GLY D 382 30.60 -24.97 -57.82
C GLY D 382 30.93 -24.62 -56.39
N LEU D 383 30.56 -23.39 -56.01
CA LEU D 383 30.88 -22.63 -54.80
C LEU D 383 31.02 -23.44 -53.52
N ARG D 384 32.11 -23.21 -52.78
CA ARG D 384 32.36 -23.95 -51.55
C ARG D 384 31.47 -23.49 -50.41
N THR D 385 30.76 -24.44 -49.77
CA THR D 385 29.92 -24.16 -48.61
C THR D 385 30.17 -25.13 -47.46
N ASP D 386 31.30 -25.83 -47.45
CA ASP D 386 31.61 -26.83 -46.42
C ASP D 386 33.03 -26.62 -45.89
N PHE D 387 33.35 -25.38 -45.53
CA PHE D 387 34.67 -24.98 -45.08
C PHE D 387 34.70 -24.86 -43.56
N ASP D 388 35.87 -25.06 -42.96
CA ASP D 388 36.06 -25.03 -41.51
C ASP D 388 36.91 -23.81 -41.16
N LEU D 389 36.43 -22.98 -40.23
CA LEU D 389 37.21 -21.82 -39.85
C LEU D 389 37.65 -21.89 -38.40
N ASP D 390 38.28 -20.80 -37.94
CA ASP D 390 38.71 -20.62 -36.57
C ASP D 390 38.17 -19.26 -36.13
N VAL D 391 37.22 -19.23 -35.20
CA VAL D 391 36.71 -17.96 -34.72
C VAL D 391 37.72 -17.32 -33.80
N ILE D 392 38.26 -16.18 -34.20
CA ILE D 392 39.31 -15.49 -33.45
C ILE D 392 38.77 -14.19 -32.89
N SER D 393 39.30 -13.80 -31.74
CA SER D 393 38.85 -12.60 -31.02
C SER D 393 40.08 -11.84 -30.54
N LEU D 394 39.84 -10.60 -30.11
CA LEU D 394 40.92 -9.72 -29.64
C LEU D 394 40.95 -9.77 -28.12
N LYS D 395 41.89 -10.53 -27.58
CA LYS D 395 42.22 -10.48 -26.17
C LYS D 395 43.46 -9.61 -26.01
N GLU D 396 43.85 -9.35 -24.77
CA GLU D 396 45.00 -8.50 -24.48
C GLU D 396 46.30 -9.14 -24.95
N GLU D 397 46.32 -10.48 -25.06
CA GLU D 397 47.46 -11.19 -25.61
C GLU D 397 47.58 -10.93 -27.11
N GLY D 398 46.46 -10.68 -27.78
CA GLY D 398 46.46 -10.47 -29.21
C GLY D 398 45.29 -11.14 -29.89
N LEU D 399 45.56 -11.98 -30.89
CA LEU D 399 44.53 -12.77 -31.55
C LEU D 399 44.61 -14.20 -31.00
N GLU D 400 43.48 -14.72 -30.53
CA GLU D 400 43.45 -16.07 -30.01
C GLU D 400 42.20 -16.78 -30.51
N LYS D 401 42.40 -18.01 -30.99
CA LYS D 401 41.31 -18.89 -31.43
C LYS D 401 40.46 -19.30 -30.23
N ILE D 402 39.23 -18.79 -30.19
CA ILE D 402 38.36 -19.10 -29.07
C ILE D 402 37.16 -19.91 -29.54
N GLY D 403 37.16 -20.31 -30.79
CA GLY D 403 36.02 -21.04 -31.31
C GLY D 403 36.32 -21.66 -32.67
N THR D 404 35.30 -22.31 -33.22
CA THR D 404 35.39 -22.98 -34.50
C THR D 404 34.00 -23.12 -35.12
N TRP D 405 33.78 -22.54 -36.29
CA TRP D 405 32.54 -22.73 -37.00
C TRP D 405 32.65 -23.99 -37.83
N ASP D 406 31.53 -24.65 -38.05
CA ASP D 406 31.47 -25.91 -38.78
C ASP D 406 30.07 -26.00 -39.34
N PRO D 407 29.89 -26.06 -40.69
CA PRO D 407 28.55 -25.93 -41.30
C PRO D 407 27.55 -27.00 -40.91
N ALA D 408 28.04 -28.14 -40.44
CA ALA D 408 27.20 -29.26 -40.02
C ALA D 408 27.19 -29.34 -38.50
N SER D 409 27.91 -28.43 -37.85
CA SER D 409 28.05 -28.52 -36.40
C SER D 409 27.93 -27.18 -35.68
N GLY D 410 27.67 -26.10 -36.43
CA GLY D 410 27.44 -24.80 -35.83
C GLY D 410 28.67 -24.19 -35.19
N LEU D 411 28.51 -23.60 -34.01
CA LEU D 411 29.64 -23.06 -33.27
C LEU D 411 30.11 -24.01 -32.18
N ASN D 412 31.28 -24.60 -32.37
CA ASN D 412 31.90 -25.39 -31.31
C ASN D 412 32.98 -24.54 -30.66
N MET D 413 32.60 -23.71 -29.69
CA MET D 413 33.52 -22.76 -29.08
C MET D 413 34.09 -23.34 -27.80
N THR D 414 35.31 -22.91 -27.45
CA THR D 414 35.99 -23.40 -26.26
C THR D 414 35.78 -22.46 -25.08
N GLU D 415 34.58 -21.86 -25.02
CA GLU D 415 34.17 -20.99 -23.93
C GLU D 415 33.82 -21.77 -22.64
N SER D 416 33.95 -23.10 -22.66
CA SER D 416 33.81 -23.93 -21.48
C SER D 416 34.91 -23.70 -20.44
N GLN D 417 35.96 -22.94 -20.78
CA GLN D 417 36.95 -22.46 -19.81
C GLN D 417 36.39 -21.28 -19.01
N LYS D 418 37.21 -20.66 -18.19
CA LYS D 418 36.71 -19.70 -17.22
C LYS D 418 37.72 -18.56 -17.02
N GLY D 419 37.30 -17.46 -16.42
CA GLY D 419 38.17 -16.32 -16.18
C GLY D 419 37.45 -14.99 -16.22
N LYS D 420 36.27 -14.95 -16.85
CA LYS D 420 35.42 -13.78 -16.89
C LYS D 420 34.71 -13.60 -15.56
N PRO D 421 34.58 -12.35 -15.06
CA PRO D 421 33.83 -12.13 -13.81
C PRO D 421 32.35 -12.49 -13.93
N ALA D 422 31.87 -13.27 -12.98
CA ALA D 422 30.56 -13.90 -13.06
C ALA D 422 29.55 -13.19 -12.16
N ASN D 423 28.28 -13.43 -12.43
CA ASN D 423 27.18 -12.89 -11.64
C ASN D 423 25.96 -13.78 -11.82
N ILE D 424 25.33 -14.19 -10.72
CA ILE D 424 24.20 -15.12 -10.77
C ILE D 424 22.99 -14.43 -10.17
N THR D 425 21.94 -14.29 -10.97
CA THR D 425 20.68 -13.71 -10.52
C THR D 425 19.62 -14.81 -10.54
N ASP D 426 19.16 -15.22 -9.35
CA ASP D 426 18.17 -16.27 -9.24
C ASP D 426 17.28 -16.07 -8.01
N SER D 427 16.52 -17.10 -7.66
CA SER D 427 15.70 -17.09 -6.46
C SER D 427 16.45 -17.73 -5.30
N LEU D 428 15.74 -18.00 -4.20
CA LEU D 428 16.31 -18.67 -3.03
C LEU D 428 15.97 -20.17 -3.08
N SER D 429 15.90 -20.69 -4.31
CA SER D 429 15.36 -22.01 -4.65
C SER D 429 13.96 -22.21 -4.10
N ASN D 430 13.04 -21.32 -4.46
CA ASN D 430 11.68 -21.32 -3.95
C ASN D 430 10.86 -22.52 -4.42
N ARG D 431 10.07 -23.08 -3.51
CA ARG D 431 9.22 -24.21 -3.81
C ARG D 431 7.77 -23.86 -3.49
N SER D 432 6.84 -24.34 -4.32
CA SER D 432 5.45 -24.39 -3.90
C SER D 432 5.37 -25.37 -2.74
N LEU D 433 5.21 -24.86 -1.53
CA LEU D 433 5.41 -25.64 -0.31
C LEU D 433 4.38 -26.74 -0.14
N ILE D 434 4.61 -27.60 0.86
CA ILE D 434 3.92 -28.87 0.99
C ILE D 434 3.05 -28.75 2.22
N VAL D 435 2.37 -27.60 2.33
CA VAL D 435 1.39 -27.32 3.38
C VAL D 435 0.39 -28.45 3.46
N THR D 436 0.37 -29.15 4.59
CA THR D 436 -0.32 -30.42 4.75
C THR D 436 -1.38 -30.27 5.84
N THR D 437 -2.63 -30.20 5.42
CA THR D 437 -3.72 -30.00 6.36
C THR D 437 -4.49 -31.31 6.56
N ILE D 438 -5.60 -31.22 7.27
CA ILE D 438 -6.52 -32.34 7.44
C ILE D 438 -7.94 -31.77 7.48
N LEU D 439 -8.89 -32.48 6.87
CA LEU D 439 -10.24 -31.97 6.71
C LEU D 439 -11.01 -31.97 8.03
N GLU D 440 -11.18 -30.78 8.60
CA GLU D 440 -11.95 -30.58 9.82
C GLU D 440 -12.75 -29.29 9.70
N GLU D 441 -14.03 -29.41 9.85
CA GLU D 441 -14.95 -28.28 9.81
C GLU D 441 -14.78 -27.45 11.08
N PRO D 442 -14.68 -26.11 11.00
CA PRO D 442 -14.68 -25.29 9.78
C PRO D 442 -13.32 -24.77 9.32
N TYR D 443 -12.22 -25.49 9.52
CA TYR D 443 -10.91 -25.02 9.03
C TYR D 443 -10.12 -26.13 8.35
N VAL D 444 -10.82 -26.94 7.55
CA VAL D 444 -10.52 -27.32 6.16
C VAL D 444 -11.81 -27.93 5.64
N LEU D 445 -12.30 -27.48 4.49
CA LEU D 445 -13.64 -27.84 4.02
C LEU D 445 -13.68 -27.67 2.51
N PHE D 446 -14.15 -28.71 1.82
CA PHE D 446 -14.33 -28.67 0.37
C PHE D 446 -15.36 -27.63 -0.01
N LYS D 447 -15.06 -26.79 -1.01
CA LYS D 447 -15.90 -25.67 -1.39
C LYS D 447 -17.24 -26.13 -1.95
N LYS D 448 -18.33 -25.76 -1.28
CA LYS D 448 -19.68 -26.19 -1.63
C LYS D 448 -20.12 -25.41 -2.85
N SER D 449 -19.77 -25.90 -4.04
CA SER D 449 -20.15 -25.24 -5.28
C SER D 449 -20.23 -26.24 -6.42
N ASP D 450 -20.54 -25.75 -7.62
CA ASP D 450 -20.62 -26.57 -8.81
C ASP D 450 -19.25 -26.59 -9.50
N LYS D 451 -19.13 -27.03 -10.75
CA LYS D 451 -17.89 -27.16 -11.51
C LYS D 451 -16.88 -28.06 -10.79
N PRO D 452 -17.11 -29.39 -10.79
CA PRO D 452 -16.29 -30.29 -9.96
C PRO D 452 -14.86 -30.49 -10.45
N LEU D 453 -14.50 -29.88 -11.58
CA LEU D 453 -13.10 -29.83 -12.01
C LEU D 453 -12.35 -28.91 -11.06
N TYR D 454 -11.59 -29.50 -10.14
CA TYR D 454 -10.94 -28.77 -9.07
C TYR D 454 -9.43 -28.76 -9.29
N GLY D 455 -8.79 -27.68 -8.88
CA GLY D 455 -7.37 -27.76 -8.59
C GLY D 455 -6.90 -26.73 -7.57
N ASN D 456 -6.37 -27.22 -6.44
CA ASN D 456 -5.69 -26.50 -5.38
C ASN D 456 -6.38 -25.22 -4.86
N ASP D 457 -7.69 -25.11 -5.07
CA ASP D 457 -8.48 -23.97 -4.61
C ASP D 457 -9.84 -24.41 -4.08
N ARG D 458 -10.09 -25.73 -4.03
CA ARG D 458 -11.34 -26.31 -3.54
C ARG D 458 -11.42 -26.25 -2.02
N PHE D 459 -10.32 -25.95 -1.35
CA PHE D 459 -10.31 -25.94 0.11
C PHE D 459 -10.51 -24.54 0.67
N GLU D 460 -11.55 -24.38 1.49
CA GLU D 460 -11.84 -23.13 2.15
C GLU D 460 -12.07 -23.41 3.63
N GLY D 461 -11.77 -22.42 4.46
CA GLY D 461 -11.87 -22.55 5.89
C GLY D 461 -11.01 -21.51 6.59
N TYR D 462 -10.91 -21.68 7.91
CA TYR D 462 -10.14 -20.74 8.72
C TYR D 462 -8.65 -21.07 8.65
N CYS D 463 -8.32 -22.29 8.21
CA CYS D 463 -6.94 -22.62 7.87
C CYS D 463 -6.48 -21.85 6.63
N ILE D 464 -7.33 -21.81 5.61
CA ILE D 464 -6.94 -21.24 4.32
C ILE D 464 -6.82 -19.73 4.41
N ASP D 465 -7.74 -19.08 5.15
CA ASP D 465 -7.65 -17.63 5.33
C ASP D 465 -6.48 -17.25 6.22
N LEU D 466 -6.06 -18.16 7.11
CA LEU D 466 -4.81 -17.95 7.83
C LEU D 466 -3.62 -18.16 6.91
N LEU D 467 -3.73 -19.13 6.00
CA LEU D 467 -2.63 -19.49 5.11
C LEU D 467 -2.38 -18.42 4.06
N ARG D 468 -3.44 -17.75 3.60
CA ARG D 468 -3.29 -16.71 2.59
C ARG D 468 -2.67 -15.45 3.20
N GLU D 469 -2.94 -15.19 4.48
CA GLU D 469 -2.32 -14.04 5.14
C GLU D 469 -0.86 -14.31 5.46
N LEU D 470 -0.48 -15.58 5.57
CA LEU D 470 0.94 -15.89 5.75
C LEU D 470 1.70 -15.74 4.44
N SER D 471 1.03 -15.91 3.31
CA SER D 471 1.71 -15.84 2.02
C SER D 471 2.12 -14.42 1.68
N THR D 472 1.40 -13.43 2.22
CA THR D 472 1.80 -12.05 2.02
C THR D 472 2.94 -11.65 2.96
N ILE D 473 2.86 -12.04 4.23
CA ILE D 473 3.85 -11.60 5.20
C ILE D 473 5.15 -12.41 5.10
N LEU D 474 5.07 -13.73 5.13
CA LEU D 474 6.26 -14.57 5.03
C LEU D 474 6.79 -14.66 3.60
N GLY D 475 5.93 -14.47 2.60
CA GLY D 475 6.35 -14.50 1.22
C GLY D 475 6.72 -15.88 0.70
N PHE D 476 5.74 -16.76 0.56
CA PHE D 476 5.99 -18.10 0.03
C PHE D 476 4.95 -18.49 -1.01
N THR D 477 5.11 -19.68 -1.57
CA THR D 477 4.12 -20.31 -2.45
C THR D 477 3.82 -21.70 -1.90
N TYR D 478 2.60 -22.18 -2.12
CA TYR D 478 2.15 -23.38 -1.43
C TYR D 478 1.26 -24.22 -2.34
N GLU D 479 1.36 -25.54 -2.23
CA GLU D 479 0.34 -26.46 -2.72
C GLU D 479 -0.17 -27.26 -1.52
N ILE D 480 -1.49 -27.31 -1.37
CA ILE D 480 -2.10 -27.95 -0.21
C ILE D 480 -2.41 -29.42 -0.46
N ARG D 481 -1.42 -30.27 -0.23
CA ARG D 481 -1.59 -31.71 -0.32
C ARG D 481 -2.10 -32.26 1.01
N LEU D 482 -3.06 -33.19 0.96
CA LEU D 482 -3.79 -33.62 2.15
C LEU D 482 -3.05 -34.62 3.04
N VAL D 483 -3.80 -35.20 3.98
CA VAL D 483 -3.31 -36.03 5.06
C VAL D 483 -3.28 -37.49 4.61
N GLU D 484 -2.50 -38.33 5.31
CA GLU D 484 -2.60 -39.77 5.16
C GLU D 484 -3.16 -40.37 6.44
N ASP D 485 -4.12 -41.30 6.29
CA ASP D 485 -4.79 -42.12 7.31
C ASP D 485 -5.70 -41.29 8.23
N GLY D 486 -5.81 -39.98 7.98
CA GLY D 486 -6.77 -39.13 8.69
C GLY D 486 -6.53 -38.94 10.18
N LYS D 487 -5.31 -39.18 10.64
CA LYS D 487 -4.96 -39.08 12.05
C LYS D 487 -4.25 -37.75 12.29
N TYR D 488 -4.41 -37.20 13.49
CA TYR D 488 -3.69 -36.00 13.88
C TYR D 488 -2.23 -36.34 14.17
N GLY D 489 -2.01 -37.42 14.91
CA GLY D 489 -0.67 -37.85 15.23
C GLY D 489 -0.51 -38.40 16.63
N ALA D 490 0.05 -39.60 16.75
CA ALA D 490 0.21 -40.28 18.03
C ALA D 490 1.26 -41.38 17.93
N GLN D 491 2.22 -41.38 18.86
CA GLN D 491 3.21 -42.45 18.93
C GLN D 491 2.52 -43.74 19.34
N ASP D 492 2.56 -44.76 18.48
CA ASP D 492 1.90 -46.02 18.80
C ASP D 492 2.69 -46.78 19.86
N ASP D 493 1.98 -47.48 20.75
CA ASP D 493 2.61 -48.21 21.84
C ASP D 493 3.36 -49.42 21.31
N VAL D 494 2.68 -50.24 20.50
CA VAL D 494 3.36 -51.35 19.84
C VAL D 494 4.13 -50.79 18.65
N ASN D 495 5.26 -51.43 18.34
CA ASN D 495 6.14 -51.30 17.17
C ASN D 495 6.53 -49.86 16.79
N GLY D 496 6.42 -48.93 17.73
CA GLY D 496 6.84 -47.56 17.51
C GLY D 496 5.90 -46.73 16.66
N GLN D 497 5.90 -47.01 15.35
CA GLN D 497 5.63 -46.11 14.22
C GLN D 497 4.56 -45.03 14.44
N TRP D 498 4.90 -43.78 14.11
CA TRP D 498 3.95 -42.69 14.17
C TRP D 498 2.87 -42.86 13.10
N ASN D 499 1.73 -42.18 13.31
CA ASN D 499 0.60 -42.31 12.40
C ASN D 499 -0.13 -40.97 12.37
N GLY D 500 -0.12 -40.31 11.22
CA GLY D 500 -0.88 -39.07 11.06
C GLY D 500 -0.14 -37.98 10.33
N MET D 501 -0.37 -36.72 10.72
CA MET D 501 0.36 -35.61 10.13
C MET D 501 1.81 -35.62 10.56
N VAL D 502 2.06 -35.95 11.83
CA VAL D 502 3.40 -35.81 12.39
C VAL D 502 4.29 -36.96 11.92
N ARG D 503 3.69 -38.04 11.41
CA ARG D 503 4.47 -39.04 10.70
C ARG D 503 5.01 -38.46 9.40
N GLU D 504 4.17 -37.70 8.70
CA GLU D 504 4.62 -37.03 7.48
C GLU D 504 5.55 -35.86 7.80
N LEU D 505 5.30 -35.20 8.93
CA LEU D 505 6.10 -34.03 9.30
C LEU D 505 7.50 -34.37 9.79
N ILE D 506 7.73 -35.57 10.35
CA ILE D 506 9.03 -35.82 10.94
C ILE D 506 10.08 -36.12 9.88
N ASP D 507 9.74 -36.92 8.86
CA ASP D 507 10.77 -37.33 7.91
C ASP D 507 10.82 -36.40 6.70
N HIS D 508 10.80 -35.09 6.95
CA HIS D 508 10.99 -34.01 5.98
C HIS D 508 10.17 -34.12 4.71
N LYS D 509 9.00 -34.76 4.78
CA LYS D 509 8.16 -34.98 3.60
C LYS D 509 7.06 -33.92 3.52
N ALA D 510 7.26 -32.85 4.28
CA ALA D 510 6.25 -31.82 4.41
C ALA D 510 6.84 -30.46 4.75
N ASP D 511 5.95 -29.55 5.16
CA ASP D 511 6.22 -28.14 5.36
C ASP D 511 5.30 -27.65 6.46
N LEU D 512 4.97 -26.35 6.45
CA LEU D 512 3.93 -25.71 7.27
C LEU D 512 2.71 -26.59 7.45
N ALA D 513 2.26 -26.77 8.70
CA ALA D 513 1.23 -27.78 8.96
C ALA D 513 0.03 -27.16 9.66
N VAL D 514 -0.52 -26.08 9.09
CA VAL D 514 -1.66 -25.37 9.65
C VAL D 514 -2.86 -26.30 9.70
N ALA D 515 -3.35 -26.58 10.91
CA ALA D 515 -4.20 -27.74 11.15
C ALA D 515 -4.89 -27.62 12.49
N PRO D 516 -5.80 -28.55 12.86
CA PRO D 516 -6.11 -28.73 14.28
C PRO D 516 -5.04 -29.58 14.98
N LEU D 517 -3.80 -29.08 15.00
CA LEU D 517 -2.69 -29.83 15.54
C LEU D 517 -2.36 -29.28 16.92
N ALA D 518 -3.05 -29.78 17.95
CA ALA D 518 -3.01 -29.23 19.30
C ALA D 518 -1.65 -29.56 19.92
N ILE D 519 -1.03 -28.55 20.53
CA ILE D 519 0.31 -28.65 21.07
C ILE D 519 0.27 -29.52 22.33
N THR D 520 1.16 -30.50 22.41
CA THR D 520 1.27 -31.32 23.59
C THR D 520 2.74 -31.65 23.82
N TYR D 521 3.01 -32.36 24.92
CA TYR D 521 4.38 -32.61 25.33
C TYR D 521 5.04 -33.67 24.45
N VAL D 522 4.25 -34.61 23.93
CA VAL D 522 4.83 -35.67 23.11
C VAL D 522 5.19 -35.14 21.72
N ARG D 523 4.33 -34.29 21.16
CA ARG D 523 4.57 -33.75 19.82
C ARG D 523 5.70 -32.73 19.83
N GLU D 524 5.85 -31.97 20.91
CA GLU D 524 6.86 -30.93 20.98
C GLU D 524 8.28 -31.48 21.02
N LYS D 525 8.47 -32.69 21.54
CA LYS D 525 9.79 -33.30 21.58
C LYS D 525 10.23 -33.77 20.19
N VAL D 526 9.27 -34.04 19.30
CA VAL D 526 9.61 -34.68 18.03
C VAL D 526 9.47 -33.72 16.86
N ILE D 527 8.36 -32.99 16.76
CA ILE D 527 8.27 -31.89 15.81
C ILE D 527 8.23 -30.61 16.63
N ASP D 528 8.19 -29.46 15.96
CA ASP D 528 8.11 -28.20 16.69
C ASP D 528 6.91 -27.40 16.25
N PHE D 529 6.60 -26.35 17.00
CA PHE D 529 5.39 -25.57 16.83
C PHE D 529 5.70 -24.09 16.87
N SER D 530 4.92 -23.30 16.13
CA SER D 530 4.96 -21.86 16.28
C SER D 530 4.11 -21.46 17.47
N LYS D 531 4.10 -20.18 17.80
CA LYS D 531 3.30 -19.70 18.92
C LYS D 531 1.82 -19.75 18.56
N PRO D 532 0.93 -19.99 19.54
CA PRO D 532 -0.47 -20.28 19.21
C PRO D 532 -1.24 -19.11 18.61
N PHE D 533 -1.99 -19.41 17.55
CA PHE D 533 -2.90 -18.47 16.93
C PHE D 533 -4.31 -18.57 17.52
N MET D 534 -4.56 -19.61 18.31
CA MET D 534 -5.88 -19.87 18.87
C MET D 534 -5.76 -20.80 20.07
N THR D 535 -6.53 -20.54 21.12
CA THR D 535 -6.46 -21.33 22.34
C THR D 535 -7.77 -22.07 22.57
N LEU D 536 -7.66 -23.39 22.77
CA LEU D 536 -8.81 -24.28 22.94
C LEU D 536 -9.21 -24.35 24.40
N GLY D 537 -10.10 -25.30 24.69
CA GLY D 537 -10.47 -25.58 26.06
C GLY D 537 -11.30 -26.84 26.18
N ILE D 538 -11.09 -27.56 27.27
CA ILE D 538 -11.97 -28.68 27.61
C ILE D 538 -13.18 -28.10 28.32
N SER D 539 -14.24 -27.82 27.57
CA SER D 539 -15.41 -27.11 28.06
C SER D 539 -16.62 -28.04 28.04
N ILE D 540 -17.78 -27.52 28.44
CA ILE D 540 -18.97 -28.33 28.63
C ILE D 540 -20.06 -27.86 27.68
N LEU D 541 -20.62 -28.80 26.94
CA LEU D 541 -21.75 -28.50 26.06
C LEU D 541 -22.98 -29.18 26.62
N TYR D 542 -23.99 -28.38 26.97
CA TYR D 542 -25.19 -28.85 27.64
C TYR D 542 -26.41 -28.24 26.95
N ARG D 543 -27.53 -28.94 27.05
CA ARG D 543 -28.78 -28.55 26.39
C ARG D 543 -29.30 -27.26 27.03
N LYS D 544 -29.75 -26.33 26.19
CA LYS D 544 -30.27 -25.05 26.65
C LYS D 544 -31.57 -25.26 27.42
N PRO D 545 -31.74 -24.60 28.58
CA PRO D 545 -33.01 -24.71 29.31
C PRO D 545 -34.15 -24.08 28.51
N ASN D 546 -35.33 -24.70 28.56
CA ASN D 546 -36.29 -24.48 27.50
C ASN D 546 -37.42 -23.56 27.95
N GLY D 547 -38.10 -23.91 29.04
CA GLY D 547 -39.14 -23.05 29.56
C GLY D 547 -40.52 -23.69 29.61
N THR D 548 -40.83 -24.55 28.64
CA THR D 548 -42.15 -25.17 28.55
C THR D 548 -42.16 -26.51 29.27
N ASN D 549 -41.60 -26.51 30.48
CA ASN D 549 -41.81 -27.50 31.54
C ASN D 549 -41.32 -26.95 32.87
N PRO D 550 -42.00 -25.96 33.49
CA PRO D 550 -41.48 -25.42 34.75
C PRO D 550 -42.05 -26.11 35.97
N GLY D 551 -42.89 -27.11 35.77
CA GLY D 551 -43.55 -27.77 36.87
C GLY D 551 -45.06 -27.67 36.79
N VAL D 552 -45.76 -28.55 37.51
CA VAL D 552 -47.22 -28.58 37.49
C VAL D 552 -47.71 -27.75 38.67
N PHE D 553 -46.78 -27.32 39.52
CA PHE D 553 -47.12 -26.44 40.63
C PHE D 553 -46.45 -25.09 40.45
N SER D 554 -46.51 -24.52 39.24
CA SER D 554 -45.89 -23.24 38.94
C SER D 554 -46.83 -22.07 39.17
N PHE D 555 -47.79 -22.22 40.10
CA PHE D 555 -48.63 -21.12 40.53
C PHE D 555 -48.32 -20.71 41.97
N LEU D 556 -47.52 -21.51 42.67
CA LEU D 556 -47.09 -21.18 44.03
C LEU D 556 -45.73 -20.51 43.97
N ASN D 557 -45.15 -20.58 42.78
CA ASN D 557 -43.91 -19.94 42.37
C ASN D 557 -43.83 -18.41 42.61
N PRO D 558 -44.87 -17.57 42.29
CA PRO D 558 -44.60 -16.12 42.31
C PRO D 558 -44.55 -15.44 43.67
N LEU D 559 -44.58 -16.17 44.78
CA LEU D 559 -44.51 -15.49 46.07
C LEU D 559 -43.52 -16.06 47.09
N SER D 560 -42.56 -16.93 46.68
CA SER D 560 -41.40 -17.32 47.50
C SER D 560 -41.76 -17.90 48.87
N PRO D 561 -42.04 -19.22 48.97
CA PRO D 561 -42.95 -19.77 50.00
C PRO D 561 -42.75 -19.44 51.48
N ASP D 562 -41.77 -18.62 51.83
CA ASP D 562 -41.79 -17.95 53.14
C ASP D 562 -43.08 -17.15 53.33
N ILE D 563 -43.53 -16.45 52.29
CA ILE D 563 -44.76 -15.68 52.37
C ILE D 563 -46.00 -16.57 52.39
N TRP D 564 -45.97 -17.70 51.67
CA TRP D 564 -47.08 -18.64 51.72
C TRP D 564 -47.22 -19.28 53.10
N MET D 565 -46.12 -19.35 53.85
CA MET D 565 -46.18 -19.90 55.19
C MET D 565 -46.52 -18.81 56.21
N TYR D 566 -46.19 -17.55 55.90
CA TYR D 566 -46.53 -16.46 56.81
C TYR D 566 -48.01 -16.09 56.70
N VAL D 567 -48.53 -16.06 55.48
CA VAL D 567 -49.95 -15.73 55.27
C VAL D 567 -50.83 -16.82 55.86
N LEU D 568 -50.42 -18.09 55.70
CA LEU D 568 -51.15 -19.21 56.30
C LEU D 568 -51.08 -19.16 57.82
N LEU D 569 -49.96 -18.69 58.36
CA LEU D 569 -49.88 -18.52 59.81
C LEU D 569 -50.41 -17.17 60.25
N ALA D 570 -50.83 -16.33 59.29
CA ALA D 570 -51.60 -15.14 59.65
C ALA D 570 -53.09 -15.35 59.39
N CYS D 571 -53.46 -16.36 58.60
CA CYS D 571 -54.86 -16.67 58.40
C CYS D 571 -55.41 -17.48 59.57
N LEU D 572 -54.51 -18.03 60.40
CA LEU D 572 -54.91 -18.59 61.67
C LEU D 572 -54.62 -17.60 62.80
N GLY D 573 -53.82 -16.58 62.52
CA GLY D 573 -53.47 -15.62 63.56
C GLY D 573 -54.56 -14.58 63.79
N VAL D 574 -54.88 -13.80 62.76
CA VAL D 574 -55.87 -12.73 62.87
C VAL D 574 -57.26 -13.31 63.05
N SER D 575 -57.47 -14.54 62.56
CA SER D 575 -58.72 -15.26 62.78
C SER D 575 -58.97 -15.54 64.25
N CYS D 576 -57.96 -16.08 64.95
CA CYS D 576 -58.18 -16.49 66.33
C CYS D 576 -58.20 -15.31 67.28
N VAL D 577 -57.54 -14.20 66.91
CA VAL D 577 -57.62 -13.00 67.74
C VAL D 577 -59.00 -12.36 67.60
N LEU D 578 -59.62 -12.45 66.41
CA LEU D 578 -60.95 -11.91 66.21
C LEU D 578 -62.00 -12.69 67.00
N PHE D 579 -61.70 -13.94 67.34
CA PHE D 579 -62.53 -14.67 68.28
C PHE D 579 -62.37 -14.10 69.70
N VAL D 580 -61.15 -13.69 70.04
CA VAL D 580 -60.89 -13.18 71.39
C VAL D 580 -61.46 -11.79 71.56
N ILE D 581 -61.37 -10.95 70.52
CA ILE D 581 -61.86 -9.57 70.60
C ILE D 581 -63.38 -9.54 70.67
N ALA D 582 -64.05 -10.42 69.93
CA ALA D 582 -65.50 -10.42 69.84
C ALA D 582 -66.18 -10.85 71.15
N ARG D 583 -65.69 -11.92 71.77
CA ARG D 583 -66.28 -12.40 73.01
C ARG D 583 -65.99 -11.48 74.19
N PHE D 584 -64.95 -10.65 74.09
CA PHE D 584 -64.57 -9.69 75.12
C PHE D 584 -65.27 -8.35 74.92
N SER D 585 -65.79 -8.10 73.73
CA SER D 585 -66.49 -6.86 73.39
C SER D 585 -67.98 -7.01 73.65
N PRO D 586 -68.64 -5.93 74.08
CA PRO D 586 -70.07 -6.04 74.42
C PRO D 586 -71.02 -5.94 73.25
N TYR D 587 -70.62 -5.23 72.18
CA TYR D 587 -71.55 -4.93 71.11
C TYR D 587 -71.80 -6.15 70.23
N GLU D 588 -70.88 -7.11 70.23
CA GLU D 588 -71.09 -8.32 69.45
C GLU D 588 -72.05 -9.27 70.16
N TRP D 589 -72.30 -9.03 71.44
CA TRP D 589 -73.40 -9.67 72.14
C TRP D 589 -74.72 -9.01 71.80
N TYR D 590 -75.21 -9.25 70.58
CA TYR D 590 -76.54 -8.82 70.19
C TYR D 590 -77.40 -10.04 69.91
N ASN D 591 -78.65 -9.80 69.52
CA ASN D 591 -79.60 -10.87 69.32
C ASN D 591 -79.60 -11.37 67.89
N PRO D 592 -79.49 -12.69 67.67
CA PRO D 592 -79.76 -13.23 66.32
C PRO D 592 -81.23 -13.32 65.99
N HIS D 593 -82.11 -13.02 66.94
CA HIS D 593 -83.56 -13.00 66.73
C HIS D 593 -84.10 -11.62 67.05
N PRO D 594 -84.03 -10.67 66.11
CA PRO D 594 -84.46 -9.30 66.42
C PRO D 594 -85.94 -9.03 66.21
N CYS D 595 -86.76 -10.08 66.06
CA CYS D 595 -88.20 -9.90 65.89
C CYS D 595 -88.82 -9.41 67.20
N ASN D 596 -88.44 -10.04 68.30
CA ASN D 596 -88.78 -9.58 69.64
C ASN D 596 -87.71 -8.58 70.07
N PRO D 597 -87.91 -7.82 71.17
CA PRO D 597 -86.77 -7.10 71.76
C PRO D 597 -85.67 -8.06 72.19
N ASP D 598 -86.01 -9.01 73.07
CA ASP D 598 -85.16 -10.14 73.40
C ASP D 598 -85.95 -11.29 74.02
N SER D 599 -85.56 -12.52 73.70
CA SER D 599 -86.02 -13.70 74.42
C SER D 599 -84.93 -14.27 75.31
N ASP D 600 -84.03 -13.40 75.79
CA ASP D 600 -82.72 -13.72 76.37
C ASP D 600 -81.91 -14.64 75.46
N VAL D 601 -81.96 -14.42 74.15
CA VAL D 601 -81.36 -15.30 73.16
C VAL D 601 -80.14 -14.57 72.61
N VAL D 602 -79.73 -13.52 73.32
CA VAL D 602 -78.57 -12.68 72.98
C VAL D 602 -77.31 -13.51 72.93
N GLU D 603 -76.70 -13.60 71.75
CA GLU D 603 -75.64 -14.55 71.48
C GLU D 603 -74.68 -13.98 70.46
N ASN D 604 -73.39 -14.05 70.77
CA ASN D 604 -72.34 -13.66 69.83
C ASN D 604 -72.19 -14.74 68.75
N ASN D 605 -72.21 -14.29 67.50
CA ASN D 605 -72.24 -15.19 66.34
C ASN D 605 -70.89 -15.87 66.13
N PHE D 606 -69.82 -15.23 66.58
CA PHE D 606 -68.48 -15.68 66.23
C PHE D 606 -68.06 -16.91 67.01
N THR D 607 -68.35 -18.08 66.47
CA THR D 607 -67.78 -19.32 66.98
C THR D 607 -66.40 -19.50 66.32
N LEU D 608 -65.63 -20.50 66.79
CA LEU D 608 -64.31 -20.72 66.24
C LEU D 608 -64.37 -21.26 64.82
N LEU D 609 -65.47 -21.91 64.45
CA LEU D 609 -65.68 -22.28 63.06
C LEU D 609 -65.97 -21.05 62.21
N ASN D 610 -66.78 -20.13 62.74
CA ASN D 610 -67.03 -18.87 62.03
C ASN D 610 -65.83 -17.93 62.13
N SER D 611 -64.93 -18.17 63.09
CA SER D 611 -63.73 -17.34 63.20
C SER D 611 -62.77 -17.61 62.06
N PHE D 612 -62.62 -18.88 61.66
CA PHE D 612 -61.86 -19.20 60.47
C PHE D 612 -62.57 -18.73 59.21
N TRP D 613 -63.89 -18.60 59.27
CA TRP D 613 -64.69 -18.37 58.07
C TRP D 613 -64.58 -16.93 57.59
N PHE D 614 -64.41 -15.99 58.52
CA PHE D 614 -64.12 -14.62 58.12
C PHE D 614 -62.63 -14.46 57.81
N GLY D 615 -61.81 -15.39 58.31
CA GLY D 615 -60.42 -15.40 57.94
C GLY D 615 -60.19 -15.82 56.50
N VAL D 616 -60.66 -17.01 56.14
CA VAL D 616 -60.50 -17.52 54.78
C VAL D 616 -61.41 -16.80 53.80
N GLY D 617 -62.61 -16.41 54.25
CA GLY D 617 -63.57 -15.80 53.35
C GLY D 617 -63.18 -14.40 52.92
N ALA D 618 -62.34 -13.73 53.72
CA ALA D 618 -61.91 -12.40 53.32
C ALA D 618 -60.60 -12.44 52.57
N LEU D 619 -59.78 -13.45 52.83
CA LEU D 619 -58.51 -13.59 52.12
C LEU D 619 -58.68 -13.99 50.67
N MET D 620 -59.80 -14.61 50.30
CA MET D 620 -60.00 -15.06 48.93
C MET D 620 -61.05 -14.28 48.18
N GLN D 621 -61.31 -13.03 48.56
CA GLN D 621 -62.07 -12.03 47.81
C GLN D 621 -63.55 -12.33 47.64
N GLN D 622 -64.04 -13.45 48.16
CA GLN D 622 -65.42 -13.84 47.93
C GLN D 622 -66.32 -13.23 49.00
N GLY D 623 -65.73 -12.87 50.13
CA GLY D 623 -66.50 -12.30 51.21
C GLY D 623 -66.92 -13.36 52.21
N SER D 624 -67.85 -13.01 53.09
CA SER D 624 -68.32 -13.94 54.09
C SER D 624 -69.78 -13.61 54.40
N GLU D 625 -70.28 -14.13 55.50
CA GLU D 625 -71.65 -13.84 55.91
C GLU D 625 -71.69 -13.01 57.18
N LEU D 626 -70.58 -12.87 57.91
CA LEU D 626 -70.63 -12.31 59.26
C LEU D 626 -70.70 -10.79 59.22
N MET D 627 -69.65 -10.13 58.68
CA MET D 627 -69.52 -8.69 58.51
C MET D 627 -69.76 -7.93 59.81
N PRO D 628 -68.74 -7.89 60.72
CA PRO D 628 -68.97 -7.55 62.13
C PRO D 628 -69.54 -6.16 62.41
N LYS D 629 -70.00 -5.93 63.64
CA LYS D 629 -70.71 -4.69 63.97
C LYS D 629 -69.92 -3.82 64.95
N ALA D 630 -69.30 -4.43 65.96
CA ALA D 630 -68.56 -3.67 66.97
C ALA D 630 -67.30 -3.05 66.39
N LEU D 631 -66.98 -1.84 66.87
CA LEU D 631 -65.82 -1.10 66.37
C LEU D 631 -64.51 -1.81 66.68
N SER D 632 -64.47 -2.61 67.75
CA SER D 632 -63.29 -3.41 68.02
C SER D 632 -63.19 -4.58 67.06
N THR D 633 -64.31 -4.95 66.42
CA THR D 633 -64.27 -5.97 65.38
C THR D 633 -64.42 -5.35 64.00
N ARG D 634 -64.38 -4.02 63.88
CA ARG D 634 -64.21 -3.41 62.58
C ARG D 634 -62.73 -3.22 62.25
N ILE D 635 -61.92 -2.95 63.28
CA ILE D 635 -60.49 -2.73 63.10
C ILE D 635 -59.80 -4.03 62.69
N VAL D 636 -60.34 -5.17 63.13
CA VAL D 636 -59.91 -6.45 62.57
C VAL D 636 -60.38 -6.55 61.13
N GLY D 637 -61.62 -6.16 60.87
CA GLY D 637 -62.16 -6.20 59.53
C GLY D 637 -61.67 -5.09 58.62
N GLY D 638 -60.94 -4.13 59.17
CA GLY D 638 -60.41 -3.05 58.34
C GLY D 638 -58.97 -3.25 57.97
N ILE D 639 -58.28 -4.15 58.68
CA ILE D 639 -56.88 -4.40 58.39
C ILE D 639 -56.71 -5.72 57.68
N TRP D 640 -57.53 -6.72 58.02
CA TRP D 640 -57.44 -8.02 57.35
C TRP D 640 -57.93 -7.92 55.92
N TRP D 641 -58.79 -6.95 55.61
CA TRP D 641 -59.12 -6.69 54.22
C TRP D 641 -57.97 -6.02 53.50
N PHE D 642 -57.29 -5.06 54.14
CA PHE D 642 -56.15 -4.43 53.52
C PHE D 642 -54.94 -5.37 53.49
N PHE D 643 -54.94 -6.39 54.34
CA PHE D 643 -53.92 -7.42 54.19
C PHE D 643 -54.21 -8.28 52.96
N THR D 644 -55.46 -8.29 52.49
CA THR D 644 -55.79 -9.12 51.34
C THR D 644 -55.46 -8.41 50.03
N LEU D 645 -55.71 -7.09 49.96
CA LEU D 645 -55.54 -6.41 48.67
C LEU D 645 -54.09 -6.09 48.34
N ILE D 646 -53.13 -6.62 49.10
CA ILE D 646 -51.76 -6.53 48.64
C ILE D 646 -51.23 -7.90 48.29
N ILE D 647 -51.64 -8.92 49.05
CA ILE D 647 -51.20 -10.29 48.77
C ILE D 647 -51.87 -10.80 47.49
N ILE D 648 -53.13 -10.46 47.28
CA ILE D 648 -53.79 -10.89 46.06
C ILE D 648 -53.45 -9.94 44.92
N SER D 649 -53.04 -8.72 45.24
CA SER D 649 -52.60 -7.81 44.17
C SER D 649 -51.09 -7.75 44.05
N SER D 650 -50.37 -8.66 44.71
CA SER D 650 -48.99 -8.92 44.27
C SER D 650 -48.92 -10.26 43.56
N TYR D 651 -49.90 -11.13 43.79
CA TYR D 651 -49.96 -12.38 43.07
C TYR D 651 -50.29 -12.15 41.60
N THR D 652 -51.22 -11.23 41.33
CA THR D 652 -51.54 -10.91 39.94
C THR D 652 -50.47 -10.00 39.36
N ALA D 653 -49.66 -9.38 40.23
CA ALA D 653 -48.56 -8.56 39.73
C ALA D 653 -47.38 -9.41 39.31
N ASN D 654 -46.97 -10.38 40.13
CA ASN D 654 -45.82 -11.21 39.79
C ASN D 654 -46.15 -12.18 38.68
N LEU D 655 -47.36 -12.75 38.67
CA LEU D 655 -47.67 -13.75 37.67
C LEU D 655 -47.96 -13.10 36.32
N ALA D 656 -48.19 -11.79 36.31
CA ALA D 656 -48.11 -11.04 35.06
C ALA D 656 -46.66 -10.81 34.69
N ALA D 657 -45.77 -10.72 35.67
CA ALA D 657 -44.37 -10.42 35.39
C ALA D 657 -43.53 -11.69 35.26
N PHE D 658 -44.12 -12.87 35.42
CA PHE D 658 -43.37 -14.08 35.13
C PHE D 658 -43.79 -14.73 33.82
N LEU D 659 -44.92 -14.35 33.25
CA LEU D 659 -45.32 -14.89 31.97
C LEU D 659 -44.78 -14.08 30.80
N THR D 660 -44.73 -12.75 30.89
CA THR D 660 -44.24 -11.95 29.78
C THR D 660 -42.72 -11.87 29.72
N VAL D 661 -42.01 -12.02 30.84
CA VAL D 661 -40.55 -11.95 30.84
C VAL D 661 -40.03 -13.16 31.58
N GLU D 662 -39.55 -14.15 30.85
CA GLU D 662 -39.02 -15.36 31.46
C GLU D 662 -37.54 -15.48 31.18
N ARG D 663 -36.79 -15.97 32.17
CA ARG D 663 -35.37 -16.24 32.03
C ARG D 663 -35.09 -17.67 32.47
N MET D 664 -34.74 -18.51 31.49
CA MET D 664 -34.52 -19.93 31.74
C MET D 664 -33.25 -20.15 32.55
N GLU D 665 -33.40 -20.49 33.82
CA GLU D 665 -32.27 -20.74 34.71
C GLU D 665 -31.73 -22.14 34.47
N SER D 666 -30.43 -22.24 34.29
CA SER D 666 -29.80 -23.54 34.16
C SER D 666 -29.49 -24.11 35.54
N PRO D 667 -29.64 -25.43 35.73
CA PRO D 667 -29.33 -26.02 37.03
C PRO D 667 -27.84 -26.08 37.30
N ILE D 668 -27.04 -26.00 36.24
CA ILE D 668 -25.59 -26.12 36.32
C ILE D 668 -24.94 -24.89 35.70
N ASP D 669 -23.79 -24.48 36.22
CA ASP D 669 -23.16 -23.25 35.76
C ASP D 669 -21.66 -23.44 35.57
N SER D 670 -21.12 -24.58 36.01
CA SER D 670 -19.69 -24.79 35.91
C SER D 670 -19.36 -26.26 35.80
N ALA D 671 -18.09 -26.62 35.99
CA ALA D 671 -17.73 -28.02 36.14
C ALA D 671 -17.82 -28.45 37.60
N ASP D 672 -17.95 -27.50 38.51
CA ASP D 672 -18.05 -27.85 39.92
C ASP D 672 -19.48 -28.00 40.38
N ASP D 673 -20.37 -27.09 39.98
CA ASP D 673 -21.79 -27.24 40.27
C ASP D 673 -22.42 -28.39 39.51
N LEU D 674 -21.87 -28.74 38.35
CA LEU D 674 -22.26 -29.93 37.62
C LEU D 674 -21.82 -31.21 38.32
N ALA D 675 -20.76 -31.15 39.13
CA ALA D 675 -20.15 -32.35 39.70
C ALA D 675 -20.99 -33.00 40.79
N LYS D 676 -21.87 -32.24 41.45
CA LYS D 676 -22.58 -32.75 42.61
C LYS D 676 -23.78 -33.61 42.22
N GLN D 677 -24.31 -33.41 41.01
CA GLN D 677 -25.54 -34.07 40.57
C GLN D 677 -25.17 -35.18 39.59
N THR D 678 -25.42 -36.43 40.00
CA THR D 678 -25.08 -37.60 39.21
C THR D 678 -26.23 -38.05 38.32
N LYS D 679 -27.31 -37.26 38.28
CA LYS D 679 -28.45 -37.56 37.43
C LYS D 679 -28.34 -36.97 36.03
N ILE D 680 -27.18 -36.39 35.68
CA ILE D 680 -27.04 -35.66 34.44
C ILE D 680 -26.28 -36.47 33.39
N GLU D 681 -25.54 -37.53 33.80
CA GLU D 681 -24.90 -38.50 32.92
C GLU D 681 -23.90 -37.83 31.98
N TYR D 682 -22.75 -37.41 32.53
CA TYR D 682 -21.81 -36.48 31.91
C TYR D 682 -21.31 -36.92 30.54
N GLY D 683 -20.46 -37.94 30.50
CA GLY D 683 -19.94 -38.43 29.24
C GLY D 683 -18.76 -37.62 28.75
N ALA D 684 -18.04 -38.19 27.79
CA ALA D 684 -16.91 -37.55 27.12
C ALA D 684 -16.68 -38.21 25.77
N VAL D 685 -15.77 -37.64 24.97
CA VAL D 685 -15.47 -38.25 23.69
C VAL D 685 -14.31 -39.23 23.86
N GLU D 686 -14.63 -40.52 23.71
CA GLU D 686 -13.71 -41.60 24.03
C GLU D 686 -12.59 -41.67 23.00
N ASP D 687 -11.36 -41.76 23.51
CA ASP D 687 -10.11 -41.91 22.76
C ASP D 687 -9.90 -40.74 21.79
N GLY D 688 -9.90 -39.53 22.32
CA GLY D 688 -9.59 -38.34 21.53
C GLY D 688 -8.43 -37.62 22.18
N ALA D 689 -8.67 -36.37 22.57
CA ALA D 689 -7.67 -35.65 23.34
C ALA D 689 -8.20 -35.33 24.73
N THR D 690 -9.50 -35.54 24.95
CA THR D 690 -10.10 -35.18 26.22
C THR D 690 -9.90 -36.26 27.28
N MET D 691 -9.98 -37.53 26.85
CA MET D 691 -9.82 -38.64 27.79
C MET D 691 -8.40 -38.74 28.33
N THR D 692 -7.43 -38.21 27.57
CA THR D 692 -6.06 -38.20 28.06
C THR D 692 -5.84 -37.13 29.12
N PHE D 693 -6.80 -36.21 29.28
CA PHE D 693 -6.70 -35.19 30.30
C PHE D 693 -7.25 -35.70 31.64
N PHE D 694 -8.35 -36.44 31.60
CA PHE D 694 -8.99 -36.90 32.83
C PHE D 694 -8.36 -38.18 33.36
N LYS D 695 -7.67 -38.91 32.50
CA LYS D 695 -6.97 -40.12 32.92
C LYS D 695 -5.75 -39.75 33.76
N LYS D 696 -5.05 -38.69 33.37
CA LYS D 696 -3.88 -38.24 34.10
C LYS D 696 -4.25 -37.20 35.16
N SER D 697 -5.56 -36.93 35.30
CA SER D 697 -6.00 -35.92 36.25
C SER D 697 -5.94 -36.44 37.69
N LYS D 698 -4.99 -35.92 38.46
CA LYS D 698 -4.91 -36.24 39.88
C LYS D 698 -5.02 -34.95 40.68
N ILE D 699 -5.84 -34.03 40.19
CA ILE D 699 -5.80 -32.66 40.70
C ILE D 699 -6.87 -32.42 41.74
N SER D 700 -8.13 -32.67 41.39
CA SER D 700 -9.26 -32.06 42.08
C SER D 700 -10.54 -32.83 41.86
N THR D 701 -11.65 -32.09 41.90
CA THR D 701 -12.98 -32.51 41.44
C THR D 701 -12.93 -33.42 40.20
N TYR D 702 -12.09 -33.08 39.21
CA TYR D 702 -12.04 -33.83 37.95
C TYR D 702 -11.54 -35.27 38.15
N ASP D 703 -10.87 -35.56 39.26
CA ASP D 703 -10.54 -36.93 39.57
C ASP D 703 -11.79 -37.72 39.98
N LYS D 704 -12.74 -37.04 40.62
CA LYS D 704 -13.97 -37.71 41.03
C LYS D 704 -14.88 -37.96 39.83
N MET D 705 -14.77 -37.13 38.80
CA MET D 705 -15.52 -37.37 37.57
C MET D 705 -14.96 -38.55 36.78
N TRP D 706 -13.70 -38.92 37.04
CA TRP D 706 -13.14 -40.10 36.40
C TRP D 706 -13.74 -41.37 36.97
N ALA D 707 -14.15 -41.33 38.24
CA ALA D 707 -14.81 -42.48 38.86
C ALA D 707 -16.21 -42.68 38.31
N PHE D 708 -16.79 -41.61 37.76
CA PHE D 708 -18.08 -41.73 37.09
C PHE D 708 -17.96 -42.51 35.79
N MET D 709 -16.98 -42.14 34.96
CA MET D 709 -16.91 -42.67 33.60
C MET D 709 -16.38 -44.10 33.59
N SER D 710 -15.56 -44.46 34.58
CA SER D 710 -15.03 -45.81 34.64
C SER D 710 -16.05 -46.80 35.17
N SER D 711 -17.13 -46.29 35.76
CA SER D 711 -18.15 -47.15 36.36
C SER D 711 -19.23 -47.55 35.36
N ARG D 712 -19.45 -46.70 34.35
CA ARG D 712 -20.56 -46.93 33.43
C ARG D 712 -20.15 -46.75 31.97
N ARG D 713 -19.05 -47.41 31.58
CA ARG D 713 -18.53 -47.39 30.22
C ARG D 713 -19.53 -47.90 29.17
N GLN D 714 -19.27 -47.57 27.89
CA GLN D 714 -20.08 -47.83 26.70
C GLN D 714 -21.43 -47.09 26.71
N SER D 715 -21.65 -46.23 27.70
CA SER D 715 -22.81 -45.37 27.76
C SER D 715 -22.46 -43.90 27.97
N VAL D 716 -21.23 -43.61 28.41
CA VAL D 716 -20.75 -42.26 28.61
C VAL D 716 -19.47 -42.07 27.82
N LEU D 717 -19.28 -42.88 26.79
CA LEU D 717 -18.05 -42.89 26.00
C LEU D 717 -18.33 -42.90 24.51
N VAL D 718 -19.16 -41.96 24.04
CA VAL D 718 -19.58 -41.84 22.65
C VAL D 718 -18.37 -41.76 21.71
N LYS D 719 -18.36 -42.59 20.68
CA LYS D 719 -17.19 -42.85 19.85
C LYS D 719 -16.76 -41.67 18.99
N SER D 720 -17.61 -40.64 18.84
CA SER D 720 -17.25 -39.48 18.05
C SER D 720 -17.97 -38.23 18.54
N ASN D 721 -17.65 -37.08 17.94
CA ASN D 721 -18.32 -35.84 18.31
C ASN D 721 -19.76 -35.82 17.79
N GLU D 722 -19.96 -36.22 16.54
CA GLU D 722 -21.24 -36.02 15.87
C GLU D 722 -22.32 -36.96 16.40
N GLU D 723 -21.93 -38.16 16.86
CA GLU D 723 -22.92 -39.08 17.41
C GLU D 723 -23.45 -38.61 18.76
N GLY D 724 -22.60 -37.91 19.52
CA GLY D 724 -23.04 -37.44 20.83
C GLY D 724 -23.91 -36.21 20.73
N ILE D 725 -23.71 -35.40 19.70
CA ILE D 725 -24.56 -34.22 19.48
C ILE D 725 -25.97 -34.67 19.13
N GLN D 726 -26.09 -35.79 18.41
CA GLN D 726 -27.39 -36.43 18.25
C GLN D 726 -27.88 -37.02 19.57
N ARG D 727 -26.94 -37.45 20.43
CA ARG D 727 -27.34 -38.05 21.70
C ARG D 727 -27.80 -37.00 22.71
N VAL D 728 -27.07 -35.88 22.82
CA VAL D 728 -27.46 -34.82 23.73
C VAL D 728 -28.73 -34.11 23.26
N LEU D 729 -29.04 -34.16 21.96
CA LEU D 729 -30.28 -33.59 21.47
C LEU D 729 -31.48 -34.43 21.89
N THR D 730 -31.31 -35.73 22.08
CA THR D 730 -32.38 -36.59 22.55
C THR D 730 -32.31 -36.78 24.05
N SER D 731 -31.22 -37.33 24.56
CA SER D 731 -31.12 -37.65 25.98
C SER D 731 -30.71 -36.44 26.80
N ASP D 732 -30.43 -36.65 28.10
CA ASP D 732 -29.91 -35.62 28.97
C ASP D 732 -28.41 -35.89 29.17
N TYR D 733 -27.58 -35.03 28.60
CA TYR D 733 -26.16 -35.27 28.44
C TYR D 733 -25.41 -33.96 28.57
N ALA D 734 -24.10 -34.03 28.92
CA ALA D 734 -23.33 -32.80 29.11
C ALA D 734 -21.87 -33.09 28.76
N PHE D 735 -21.45 -32.60 27.59
CA PHE D 735 -20.15 -32.93 26.99
C PHE D 735 -18.97 -32.50 27.84
N LEU D 736 -17.82 -33.09 27.52
CA LEU D 736 -16.51 -32.57 27.85
C LEU D 736 -15.73 -32.67 26.54
N MET D 737 -15.71 -31.60 25.77
CA MET D 737 -15.03 -31.60 24.48
C MET D 737 -14.44 -30.23 24.21
N GLU D 738 -13.89 -30.07 23.01
CA GLU D 738 -13.05 -28.92 22.69
C GLU D 738 -13.85 -27.64 22.61
N SER D 739 -13.31 -26.55 23.17
CA SER D 739 -14.07 -25.29 23.23
C SER D 739 -13.93 -24.50 21.94
N THR D 740 -13.37 -25.09 20.89
CA THR D 740 -13.45 -24.48 19.57
C THR D 740 -14.62 -25.06 18.79
N THR D 741 -14.91 -26.35 19.01
CA THR D 741 -16.04 -26.98 18.34
C THR D 741 -17.35 -26.61 19.05
N ILE D 742 -17.28 -26.38 20.37
CA ILE D 742 -18.47 -25.95 21.12
C ILE D 742 -18.89 -24.54 20.68
N GLU D 743 -17.91 -23.70 20.35
CA GLU D 743 -18.22 -22.39 19.76
C GLU D 743 -18.77 -22.52 18.35
N PHE D 744 -18.57 -23.70 17.72
CA PHE D 744 -19.06 -23.89 16.36
C PHE D 744 -20.44 -24.53 16.34
N VAL D 745 -20.71 -25.43 17.30
CA VAL D 745 -21.99 -26.11 17.34
C VAL D 745 -23.09 -25.18 17.85
N THR D 746 -22.77 -24.33 18.83
CA THR D 746 -23.79 -23.51 19.48
C THR D 746 -24.28 -22.36 18.62
N GLN D 747 -23.70 -22.13 17.45
CA GLN D 747 -24.13 -21.05 16.57
C GLN D 747 -25.09 -21.50 15.48
N ARG D 748 -25.20 -22.80 15.24
CA ARG D 748 -26.08 -23.33 14.20
C ARG D 748 -27.11 -24.31 14.73
N ASN D 749 -27.00 -24.69 15.99
CA ASN D 749 -27.82 -25.74 16.56
C ASN D 749 -28.36 -25.26 17.91
N CYS D 750 -29.03 -24.11 17.91
CA CYS D 750 -29.24 -23.30 19.10
C CYS D 750 -30.20 -23.94 20.09
N ASN D 751 -29.75 -25.06 20.66
CA ASN D 751 -30.44 -25.70 21.78
C ASN D 751 -29.41 -26.19 22.78
N LEU D 752 -28.15 -25.80 22.58
CA LEU D 752 -26.99 -26.45 23.13
C LEU D 752 -25.94 -25.40 23.46
N THR D 753 -26.01 -24.88 24.68
CA THR D 753 -25.18 -23.73 25.03
C THR D 753 -23.96 -24.21 25.80
N GLN D 754 -22.98 -23.32 25.91
CA GLN D 754 -21.74 -23.60 26.63
C GLN D 754 -21.86 -23.10 28.08
N ILE D 755 -22.09 -24.06 28.97
CA ILE D 755 -22.08 -23.71 30.39
C ILE D 755 -20.69 -23.98 30.93
N GLY D 756 -20.24 -23.18 31.89
CA GLY D 756 -18.91 -23.28 32.43
C GLY D 756 -17.95 -22.47 31.61
N GLY D 757 -16.68 -22.83 31.68
CA GLY D 757 -15.65 -22.09 30.98
C GLY D 757 -14.44 -22.96 30.72
N LEU D 758 -13.27 -22.31 30.78
CA LEU D 758 -12.03 -22.97 30.45
C LEU D 758 -11.58 -23.88 31.61
N ILE D 759 -11.12 -25.07 31.25
CA ILE D 759 -10.56 -25.99 32.23
C ILE D 759 -9.11 -26.28 31.83
N ASP D 760 -8.86 -26.24 30.52
CA ASP D 760 -7.53 -26.54 30.00
C ASP D 760 -7.23 -25.55 28.89
N SER D 761 -5.95 -25.27 28.66
CA SER D 761 -5.52 -24.39 27.58
C SER D 761 -4.31 -25.01 26.88
N LYS D 762 -4.59 -25.85 25.89
CA LYS D 762 -3.50 -26.39 25.06
C LYS D 762 -3.07 -25.33 24.07
N GLY D 763 -3.99 -24.90 23.21
CA GLY D 763 -3.69 -23.94 22.19
C GLY D 763 -3.17 -24.60 20.93
N TYR D 764 -3.72 -24.23 19.77
CA TYR D 764 -3.29 -24.81 18.51
C TYR D 764 -2.02 -24.15 18.00
N GLY D 765 -1.64 -24.41 16.76
CA GLY D 765 -0.42 -23.83 16.25
C GLY D 765 0.05 -24.42 14.93
N VAL D 766 0.69 -23.59 14.12
CA VAL D 766 1.25 -23.99 12.84
C VAL D 766 2.40 -24.95 13.08
N GLY D 767 2.36 -26.11 12.42
CA GLY D 767 3.42 -27.09 12.54
C GLY D 767 4.66 -26.67 11.76
N THR D 768 5.78 -27.28 12.13
CA THR D 768 7.08 -26.97 11.56
C THR D 768 7.99 -28.18 11.79
N PRO D 769 8.74 -28.59 10.77
CA PRO D 769 9.69 -29.71 10.95
C PRO D 769 10.81 -29.38 11.92
N MET D 770 11.50 -30.42 12.36
CA MET D 770 12.49 -30.31 13.43
C MET D 770 13.73 -29.56 12.97
N GLY D 771 13.78 -28.27 13.30
CA GLY D 771 14.86 -27.41 12.92
C GLY D 771 14.55 -26.65 11.65
N SER D 772 14.21 -25.36 11.77
CA SER D 772 13.87 -24.54 10.62
C SER D 772 13.98 -23.06 10.97
N PRO D 773 14.37 -22.22 10.00
CA PRO D 773 14.36 -20.77 10.26
C PRO D 773 13.00 -20.14 9.96
N TYR D 774 12.02 -20.99 9.68
CA TYR D 774 10.67 -20.49 9.44
C TYR D 774 10.03 -19.99 10.73
N ARG D 775 10.21 -20.72 11.84
CA ARG D 775 9.40 -20.51 13.04
C ARG D 775 9.73 -19.19 13.72
N ASP D 776 10.87 -18.59 13.40
CA ASP D 776 11.16 -17.25 13.91
C ASP D 776 10.46 -16.19 13.07
N LYS D 777 10.04 -16.56 11.86
CA LYS D 777 9.32 -15.62 11.01
C LYS D 777 7.84 -15.98 10.91
N ILE D 778 7.46 -17.18 11.35
CA ILE D 778 6.05 -17.50 11.47
C ILE D 778 5.44 -16.75 12.65
N THR D 779 6.16 -16.70 13.77
CA THR D 779 5.65 -16.06 14.98
C THR D 779 5.65 -14.55 14.86
N ILE D 780 6.44 -14.00 13.94
CA ILE D 780 6.39 -12.55 13.70
C ILE D 780 5.23 -12.23 12.76
N ALA D 781 4.62 -13.27 12.18
CA ALA D 781 3.46 -13.08 11.33
C ALA D 781 2.17 -13.38 12.08
N ILE D 782 2.20 -14.34 13.01
CA ILE D 782 1.02 -14.66 13.80
C ILE D 782 0.76 -13.56 14.82
N LEU D 783 1.81 -13.11 15.50
CA LEU D 783 1.67 -12.04 16.48
C LEU D 783 1.37 -10.70 15.81
N GLN D 784 1.70 -10.59 14.52
CA GLN D 784 1.27 -9.42 13.76
C GLN D 784 -0.23 -9.46 13.51
N LEU D 785 -0.78 -10.67 13.33
CA LEU D 785 -2.21 -10.78 13.05
C LEU D 785 -3.06 -10.69 14.31
N GLN D 786 -2.46 -10.94 15.48
CA GLN D 786 -3.22 -10.78 16.72
C GLN D 786 -3.47 -9.32 17.02
N GLU D 787 -2.53 -8.45 16.68
CA GLU D 787 -2.61 -7.06 17.12
C GLU D 787 -3.50 -6.21 16.22
N GLU D 788 -3.50 -6.47 14.92
CA GLU D 788 -4.41 -5.76 14.04
C GLU D 788 -5.84 -6.30 14.10
N GLY D 789 -6.06 -7.41 14.79
CA GLY D 789 -7.37 -8.02 14.90
C GLY D 789 -7.76 -8.85 13.71
N LYS D 790 -6.85 -9.07 12.76
CA LYS D 790 -7.16 -9.91 11.60
C LYS D 790 -7.37 -11.35 12.00
N LEU D 791 -6.67 -11.80 13.04
CA LEU D 791 -6.86 -13.15 13.53
C LEU D 791 -8.19 -13.28 14.27
N HIS D 792 -8.74 -12.15 14.72
CA HIS D 792 -10.03 -12.16 15.40
C HIS D 792 -11.17 -11.94 14.42
N MET D 793 -10.94 -11.12 13.38
CA MET D 793 -11.99 -10.86 12.41
C MET D 793 -12.21 -12.07 11.50
N MET D 794 -11.17 -12.87 11.28
CA MET D 794 -11.37 -14.14 10.59
C MET D 794 -12.04 -15.16 11.52
N LYS D 795 -11.80 -15.05 12.82
CA LYS D 795 -12.47 -15.92 13.78
C LYS D 795 -13.95 -15.54 13.90
N GLU D 796 -14.25 -14.26 13.77
CA GLU D 796 -15.65 -13.83 13.76
C GLU D 796 -16.34 -14.21 12.46
N LYS D 797 -15.56 -14.37 11.39
CA LYS D 797 -16.17 -14.61 10.08
C LYS D 797 -16.64 -16.05 9.92
N TRP D 798 -15.83 -17.03 10.31
CA TRP D 798 -16.17 -18.42 10.07
C TRP D 798 -17.13 -19.01 11.09
N TRP D 799 -16.96 -18.71 12.38
CA TRP D 799 -17.81 -19.25 13.43
C TRP D 799 -19.11 -18.50 13.63
N ARG D 800 -19.38 -17.47 12.82
CA ARG D 800 -20.63 -16.72 12.92
C ARG D 800 -21.84 -17.57 12.57
N GLY D 801 -21.93 -17.99 11.32
CA GLY D 801 -23.06 -18.76 10.84
C GLY D 801 -24.35 -17.95 10.83
N ASN D 802 -25.41 -18.62 11.25
CA ASN D 802 -26.74 -18.02 11.27
C ASN D 802 -26.88 -17.00 12.39
N GLY D 803 -26.64 -17.43 13.62
CA GLY D 803 -26.87 -16.62 14.80
C GLY D 803 -28.29 -16.73 15.28
N CYS D 804 -28.44 -16.69 16.60
CA CYS D 804 -29.77 -16.87 17.18
C CYS D 804 -30.13 -15.76 18.17
N PRO D 805 -30.68 -14.65 17.70
CA PRO D 805 -31.31 -13.70 18.63
C PRO D 805 -32.65 -14.24 19.12
N GLU D 806 -32.58 -15.12 20.14
CA GLU D 806 -33.75 -15.94 20.48
C GLU D 806 -34.75 -15.19 21.35
N GLU D 807 -34.46 -13.96 21.74
CA GLU D 807 -35.40 -13.21 22.58
C GLU D 807 -36.58 -12.70 21.76
N GLU D 808 -37.72 -13.38 21.91
CA GLU D 808 -38.97 -12.99 21.28
C GLU D 808 -40.10 -13.07 22.31
N SER D 809 -39.91 -13.94 23.30
CA SER D 809 -40.77 -14.37 24.41
C SER D 809 -41.90 -15.30 23.95
N LYS D 810 -42.09 -15.49 22.64
CA LYS D 810 -42.93 -16.54 22.04
C LYS D 810 -44.39 -16.46 22.50
N GLU D 811 -45.09 -15.38 22.08
CA GLU D 811 -46.52 -15.09 22.28
C GLU D 811 -46.98 -15.40 23.71
N ALA D 812 -46.45 -14.63 24.66
CA ALA D 812 -45.72 -15.14 25.82
C ALA D 812 -46.06 -16.56 26.26
N SER D 813 -47.32 -16.85 26.55
CA SER D 813 -47.73 -18.20 26.87
C SER D 813 -49.23 -18.31 26.71
N ALA D 814 -49.65 -19.26 25.88
CA ALA D 814 -51.01 -19.75 25.94
C ALA D 814 -51.05 -20.77 27.07
N LEU D 815 -51.58 -20.37 28.23
CA LEU D 815 -51.36 -21.09 29.47
C LEU D 815 -52.18 -22.37 29.52
N GLY D 816 -51.49 -23.51 29.59
CA GLY D 816 -52.17 -24.80 29.57
C GLY D 816 -52.11 -25.54 30.89
N VAL D 817 -52.19 -26.87 30.84
CA VAL D 817 -52.16 -27.69 32.04
C VAL D 817 -50.69 -27.79 32.48
N GLN D 818 -49.78 -27.67 31.51
CA GLN D 818 -48.34 -27.76 31.72
C GLN D 818 -47.78 -26.74 32.69
N ASN D 819 -48.42 -25.58 32.84
CA ASN D 819 -47.97 -24.61 33.84
C ASN D 819 -48.79 -24.75 35.11
N ILE D 820 -50.11 -24.57 35.02
CA ILE D 820 -50.96 -24.76 36.19
C ILE D 820 -51.78 -26.03 35.99
N GLY D 821 -51.56 -27.00 36.86
CA GLY D 821 -52.38 -28.19 36.88
C GLY D 821 -52.55 -28.66 38.30
N GLY D 822 -51.92 -27.93 39.22
CA GLY D 822 -51.96 -28.27 40.63
C GLY D 822 -53.26 -27.82 41.26
N ILE D 823 -53.92 -26.86 40.60
CA ILE D 823 -55.23 -26.45 41.08
C ILE D 823 -56.32 -27.35 40.53
N PHE D 824 -55.95 -28.35 39.72
CA PHE D 824 -56.84 -29.48 39.52
C PHE D 824 -56.39 -30.66 40.38
N ILE D 825 -55.28 -30.49 41.09
CA ILE D 825 -54.83 -31.50 42.05
C ILE D 825 -55.24 -31.08 43.46
N VAL D 826 -55.08 -29.80 43.80
CA VAL D 826 -55.49 -29.33 45.11
C VAL D 826 -57.02 -29.24 45.19
N LEU D 827 -57.69 -29.19 44.02
CA LEU D 827 -59.14 -29.35 44.01
C LEU D 827 -59.52 -30.80 44.20
N ALA D 828 -58.76 -31.71 43.59
CA ALA D 828 -59.04 -33.13 43.74
C ALA D 828 -58.65 -33.62 45.13
N ALA D 829 -57.63 -33.02 45.72
CA ALA D 829 -57.23 -33.41 47.07
C ALA D 829 -57.94 -32.56 48.12
N GLY D 830 -58.90 -31.74 47.69
CA GLY D 830 -59.70 -31.01 48.65
C GLY D 830 -61.07 -31.65 48.85
N LEU D 831 -61.70 -32.05 47.74
CA LEU D 831 -63.06 -32.58 47.82
C LEU D 831 -63.09 -33.98 48.44
N VAL D 832 -62.02 -34.75 48.26
CA VAL D 832 -61.92 -36.06 48.90
C VAL D 832 -61.73 -35.90 50.40
N LEU D 833 -61.10 -34.80 50.82
CA LEU D 833 -60.92 -34.53 52.24
C LEU D 833 -62.25 -34.17 52.91
N SER D 834 -63.21 -33.68 52.12
CA SER D 834 -64.48 -33.26 52.71
C SER D 834 -65.50 -34.39 52.71
N VAL D 835 -65.30 -35.40 51.86
CA VAL D 835 -66.15 -36.59 51.86
C VAL D 835 -65.83 -37.36 53.14
N PHE D 836 -64.55 -37.37 53.52
CA PHE D 836 -64.12 -38.11 54.71
C PHE D 836 -64.61 -37.45 55.99
N VAL D 837 -64.80 -36.12 55.96
CA VAL D 837 -65.29 -35.44 57.15
C VAL D 837 -66.81 -35.41 57.13
N ALA D 838 -67.42 -35.72 55.98
CA ALA D 838 -68.87 -35.85 55.90
C ALA D 838 -69.33 -37.11 56.63
N VAL D 839 -68.68 -38.24 56.35
CA VAL D 839 -68.93 -39.47 57.09
C VAL D 839 -68.40 -39.32 58.50
N GLY D 840 -67.36 -38.51 58.70
CA GLY D 840 -66.75 -38.36 60.00
C GLY D 840 -67.63 -37.61 60.99
N GLU D 841 -68.48 -36.73 60.50
CA GLU D 841 -69.46 -36.11 61.38
C GLU D 841 -70.80 -36.81 61.30
N PHE D 842 -70.99 -37.66 60.30
CA PHE D 842 -72.19 -38.50 60.24
C PHE D 842 -72.17 -39.54 61.35
N LEU D 843 -70.99 -40.06 61.68
CA LEU D 843 -70.86 -40.91 62.84
C LEU D 843 -70.94 -40.12 64.13
N TYR D 844 -70.62 -38.82 64.08
CA TYR D 844 -70.72 -37.99 65.28
C TYR D 844 -72.17 -37.74 65.67
N LYS D 845 -73.06 -37.61 64.69
CA LYS D 845 -74.48 -37.53 65.00
C LYS D 845 -74.99 -38.88 65.51
N SER D 846 -74.45 -39.97 64.99
CA SER D 846 -74.77 -41.29 65.52
C SER D 846 -74.15 -41.50 66.90
N LYS D 847 -73.04 -40.79 67.16
CA LYS D 847 -72.45 -40.82 68.49
C LYS D 847 -73.31 -40.06 69.49
N LYS D 848 -73.96 -38.99 69.03
CA LYS D 848 -74.91 -38.28 69.87
C LYS D 848 -76.20 -39.07 70.01
N ASN D 849 -76.67 -39.69 68.93
CA ASN D 849 -77.91 -40.47 68.98
C ASN D 849 -77.72 -41.77 69.75
N ALA D 850 -76.47 -42.20 69.92
CA ALA D 850 -76.17 -43.30 70.84
C ALA D 850 -76.47 -42.90 72.27
N GLN D 851 -76.30 -41.62 72.60
CA GLN D 851 -76.54 -41.16 73.96
C GLN D 851 -77.94 -40.57 74.15
N LEU D 852 -78.66 -40.28 73.05
CA LEU D 852 -79.93 -39.60 73.22
C LEU D 852 -81.08 -40.54 73.56
N GLU D 853 -81.49 -41.43 72.65
CA GLU D 853 -82.70 -42.18 72.96
C GLU D 853 -82.42 -43.45 73.76
N LYS D 854 -81.98 -44.52 73.10
CA LYS D 854 -81.30 -45.62 73.77
C LYS D 854 -80.27 -46.28 72.87
N ARG D 855 -80.46 -46.17 71.55
CA ARG D 855 -79.83 -47.08 70.61
C ARG D 855 -78.63 -46.45 69.91
N SER D 856 -77.63 -47.27 69.57
CA SER D 856 -76.34 -46.76 69.14
C SER D 856 -75.99 -47.10 67.70
N PHE D 857 -75.95 -48.39 67.36
CA PHE D 857 -75.38 -48.81 66.09
C PHE D 857 -76.45 -49.22 65.09
N CYS D 858 -77.61 -49.68 65.58
CA CYS D 858 -78.70 -50.01 64.68
C CYS D 858 -79.42 -48.77 64.19
N SER D 859 -79.18 -47.63 64.85
CA SER D 859 -79.75 -46.37 64.41
C SER D 859 -79.11 -45.90 63.11
N ALA D 860 -77.77 -45.96 63.03
CA ALA D 860 -77.04 -45.33 61.94
C ALA D 860 -77.25 -46.05 60.60
N MET D 861 -77.80 -47.26 60.62
CA MET D 861 -78.16 -47.92 59.38
C MET D 861 -79.61 -47.66 58.99
N VAL D 862 -80.37 -46.97 59.85
CA VAL D 862 -81.76 -46.66 59.50
C VAL D 862 -82.01 -45.16 59.49
N GLU D 863 -81.19 -44.37 60.17
CA GLU D 863 -81.29 -42.92 60.02
C GLU D 863 -80.53 -42.45 58.79
N GLU D 864 -79.66 -43.32 58.26
CA GLU D 864 -79.13 -43.10 56.91
C GLU D 864 -80.21 -43.38 55.87
N LEU D 865 -81.12 -44.31 56.17
CA LEU D 865 -82.27 -44.54 55.30
C LEU D 865 -83.28 -43.41 55.43
N ARG D 866 -83.24 -42.68 56.55
CA ARG D 866 -84.04 -41.47 56.68
C ARG D 866 -83.47 -40.36 55.80
N MET D 867 -82.14 -40.20 55.82
CA MET D 867 -81.51 -39.10 55.13
C MET D 867 -81.34 -39.36 53.63
N SER D 868 -81.77 -40.53 53.17
CA SER D 868 -81.79 -40.82 51.74
C SER D 868 -83.12 -40.39 51.13
N LEU D 869 -84.00 -39.79 51.94
CA LEU D 869 -85.23 -39.21 51.42
C LEU D 869 -84.97 -37.83 50.83
N LYS D 870 -86.07 -37.16 50.46
CA LYS D 870 -86.01 -35.76 50.07
C LYS D 870 -86.11 -34.87 51.30
N CYS D 871 -86.35 -33.58 51.10
CA CYS D 871 -86.42 -32.65 52.21
C CYS D 871 -87.71 -32.84 53.00
N GLN D 872 -87.56 -33.25 54.26
CA GLN D 872 -88.69 -33.49 55.14
C GLN D 872 -89.21 -32.20 55.74
#